data_9JO4
#
_entry.id   9JO4
#
_cell.length_a   1.00
_cell.length_b   1.00
_cell.length_c   1.00
_cell.angle_alpha   90.00
_cell.angle_beta   90.00
_cell.angle_gamma   90.00
#
_symmetry.space_group_name_H-M   'P 1'
#
loop_
_entity.id
_entity.type
_entity.pdbx_description
1 polymer 'Calcium-activated potassium channel subunit alpha-1'
2 non-polymer 5-(5-morpholin-4-ylpentylamino)-2-[2,3,5,6-tetrakis(fluoranyl)-4-(trifluoromethyl)phenoxy]phenol
3 non-polymer 'MAGNESIUM ION'
4 non-polymer 'CALCIUM ION'
5 non-polymer 'POTASSIUM ION'
6 non-polymer 'CHOLESTEROL HEMISUCCINATE'
#
_entity_poly.entity_id   1
_entity_poly.type   'polypeptide(L)'
_entity_poly.pdbx_seq_one_letter_code
;MDALIIPVTMEVPCDSRGQRMWWAFLASSMVTFFGGLFIILLWRTLKYLWTVCCHCGGKTKEAQKINNGSSQADGTLKPV
DEKEEAVAAEVGWMTSVKDWAGVMISAQTLTGRVLVVLVFALSIGALVIYFIDSSNPIESCQNFYKDFTLQIDMAFNVFF
LLYFGLRFIAANDKLWFWLEVNSVVDFFTVPPVFVSVYLNRSWLGLRFLRALRLIQFSEILQFLNILKTSNSIKLVNLLS
IFISTWLTAAGFIHLVENSGDPWENFQNNQALTYWECVYLLMVTMSTVGYGDVYAKTTLGRLFMVFFILGGLAMFASYVP
EIIELIGNRKKYGGSYSAVSGRKHIVVCGHITLESVSNFLKDFLHKDRDDVNVEIVFLHNISPNLELEALFKRHFTQVEF
YQGSVLNPHDLARVKIESADACLILANKYCADPDAEDASNIMRVISIKNYHPKIRIITQMLQYHNKAHLLNIPSWNWKEG
DDAICLAELKLGFIAQSCLAQGLSTMLANLFSMRSFIKIEEDTWQKYYLEGVSNEMYTEYLSSAFVGLSFPTVCELCFVK
LKLLMIAIEYKSANRESRILINPGNHLKIQEGTLGFFIASDAKEVKRAFFYCKACHDDITDPKRIKKCGCKRPKMSIYKR
MRRACCFDCGRSERDCSCMSGRVRGNVDTLERAFPLSSVSVNDCSTSFRAFEDEQPSTLSPKKKQRNGGMRNSPNTSPKL
MRHDPLLIPGNDQIDNMDSNVKKYDSTGMFHWCAPKEIEKVILTRSEAAMTVLSGHVVVCIFGDVSSALIGLRNLVMPLR
ASNFHYHELKHIVFVGSIEYLKREWETLHNFPKVSILPGTPLSRADLRAVNINLCDMCVILSANQNNIDDTSLQDKECIL
ASLNIKSMQFDDSIGVLQANSQGFTPPGMDRSSPDNSPVHGMLRQPSITTGVNIPIITELVNDTNVQFLDQDDDDDPDTE
LYLTQPFACGTAFAVSVLDSLMSATYFNDNILTLIRTLVTGGATPELEALIAEENALRGGYSTPQTLANRDRCRVAQLAL
LDGPFADLGDGGCYGDLFCKALKTYNMLCFGIYRLRDAHLSTPSQCTKRYVITNPPYEFELVPTDLIFCLMQFD
;
_entity_poly.pdbx_strand_id   A,B,C,D
#
loop_
_chem_comp.id
_chem_comp.type
_chem_comp.name
_chem_comp.formula
A1L4F non-polymer 5-(5-morpholin-4-ylpentylamino)-2-[2,3,5,6-tetrakis(fluoranyl)-4-(trifluoromethyl)phenoxy]phenol 'C22 H23 F7 N2 O3'
CA non-polymer 'CALCIUM ION' 'Ca 2'
K non-polymer 'POTASSIUM ION' 'K 1'
MG non-polymer 'MAGNESIUM ION' 'Mg 2'
Y01 non-polymer 'CHOLESTEROL HEMISUCCINATE' 'C31 H50 O4'
#
# COMPACT_ATOMS: atom_id res chain seq x y z
N ARG A 17 27.37 7.97 70.81
CA ARG A 17 28.01 8.11 69.51
C ARG A 17 28.70 9.46 69.39
N GLY A 18 28.55 10.28 70.42
CA GLY A 18 29.12 11.62 70.38
C GLY A 18 28.51 12.43 69.26
N GLN A 19 29.35 13.24 68.62
CA GLN A 19 28.88 14.06 67.50
C GLN A 19 28.82 13.22 66.24
N ARG A 20 27.76 13.42 65.45
CA ARG A 20 27.55 12.62 64.25
C ARG A 20 28.58 13.01 63.18
N MET A 21 29.18 12.01 62.56
CA MET A 21 30.22 12.21 61.55
C MET A 21 29.72 11.97 60.13
N TRP A 22 28.40 11.88 59.94
CA TRP A 22 27.90 11.53 58.61
C TRP A 22 28.29 12.58 57.58
N TRP A 23 28.36 13.85 57.98
CA TRP A 23 28.68 14.90 57.03
C TRP A 23 30.04 14.70 56.40
N ALA A 24 30.98 14.09 57.13
CA ALA A 24 32.33 13.94 56.61
C ALA A 24 32.36 13.09 55.35
N PHE A 25 31.65 11.96 55.34
CA PHE A 25 31.68 11.08 54.17
C PHE A 25 31.08 11.78 52.96
N LEU A 26 29.96 12.47 53.14
CA LEU A 26 29.28 13.09 52.00
C LEU A 26 30.17 14.12 51.34
N ALA A 27 30.91 14.89 52.13
CA ALA A 27 31.76 15.93 51.57
C ALA A 27 32.86 15.34 50.70
N SER A 28 33.42 14.20 51.11
CA SER A 28 34.55 13.63 50.39
C SER A 28 34.18 13.32 48.95
N SER A 29 33.02 12.70 48.75
CA SER A 29 32.57 12.43 47.39
C SER A 29 32.30 13.72 46.63
N MET A 30 31.64 14.69 47.29
CA MET A 30 31.27 15.91 46.60
C MET A 30 32.48 16.70 46.16
N VAL A 31 33.51 16.78 47.00
CA VAL A 31 34.64 17.66 46.72
C VAL A 31 35.39 17.19 45.48
N THR A 32 35.49 15.88 45.27
CA THR A 32 36.19 15.38 44.10
C THR A 32 35.42 15.68 42.83
N PHE A 33 34.12 15.40 42.83
CA PHE A 33 33.33 15.56 41.62
C PHE A 33 33.31 17.01 41.14
N PHE A 34 32.95 17.93 42.03
CA PHE A 34 32.93 19.33 41.64
C PHE A 34 34.33 19.90 41.51
N GLY A 35 35.22 19.53 42.44
CA GLY A 35 36.58 20.01 42.35
C GLY A 35 37.27 19.54 41.08
N GLY A 36 37.06 18.27 40.72
CA GLY A 36 37.60 17.79 39.46
C GLY A 36 36.99 18.49 38.27
N LEU A 37 35.67 18.74 38.31
CA LEU A 37 35.02 19.43 37.22
C LEU A 37 35.59 20.84 37.04
N PHE A 38 35.85 21.53 38.15
CA PHE A 38 36.34 22.89 38.08
C PHE A 38 37.70 22.98 37.42
N ILE A 39 38.61 22.07 37.77
CA ILE A 39 39.99 22.20 37.29
C ILE A 39 40.05 22.03 35.78
N ILE A 40 39.13 21.24 35.21
CA ILE A 40 39.14 21.03 33.77
C ILE A 40 38.80 22.31 33.02
N LEU A 41 37.76 23.02 33.49
CA LEU A 41 37.34 24.24 32.79
C LEU A 41 38.43 25.29 32.82
N LEU A 42 39.11 25.44 33.96
CA LEU A 42 40.18 26.41 34.05
C LEU A 42 41.31 26.10 33.08
N TRP A 43 41.73 24.84 33.02
CA TRP A 43 42.83 24.47 32.15
C TRP A 43 42.48 24.69 30.68
N ARG A 44 41.23 24.45 30.33
CA ARG A 44 40.77 24.75 28.97
C ARG A 44 40.84 26.26 28.70
N THR A 45 40.38 27.07 29.65
CA THR A 45 40.38 28.51 29.44
C THR A 45 41.79 29.08 29.46
N LEU A 46 42.66 28.52 30.29
CA LEU A 46 44.02 29.02 30.39
C LEU A 46 44.73 28.99 29.04
N LYS A 47 44.53 27.92 28.27
CA LYS A 47 45.10 27.85 26.94
C LYS A 47 44.48 28.90 26.03
N TYR A 48 43.18 29.16 26.19
CA TYR A 48 42.50 30.12 25.33
C TYR A 48 43.11 31.51 25.46
N LEU A 49 43.34 31.96 26.68
CA LEU A 49 43.92 33.29 26.89
C LEU A 49 45.39 33.31 26.51
N TRP A 50 46.07 32.16 26.61
CA TRP A 50 47.48 32.10 26.23
C TRP A 50 47.68 32.50 24.78
N THR A 51 46.67 32.30 23.95
CA THR A 51 46.72 32.69 22.55
C THR A 51 46.79 34.21 22.39
N VAL A 91 53.82 10.10 15.49
CA VAL A 91 52.90 10.34 16.59
C VAL A 91 53.68 10.67 17.85
N GLY A 92 53.18 11.65 18.61
CA GLY A 92 53.76 11.95 19.90
C GLY A 92 53.57 10.80 20.86
N TRP A 93 54.48 10.70 21.82
CA TRP A 93 54.48 9.56 22.73
C TRP A 93 53.19 9.46 23.55
N MET A 94 52.46 10.57 23.69
CA MET A 94 51.21 10.52 24.43
C MET A 94 50.23 9.55 23.77
N THR A 95 50.09 9.64 22.44
CA THR A 95 49.19 8.74 21.75
C THR A 95 49.65 7.30 21.85
N SER A 96 50.96 7.09 21.94
CA SER A 96 51.46 5.73 22.12
C SER A 96 51.02 5.13 23.45
N VAL A 97 50.60 5.97 24.40
CA VAL A 97 50.01 5.48 25.63
C VAL A 97 48.50 5.40 25.52
N LYS A 98 47.91 6.37 24.83
CA LYS A 98 46.46 6.42 24.68
C LYS A 98 45.94 5.17 23.98
N ASP A 99 46.58 4.80 22.86
CA ASP A 99 46.13 3.62 22.14
C ASP A 99 46.37 2.34 22.95
N TRP A 100 47.45 2.30 23.72
CA TRP A 100 47.71 1.14 24.56
C TRP A 100 46.61 0.98 25.59
N ALA A 101 46.19 2.08 26.20
CA ALA A 101 45.09 2.02 27.14
C ALA A 101 43.81 1.59 26.43
N GLY A 102 43.61 2.05 25.20
CA GLY A 102 42.43 1.63 24.47
C GLY A 102 42.38 0.13 24.24
N VAL A 103 43.50 -0.43 23.79
CA VAL A 103 43.51 -1.87 23.51
C VAL A 103 43.46 -2.69 24.79
N MET A 104 43.84 -2.12 25.92
CA MET A 104 43.55 -2.83 27.17
C MET A 104 42.08 -2.73 27.56
N ILE A 105 41.45 -1.57 27.37
CA ILE A 105 40.05 -1.44 27.73
C ILE A 105 39.20 -2.41 26.91
N SER A 106 39.45 -2.47 25.61
CA SER A 106 38.80 -3.52 24.84
C SER A 106 39.52 -4.84 25.06
N ALA A 107 38.86 -5.92 24.70
CA ALA A 107 39.46 -7.25 24.85
C ALA A 107 40.27 -7.62 23.62
N GLN A 108 41.20 -6.75 23.22
CA GLN A 108 41.95 -7.00 22.00
C GLN A 108 42.98 -8.10 22.20
N THR A 109 43.72 -8.06 23.29
CA THR A 109 44.83 -8.97 23.53
C THR A 109 44.46 -9.96 24.63
N LEU A 110 45.38 -10.87 24.91
CA LEU A 110 45.19 -11.78 26.03
C LEU A 110 45.16 -11.03 27.35
N THR A 111 46.06 -10.07 27.53
CA THR A 111 46.07 -9.29 28.76
C THR A 111 44.76 -8.54 28.96
N GLY A 112 44.15 -8.08 27.89
CA GLY A 112 42.87 -7.39 28.01
C GLY A 112 41.76 -8.32 28.48
N ARG A 113 41.78 -9.57 28.01
CA ARG A 113 40.66 -10.47 28.29
C ARG A 113 40.50 -10.70 29.79
N VAL A 114 41.59 -10.94 30.51
CA VAL A 114 41.47 -11.16 31.94
C VAL A 114 41.03 -9.90 32.65
N LEU A 115 41.50 -8.74 32.19
CA LEU A 115 41.14 -7.50 32.85
C LEU A 115 39.63 -7.25 32.77
N VAL A 116 39.03 -7.47 31.61
CA VAL A 116 37.60 -7.24 31.47
C VAL A 116 36.83 -8.25 32.31
N VAL A 117 37.19 -9.53 32.23
CA VAL A 117 36.48 -10.55 32.98
C VAL A 117 36.59 -10.29 34.48
N LEU A 118 37.74 -9.82 34.93
CA LEU A 118 37.92 -9.54 36.35
C LEU A 118 36.92 -8.50 36.83
N VAL A 119 36.64 -7.49 36.01
CA VAL A 119 35.64 -6.49 36.37
C VAL A 119 34.26 -7.13 36.48
N PHE A 120 33.98 -8.09 35.61
CA PHE A 120 32.69 -8.78 35.66
C PHE A 120 32.47 -9.44 37.01
N ALA A 121 33.51 -10.10 37.54
CA ALA A 121 33.35 -10.76 38.83
C ALA A 121 33.25 -9.76 39.96
N LEU A 122 34.16 -8.78 39.99
CA LEU A 122 34.22 -7.87 41.13
C LEU A 122 32.98 -6.99 41.21
N SER A 123 32.42 -6.62 40.07
CA SER A 123 31.18 -5.86 40.08
C SER A 123 30.09 -6.64 40.82
N ILE A 124 30.02 -7.95 40.59
CA ILE A 124 29.16 -8.79 41.42
C ILE A 124 29.72 -8.88 42.83
N GLY A 125 31.04 -9.01 42.95
CA GLY A 125 31.63 -9.25 44.26
C GLY A 125 31.35 -8.13 45.24
N ALA A 126 31.46 -6.89 44.80
CA ALA A 126 31.20 -5.77 45.69
C ALA A 126 29.73 -5.73 46.10
N LEU A 127 28.84 -6.12 45.19
CA LEU A 127 27.41 -6.03 45.47
C LEU A 127 27.02 -6.88 46.67
N VAL A 128 27.54 -8.11 46.73
CA VAL A 128 27.16 -9.01 47.82
C VAL A 128 27.55 -8.41 49.17
N ILE A 129 28.69 -7.74 49.22
CA ILE A 129 29.12 -7.11 50.47
C ILE A 129 28.08 -6.10 50.94
N TYR A 130 27.51 -5.34 50.02
CA TYR A 130 26.51 -4.35 50.41
C TYR A 130 25.30 -5.01 51.05
N PHE A 131 24.97 -6.22 50.65
CA PHE A 131 23.87 -6.94 51.31
C PHE A 131 24.24 -7.27 52.74
N ILE A 132 25.49 -7.66 52.98
CA ILE A 132 25.87 -8.19 54.29
C ILE A 132 25.71 -7.14 55.36
N ASP A 133 26.17 -5.92 55.11
CA ASP A 133 26.17 -4.88 56.13
C ASP A 133 24.87 -4.10 56.20
N SER A 134 23.87 -4.46 55.39
CA SER A 134 22.58 -3.80 55.52
C SER A 134 21.96 -4.05 56.89
N SER A 135 22.29 -5.17 57.52
CA SER A 135 21.71 -5.49 58.81
C SER A 135 22.26 -4.61 59.93
N ASN A 136 23.51 -4.18 59.82
CA ASN A 136 24.15 -3.44 60.88
C ASN A 136 23.52 -2.05 61.04
N PRO A 137 23.69 -1.43 62.21
CA PRO A 137 23.14 -0.08 62.40
C PRO A 137 23.75 0.91 61.42
N ILE A 138 23.06 2.03 61.25
CA ILE A 138 23.46 3.00 60.23
C ILE A 138 24.85 3.54 60.50
N GLU A 139 25.13 3.92 61.74
CA GLU A 139 26.46 4.33 62.13
C GLU A 139 27.00 3.40 63.21
N SER A 140 28.28 3.09 63.11
CA SER A 140 28.94 2.22 64.09
C SER A 140 30.44 2.52 64.06
N CYS A 141 31.12 2.00 65.06
CA CYS A 141 32.58 2.11 65.16
C CYS A 141 33.17 0.72 64.96
N GLN A 142 34.20 0.64 64.13
CA GLN A 142 34.84 -0.63 63.80
C GLN A 142 36.35 -0.49 63.83
N ASN A 143 37.02 -1.59 64.10
CA ASN A 143 38.48 -1.67 64.01
C ASN A 143 38.85 -2.39 62.73
N PHE A 144 39.69 -1.74 61.91
CA PHE A 144 40.08 -2.32 60.64
C PHE A 144 40.84 -3.62 60.83
N TYR A 145 41.72 -3.67 61.82
CA TYR A 145 42.64 -4.80 61.95
C TYR A 145 41.92 -6.09 62.35
N LYS A 146 40.85 -5.99 63.13
CA LYS A 146 40.20 -7.18 63.65
C LYS A 146 39.04 -7.68 62.79
N ASP A 147 38.73 -7.00 61.70
CA ASP A 147 37.57 -7.34 60.88
C ASP A 147 38.04 -8.02 59.60
N PHE A 148 37.50 -9.22 59.33
CA PHE A 148 37.80 -9.90 58.08
C PHE A 148 37.25 -9.13 56.90
N THR A 149 35.98 -8.74 56.96
CA THR A 149 35.46 -7.80 56.00
C THR A 149 36.05 -6.42 56.26
N LEU A 150 35.76 -5.49 55.35
CA LEU A 150 36.33 -4.15 55.35
C LEU A 150 37.81 -4.23 54.98
N GLN A 151 38.33 -5.45 54.88
CA GLN A 151 39.62 -5.69 54.27
C GLN A 151 39.46 -6.14 52.83
N ILE A 152 38.53 -7.07 52.58
CA ILE A 152 38.21 -7.46 51.22
C ILE A 152 37.68 -6.26 50.45
N ASP A 153 36.82 -5.46 51.10
CA ASP A 153 36.28 -4.28 50.43
C ASP A 153 37.39 -3.32 50.05
N MET A 154 38.42 -3.22 50.88
CA MET A 154 39.57 -2.39 50.53
C MET A 154 40.22 -2.89 49.25
N ALA A 155 40.43 -4.20 49.15
CA ALA A 155 41.03 -4.76 47.95
C ALA A 155 40.12 -4.60 46.74
N PHE A 156 38.83 -4.87 46.91
CA PHE A 156 37.91 -4.74 45.80
C PHE A 156 37.85 -3.31 45.30
N ASN A 157 37.79 -2.34 46.21
CA ASN A 157 37.58 -0.97 45.78
C ASN A 157 38.84 -0.36 45.20
N VAL A 158 40.01 -0.69 45.74
CA VAL A 158 41.23 -0.12 45.19
C VAL A 158 41.44 -0.56 43.76
N PHE A 159 40.93 -1.74 43.40
CA PHE A 159 41.04 -2.18 42.02
C PHE A 159 40.25 -1.27 41.09
N PHE A 160 39.06 -0.86 41.51
CA PHE A 160 38.25 0.02 40.66
C PHE A 160 38.97 1.32 40.38
N LEU A 161 39.80 1.78 41.31
CA LEU A 161 40.54 3.02 41.08
C LEU A 161 41.44 2.90 39.87
N LEU A 162 42.21 1.81 39.78
CA LEU A 162 43.09 1.62 38.65
C LEU A 162 42.29 1.47 37.35
N TYR A 163 41.23 0.68 37.40
CA TYR A 163 40.40 0.54 36.20
C TYR A 163 39.77 1.86 35.80
N PHE A 164 39.44 2.72 36.76
CA PHE A 164 38.93 4.03 36.43
C PHE A 164 39.97 4.86 35.70
N GLY A 165 41.22 4.80 36.16
CA GLY A 165 42.26 5.59 35.53
C GLY A 165 42.43 5.25 34.06
N LEU A 166 42.39 3.96 33.74
CA LEU A 166 42.56 3.56 32.34
C LEU A 166 41.47 4.15 31.46
N ARG A 167 40.22 4.04 31.88
CA ARG A 167 39.14 4.62 31.10
C ARG A 167 39.32 6.11 30.94
N PHE A 168 39.85 6.78 31.97
CA PHE A 168 40.07 8.22 31.87
C PHE A 168 41.08 8.53 30.77
N ILE A 169 42.14 7.74 30.67
CA ILE A 169 43.16 8.01 29.67
C ILE A 169 42.59 7.85 28.27
N ALA A 170 41.85 6.77 28.03
CA ALA A 170 41.42 6.44 26.69
C ALA A 170 40.31 7.34 26.17
N ALA A 171 39.74 8.19 27.00
CA ALA A 171 38.63 9.03 26.56
C ALA A 171 39.10 10.07 25.55
N ASN A 172 38.23 10.38 24.59
CA ASN A 172 38.53 11.42 23.62
C ASN A 172 38.24 12.80 24.19
N ASP A 173 37.07 12.99 24.78
CA ASP A 173 36.66 14.27 25.34
C ASP A 173 36.59 14.14 26.86
N LYS A 174 37.53 14.79 27.55
CA LYS A 174 37.66 14.59 28.99
C LYS A 174 36.41 15.04 29.73
N LEU A 175 35.85 16.19 29.35
CA LEU A 175 34.71 16.73 30.08
C LEU A 175 33.49 15.82 29.97
N TRP A 176 33.16 15.42 28.75
CA TRP A 176 31.98 14.58 28.58
C TRP A 176 32.22 13.16 29.03
N PHE A 177 33.47 12.74 29.15
CA PHE A 177 33.74 11.50 29.87
C PHE A 177 33.47 11.66 31.36
N TRP A 178 33.88 12.80 31.91
CA TRP A 178 33.68 13.06 33.33
C TRP A 178 32.19 13.08 33.68
N LEU A 179 31.37 13.67 32.81
CA LEU A 179 29.94 13.71 33.03
C LEU A 179 29.26 12.46 32.49
N GLU A 180 29.65 11.31 33.03
CA GLU A 180 29.12 10.04 32.59
C GLU A 180 28.63 9.25 33.80
N VAL A 181 27.75 8.28 33.54
CA VAL A 181 27.12 7.52 34.62
C VAL A 181 28.16 6.76 35.41
N ASN A 182 29.06 6.06 34.72
CA ASN A 182 30.06 5.26 35.41
C ASN A 182 31.02 6.14 36.21
N SER A 183 31.43 7.27 35.64
CA SER A 183 32.29 8.18 36.38
C SER A 183 31.59 8.68 37.63
N VAL A 184 30.30 9.02 37.52
CA VAL A 184 29.57 9.51 38.68
C VAL A 184 29.49 8.44 39.76
N VAL A 185 29.15 7.22 39.36
CA VAL A 185 28.99 6.17 40.38
C VAL A 185 30.31 5.87 41.05
N ASP A 186 31.42 5.92 40.30
CA ASP A 186 32.71 5.72 40.95
C ASP A 186 33.02 6.85 41.91
N PHE A 187 32.75 8.09 41.50
CA PHE A 187 33.01 9.24 42.38
C PHE A 187 32.21 9.12 43.67
N PHE A 188 31.02 8.56 43.61
CA PHE A 188 30.21 8.48 44.81
C PHE A 188 30.43 7.22 45.62
N THR A 189 31.07 6.20 45.06
CA THR A 189 31.29 4.97 45.83
C THR A 189 32.71 4.84 46.37
N VAL A 190 33.73 5.10 45.57
CA VAL A 190 35.07 4.70 46.00
C VAL A 190 35.71 5.64 47.04
N PRO A 191 35.54 6.96 47.01
CA PRO A 191 36.22 7.80 48.01
C PRO A 191 35.85 7.46 49.44
N PRO A 192 34.58 7.16 49.76
CA PRO A 192 34.24 7.01 51.18
C PRO A 192 35.01 5.94 51.93
N VAL A 193 35.41 4.85 51.28
CA VAL A 193 35.99 3.75 52.04
C VAL A 193 37.31 4.15 52.67
N PHE A 194 38.10 4.97 51.98
CA PHE A 194 39.36 5.42 52.55
C PHE A 194 39.13 6.28 53.78
N VAL A 195 38.15 7.18 53.71
CA VAL A 195 37.80 7.98 54.87
C VAL A 195 37.36 7.09 56.01
N SER A 196 36.59 6.04 55.70
CA SER A 196 36.14 5.13 56.72
C SER A 196 37.32 4.43 57.38
N VAL A 197 38.29 4.00 56.58
CA VAL A 197 39.48 3.36 57.15
C VAL A 197 40.23 4.32 58.04
N TYR A 198 40.37 5.57 57.60
CA TYR A 198 41.12 6.54 58.38
C TYR A 198 40.43 6.85 59.70
N LEU A 199 39.11 6.97 59.70
CA LEU A 199 38.41 7.42 60.90
C LEU A 199 37.90 6.29 61.78
N ASN A 200 37.98 5.04 61.32
CA ASN A 200 37.59 3.85 62.08
C ASN A 200 36.11 3.77 62.38
N ARG A 201 35.29 4.65 61.79
CA ARG A 201 33.84 4.56 61.91
C ARG A 201 33.24 4.66 60.52
N SER A 202 32.13 3.97 60.32
CA SER A 202 31.53 3.83 59.00
C SER A 202 30.07 4.23 59.02
N TRP A 203 29.60 4.73 57.88
CA TRP A 203 28.21 5.11 57.69
C TRP A 203 27.70 4.50 56.40
N LEU A 204 26.52 3.90 56.46
CA LEU A 204 25.93 3.26 55.27
C LEU A 204 25.36 4.35 54.36
N GLY A 205 26.26 5.18 53.84
CA GLY A 205 25.83 6.29 53.02
C GLY A 205 26.06 6.08 51.54
N LEU A 206 24.98 6.03 50.77
CA LEU A 206 25.04 5.95 49.32
C LEU A 206 25.79 4.72 48.82
N ARG A 207 26.02 3.74 49.67
CA ARG A 207 26.65 2.51 49.19
C ARG A 207 25.73 1.72 48.29
N PHE A 208 24.44 2.03 48.27
CA PHE A 208 23.52 1.30 47.41
C PHE A 208 23.74 1.61 45.94
N LEU A 209 24.53 2.63 45.62
CA LEU A 209 24.81 2.92 44.22
C LEU A 209 25.63 1.84 43.54
N ARG A 210 26.21 0.91 44.29
CA ARG A 210 27.01 -0.13 43.68
C ARG A 210 26.20 -0.99 42.73
N ALA A 211 24.88 -0.97 42.84
CA ALA A 211 24.06 -1.80 41.96
C ALA A 211 24.06 -1.30 40.53
N LEU A 212 24.35 -0.02 40.32
CA LEU A 212 24.29 0.53 38.96
C LEU A 212 25.35 -0.05 38.04
N ARG A 213 26.36 -0.73 38.58
CA ARG A 213 27.39 -1.28 37.73
C ARG A 213 26.87 -2.35 36.80
N LEU A 214 25.68 -2.88 37.05
CA LEU A 214 25.17 -3.98 36.24
C LEU A 214 24.92 -3.58 34.79
N ILE A 215 24.88 -2.29 34.47
CA ILE A 215 24.57 -1.89 33.11
C ILE A 215 25.66 -2.31 32.15
N GLN A 216 26.92 -2.28 32.59
CA GLN A 216 28.06 -2.53 31.71
C GLN A 216 28.10 -3.96 31.18
N PHE A 217 27.15 -4.79 31.60
CA PHE A 217 27.24 -6.22 31.31
C PHE A 217 27.12 -6.51 29.82
N SER A 218 26.22 -5.82 29.13
CA SER A 218 26.07 -6.08 27.71
C SER A 218 27.34 -5.74 26.95
N GLU A 219 27.96 -4.60 27.28
CA GLU A 219 29.21 -4.23 26.62
C GLU A 219 30.31 -5.23 26.93
N ILE A 220 30.38 -5.67 28.19
CA ILE A 220 31.41 -6.63 28.57
C ILE A 220 31.26 -7.91 27.77
N LEU A 221 30.03 -8.38 27.62
CA LEU A 221 29.83 -9.59 26.81
C LEU A 221 30.14 -9.34 25.34
N GLN A 222 29.77 -8.17 24.83
CA GLN A 222 29.98 -7.92 23.40
C GLN A 222 31.47 -7.89 23.06
N PHE A 223 32.29 -7.32 23.94
CA PHE A 223 33.72 -7.33 23.67
C PHE A 223 34.32 -8.72 23.62
N LEU A 224 33.61 -9.73 24.13
CA LEU A 224 34.14 -11.08 24.20
C LEU A 224 33.48 -12.04 23.21
N ASN A 225 32.78 -11.50 22.21
CA ASN A 225 32.13 -12.28 21.17
C ASN A 225 31.07 -13.24 21.70
N ILE A 226 30.70 -13.15 22.97
CA ILE A 226 29.68 -14.05 23.49
C ILE A 226 28.34 -13.74 22.86
N LEU A 227 28.03 -12.47 22.68
CA LEU A 227 26.78 -12.03 22.07
C LEU A 227 27.06 -11.60 20.63
N LYS A 228 26.37 -12.21 19.69
CA LYS A 228 26.55 -11.85 18.29
C LYS A 228 25.22 -11.53 17.64
N THR A 229 24.18 -12.26 18.00
CA THR A 229 22.87 -12.08 17.38
C THR A 229 22.19 -10.83 17.94
N SER A 230 20.94 -10.64 17.57
CA SER A 230 20.19 -9.45 17.97
C SER A 230 19.27 -9.69 19.15
N ASN A 231 18.55 -10.81 19.16
CA ASN A 231 17.63 -11.08 20.27
C ASN A 231 18.38 -11.19 21.58
N SER A 232 19.55 -11.83 21.58
CA SER A 232 20.31 -11.94 22.80
C SER A 232 20.68 -10.56 23.33
N ILE A 233 21.12 -9.66 22.46
CA ILE A 233 21.52 -8.33 22.90
C ILE A 233 20.31 -7.60 23.48
N LYS A 234 19.18 -7.66 22.78
CA LYS A 234 17.98 -6.97 23.27
C LYS A 234 17.60 -7.48 24.65
N LEU A 235 17.57 -8.80 24.80
CA LEU A 235 17.16 -9.40 26.06
C LEU A 235 18.09 -9.01 27.19
N VAL A 236 19.40 -9.06 26.95
CA VAL A 236 20.35 -8.73 28.01
C VAL A 236 20.21 -7.27 28.42
N ASN A 237 20.07 -6.37 27.44
CA ASN A 237 19.89 -4.96 27.77
C ASN A 237 18.69 -4.77 28.68
N LEU A 238 17.55 -5.33 28.28
CA LEU A 238 16.33 -5.11 29.06
C LEU A 238 16.48 -5.66 30.48
N LEU A 239 16.99 -6.88 30.59
CA LEU A 239 17.10 -7.50 31.92
C LEU A 239 17.99 -6.68 32.82
N SER A 240 19.16 -6.28 32.31
CA SER A 240 20.11 -5.56 33.15
C SER A 240 19.53 -4.25 33.63
N ILE A 241 18.94 -3.47 32.71
CA ILE A 241 18.40 -2.18 33.11
C ILE A 241 17.31 -2.35 34.16
N PHE A 242 16.40 -3.29 33.93
CA PHE A 242 15.28 -3.47 34.84
C PHE A 242 15.77 -3.84 36.25
N ILE A 243 16.62 -4.84 36.35
CA ILE A 243 17.06 -5.29 37.67
C ILE A 243 17.83 -4.19 38.38
N SER A 244 18.71 -3.50 37.65
CA SER A 244 19.51 -2.45 38.28
C SER A 244 18.61 -1.37 38.86
N THR A 245 17.64 -0.89 38.08
CA THR A 245 16.76 0.15 38.57
C THR A 245 16.03 -0.32 39.83
N TRP A 246 15.47 -1.52 39.78
CA TRP A 246 14.70 -2.02 40.92
C TRP A 246 15.53 -2.03 42.18
N LEU A 247 16.71 -2.65 42.12
CA LEU A 247 17.52 -2.79 43.33
C LEU A 247 18.00 -1.44 43.85
N THR A 248 18.41 -0.54 42.95
CA THR A 248 18.92 0.74 43.41
C THR A 248 17.84 1.54 44.14
N ALA A 249 16.65 1.62 43.56
CA ALA A 249 15.59 2.36 44.22
C ALA A 249 15.24 1.74 45.56
N ALA A 250 15.23 0.40 45.63
CA ALA A 250 14.96 -0.24 46.91
C ALA A 250 15.99 0.16 47.96
N GLY A 251 17.26 0.18 47.57
CA GLY A 251 18.29 0.59 48.52
C GLY A 251 18.07 2.01 49.03
N PHE A 252 17.70 2.92 48.14
CA PHE A 252 17.51 4.30 48.57
C PHE A 252 16.37 4.40 49.57
N ILE A 253 15.26 3.73 49.30
CA ILE A 253 14.17 3.73 50.28
C ILE A 253 14.64 3.16 51.60
N HIS A 254 15.43 2.08 51.55
CA HIS A 254 15.91 1.48 52.79
C HIS A 254 16.65 2.51 53.62
N LEU A 255 17.58 3.22 52.99
CA LEU A 255 18.35 4.21 53.73
C LEU A 255 17.46 5.27 54.34
N VAL A 256 16.60 5.88 53.53
CA VAL A 256 15.84 7.02 54.02
C VAL A 256 14.89 6.60 55.13
N GLU A 257 14.25 5.44 54.97
CA GLU A 257 13.27 5.01 55.97
C GLU A 257 13.93 4.57 57.26
N ASN A 258 15.01 3.78 57.18
CA ASN A 258 15.67 3.37 58.42
C ASN A 258 16.22 4.56 59.17
N SER A 259 16.75 5.55 58.44
CA SER A 259 17.08 6.79 59.10
C SER A 259 15.83 7.64 59.26
N GLY A 260 16.00 8.81 59.86
CA GLY A 260 14.92 9.76 60.03
C GLY A 260 15.18 11.04 59.26
N ASP A 261 14.17 11.92 59.28
CA ASP A 261 14.36 13.23 58.68
C ASP A 261 15.33 14.04 59.52
N PRO A 262 16.28 14.74 58.89
CA PRO A 262 17.26 15.49 59.68
C PRO A 262 16.66 16.65 60.44
N TRP A 263 15.78 17.44 59.82
CA TRP A 263 15.30 18.64 60.50
C TRP A 263 14.50 18.29 61.74
N GLU A 264 13.83 17.15 61.75
CA GLU A 264 13.17 16.67 62.95
C GLU A 264 14.10 15.84 63.81
N ASN A 265 15.42 16.01 63.66
CA ASN A 265 16.40 15.42 64.57
C ASN A 265 16.30 13.90 64.60
N PHE A 266 15.95 13.30 63.47
CA PHE A 266 15.91 11.84 63.35
C PHE A 266 15.02 11.20 64.40
N GLN A 267 13.91 11.86 64.72
CA GLN A 267 12.95 11.34 65.68
C GLN A 267 11.77 10.66 65.00
N ASN A 268 11.85 10.46 63.69
CA ASN A 268 10.73 9.95 62.90
C ASN A 268 11.04 8.60 62.27
N ASN A 269 12.05 7.89 62.78
CA ASN A 269 12.54 6.70 62.11
C ASN A 269 11.52 5.57 62.16
N GLN A 270 11.59 4.70 61.16
CA GLN A 270 10.80 3.48 61.08
C GLN A 270 11.74 2.33 60.76
N ALA A 271 11.37 1.13 61.19
CA ALA A 271 12.23 -0.03 61.08
C ALA A 271 11.80 -0.89 59.89
N LEU A 272 12.69 -1.05 58.92
CA LEU A 272 12.42 -1.87 57.74
C LEU A 272 13.67 -2.60 57.32
N THR A 273 13.51 -3.83 56.87
CA THR A 273 14.63 -4.55 56.31
C THR A 273 14.68 -4.39 54.79
N TYR A 274 15.86 -4.69 54.24
CA TYR A 274 16.08 -4.45 52.82
C TYR A 274 15.12 -5.26 51.98
N TRP A 275 14.86 -6.51 52.37
CA TRP A 275 13.93 -7.33 51.60
C TRP A 275 12.54 -6.73 51.62
N GLU A 276 12.12 -6.21 52.77
CA GLU A 276 10.83 -5.55 52.84
C GLU A 276 10.78 -4.37 51.88
N CYS A 277 11.87 -3.61 51.79
CA CYS A 277 11.87 -2.50 50.84
C CYS A 277 11.74 -2.99 49.41
N VAL A 278 12.42 -4.08 49.06
CA VAL A 278 12.29 -4.63 47.71
C VAL A 278 10.84 -5.01 47.44
N TYR A 279 10.21 -5.66 48.41
CA TYR A 279 8.82 -6.05 48.26
C TYR A 279 7.92 -4.83 48.06
N LEU A 280 8.17 -3.77 48.82
CA LEU A 280 7.31 -2.55 48.72
C LEU A 280 7.33 -2.04 47.28
N LEU A 281 8.51 -1.89 46.69
CA LEU A 281 8.59 -1.29 45.33
C LEU A 281 7.87 -2.16 44.30
N MET A 282 7.99 -3.48 44.38
CA MET A 282 7.37 -4.33 43.33
C MET A 282 5.87 -4.11 43.36
N VAL A 283 5.28 -4.03 44.56
CA VAL A 283 3.81 -3.78 44.67
C VAL A 283 3.52 -2.40 44.05
N THR A 284 4.34 -1.40 44.34
CA THR A 284 4.07 -0.03 43.83
C THR A 284 4.15 0.00 42.30
N MET A 285 5.18 -0.62 41.72
CA MET A 285 5.36 -0.58 40.24
C MET A 285 4.21 -1.32 39.56
N SER A 286 3.80 -2.46 40.13
CA SER A 286 2.71 -3.27 39.53
C SER A 286 1.37 -2.57 39.69
N THR A 287 1.27 -1.61 40.62
CA THR A 287 0.02 -0.85 40.90
C THR A 287 -0.97 -1.71 41.70
N VAL A 288 -0.50 -2.80 42.30
CA VAL A 288 -1.38 -3.63 43.16
C VAL A 288 -1.82 -2.78 44.37
N GLY A 289 -0.90 -2.00 44.93
CA GLY A 289 -1.26 -1.09 46.04
C GLY A 289 -1.92 -1.80 47.22
N TYR A 290 -1.29 -2.86 47.74
CA TYR A 290 -1.88 -3.64 48.87
C TYR A 290 -2.06 -2.72 50.08
N GLY A 291 -1.05 -1.88 50.37
CA GLY A 291 -1.15 -0.95 51.50
C GLY A 291 -0.77 -1.59 52.83
N ASP A 292 -0.26 -2.82 52.81
CA ASP A 292 0.18 -3.48 54.07
C ASP A 292 1.35 -2.72 54.69
N VAL A 293 2.30 -2.26 53.87
CA VAL A 293 3.46 -1.47 54.37
C VAL A 293 3.60 -0.23 53.47
N TYR A 294 4.02 0.91 54.03
CA TYR A 294 4.12 2.11 53.22
C TYR A 294 5.11 3.07 53.87
N ALA A 295 5.65 3.98 53.08
CA ALA A 295 6.62 4.95 53.59
C ALA A 295 5.91 5.98 54.46
N LYS A 296 6.61 6.45 55.50
CA LYS A 296 6.05 7.43 56.41
C LYS A 296 6.84 8.73 56.52
N THR A 297 8.05 8.79 55.99
CA THR A 297 8.86 9.98 56.13
C THR A 297 8.66 10.92 54.94
N THR A 298 9.03 12.17 55.14
CA THR A 298 8.82 13.18 54.11
C THR A 298 9.65 12.87 52.87
N LEU A 299 10.93 12.55 53.06
CA LEU A 299 11.77 12.20 51.92
C LEU A 299 11.25 10.95 51.24
N GLY A 300 10.82 9.96 52.01
CA GLY A 300 10.29 8.75 51.42
C GLY A 300 9.10 9.05 50.53
N ARG A 301 8.16 9.86 51.02
CA ARG A 301 6.98 10.16 50.24
C ARG A 301 7.34 10.96 48.99
N LEU A 302 8.26 11.91 49.11
CA LEU A 302 8.64 12.70 47.95
C LEU A 302 9.25 11.80 46.87
N PHE A 303 10.18 10.94 47.27
CA PHE A 303 10.79 10.03 46.31
C PHE A 303 9.75 9.11 45.71
N MET A 304 8.79 8.67 46.53
CA MET A 304 7.76 7.78 46.00
C MET A 304 6.92 8.49 44.96
N VAL A 305 6.62 9.77 45.15
CA VAL A 305 5.85 10.50 44.15
C VAL A 305 6.62 10.54 42.84
N PHE A 306 7.89 10.94 42.89
CA PHE A 306 8.63 11.04 41.63
C PHE A 306 8.83 9.67 40.98
N PHE A 307 9.07 8.64 41.78
CA PHE A 307 9.24 7.32 41.21
C PHE A 307 7.94 6.79 40.63
N ILE A 308 6.80 7.17 41.18
CA ILE A 308 5.53 6.80 40.58
C ILE A 308 5.39 7.48 39.24
N LEU A 309 5.81 8.74 39.13
CA LEU A 309 5.81 9.37 37.82
C LEU A 309 6.70 8.63 36.84
N GLY A 310 7.82 8.10 37.30
CA GLY A 310 8.79 7.57 36.37
C GLY A 310 8.72 6.09 36.02
N GLY A 311 8.71 5.21 37.03
CA GLY A 311 8.97 3.80 36.78
C GLY A 311 7.80 3.01 36.25
N LEU A 312 6.59 3.55 36.37
CA LEU A 312 5.43 2.78 35.95
C LEU A 312 5.47 2.52 34.45
N ALA A 313 5.90 3.50 33.66
CA ALA A 313 6.04 3.27 32.23
C ALA A 313 7.04 2.17 31.95
N MET A 314 8.15 2.16 32.68
CA MET A 314 9.14 1.10 32.50
C MET A 314 8.53 -0.27 32.76
N PHE A 315 7.80 -0.40 33.86
CA PHE A 315 7.21 -1.70 34.16
C PHE A 315 6.18 -2.09 33.13
N ALA A 316 5.41 -1.12 32.63
CA ALA A 316 4.36 -1.44 31.69
C ALA A 316 4.93 -1.89 30.35
N SER A 317 6.04 -1.29 29.92
CA SER A 317 6.53 -1.53 28.57
C SER A 317 7.80 -2.37 28.54
N TYR A 318 8.23 -2.95 29.65
CA TYR A 318 9.37 -3.85 29.61
C TYR A 318 9.00 -5.32 29.82
N VAL A 319 8.18 -5.61 30.82
CA VAL A 319 7.86 -7.01 31.12
C VAL A 319 7.25 -7.74 29.93
N PRO A 320 6.25 -7.19 29.23
CA PRO A 320 5.75 -7.91 28.05
C PRO A 320 6.83 -8.16 27.02
N GLU A 321 7.79 -7.25 26.88
CA GLU A 321 8.87 -7.45 25.91
C GLU A 321 9.69 -8.68 26.27
N ILE A 322 10.07 -8.80 27.53
CA ILE A 322 10.87 -9.96 27.93
C ILE A 322 10.07 -11.24 27.77
N ILE A 323 8.80 -11.22 28.19
CA ILE A 323 7.97 -12.41 28.05
C ILE A 323 7.86 -12.81 26.60
N GLU A 324 7.79 -11.84 25.70
CA GLU A 324 7.73 -12.15 24.28
C GLU A 324 9.04 -12.73 23.78
N LEU A 325 10.16 -12.10 24.14
CA LEU A 325 11.44 -12.53 23.60
C LEU A 325 11.79 -13.94 24.05
N ILE A 326 11.54 -14.27 25.31
CA ILE A 326 11.60 -15.67 25.69
C ILE A 326 10.40 -16.38 25.11
N GLY A 327 10.56 -17.66 24.79
CA GLY A 327 9.46 -18.42 24.23
C GLY A 327 9.42 -18.48 22.72
N ASN A 328 10.49 -18.06 22.05
CA ASN A 328 10.61 -18.27 20.60
C ASN A 328 11.32 -19.60 20.39
N ARG A 329 10.56 -20.67 20.63
CA ARG A 329 11.05 -22.03 20.49
C ARG A 329 10.50 -22.63 19.21
N LYS A 330 11.37 -23.24 18.42
CA LYS A 330 10.96 -23.91 17.19
C LYS A 330 10.46 -25.30 17.56
N LYS A 331 9.15 -25.50 17.49
CA LYS A 331 8.56 -26.73 18.00
C LYS A 331 8.93 -27.95 17.19
N TYR A 332 9.40 -27.78 15.95
CA TYR A 332 9.52 -28.89 15.03
C TYR A 332 10.96 -29.08 14.55
N GLY A 333 11.90 -29.05 15.48
CA GLY A 333 13.26 -29.47 15.20
C GLY A 333 13.38 -30.96 15.32
N GLY A 334 14.60 -31.42 15.52
CA GLY A 334 14.83 -32.84 15.77
C GLY A 334 14.81 -33.64 14.49
N SER A 335 15.05 -34.93 14.65
CA SER A 335 15.15 -35.85 13.52
C SER A 335 14.08 -36.93 13.65
N TYR A 336 14.17 -37.92 12.78
CA TYR A 336 13.20 -39.02 12.75
C TYR A 336 13.95 -40.32 12.89
N SER A 337 13.68 -41.05 13.98
CA SER A 337 14.28 -42.36 14.16
C SER A 337 13.77 -43.32 13.10
N ALA A 338 14.59 -44.30 12.77
CA ALA A 338 14.26 -45.29 11.76
C ALA A 338 13.88 -46.59 12.44
N VAL A 339 12.75 -47.17 12.02
CA VAL A 339 12.27 -48.43 12.56
C VAL A 339 12.69 -49.54 11.60
N SER A 340 13.43 -50.51 12.11
CA SER A 340 13.82 -51.63 11.28
C SER A 340 12.60 -52.42 10.83
N GLY A 341 12.65 -52.89 9.59
CA GLY A 341 11.59 -53.73 9.07
C GLY A 341 10.32 -53.03 8.67
N ARG A 342 10.30 -51.70 8.67
CA ARG A 342 9.13 -50.94 8.27
C ARG A 342 9.55 -49.82 7.34
N LYS A 343 8.90 -49.73 6.18
CA LYS A 343 9.26 -48.73 5.21
C LYS A 343 8.63 -47.39 5.56
N HIS A 344 9.08 -46.34 4.89
CA HIS A 344 8.52 -45.02 5.08
C HIS A 344 8.83 -44.19 3.85
N ILE A 345 8.03 -43.14 3.65
CA ILE A 345 8.20 -42.24 2.52
C ILE A 345 8.29 -40.82 3.04
N VAL A 346 8.67 -39.91 2.16
CA VAL A 346 8.81 -38.49 2.51
C VAL A 346 8.12 -37.67 1.44
N VAL A 347 7.44 -36.60 1.86
CA VAL A 347 6.64 -35.77 0.98
C VAL A 347 7.07 -34.33 1.14
N CYS A 348 7.21 -33.62 0.03
CA CYS A 348 7.63 -32.23 0.07
C CYS A 348 7.02 -31.49 -1.10
N GLY A 349 6.94 -30.18 -0.96
CA GLY A 349 6.39 -29.35 -2.02
C GLY A 349 5.42 -28.31 -1.52
N HIS A 350 4.30 -28.15 -2.23
CA HIS A 350 3.28 -27.19 -1.84
C HIS A 350 2.31 -27.88 -0.90
N ILE A 351 2.37 -27.54 0.38
CA ILE A 351 1.60 -28.21 1.42
C ILE A 351 0.58 -27.24 1.99
N THR A 352 -0.67 -27.67 2.01
CA THR A 352 -1.74 -26.88 2.61
C THR A 352 -2.85 -27.82 3.03
N LEU A 353 -3.86 -27.26 3.69
CA LEU A 353 -4.87 -28.08 4.34
C LEU A 353 -5.62 -28.95 3.33
N GLU A 354 -6.06 -28.36 2.23
CA GLU A 354 -6.86 -29.12 1.27
C GLU A 354 -6.05 -30.25 0.66
N SER A 355 -4.84 -29.94 0.20
CA SER A 355 -4.02 -30.96 -0.43
C SER A 355 -3.70 -32.08 0.54
N VAL A 356 -3.32 -31.73 1.76
CA VAL A 356 -2.97 -32.75 2.74
C VAL A 356 -4.17 -33.62 3.06
N SER A 357 -5.34 -32.99 3.27
CA SER A 357 -6.52 -33.76 3.61
C SER A 357 -6.89 -34.73 2.50
N ASN A 358 -6.90 -34.26 1.26
CA ASN A 358 -7.23 -35.14 0.15
C ASN A 358 -6.22 -36.28 0.05
N PHE A 359 -4.94 -35.94 0.15
CA PHE A 359 -3.90 -36.95 -0.01
C PHE A 359 -4.04 -38.03 1.05
N LEU A 360 -4.20 -37.63 2.31
CA LEU A 360 -4.33 -38.62 3.37
C LEU A 360 -5.59 -39.44 3.21
N LYS A 361 -6.73 -38.78 2.99
CA LYS A 361 -7.99 -39.48 2.87
C LYS A 361 -7.94 -40.53 1.79
N ASP A 362 -7.25 -40.23 0.69
CA ASP A 362 -7.14 -41.24 -0.36
C ASP A 362 -6.10 -42.30 -0.02
N PHE A 363 -5.01 -41.91 0.65
CA PHE A 363 -3.87 -42.80 0.76
C PHE A 363 -4.12 -43.88 1.81
N LEU A 364 -4.76 -43.52 2.91
CA LEU A 364 -5.00 -44.45 4.01
C LEU A 364 -6.36 -45.10 3.95
N HIS A 365 -7.00 -45.14 2.79
CA HIS A 365 -8.34 -45.70 2.71
C HIS A 365 -8.32 -47.19 2.97
N LYS A 366 -9.43 -47.72 3.46
CA LYS A 366 -9.47 -49.09 3.92
C LYS A 366 -9.71 -50.10 2.81
N ASP A 367 -10.20 -49.69 1.65
CA ASP A 367 -10.37 -50.65 0.56
C ASP A 367 -9.03 -51.25 0.16
N ARG A 368 -7.93 -50.54 0.39
CA ARG A 368 -6.63 -51.13 0.14
C ARG A 368 -6.37 -52.28 1.10
N ASP A 369 -5.44 -53.14 0.71
CA ASP A 369 -4.91 -54.11 1.64
C ASP A 369 -4.21 -53.38 2.79
N ASP A 370 -4.11 -54.03 3.93
CA ASP A 370 -3.50 -53.40 5.09
C ASP A 370 -2.09 -52.93 4.77
N VAL A 371 -1.76 -51.71 5.19
CA VAL A 371 -0.50 -51.07 4.83
C VAL A 371 0.25 -50.72 6.11
N ASN A 372 1.56 -50.61 5.97
CA ASN A 372 2.44 -50.33 7.09
C ASN A 372 3.25 -49.06 6.92
N VAL A 373 3.27 -48.46 5.73
CA VAL A 373 4.18 -47.36 5.47
C VAL A 373 3.85 -46.18 6.36
N GLU A 374 4.87 -45.37 6.64
CA GLU A 374 4.75 -44.22 7.51
C GLU A 374 5.12 -42.96 6.74
N ILE A 375 4.27 -41.97 6.82
CA ILE A 375 4.43 -40.74 6.06
C ILE A 375 5.23 -39.74 6.88
N VAL A 376 6.11 -39.00 6.23
CA VAL A 376 6.95 -38.01 6.90
C VAL A 376 6.95 -36.75 6.05
N PHE A 377 6.22 -35.74 6.48
CA PHE A 377 6.18 -34.50 5.74
C PHE A 377 7.43 -33.68 6.02
N LEU A 378 7.68 -32.69 5.17
CA LEU A 378 8.82 -31.81 5.37
C LEU A 378 8.55 -30.52 4.62
N HIS A 379 8.29 -29.45 5.35
CA HIS A 379 7.96 -28.19 4.72
C HIS A 379 8.77 -27.06 5.34
N ASN A 380 8.48 -25.82 4.95
CA ASN A 380 9.26 -24.68 5.41
C ASN A 380 8.48 -23.71 6.28
N ILE A 381 7.17 -23.80 6.34
CA ILE A 381 6.35 -22.90 7.13
C ILE A 381 5.66 -23.70 8.23
N SER A 382 5.74 -23.22 9.46
CA SER A 382 5.14 -23.95 10.57
C SER A 382 3.63 -24.05 10.39
N PRO A 383 3.02 -25.18 10.74
CA PRO A 383 1.60 -25.35 10.47
C PRO A 383 0.74 -24.53 11.42
N ASN A 384 -0.50 -24.34 11.02
CA ASN A 384 -1.49 -23.66 11.84
C ASN A 384 -2.37 -24.68 12.55
N LEU A 385 -3.45 -24.19 13.17
CA LEU A 385 -4.17 -24.98 14.15
C LEU A 385 -4.93 -26.13 13.50
N GLU A 386 -5.62 -25.88 12.38
CA GLU A 386 -6.39 -26.96 11.76
C GLU A 386 -5.48 -28.08 11.29
N LEU A 387 -4.35 -27.72 10.68
CA LEU A 387 -3.41 -28.74 10.23
C LEU A 387 -2.85 -29.51 11.42
N GLU A 388 -2.60 -28.81 12.52
CA GLU A 388 -2.19 -29.51 13.73
C GLU A 388 -3.24 -30.51 14.18
N ALA A 389 -4.51 -30.11 14.14
CA ALA A 389 -5.58 -31.00 14.55
C ALA A 389 -5.63 -32.22 13.65
N LEU A 390 -5.42 -32.03 12.36
CA LEU A 390 -5.40 -33.17 11.44
C LEU A 390 -4.28 -34.13 11.79
N PHE A 391 -3.10 -33.59 12.05
CA PHE A 391 -1.99 -34.47 12.44
C PHE A 391 -2.31 -35.22 13.71
N LYS A 392 -2.97 -34.55 14.67
CA LYS A 392 -3.37 -35.24 15.88
C LYS A 392 -4.34 -36.38 15.57
N ARG A 393 -5.31 -36.13 14.71
CA ARG A 393 -6.27 -37.18 14.38
C ARG A 393 -5.60 -38.34 13.67
N HIS A 394 -4.45 -38.12 13.05
CA HIS A 394 -3.72 -39.24 12.47
C HIS A 394 -2.42 -39.44 13.22
N PHE A 395 -2.50 -39.44 14.55
CA PHE A 395 -1.32 -39.36 15.40
C PHE A 395 -0.32 -40.48 15.12
N THR A 396 -0.78 -41.64 14.66
CA THR A 396 0.11 -42.78 14.59
C THR A 396 0.97 -42.78 13.33
N GLN A 397 0.39 -42.50 12.18
CA GLN A 397 1.07 -42.75 10.91
C GLN A 397 1.74 -41.52 10.32
N VAL A 398 1.55 -40.34 10.90
CA VAL A 398 2.00 -39.11 10.27
C VAL A 398 2.89 -38.35 11.23
N GLU A 399 4.03 -37.88 10.73
CA GLU A 399 4.92 -37.06 11.52
C GLU A 399 5.37 -35.87 10.69
N PHE A 400 5.69 -34.78 11.38
CA PHE A 400 6.02 -33.53 10.71
C PHE A 400 7.43 -33.10 11.11
N TYR A 401 8.09 -32.39 10.21
CA TYR A 401 9.37 -31.76 10.50
C TYR A 401 9.45 -30.47 9.73
N GLN A 402 10.23 -29.52 10.24
CA GLN A 402 10.39 -28.22 9.62
C GLN A 402 11.78 -28.11 9.02
N GLY A 403 11.87 -27.65 7.78
CA GLY A 403 13.13 -27.50 7.10
C GLY A 403 12.95 -27.13 5.65
N SER A 404 13.79 -27.68 4.78
CA SER A 404 13.64 -27.49 3.35
C SER A 404 14.43 -28.56 2.62
N VAL A 405 14.00 -28.88 1.41
CA VAL A 405 14.67 -29.95 0.67
C VAL A 405 16.05 -29.50 0.20
N LEU A 406 16.16 -28.25 -0.22
CA LEU A 406 17.41 -27.79 -0.83
C LEU A 406 18.59 -27.81 0.13
N ASN A 407 18.35 -27.81 1.43
CA ASN A 407 19.44 -27.88 2.38
C ASN A 407 19.89 -29.33 2.52
N PRO A 408 21.14 -29.64 2.20
CA PRO A 408 21.58 -31.04 2.25
C PRO A 408 21.83 -31.55 3.66
N HIS A 409 21.44 -30.80 4.67
CA HIS A 409 21.44 -31.34 6.02
C HIS A 409 20.07 -31.90 6.41
N ASP A 410 19.00 -31.24 5.97
CA ASP A 410 17.66 -31.71 6.31
C ASP A 410 17.42 -33.09 5.74
N LEU A 411 17.92 -33.35 4.53
CA LEU A 411 17.74 -34.66 3.92
C LEU A 411 18.28 -35.75 4.82
N ALA A 412 19.50 -35.59 5.30
CA ALA A 412 20.05 -36.56 6.23
C ALA A 412 19.25 -36.56 7.53
N ARG A 413 18.71 -35.41 7.92
CA ARG A 413 17.97 -35.36 9.17
C ARG A 413 16.70 -36.20 9.12
N VAL A 414 16.11 -36.33 7.93
CA VAL A 414 14.91 -37.16 7.76
C VAL A 414 15.26 -38.52 7.17
N LYS A 415 16.52 -38.95 7.25
CA LYS A 415 16.93 -40.31 6.91
C LYS A 415 16.47 -40.71 5.52
N ILE A 416 16.69 -39.82 4.55
CA ILE A 416 16.24 -40.09 3.20
C ILE A 416 17.01 -41.22 2.53
N GLU A 417 18.21 -41.54 3.02
CA GLU A 417 19.02 -42.54 2.34
C GLU A 417 18.42 -43.92 2.43
N SER A 418 17.52 -44.16 3.39
CA SER A 418 16.78 -45.41 3.49
C SER A 418 15.30 -45.05 3.50
N ALA A 419 14.74 -44.88 2.32
CA ALA A 419 13.34 -44.51 2.19
C ALA A 419 12.79 -45.15 0.93
N ASP A 420 11.51 -45.53 0.98
CA ASP A 420 10.94 -46.26 -0.14
C ASP A 420 10.84 -45.39 -1.39
N ALA A 421 10.44 -44.14 -1.23
CA ALA A 421 10.22 -43.26 -2.38
C ALA A 421 10.22 -41.83 -1.89
N CYS A 422 9.83 -40.91 -2.76
CA CYS A 422 9.77 -39.50 -2.40
C CYS A 422 8.80 -38.80 -3.35
N LEU A 423 7.67 -38.34 -2.82
CA LEU A 423 6.66 -37.67 -3.62
C LEU A 423 6.89 -36.17 -3.62
N ILE A 424 6.36 -35.51 -4.65
CA ILE A 424 6.48 -34.06 -4.75
C ILE A 424 5.17 -33.47 -5.24
N LEU A 425 4.40 -32.89 -4.33
CA LEU A 425 3.18 -32.20 -4.72
C LEU A 425 3.53 -30.86 -5.36
N ALA A 426 2.61 -30.35 -6.16
CA ALA A 426 2.83 -29.08 -6.85
C ALA A 426 1.58 -28.23 -6.75
N ASN A 427 1.77 -26.91 -6.80
CA ASN A 427 0.67 -25.96 -6.73
C ASN A 427 0.07 -25.82 -8.12
N LYS A 428 -1.10 -26.43 -8.33
CA LYS A 428 -1.74 -26.36 -9.64
C LYS A 428 -2.15 -24.94 -9.98
N TYR A 429 -2.65 -24.20 -9.01
CA TYR A 429 -3.11 -22.83 -9.24
C TYR A 429 -1.96 -21.87 -8.99
N CYS A 430 -1.17 -21.67 -10.04
CA CYS A 430 0.00 -20.81 -9.94
C CYS A 430 -0.13 -19.62 -10.88
N ALA A 431 0.68 -18.60 -10.61
CA ALA A 431 0.68 -17.41 -11.47
C ALA A 431 1.41 -17.67 -12.78
N ASP A 432 2.53 -18.38 -12.73
CA ASP A 432 3.31 -18.70 -13.93
C ASP A 432 3.66 -20.17 -13.92
N PRO A 433 3.21 -20.95 -14.90
CA PRO A 433 3.53 -22.39 -14.89
C PRO A 433 5.00 -22.70 -14.91
N ASP A 434 5.82 -21.90 -15.62
CA ASP A 434 7.20 -22.30 -15.84
C ASP A 434 8.04 -22.18 -14.57
N ALA A 435 7.79 -21.17 -13.76
CA ALA A 435 8.55 -21.02 -12.52
C ALA A 435 8.37 -22.24 -11.62
N GLU A 436 7.13 -22.73 -11.53
CA GLU A 436 6.88 -23.91 -10.72
C GLU A 436 7.66 -25.11 -11.23
N ASP A 437 7.69 -25.29 -12.55
CA ASP A 437 8.44 -26.40 -13.12
C ASP A 437 9.93 -26.27 -12.81
N ALA A 438 10.48 -25.06 -12.91
CA ALA A 438 11.88 -24.88 -12.58
C ALA A 438 12.15 -25.24 -11.13
N SER A 439 11.27 -24.79 -10.22
CA SER A 439 11.48 -25.11 -8.81
C SER A 439 11.45 -26.60 -8.56
N ASN A 440 10.49 -27.30 -9.18
CA ASN A 440 10.41 -28.74 -8.97
C ASN A 440 11.63 -29.44 -9.54
N ILE A 441 12.12 -29.00 -10.70
CA ILE A 441 13.32 -29.59 -11.25
C ILE A 441 14.49 -29.39 -10.30
N MET A 442 14.58 -28.22 -9.68
CA MET A 442 15.65 -27.98 -8.71
C MET A 442 15.55 -28.94 -7.53
N ARG A 443 14.34 -29.15 -7.01
CA ARG A 443 14.20 -30.09 -5.91
C ARG A 443 14.65 -31.49 -6.34
N VAL A 444 14.26 -31.91 -7.53
CA VAL A 444 14.60 -33.24 -7.99
C VAL A 444 16.11 -33.39 -8.11
N ILE A 445 16.78 -32.40 -8.70
CA ILE A 445 18.22 -32.53 -8.90
C ILE A 445 18.93 -32.54 -7.55
N SER A 446 18.46 -31.74 -6.60
CA SER A 446 19.10 -31.76 -5.28
C SER A 446 18.95 -33.13 -4.62
N ILE A 447 17.76 -33.69 -4.67
CA ILE A 447 17.55 -35.00 -4.02
C ILE A 447 18.42 -36.06 -4.68
N LYS A 448 18.42 -36.09 -6.01
CA LYS A 448 19.22 -37.09 -6.70
C LYS A 448 20.70 -36.91 -6.46
N ASN A 449 21.14 -35.66 -6.30
CA ASN A 449 22.54 -35.43 -5.93
C ASN A 449 22.84 -36.03 -4.58
N TYR A 450 21.95 -35.85 -3.60
CA TYR A 450 22.20 -36.46 -2.31
C TYR A 450 22.24 -37.97 -2.39
N HIS A 451 21.30 -38.56 -3.13
CA HIS A 451 21.22 -40.02 -3.22
C HIS A 451 20.94 -40.42 -4.65
N PRO A 452 21.75 -41.27 -5.24
CA PRO A 452 21.60 -41.57 -6.67
C PRO A 452 20.35 -42.36 -7.00
N LYS A 453 20.08 -43.44 -6.27
CA LYS A 453 19.04 -44.39 -6.65
C LYS A 453 17.90 -44.33 -5.63
N ILE A 454 16.79 -43.73 -6.06
CA ILE A 454 15.60 -43.59 -5.22
C ILE A 454 14.43 -43.30 -6.13
N ARG A 455 13.29 -43.92 -5.84
CA ARG A 455 12.09 -43.69 -6.64
C ARG A 455 11.54 -42.31 -6.38
N ILE A 456 11.10 -41.64 -7.44
CA ILE A 456 10.60 -40.27 -7.34
C ILE A 456 9.35 -40.14 -8.20
N ILE A 457 8.34 -39.47 -7.67
CA ILE A 457 7.09 -39.20 -8.39
C ILE A 457 6.82 -37.71 -8.33
N THR A 458 6.51 -37.10 -9.47
CA THR A 458 6.42 -35.65 -9.55
C THR A 458 5.27 -35.23 -10.44
N GLN A 459 4.61 -34.14 -10.06
CA GLN A 459 3.61 -33.50 -10.90
C GLN A 459 4.24 -32.38 -11.71
N MET A 460 3.69 -32.13 -12.88
CA MET A 460 4.22 -31.11 -13.78
C MET A 460 3.05 -30.38 -14.44
N LEU A 461 3.31 -29.17 -14.92
CA LEU A 461 2.25 -28.31 -15.41
C LEU A 461 2.31 -28.02 -16.89
N GLN A 462 3.39 -28.38 -17.59
CA GLN A 462 3.47 -28.16 -19.02
C GLN A 462 4.02 -29.40 -19.69
N TYR A 463 3.60 -29.64 -20.92
CA TYR A 463 4.07 -30.84 -21.59
C TYR A 463 5.53 -30.73 -22.00
N HIS A 464 5.91 -29.58 -22.57
CA HIS A 464 7.26 -29.49 -23.12
C HIS A 464 8.33 -29.52 -22.04
N ASN A 465 7.99 -29.20 -20.80
CA ASN A 465 8.99 -29.21 -19.76
C ASN A 465 9.41 -30.60 -19.35
N LYS A 466 8.68 -31.64 -19.75
CA LYS A 466 9.02 -32.99 -19.31
C LYS A 466 10.38 -33.42 -19.83
N ALA A 467 10.81 -32.90 -20.98
CA ALA A 467 12.07 -33.34 -21.54
C ALA A 467 13.25 -33.01 -20.63
N HIS A 468 13.14 -31.92 -19.86
CA HIS A 468 14.25 -31.52 -19.02
C HIS A 468 14.61 -32.60 -18.01
N LEU A 469 13.66 -33.43 -17.63
CA LEU A 469 13.94 -34.47 -16.64
C LEU A 469 14.97 -35.45 -17.17
N LEU A 470 14.89 -35.81 -18.45
CA LEU A 470 15.81 -36.79 -18.99
C LEU A 470 17.24 -36.30 -18.98
N ASN A 471 17.46 -35.00 -18.84
CA ASN A 471 18.83 -34.49 -18.80
C ASN A 471 19.54 -34.79 -17.50
N ILE A 472 18.80 -35.06 -16.43
CA ILE A 472 19.47 -35.48 -15.19
C ILE A 472 20.21 -36.77 -15.46
N PRO A 473 21.49 -36.88 -15.11
CA PRO A 473 22.26 -38.07 -15.49
C PRO A 473 21.75 -39.36 -14.87
N SER A 474 21.02 -39.29 -13.76
CA SER A 474 20.62 -40.51 -13.05
C SER A 474 19.12 -40.67 -12.99
N TRP A 475 18.36 -40.02 -13.86
CA TRP A 475 16.91 -40.19 -13.91
C TRP A 475 16.61 -41.45 -14.71
N ASN A 476 16.58 -42.58 -14.04
CA ASN A 476 16.29 -43.86 -14.69
C ASN A 476 14.79 -44.13 -14.57
N TRP A 477 14.06 -43.79 -15.62
CA TRP A 477 12.63 -44.11 -15.63
C TRP A 477 12.39 -45.60 -15.82
N LYS A 478 13.33 -46.31 -16.44
CA LYS A 478 13.12 -47.72 -16.72
C LYS A 478 12.97 -48.53 -15.45
N GLU A 479 13.75 -48.21 -14.43
CA GLU A 479 13.60 -48.89 -13.16
C GLU A 479 12.47 -48.31 -12.33
N GLY A 480 11.80 -47.28 -12.82
CA GLY A 480 10.65 -46.72 -12.17
C GLY A 480 10.90 -45.33 -11.62
N ASP A 481 10.53 -44.32 -12.40
CA ASP A 481 10.61 -42.92 -11.98
C ASP A 481 9.61 -42.17 -12.85
N ASP A 482 8.44 -41.89 -12.31
CA ASP A 482 7.32 -41.47 -13.11
C ASP A 482 7.04 -39.99 -12.91
N ALA A 483 6.79 -39.29 -14.01
CA ALA A 483 6.36 -37.91 -13.99
C ALA A 483 4.94 -37.83 -14.54
N ILE A 484 4.13 -36.95 -13.97
CA ILE A 484 2.75 -36.79 -14.34
C ILE A 484 2.56 -35.39 -14.89
N CYS A 485 2.07 -35.29 -16.12
CA CYS A 485 1.85 -34.01 -16.78
C CYS A 485 0.35 -33.77 -16.83
N LEU A 486 -0.13 -32.81 -16.04
CA LEU A 486 -1.57 -32.63 -15.89
C LEU A 486 -2.22 -32.23 -17.20
N ALA A 487 -1.61 -31.30 -17.93
CA ALA A 487 -2.23 -30.82 -19.16
C ALA A 487 -2.41 -31.95 -20.16
N GLU A 488 -1.40 -32.78 -20.34
CA GLU A 488 -1.48 -33.87 -21.30
C GLU A 488 -2.62 -34.81 -20.94
N LEU A 489 -2.71 -35.19 -19.66
CA LEU A 489 -3.75 -36.12 -19.27
C LEU A 489 -5.14 -35.51 -19.42
N LYS A 490 -5.29 -34.24 -19.05
CA LYS A 490 -6.59 -33.61 -19.16
C LYS A 490 -7.06 -33.59 -20.61
N LEU A 491 -6.19 -33.10 -21.51
CA LEU A 491 -6.57 -33.07 -22.91
C LEU A 491 -6.82 -34.46 -23.44
N GLY A 492 -6.08 -35.45 -22.96
CA GLY A 492 -6.30 -36.80 -23.40
C GLY A 492 -7.68 -37.33 -23.03
N PHE A 493 -8.09 -37.12 -21.78
CA PHE A 493 -9.44 -37.53 -21.38
C PHE A 493 -10.49 -36.85 -22.24
N ILE A 494 -10.36 -35.54 -22.45
CA ILE A 494 -11.38 -34.85 -23.23
C ILE A 494 -11.44 -35.40 -24.65
N ALA A 495 -10.28 -35.59 -25.27
CA ALA A 495 -10.24 -36.10 -26.63
C ALA A 495 -10.85 -37.48 -26.71
N GLN A 496 -10.57 -38.32 -25.73
CA GLN A 496 -11.18 -39.65 -25.74
C GLN A 496 -12.69 -39.55 -25.62
N SER A 497 -13.17 -38.62 -24.80
CA SER A 497 -14.62 -38.41 -24.71
C SER A 497 -15.21 -38.00 -26.03
N CYS A 498 -14.44 -37.30 -26.86
CA CYS A 498 -14.96 -36.92 -28.17
C CYS A 498 -15.36 -38.13 -29.02
N LEU A 499 -14.82 -39.32 -28.72
CA LEU A 499 -15.27 -40.51 -29.42
C LEU A 499 -16.57 -41.04 -28.81
N ALA A 500 -16.52 -41.42 -27.55
CA ALA A 500 -17.70 -41.92 -26.82
C ALA A 500 -17.96 -41.01 -25.64
N GLN A 501 -19.19 -40.55 -25.51
CA GLN A 501 -19.50 -39.58 -24.47
C GLN A 501 -19.37 -40.21 -23.09
N GLY A 502 -19.04 -39.38 -22.11
CA GLY A 502 -18.99 -39.82 -20.74
C GLY A 502 -17.78 -40.65 -20.37
N LEU A 503 -16.91 -40.95 -21.34
CA LEU A 503 -15.75 -41.78 -21.03
C LEU A 503 -14.86 -41.11 -20.01
N SER A 504 -14.74 -39.79 -20.06
CA SER A 504 -13.88 -39.09 -19.11
C SER A 504 -14.36 -39.29 -17.69
N THR A 505 -15.64 -39.01 -17.44
CA THR A 505 -16.15 -39.15 -16.09
C THR A 505 -16.22 -40.60 -15.67
N MET A 506 -16.25 -41.52 -16.63
CA MET A 506 -16.26 -42.92 -16.25
C MET A 506 -14.87 -43.40 -15.88
N LEU A 507 -13.84 -42.89 -16.56
CA LEU A 507 -12.48 -43.26 -16.20
C LEU A 507 -12.05 -42.61 -14.90
N ALA A 508 -12.38 -41.33 -14.72
CA ALA A 508 -11.85 -40.60 -13.58
C ALA A 508 -12.31 -41.18 -12.26
N ASN A 509 -13.33 -42.03 -12.26
CA ASN A 509 -13.79 -42.65 -11.04
C ASN A 509 -13.07 -43.96 -10.73
N LEU A 510 -12.22 -44.44 -11.62
CA LEU A 510 -11.51 -45.68 -11.37
C LEU A 510 -10.26 -45.48 -10.54
N PHE A 511 -9.92 -44.26 -10.18
CA PHE A 511 -8.73 -43.99 -9.40
C PHE A 511 -9.03 -43.37 -8.04
N SER A 512 -10.28 -43.06 -7.75
CA SER A 512 -10.66 -42.50 -6.47
C SER A 512 -11.23 -43.62 -5.61
N MET A 513 -10.58 -43.89 -4.48
CA MET A 513 -11.00 -44.98 -3.62
C MET A 513 -12.26 -44.58 -2.87
N ARG A 514 -13.36 -45.25 -3.15
CA ARG A 514 -14.62 -45.00 -2.48
C ARG A 514 -15.26 -46.32 -2.08
N SER A 515 -16.06 -46.27 -1.02
CA SER A 515 -16.74 -47.45 -0.52
C SER A 515 -18.18 -47.47 -0.99
N PHE A 516 -18.84 -48.60 -0.75
CA PHE A 516 -20.23 -48.76 -1.17
C PHE A 516 -21.14 -47.87 -0.35
N ILE A 517 -22.12 -47.26 -1.03
CA ILE A 517 -23.17 -46.50 -0.38
C ILE A 517 -24.50 -47.05 -0.84
N LYS A 518 -25.41 -47.28 0.10
CA LYS A 518 -26.71 -47.86 -0.19
C LYS A 518 -27.81 -46.89 0.16
N ILE A 519 -28.75 -46.68 -0.77
CA ILE A 519 -29.90 -45.81 -0.56
C ILE A 519 -31.14 -46.55 -1.02
N GLU A 520 -32.30 -46.05 -0.59
CA GLU A 520 -33.57 -46.70 -0.86
C GLU A 520 -34.41 -45.98 -1.91
N GLU A 521 -34.40 -44.66 -1.91
CA GLU A 521 -35.21 -43.90 -2.84
C GLU A 521 -34.79 -44.19 -4.28
N ASP A 522 -35.76 -44.47 -5.14
CA ASP A 522 -35.47 -44.96 -6.48
C ASP A 522 -35.16 -43.78 -7.39
N THR A 523 -33.95 -43.24 -7.23
CA THR A 523 -33.42 -42.21 -8.10
C THR A 523 -32.12 -42.70 -8.72
N TRP A 524 -31.68 -42.00 -9.77
CA TRP A 524 -30.51 -42.46 -10.50
C TRP A 524 -29.27 -42.60 -9.63
N GLN A 525 -29.22 -41.87 -8.52
CA GLN A 525 -28.11 -42.04 -7.58
C GLN A 525 -27.99 -43.47 -7.11
N LYS A 526 -29.12 -44.16 -6.95
CA LYS A 526 -29.10 -45.52 -6.41
C LYS A 526 -28.28 -46.45 -7.29
N TYR A 527 -28.20 -46.18 -8.59
CA TYR A 527 -27.37 -46.96 -9.47
C TYR A 527 -26.00 -46.33 -9.70
N TYR A 528 -25.94 -45.01 -9.75
CA TYR A 528 -24.67 -44.34 -9.99
C TYR A 528 -23.67 -44.63 -8.89
N LEU A 529 -24.14 -44.73 -7.65
CA LEU A 529 -23.22 -45.03 -6.56
C LEU A 529 -22.69 -46.45 -6.65
N GLU A 530 -23.56 -47.41 -6.95
CA GLU A 530 -23.09 -48.76 -7.20
C GLU A 530 -22.06 -48.77 -8.32
N GLY A 531 -22.23 -47.90 -9.30
CA GLY A 531 -21.22 -47.78 -10.35
C GLY A 531 -19.89 -47.27 -9.81
N VAL A 532 -19.93 -46.21 -9.00
CA VAL A 532 -18.67 -45.60 -8.56
C VAL A 532 -17.97 -46.39 -7.47
N SER A 533 -18.62 -47.42 -6.92
CA SER A 533 -17.95 -48.19 -5.89
C SER A 533 -16.73 -48.94 -6.39
N ASN A 534 -16.54 -49.06 -7.70
CA ASN A 534 -15.47 -49.87 -8.24
C ASN A 534 -14.15 -49.10 -8.27
N GLU A 535 -13.06 -49.87 -8.27
CA GLU A 535 -11.71 -49.37 -8.45
C GLU A 535 -10.97 -50.35 -9.35
N MET A 536 -9.68 -50.11 -9.56
CA MET A 536 -8.89 -50.99 -10.42
C MET A 536 -7.61 -51.42 -9.69
N TYR A 537 -7.34 -52.72 -9.72
CA TYR A 537 -6.17 -53.28 -9.05
C TYR A 537 -5.36 -54.15 -9.99
N THR A 538 -4.33 -54.80 -9.46
CA THR A 538 -3.48 -55.67 -10.25
C THR A 538 -2.96 -56.81 -9.39
N GLU A 539 -2.82 -57.97 -10.00
CA GLU A 539 -2.33 -59.15 -9.29
C GLU A 539 -1.91 -60.20 -10.30
N TYR A 540 -1.13 -61.16 -9.84
CA TYR A 540 -0.68 -62.25 -10.68
C TYR A 540 -1.78 -63.29 -10.85
N LEU A 541 -1.56 -64.21 -11.79
CA LEU A 541 -2.56 -65.19 -12.15
C LEU A 541 -2.16 -66.57 -11.65
N SER A 542 -3.16 -67.39 -11.34
CA SER A 542 -2.90 -68.73 -10.87
C SER A 542 -2.33 -69.59 -11.99
N SER A 543 -1.64 -70.66 -11.59
CA SER A 543 -1.01 -71.56 -12.55
C SER A 543 -2.02 -72.34 -13.38
N ALA A 544 -3.29 -72.32 -13.01
CA ALA A 544 -4.28 -73.15 -13.68
C ALA A 544 -4.57 -72.70 -15.10
N PHE A 545 -4.09 -71.53 -15.52
CA PHE A 545 -4.47 -70.92 -16.79
C PHE A 545 -3.35 -70.99 -17.82
N VAL A 546 -2.57 -72.07 -17.84
CA VAL A 546 -1.34 -72.08 -18.63
C VAL A 546 -1.64 -71.96 -20.12
N GLY A 547 -2.26 -72.98 -20.68
CA GLY A 547 -2.50 -73.02 -22.12
C GLY A 547 -3.88 -72.57 -22.53
N LEU A 548 -4.21 -71.31 -22.31
CA LEU A 548 -5.55 -70.83 -22.57
C LEU A 548 -5.50 -69.51 -23.33
N SER A 549 -6.60 -69.24 -24.04
CA SER A 549 -6.73 -67.99 -24.78
C SER A 549 -7.23 -66.89 -23.87
N PHE A 550 -6.81 -65.67 -24.18
CA PHE A 550 -7.25 -64.52 -23.39
C PHE A 550 -8.77 -64.41 -23.30
N PRO A 551 -9.54 -64.56 -24.38
CA PRO A 551 -10.99 -64.50 -24.23
C PRO A 551 -11.54 -65.57 -23.30
N THR A 552 -11.04 -66.80 -23.43
CA THR A 552 -11.51 -67.87 -22.56
C THR A 552 -11.22 -67.54 -21.10
N VAL A 553 -10.01 -67.08 -20.83
CA VAL A 553 -9.65 -66.74 -19.46
C VAL A 553 -10.54 -65.63 -18.93
N CYS A 554 -10.75 -64.60 -19.75
CA CYS A 554 -11.54 -63.46 -19.29
C CYS A 554 -12.96 -63.86 -18.98
N GLU A 555 -13.60 -64.61 -19.89
CA GLU A 555 -15.00 -64.97 -19.66
C GLU A 555 -15.12 -65.93 -18.48
N LEU A 556 -14.15 -66.84 -18.32
CA LEU A 556 -14.18 -67.74 -17.18
C LEU A 556 -14.07 -66.97 -15.88
N CYS A 557 -13.12 -66.03 -15.82
CA CYS A 557 -12.97 -65.20 -14.62
C CYS A 557 -14.27 -64.48 -14.33
N PHE A 558 -14.86 -63.86 -15.34
CA PHE A 558 -16.12 -63.15 -15.14
C PHE A 558 -17.16 -64.07 -14.54
N VAL A 559 -17.52 -65.13 -15.26
CA VAL A 559 -18.67 -65.93 -14.86
C VAL A 559 -18.44 -66.57 -13.50
N LYS A 560 -17.22 -67.05 -13.24
CA LYS A 560 -16.99 -67.77 -11.99
C LYS A 560 -16.75 -66.82 -10.83
N LEU A 561 -15.70 -66.02 -10.92
CA LEU A 561 -15.24 -65.24 -9.79
C LEU A 561 -15.97 -63.91 -9.63
N LYS A 562 -16.79 -63.52 -10.61
CA LYS A 562 -17.37 -62.19 -10.64
C LYS A 562 -16.27 -61.12 -10.61
N LEU A 563 -15.28 -61.31 -11.49
CA LEU A 563 -14.22 -60.33 -11.67
C LEU A 563 -14.07 -60.01 -13.15
N LEU A 564 -13.75 -58.75 -13.44
CA LEU A 564 -13.60 -58.27 -14.80
C LEU A 564 -12.12 -58.02 -15.04
N MET A 565 -11.53 -58.81 -15.93
CA MET A 565 -10.10 -58.74 -16.23
C MET A 565 -9.95 -58.04 -17.57
N ILE A 566 -9.46 -56.81 -17.54
CA ILE A 566 -9.50 -55.94 -18.71
C ILE A 566 -8.27 -56.12 -19.59
N ALA A 567 -7.07 -56.14 -19.02
CA ALA A 567 -5.87 -56.18 -19.84
C ALA A 567 -4.74 -56.82 -19.06
N ILE A 568 -3.79 -57.37 -19.80
CA ILE A 568 -2.61 -58.00 -19.22
C ILE A 568 -1.37 -57.42 -19.87
N GLU A 569 -0.29 -57.36 -19.10
CA GLU A 569 1.00 -57.05 -19.68
C GLU A 569 1.64 -58.34 -20.19
N TYR A 570 2.58 -58.19 -21.12
CA TYR A 570 3.27 -59.33 -21.68
C TYR A 570 4.72 -59.31 -21.21
N LYS A 571 5.10 -60.32 -20.43
CA LYS A 571 6.47 -60.43 -19.98
C LYS A 571 7.37 -60.84 -21.14
N SER A 572 8.49 -60.14 -21.29
CA SER A 572 9.46 -60.41 -22.35
C SER A 572 10.74 -59.67 -22.00
N ALA A 573 11.70 -59.67 -22.94
CA ALA A 573 12.93 -58.93 -22.74
C ALA A 573 12.68 -57.43 -22.67
N ASN A 574 11.53 -56.97 -23.17
CA ASN A 574 11.16 -55.57 -23.14
C ASN A 574 9.76 -55.44 -22.57
N ARG A 575 9.44 -54.26 -22.05
CA ARG A 575 8.13 -54.06 -21.44
C ARG A 575 7.07 -53.93 -22.52
N GLU A 576 5.92 -54.55 -22.27
CA GLU A 576 4.93 -54.75 -23.33
C GLU A 576 3.58 -55.06 -22.69
N SER A 577 2.61 -54.18 -22.88
CA SER A 577 1.27 -54.36 -22.33
C SER A 577 0.25 -54.34 -23.45
N ARG A 578 -0.61 -55.34 -23.50
CA ARG A 578 -1.69 -55.42 -24.47
C ARG A 578 -3.03 -55.18 -23.79
N ILE A 579 -3.92 -54.48 -24.48
CA ILE A 579 -5.21 -54.12 -23.90
C ILE A 579 -6.21 -55.26 -24.05
N LEU A 580 -6.52 -55.63 -25.28
CA LEU A 580 -7.49 -56.68 -25.54
C LEU A 580 -6.96 -57.54 -26.67
N ILE A 581 -7.07 -58.86 -26.52
CA ILE A 581 -6.39 -59.79 -27.41
C ILE A 581 -7.40 -60.80 -27.93
N ASN A 582 -7.38 -61.03 -29.24
CA ASN A 582 -8.24 -62.02 -29.85
C ASN A 582 -7.69 -63.43 -29.60
N PRO A 583 -8.55 -64.44 -29.63
CA PRO A 583 -8.08 -65.80 -29.35
C PRO A 583 -7.16 -66.29 -30.47
N GLY A 584 -6.26 -67.20 -30.11
CA GLY A 584 -5.37 -67.79 -31.08
C GLY A 584 -4.20 -66.89 -31.41
N ASN A 585 -4.44 -65.59 -31.53
CA ASN A 585 -3.35 -64.66 -31.78
C ASN A 585 -2.33 -64.70 -30.66
N HIS A 586 -2.79 -64.77 -29.42
CA HIS A 586 -1.89 -64.73 -28.27
C HIS A 586 -2.47 -65.61 -27.17
N LEU A 587 -1.95 -66.83 -27.07
CA LEU A 587 -2.32 -67.70 -25.96
C LEU A 587 -1.62 -67.22 -24.69
N LYS A 588 -2.13 -67.71 -23.55
CA LYS A 588 -1.55 -67.31 -22.27
C LYS A 588 -0.10 -67.75 -22.17
N ILE A 589 0.79 -66.78 -21.94
CA ILE A 589 2.21 -67.10 -21.79
C ILE A 589 2.46 -67.82 -20.48
N GLN A 590 1.73 -67.45 -19.42
CA GLN A 590 1.86 -68.09 -18.10
C GLN A 590 3.28 -67.96 -17.56
N GLU A 591 3.96 -66.88 -17.91
CA GLU A 591 5.30 -66.61 -17.39
C GLU A 591 5.21 -65.72 -16.15
N GLY A 592 4.42 -66.18 -15.17
CA GLY A 592 4.13 -65.33 -14.04
C GLY A 592 3.48 -64.04 -14.46
N THR A 593 2.53 -64.11 -15.38
CA THR A 593 2.02 -62.93 -16.05
C THR A 593 1.18 -62.07 -15.10
N LEU A 594 1.24 -60.76 -15.33
CA LEU A 594 0.51 -59.79 -14.53
C LEU A 594 -0.72 -59.33 -15.29
N GLY A 595 -1.87 -59.33 -14.61
CA GLY A 595 -3.13 -58.96 -15.21
C GLY A 595 -3.83 -57.88 -14.42
N PHE A 596 -4.46 -56.95 -15.12
CA PHE A 596 -5.22 -55.88 -14.49
C PHE A 596 -6.67 -56.31 -14.26
N PHE A 597 -7.31 -55.68 -13.29
CA PHE A 597 -8.64 -56.09 -12.87
C PHE A 597 -9.45 -54.89 -12.42
N ILE A 598 -10.76 -55.10 -12.30
CA ILE A 598 -11.68 -54.13 -11.72
C ILE A 598 -12.51 -54.85 -10.67
N ALA A 599 -12.58 -54.28 -9.47
CA ALA A 599 -13.28 -54.94 -8.38
C ALA A 599 -13.65 -53.90 -7.34
N SER A 600 -14.36 -54.35 -6.30
CA SER A 600 -14.85 -53.45 -5.27
C SER A 600 -13.76 -53.04 -4.29
N ASP A 601 -12.83 -53.96 -4.00
CA ASP A 601 -11.73 -53.67 -3.07
C ASP A 601 -10.63 -54.68 -3.31
N ALA A 602 -9.45 -54.38 -2.77
CA ALA A 602 -8.28 -55.19 -3.06
C ALA A 602 -8.43 -56.62 -2.56
N LYS A 603 -9.25 -56.84 -1.53
CA LYS A 603 -9.41 -58.18 -0.99
C LYS A 603 -9.98 -59.14 -2.03
N GLU A 604 -10.97 -58.70 -2.78
CA GLU A 604 -11.65 -59.60 -3.70
C GLU A 604 -10.76 -60.06 -4.84
N VAL A 605 -9.75 -59.27 -5.20
CA VAL A 605 -8.88 -59.69 -6.30
C VAL A 605 -8.13 -60.96 -5.95
N LYS A 606 -7.75 -61.11 -4.68
CA LYS A 606 -7.03 -62.31 -4.27
C LYS A 606 -7.84 -63.58 -4.42
N ARG A 607 -9.12 -63.49 -4.83
CA ARG A 607 -9.84 -64.70 -5.20
C ARG A 607 -9.15 -65.39 -6.38
N ALA A 608 -8.67 -64.61 -7.33
CA ALA A 608 -7.78 -65.15 -8.34
C ALA A 608 -6.43 -65.47 -7.73
N PHE A 609 -5.59 -66.13 -8.51
CA PHE A 609 -4.24 -66.52 -8.09
C PHE A 609 -4.32 -67.67 -7.09
N PHE A 610 -5.52 -68.02 -6.66
CA PHE A 610 -5.75 -69.16 -5.79
C PHE A 610 -6.56 -70.25 -6.47
N TYR A 611 -6.82 -70.12 -7.77
CA TYR A 611 -7.83 -70.95 -8.41
C TYR A 611 -7.34 -72.38 -8.61
N CYS A 612 -7.55 -73.21 -7.59
CA CYS A 612 -7.33 -74.65 -7.73
C CYS A 612 -8.57 -75.26 -8.37
N LYS A 613 -8.68 -76.58 -8.31
CA LYS A 613 -9.86 -77.25 -8.86
C LYS A 613 -11.04 -77.26 -7.89
N ALA A 614 -11.04 -76.37 -6.90
CA ALA A 614 -12.15 -76.24 -5.97
C ALA A 614 -13.44 -75.90 -6.68
N VAL A 741 4.21 -42.87 -51.37
CA VAL A 741 3.95 -41.55 -50.81
C VAL A 741 3.75 -41.70 -49.31
N LYS A 742 4.44 -40.86 -48.55
CA LYS A 742 4.36 -40.88 -47.09
C LYS A 742 2.95 -40.58 -46.62
N LYS A 743 2.29 -41.56 -46.01
CA LYS A 743 0.96 -41.36 -45.46
C LYS A 743 0.90 -41.54 -43.96
N TYR A 744 1.54 -42.59 -43.43
CA TYR A 744 1.60 -42.78 -42.00
C TYR A 744 2.79 -42.03 -41.43
N ASP A 745 3.04 -42.23 -40.15
CA ASP A 745 4.11 -41.53 -39.46
C ASP A 745 5.45 -42.25 -39.67
N SER A 746 6.52 -41.62 -39.17
CA SER A 746 7.82 -42.27 -39.17
C SER A 746 7.79 -43.56 -38.37
N THR A 747 7.13 -43.54 -37.21
CA THR A 747 7.06 -44.69 -36.34
C THR A 747 5.85 -45.57 -36.62
N GLY A 748 5.08 -45.27 -37.67
CA GLY A 748 3.93 -46.08 -38.00
C GLY A 748 2.87 -46.05 -36.93
N MET A 749 2.57 -44.85 -36.43
CA MET A 749 1.67 -44.70 -35.30
C MET A 749 0.53 -43.72 -35.55
N PHE A 750 0.65 -42.81 -36.51
CA PHE A 750 -0.37 -41.80 -36.75
C PHE A 750 -0.41 -41.49 -38.24
N HIS A 751 -1.52 -40.88 -38.66
CA HIS A 751 -1.61 -40.39 -40.02
C HIS A 751 -0.74 -39.15 -40.19
N TRP A 752 -0.18 -38.99 -41.37
CA TRP A 752 0.76 -37.91 -41.64
C TRP A 752 0.48 -37.33 -43.02
N CYS A 753 0.85 -36.06 -43.19
CA CYS A 753 0.73 -35.41 -44.47
C CYS A 753 1.81 -34.35 -44.59
N ALA A 754 1.93 -33.78 -45.78
CA ALA A 754 2.91 -32.73 -46.00
C ALA A 754 2.50 -31.46 -45.26
N PRO A 755 3.46 -30.66 -44.82
CA PRO A 755 3.11 -29.40 -44.15
C PRO A 755 2.39 -28.46 -45.10
N LYS A 756 1.51 -27.64 -44.53
CA LYS A 756 0.71 -26.71 -45.31
C LYS A 756 0.76 -25.33 -44.67
N GLU A 757 0.74 -24.31 -45.51
CA GLU A 757 0.71 -22.95 -44.99
C GLU A 757 -0.65 -22.64 -44.39
N ILE A 758 -0.67 -21.66 -43.48
CA ILE A 758 -1.86 -21.42 -42.68
C ILE A 758 -3.00 -20.87 -43.52
N GLU A 759 -2.70 -20.02 -44.50
CA GLU A 759 -3.76 -19.37 -45.25
C GLU A 759 -4.56 -20.32 -46.11
N LYS A 760 -4.10 -21.54 -46.33
CA LYS A 760 -4.83 -22.48 -47.16
C LYS A 760 -5.98 -23.14 -46.44
N VAL A 761 -6.13 -22.92 -45.14
CA VAL A 761 -7.21 -23.53 -44.37
C VAL A 761 -8.11 -22.51 -43.69
N ILE A 762 -7.72 -21.23 -43.65
CA ILE A 762 -8.57 -20.22 -43.05
C ILE A 762 -9.82 -20.05 -43.88
N LEU A 763 -10.98 -20.06 -43.23
CA LEU A 763 -12.25 -19.89 -43.92
C LEU A 763 -12.91 -18.60 -43.46
N THR A 764 -13.83 -18.11 -44.29
CA THR A 764 -14.64 -16.95 -43.96
C THR A 764 -16.09 -17.39 -43.73
N ARG A 765 -16.85 -16.51 -43.08
CA ARG A 765 -18.21 -16.88 -42.70
C ARG A 765 -19.03 -17.30 -43.91
N SER A 766 -18.95 -16.53 -44.98
CA SER A 766 -19.60 -16.94 -46.22
C SER A 766 -19.01 -18.23 -46.74
N GLU A 767 -17.68 -18.33 -46.73
CA GLU A 767 -17.01 -19.48 -47.34
C GLU A 767 -17.41 -20.78 -46.66
N ALA A 768 -17.45 -20.78 -45.33
CA ALA A 768 -17.80 -22.00 -44.61
C ALA A 768 -19.25 -22.39 -44.84
N ALA A 769 -20.10 -21.45 -45.25
CA ALA A 769 -21.50 -21.77 -45.46
C ALA A 769 -21.67 -22.78 -46.58
N MET A 770 -20.95 -22.61 -47.69
CA MET A 770 -21.09 -23.55 -48.80
C MET A 770 -20.62 -24.94 -48.42
N THR A 771 -19.50 -25.04 -47.71
CA THR A 771 -19.03 -26.33 -47.26
C THR A 771 -20.03 -26.95 -46.30
N VAL A 772 -20.24 -28.25 -46.43
CA VAL A 772 -21.15 -28.99 -45.57
C VAL A 772 -20.32 -29.88 -44.66
N LEU A 773 -20.46 -29.68 -43.36
CA LEU A 773 -19.74 -30.46 -42.36
C LEU A 773 -20.74 -31.25 -41.55
N SER A 774 -20.50 -32.54 -41.41
CA SER A 774 -21.42 -33.40 -40.67
C SER A 774 -20.63 -34.33 -39.79
N GLY A 775 -21.11 -34.51 -38.55
CA GLY A 775 -20.43 -35.39 -37.62
C GLY A 775 -19.01 -34.98 -37.34
N HIS A 776 -18.74 -33.69 -37.28
CA HIS A 776 -17.41 -33.17 -37.06
C HIS A 776 -17.24 -32.83 -35.59
N VAL A 777 -16.13 -32.17 -35.28
CA VAL A 777 -15.84 -31.70 -33.94
C VAL A 777 -15.44 -30.24 -34.01
N VAL A 778 -16.13 -29.40 -33.24
CA VAL A 778 -15.86 -27.97 -33.21
C VAL A 778 -15.25 -27.64 -31.87
N VAL A 779 -14.17 -26.86 -31.88
CA VAL A 779 -13.41 -26.54 -30.69
C VAL A 779 -13.34 -25.03 -30.54
N CYS A 780 -13.73 -24.54 -29.37
CA CYS A 780 -13.74 -23.11 -29.08
C CYS A 780 -12.65 -22.79 -28.07
N ILE A 781 -11.87 -21.75 -28.36
CA ILE A 781 -10.82 -21.32 -27.45
C ILE A 781 -10.94 -19.82 -27.23
N PHE A 782 -10.36 -19.36 -26.13
CA PHE A 782 -10.46 -17.96 -25.73
C PHE A 782 -9.09 -17.32 -25.57
N GLY A 783 -8.09 -17.85 -26.27
CA GLY A 783 -6.75 -17.34 -26.16
C GLY A 783 -6.59 -16.02 -26.91
N ASP A 784 -5.39 -15.48 -26.79
CA ASP A 784 -5.01 -14.24 -27.47
C ASP A 784 -3.51 -14.09 -27.30
N VAL A 785 -2.97 -13.01 -27.87
CA VAL A 785 -1.56 -12.73 -27.74
C VAL A 785 -1.23 -12.52 -26.27
N SER A 786 -0.04 -12.97 -25.87
CA SER A 786 0.44 -12.82 -24.50
C SER A 786 -0.48 -13.53 -23.51
N SER A 787 -0.61 -14.84 -23.69
CA SER A 787 -1.33 -15.69 -22.77
C SER A 787 -0.63 -17.04 -22.70
N ALA A 788 -0.87 -17.76 -21.61
CA ALA A 788 -0.25 -19.06 -21.44
C ALA A 788 -0.63 -19.98 -22.59
N LEU A 789 0.34 -20.77 -23.03
CA LEU A 789 0.17 -21.61 -24.22
C LEU A 789 -0.18 -23.02 -23.78
N ILE A 790 -1.43 -23.42 -24.02
CA ILE A 790 -1.84 -24.80 -23.83
C ILE A 790 -1.45 -25.60 -25.06
N GLY A 791 -0.98 -26.82 -24.87
CA GLY A 791 -0.46 -27.57 -25.99
C GLY A 791 -1.55 -28.30 -26.74
N LEU A 792 -2.02 -27.70 -27.82
CA LEU A 792 -3.12 -28.30 -28.56
C LEU A 792 -2.73 -29.59 -29.25
N ARG A 793 -1.43 -29.90 -29.35
CA ARG A 793 -1.04 -31.14 -29.99
C ARG A 793 -1.57 -32.33 -29.23
N ASN A 794 -1.54 -32.29 -27.90
CA ASN A 794 -2.03 -33.40 -27.11
C ASN A 794 -3.52 -33.65 -27.32
N LEU A 795 -4.26 -32.66 -27.81
CA LEU A 795 -5.68 -32.85 -28.05
C LEU A 795 -5.95 -33.44 -29.41
N VAL A 796 -5.37 -32.86 -30.46
CA VAL A 796 -5.64 -33.34 -31.80
C VAL A 796 -5.04 -34.72 -32.04
N MET A 797 -3.90 -35.01 -31.41
CA MET A 797 -3.18 -36.24 -31.73
C MET A 797 -4.00 -37.50 -31.52
N PRO A 798 -4.67 -37.71 -30.38
CA PRO A 798 -5.43 -38.96 -30.23
C PRO A 798 -6.49 -39.15 -31.29
N LEU A 799 -7.09 -38.06 -31.77
CA LEU A 799 -8.08 -38.19 -32.82
C LEU A 799 -7.46 -38.73 -34.10
N ARG A 800 -6.29 -38.22 -34.47
CA ARG A 800 -5.64 -38.63 -35.72
C ARG A 800 -4.70 -39.79 -35.49
N ALA A 801 -5.16 -40.84 -34.82
CA ALA A 801 -4.31 -41.98 -34.56
C ALA A 801 -4.30 -42.91 -35.76
N SER A 802 -3.56 -43.99 -35.65
CA SER A 802 -3.65 -45.07 -36.63
C SER A 802 -4.89 -45.90 -36.30
N ASN A 803 -5.00 -47.06 -36.92
CA ASN A 803 -6.13 -47.98 -36.76
C ASN A 803 -7.46 -47.29 -37.01
N PHE A 804 -7.42 -46.12 -37.63
CA PHE A 804 -8.61 -45.42 -38.11
C PHE A 804 -8.50 -45.35 -39.63
N HIS A 805 -9.51 -45.86 -40.32
CA HIS A 805 -9.52 -45.74 -41.76
C HIS A 805 -9.64 -44.29 -42.17
N TYR A 806 -9.00 -43.94 -43.29
CA TYR A 806 -8.92 -42.54 -43.70
C TYR A 806 -10.31 -41.93 -43.83
N HIS A 807 -11.28 -42.70 -44.30
CA HIS A 807 -12.64 -42.19 -44.40
C HIS A 807 -13.34 -42.11 -43.06
N GLU A 808 -12.78 -42.71 -42.02
CA GLU A 808 -13.41 -42.76 -40.72
C GLU A 808 -13.00 -41.63 -39.80
N LEU A 809 -12.14 -40.73 -40.25
CA LEU A 809 -11.68 -39.64 -39.42
C LEU A 809 -12.79 -38.64 -39.15
N LYS A 810 -12.55 -37.75 -38.21
CA LYS A 810 -13.51 -36.71 -37.83
C LYS A 810 -12.93 -35.36 -38.18
N HIS A 811 -13.68 -34.58 -38.97
CA HIS A 811 -13.24 -33.24 -39.32
C HIS A 811 -13.17 -32.36 -38.08
N ILE A 812 -12.18 -31.49 -38.03
CA ILE A 812 -11.93 -30.64 -36.87
C ILE A 812 -11.98 -29.19 -37.32
N VAL A 813 -12.69 -28.36 -36.58
CA VAL A 813 -12.84 -26.95 -36.90
C VAL A 813 -12.59 -26.12 -35.65
N PHE A 814 -11.58 -25.27 -35.70
CA PHE A 814 -11.32 -24.36 -34.59
C PHE A 814 -12.12 -23.08 -34.77
N VAL A 815 -12.46 -22.45 -33.66
CA VAL A 815 -13.11 -21.14 -33.65
C VAL A 815 -12.44 -20.31 -32.58
N GLY A 816 -11.87 -19.18 -32.97
CA GLY A 816 -11.23 -18.32 -31.98
C GLY A 816 -10.34 -17.28 -32.64
N SER A 817 -9.46 -16.72 -31.83
CA SER A 817 -8.59 -15.64 -32.29
C SER A 817 -7.48 -16.21 -33.18
N ILE A 818 -7.34 -15.62 -34.36
CA ILE A 818 -6.30 -16.08 -35.28
C ILE A 818 -4.91 -15.76 -34.76
N GLU A 819 -4.78 -14.69 -33.99
CA GLU A 819 -3.48 -14.33 -33.44
C GLU A 819 -2.97 -15.41 -32.50
N TYR A 820 -3.83 -15.95 -31.66
CA TYR A 820 -3.41 -17.01 -30.75
C TYR A 820 -3.00 -18.25 -31.53
N LEU A 821 -3.84 -18.66 -32.48
CA LEU A 821 -3.61 -19.94 -33.20
C LEU A 821 -2.30 -19.91 -33.98
N LYS A 822 -1.91 -18.75 -34.51
CA LYS A 822 -0.69 -18.70 -35.36
C LYS A 822 0.51 -19.10 -34.52
N ARG A 823 0.47 -18.81 -33.22
CA ARG A 823 1.64 -19.10 -32.34
C ARG A 823 1.92 -20.61 -32.35
N GLU A 824 0.89 -21.44 -32.33
CA GLU A 824 1.12 -22.91 -32.25
C GLU A 824 0.77 -23.62 -33.57
N TRP A 825 0.60 -22.88 -34.66
CA TRP A 825 0.16 -23.51 -35.94
C TRP A 825 1.20 -24.54 -36.40
N GLU A 826 2.49 -24.27 -36.17
CA GLU A 826 3.55 -25.17 -36.69
C GLU A 826 3.35 -26.59 -36.16
N THR A 827 3.01 -26.73 -34.88
CA THR A 827 2.90 -28.09 -34.28
C THR A 827 1.79 -28.88 -34.97
N LEU A 828 0.66 -28.23 -35.31
CA LEU A 828 -0.51 -28.98 -35.86
C LEU A 828 -0.50 -29.06 -37.40
N HIS A 829 0.46 -28.46 -38.09
CA HIS A 829 0.36 -28.44 -39.58
C HIS A 829 0.40 -29.84 -40.19
N ASN A 830 1.20 -30.75 -39.63
CA ASN A 830 1.34 -32.11 -40.22
C ASN A 830 0.02 -32.89 -40.18
N PHE A 831 -0.86 -32.63 -39.20
CA PHE A 831 -2.10 -33.42 -39.06
C PHE A 831 -3.08 -33.11 -40.18
N PRO A 832 -3.70 -34.14 -40.83
CA PRO A 832 -4.66 -33.92 -41.91
C PRO A 832 -6.08 -33.51 -41.50
N LYS A 833 -6.88 -32.98 -42.44
CA LYS A 833 -8.30 -32.62 -42.17
C LYS A 833 -8.46 -31.65 -41.01
N VAL A 834 -7.63 -30.60 -40.94
CA VAL A 834 -7.80 -29.56 -39.88
C VAL A 834 -8.17 -28.24 -40.55
N SER A 835 -9.21 -27.55 -40.05
CA SER A 835 -9.65 -26.25 -40.62
C SER A 835 -9.83 -25.21 -39.52
N ILE A 836 -9.59 -23.93 -39.83
CA ILE A 836 -9.70 -22.85 -38.80
C ILE A 836 -10.65 -21.76 -39.29
N LEU A 837 -11.61 -21.34 -38.45
CA LEU A 837 -12.48 -20.20 -38.82
C LEU A 837 -12.23 -19.08 -37.80
N PRO A 838 -11.70 -17.91 -38.20
CA PRO A 838 -11.53 -16.80 -37.27
C PRO A 838 -12.89 -16.27 -36.82
N GLY A 839 -13.03 -15.95 -35.53
CA GLY A 839 -14.29 -15.38 -35.02
C GLY A 839 -14.36 -15.43 -33.51
N THR A 840 -15.53 -15.12 -32.94
CA THR A 840 -15.72 -15.21 -31.47
C THR A 840 -16.75 -16.31 -31.20
N PRO A 841 -16.62 -17.23 -30.20
CA PRO A 841 -17.67 -18.22 -29.97
C PRO A 841 -18.97 -17.63 -29.46
N LEU A 842 -18.94 -16.42 -28.90
CA LEU A 842 -20.19 -15.81 -28.44
C LEU A 842 -21.04 -15.34 -29.60
N SER A 843 -20.43 -14.98 -30.72
CA SER A 843 -21.17 -14.48 -31.87
C SER A 843 -22.07 -15.58 -32.41
N ARG A 844 -23.37 -15.45 -32.21
CA ARG A 844 -24.30 -16.51 -32.57
C ARG A 844 -24.31 -16.77 -34.07
N ALA A 845 -23.84 -15.83 -34.89
CA ALA A 845 -23.78 -16.09 -36.32
C ALA A 845 -22.77 -17.17 -36.64
N ASP A 846 -21.59 -17.12 -36.00
CA ASP A 846 -20.55 -18.08 -36.32
C ASP A 846 -20.99 -19.50 -36.00
N LEU A 847 -21.60 -19.71 -34.83
CA LEU A 847 -22.04 -21.04 -34.46
C LEU A 847 -23.13 -21.55 -35.40
N ARG A 848 -23.77 -20.66 -36.14
CA ARG A 848 -24.70 -21.09 -37.18
C ARG A 848 -24.00 -21.36 -38.49
N ALA A 849 -22.92 -20.62 -38.79
CA ALA A 849 -22.21 -20.82 -40.04
C ALA A 849 -21.66 -22.23 -40.14
N VAL A 850 -21.04 -22.70 -39.09
CA VAL A 850 -20.71 -24.12 -38.97
C VAL A 850 -21.93 -24.85 -38.41
N ASN A 851 -22.24 -26.00 -38.99
CA ASN A 851 -23.51 -26.65 -38.68
C ASN A 851 -23.49 -27.28 -37.29
N ILE A 852 -23.50 -26.44 -36.25
CA ILE A 852 -23.34 -26.93 -34.90
C ILE A 852 -24.47 -27.87 -34.52
N ASN A 853 -25.64 -27.70 -35.13
CA ASN A 853 -26.74 -28.60 -34.81
C ASN A 853 -26.50 -30.01 -35.33
N LEU A 854 -25.51 -30.20 -36.19
CA LEU A 854 -25.08 -31.52 -36.65
C LEU A 854 -23.63 -31.69 -36.23
N CYS A 855 -23.41 -32.12 -35.00
CA CYS A 855 -22.08 -32.23 -34.45
C CYS A 855 -21.99 -33.46 -33.56
N ASP A 856 -20.77 -33.93 -33.36
CA ASP A 856 -20.55 -35.06 -32.47
C ASP A 856 -20.12 -34.61 -31.08
N MET A 857 -19.51 -33.45 -30.97
CA MET A 857 -19.08 -32.92 -29.68
C MET A 857 -18.72 -31.45 -29.89
N CYS A 858 -18.56 -30.74 -28.78
CA CYS A 858 -18.22 -29.31 -28.84
C CYS A 858 -17.42 -29.00 -27.58
N VAL A 859 -16.12 -28.91 -27.72
CA VAL A 859 -15.22 -28.69 -26.61
C VAL A 859 -15.08 -27.19 -26.37
N ILE A 860 -15.01 -26.80 -25.11
CA ILE A 860 -14.81 -25.40 -24.74
C ILE A 860 -13.66 -25.33 -23.75
N LEU A 861 -12.69 -24.48 -24.05
CA LEU A 861 -11.50 -24.36 -23.21
C LEU A 861 -11.27 -22.91 -22.84
N SER A 862 -10.36 -22.71 -21.89
CA SER A 862 -9.97 -21.38 -21.48
C SER A 862 -8.46 -21.27 -21.51
N ALA A 863 -7.96 -20.04 -21.54
CA ALA A 863 -6.53 -19.79 -21.62
C ALA A 863 -5.99 -19.03 -20.43
N ASN A 864 -6.62 -17.93 -20.04
CA ASN A 864 -6.12 -17.06 -18.98
C ASN A 864 -6.78 -17.33 -17.64
N GLN A 865 -7.20 -18.57 -17.39
CA GLN A 865 -7.91 -18.87 -16.15
C GLN A 865 -7.00 -18.72 -14.94
N ASN A 866 -5.72 -19.03 -15.09
CA ASN A 866 -4.79 -18.89 -13.96
C ASN A 866 -4.42 -17.43 -13.71
N ASN A 867 -4.39 -16.61 -14.76
CA ASN A 867 -3.92 -15.24 -14.62
C ASN A 867 -4.82 -14.43 -13.70
N ILE A 868 -6.14 -14.60 -13.83
CA ILE A 868 -7.07 -13.81 -13.05
C ILE A 868 -7.23 -14.45 -11.67
N ASP A 869 -7.15 -13.61 -10.64
CA ASP A 869 -7.35 -14.04 -9.27
C ASP A 869 -8.74 -13.72 -8.75
N ASP A 870 -9.61 -13.14 -9.58
CA ASP A 870 -10.95 -12.75 -9.16
C ASP A 870 -11.85 -13.97 -9.30
N THR A 871 -12.21 -14.57 -8.16
CA THR A 871 -12.95 -15.83 -8.18
C THR A 871 -14.30 -15.67 -8.87
N SER A 872 -15.01 -14.57 -8.58
CA SER A 872 -16.31 -14.36 -9.19
C SER A 872 -16.21 -14.28 -10.70
N LEU A 873 -15.21 -13.57 -11.20
CA LEU A 873 -15.06 -13.40 -12.64
C LEU A 873 -14.34 -14.56 -13.30
N GLN A 874 -13.71 -15.44 -12.52
CA GLN A 874 -13.08 -16.62 -13.11
C GLN A 874 -14.14 -17.48 -13.76
N ASP A 875 -13.80 -18.06 -14.91
CA ASP A 875 -14.68 -18.95 -15.65
C ASP A 875 -15.99 -18.29 -16.07
N LYS A 876 -16.02 -16.96 -16.12
CA LYS A 876 -17.21 -16.30 -16.65
C LYS A 876 -17.39 -16.62 -18.12
N GLU A 877 -16.30 -16.65 -18.88
CA GLU A 877 -16.40 -16.87 -20.31
C GLU A 877 -16.96 -18.24 -20.63
N CYS A 878 -16.36 -19.29 -20.05
CA CYS A 878 -16.80 -20.64 -20.36
C CYS A 878 -18.24 -20.87 -19.94
N ILE A 879 -18.62 -20.39 -18.76
CA ILE A 879 -20.00 -20.53 -18.31
C ILE A 879 -20.94 -19.86 -19.27
N LEU A 880 -20.64 -18.61 -19.63
CA LEU A 880 -21.54 -17.83 -20.47
C LEU A 880 -21.66 -18.44 -21.85
N ALA A 881 -20.53 -18.86 -22.42
CA ALA A 881 -20.57 -19.43 -23.76
C ALA A 881 -21.40 -20.70 -23.80
N SER A 882 -21.27 -21.54 -22.77
CA SER A 882 -22.03 -22.78 -22.74
C SER A 882 -23.52 -22.50 -22.71
N LEU A 883 -23.95 -21.54 -21.89
CA LEU A 883 -25.37 -21.23 -21.82
C LEU A 883 -25.89 -20.71 -23.14
N ASN A 884 -25.04 -20.01 -23.90
CA ASN A 884 -25.49 -19.45 -25.18
C ASN A 884 -26.01 -20.54 -26.09
N ILE A 885 -25.26 -21.64 -26.21
CA ILE A 885 -25.68 -22.72 -27.09
C ILE A 885 -26.97 -23.36 -26.60
N LYS A 886 -27.22 -23.33 -25.29
CA LYS A 886 -28.43 -23.93 -24.76
C LYS A 886 -29.67 -23.26 -25.33
N SER A 887 -29.65 -21.93 -25.44
CA SER A 887 -30.82 -21.16 -25.84
C SER A 887 -31.00 -21.11 -27.35
N MET A 888 -30.13 -21.76 -28.11
CA MET A 888 -30.20 -21.69 -29.55
C MET A 888 -31.52 -22.25 -30.06
N GLN A 889 -31.99 -21.75 -31.19
CA GLN A 889 -33.19 -22.23 -31.83
C GLN A 889 -32.87 -22.67 -33.25
N PHE A 890 -33.37 -23.84 -33.64
CA PHE A 890 -33.15 -24.37 -34.97
C PHE A 890 -34.49 -24.76 -35.58
N ASP A 891 -34.54 -24.75 -36.91
CA ASP A 891 -35.74 -25.10 -37.63
C ASP A 891 -35.97 -26.61 -37.60
N THR A 929 -34.64 -27.77 -33.91
CA THR A 929 -35.20 -27.93 -32.57
C THR A 929 -34.65 -26.86 -31.62
N THR A 930 -34.10 -27.31 -30.50
CA THR A 930 -33.55 -26.43 -29.49
C THR A 930 -32.11 -26.81 -29.21
N GLY A 931 -31.45 -25.98 -28.41
CA GLY A 931 -30.07 -26.17 -28.05
C GLY A 931 -29.82 -27.01 -26.82
N VAL A 932 -30.85 -27.64 -26.28
CA VAL A 932 -30.66 -28.48 -25.10
C VAL A 932 -29.91 -29.76 -25.47
N ASN A 933 -30.23 -30.33 -26.63
CA ASN A 933 -29.77 -31.66 -26.98
C ASN A 933 -28.37 -31.69 -27.60
N ILE A 934 -27.72 -30.55 -27.74
CA ILE A 934 -26.38 -30.53 -28.31
C ILE A 934 -25.38 -31.07 -27.30
N PRO A 935 -24.62 -32.11 -27.63
CA PRO A 935 -23.62 -32.62 -26.69
C PRO A 935 -22.51 -31.60 -26.49
N ILE A 936 -22.18 -31.32 -25.24
CA ILE A 936 -21.20 -30.30 -24.90
C ILE A 936 -20.31 -30.81 -23.78
N ILE A 937 -19.00 -30.58 -23.90
CA ILE A 937 -18.07 -30.77 -22.80
C ILE A 937 -17.39 -29.45 -22.54
N THR A 938 -17.46 -28.98 -21.30
CA THR A 938 -16.81 -27.75 -20.90
C THR A 938 -15.84 -28.03 -19.76
N GLU A 939 -14.81 -27.20 -19.67
CA GLU A 939 -13.75 -27.36 -18.70
C GLU A 939 -13.74 -26.19 -17.74
N LEU A 940 -13.80 -26.48 -16.45
CA LEU A 940 -13.83 -25.47 -15.41
C LEU A 940 -12.50 -25.41 -14.69
N VAL A 941 -12.29 -24.31 -13.97
CA VAL A 941 -11.12 -24.20 -13.10
C VAL A 941 -11.49 -24.05 -11.64
N ASN A 942 -12.68 -23.56 -11.33
CA ASN A 942 -13.15 -23.46 -9.95
C ASN A 942 -14.39 -24.33 -9.84
N ASP A 943 -14.23 -25.54 -9.31
CA ASP A 943 -15.28 -26.55 -9.36
C ASP A 943 -16.55 -26.13 -8.66
N THR A 944 -16.47 -25.18 -7.73
CA THR A 944 -17.68 -24.74 -7.05
C THR A 944 -18.67 -24.05 -7.98
N ASN A 945 -18.24 -23.69 -9.18
CA ASN A 945 -19.13 -23.05 -10.14
C ASN A 945 -19.95 -24.05 -10.93
N VAL A 946 -19.81 -25.34 -10.66
CA VAL A 946 -20.50 -26.35 -11.47
C VAL A 946 -22.00 -26.22 -11.36
N GLN A 947 -22.49 -25.60 -10.30
CA GLN A 947 -23.93 -25.53 -10.10
C GLN A 947 -24.64 -24.70 -11.16
N PHE A 948 -23.93 -23.81 -11.84
CA PHE A 948 -24.58 -22.90 -12.78
C PHE A 948 -24.79 -23.51 -14.15
N LEU A 949 -24.36 -24.73 -14.39
CA LEU A 949 -24.40 -25.28 -15.73
C LEU A 949 -25.74 -25.89 -16.11
N ASP A 950 -26.70 -25.95 -15.20
CA ASP A 950 -27.97 -26.57 -15.53
C ASP A 950 -29.10 -25.88 -14.80
N GLN A 951 -30.31 -26.02 -15.34
CA GLN A 951 -31.48 -25.38 -14.78
C GLN A 951 -32.18 -26.28 -13.77
N ASP A 952 -32.63 -27.44 -14.20
CA ASP A 952 -33.38 -28.35 -13.35
C ASP A 952 -32.49 -29.10 -12.36
N ASP A 953 -31.22 -28.75 -12.26
CA ASP A 953 -30.36 -29.35 -11.25
C ASP A 953 -30.79 -28.89 -9.86
N ASP A 954 -30.62 -29.77 -8.88
CA ASP A 954 -30.91 -29.43 -7.49
C ASP A 954 -29.61 -28.97 -6.84
N ASP A 955 -29.23 -27.74 -7.15
CA ASP A 955 -27.92 -27.23 -6.77
C ASP A 955 -27.80 -27.17 -5.24
N ASP A 956 -26.59 -27.43 -4.76
CA ASP A 956 -26.27 -27.39 -3.34
C ASP A 956 -24.77 -27.17 -3.23
N PRO A 957 -24.32 -26.31 -2.32
CA PRO A 957 -22.90 -25.95 -2.30
C PRO A 957 -22.05 -26.86 -1.42
N ASP A 958 -22.56 -28.03 -1.06
CA ASP A 958 -21.83 -28.89 -0.14
C ASP A 958 -21.41 -30.23 -0.73
N THR A 959 -22.23 -30.84 -1.57
CA THR A 959 -21.90 -32.15 -2.11
C THR A 959 -20.64 -32.08 -2.94
N GLU A 960 -19.85 -33.14 -2.90
CA GLU A 960 -18.59 -33.16 -3.63
C GLU A 960 -18.85 -33.19 -5.12
N LEU A 961 -17.81 -32.91 -5.89
CA LEU A 961 -17.97 -32.78 -7.34
C LEU A 961 -18.45 -34.09 -7.95
N TYR A 962 -17.91 -35.21 -7.49
CA TYR A 962 -18.19 -36.49 -8.13
C TYR A 962 -19.65 -36.89 -8.03
N LEU A 963 -20.49 -36.12 -7.36
CA LEU A 963 -21.88 -36.51 -7.16
C LEU A 963 -22.86 -35.59 -7.86
N THR A 964 -22.45 -34.40 -8.25
CA THR A 964 -23.37 -33.46 -8.87
C THR A 964 -23.82 -33.96 -10.23
N GLN A 965 -24.99 -33.52 -10.65
CA GLN A 965 -25.61 -34.08 -11.86
C GLN A 965 -24.78 -33.86 -13.12
N PRO A 966 -24.31 -32.65 -13.46
CA PRO A 966 -23.58 -32.51 -14.71
C PRO A 966 -22.34 -33.38 -14.79
N PHE A 967 -21.63 -33.54 -13.69
CA PHE A 967 -20.44 -34.39 -13.74
C PHE A 967 -20.80 -35.84 -14.01
N ALA A 968 -21.83 -36.35 -13.34
CA ALA A 968 -22.21 -37.74 -13.54
C ALA A 968 -22.70 -37.99 -14.95
N CYS A 969 -23.19 -36.98 -15.64
CA CYS A 969 -23.60 -37.13 -17.02
C CYS A 969 -22.46 -36.89 -17.99
N GLY A 970 -21.28 -36.52 -17.49
CA GLY A 970 -20.12 -36.37 -18.34
C GLY A 970 -20.09 -35.10 -19.16
N THR A 971 -20.84 -34.07 -18.78
CA THR A 971 -20.87 -32.83 -19.52
C THR A 971 -19.95 -31.77 -18.93
N ALA A 972 -19.18 -32.09 -17.90
CA ALA A 972 -18.26 -31.13 -17.32
C ALA A 972 -17.03 -31.89 -16.84
N PHE A 973 -15.92 -31.16 -16.70
CA PHE A 973 -14.68 -31.81 -16.32
C PHE A 973 -13.72 -30.76 -15.78
N ALA A 974 -13.40 -30.85 -14.50
CA ALA A 974 -12.38 -30.01 -13.91
C ALA A 974 -11.06 -30.75 -13.91
N VAL A 975 -10.05 -30.15 -13.30
CA VAL A 975 -8.74 -30.77 -13.22
C VAL A 975 -8.44 -31.31 -11.83
N SER A 976 -9.14 -30.85 -10.79
CA SER A 976 -8.82 -31.28 -9.44
C SER A 976 -9.08 -32.76 -9.22
N VAL A 977 -9.86 -33.41 -10.09
CA VAL A 977 -10.16 -34.82 -9.91
C VAL A 977 -8.99 -35.72 -10.26
N LEU A 978 -7.90 -35.18 -10.75
CA LEU A 978 -6.71 -35.97 -11.05
C LEU A 978 -5.73 -36.01 -9.90
N ASP A 979 -6.01 -35.33 -8.80
CA ASP A 979 -5.08 -35.30 -7.68
C ASP A 979 -4.83 -36.69 -7.13
N SER A 980 -5.87 -37.50 -7.02
CA SER A 980 -5.73 -38.84 -6.45
C SER A 980 -4.90 -39.76 -7.30
N LEU A 981 -4.38 -39.29 -8.43
CA LEU A 981 -3.55 -40.16 -9.26
C LEU A 981 -2.21 -40.44 -8.60
N MET A 982 -1.74 -39.55 -7.74
CA MET A 982 -0.42 -39.72 -7.13
C MET A 982 -0.38 -40.97 -6.27
N SER A 983 -1.32 -41.11 -5.34
CA SER A 983 -1.29 -42.25 -4.44
C SER A 983 -1.43 -43.55 -5.21
N ALA A 984 -2.35 -43.59 -6.17
CA ALA A 984 -2.55 -44.82 -6.93
C ALA A 984 -1.30 -45.22 -7.68
N THR A 985 -0.51 -44.25 -8.13
CA THR A 985 0.72 -44.57 -8.85
C THR A 985 1.70 -45.29 -7.94
N TYR A 986 1.79 -44.87 -6.68
CA TYR A 986 2.83 -45.38 -5.80
C TYR A 986 2.68 -46.88 -5.58
N PHE A 987 1.45 -47.35 -5.39
CA PHE A 987 1.28 -48.75 -5.02
C PHE A 987 1.46 -49.69 -6.21
N ASN A 988 1.19 -49.22 -7.42
CA ASN A 988 1.31 -50.07 -8.61
C ASN A 988 1.96 -49.26 -9.71
N ASP A 989 3.20 -49.60 -10.05
CA ASP A 989 3.95 -48.80 -11.00
C ASP A 989 3.31 -48.81 -12.38
N ASN A 990 2.83 -49.97 -12.82
CA ASN A 990 2.39 -50.10 -14.19
C ASN A 990 1.09 -49.36 -14.49
N ILE A 991 0.39 -48.87 -13.48
CA ILE A 991 -0.88 -48.20 -13.75
C ILE A 991 -0.66 -46.99 -14.64
N LEU A 992 0.34 -46.18 -14.31
CA LEU A 992 0.56 -44.97 -15.09
C LEU A 992 0.93 -45.29 -16.53
N THR A 993 1.54 -46.45 -16.76
CA THR A 993 1.83 -46.82 -18.13
C THR A 993 0.72 -47.67 -18.77
N LEU A 994 -0.27 -48.10 -17.98
CA LEU A 994 -1.45 -48.68 -18.60
C LEU A 994 -2.35 -47.59 -19.15
N ILE A 995 -2.68 -46.61 -18.32
CA ILE A 995 -3.19 -45.35 -18.80
C ILE A 995 -2.07 -44.71 -19.59
N ARG A 996 -2.36 -43.64 -20.31
CA ARG A 996 -1.38 -42.95 -21.14
C ARG A 996 -1.08 -43.78 -22.37
N THR A 997 -1.64 -44.97 -22.45
CA THR A 997 -1.73 -45.71 -23.69
C THR A 997 -3.16 -46.01 -24.10
N LEU A 998 -4.04 -46.21 -23.13
CA LEU A 998 -5.46 -46.25 -23.44
C LEU A 998 -5.96 -44.87 -23.86
N VAL A 999 -5.45 -43.83 -23.22
CA VAL A 999 -5.92 -42.47 -23.46
C VAL A 999 -5.23 -41.88 -24.67
N THR A 1000 -3.91 -41.73 -24.59
CA THR A 1000 -3.16 -41.27 -25.74
C THR A 1000 -3.16 -42.35 -26.81
N GLY A 1001 -2.92 -41.94 -28.06
CA GLY A 1001 -2.98 -42.88 -29.17
C GLY A 1001 -2.04 -44.06 -29.04
N GLY A 1002 -1.09 -43.99 -28.12
CA GLY A 1002 -0.11 -45.05 -27.98
C GLY A 1002 1.30 -44.54 -28.16
N ALA A 1003 1.53 -43.29 -27.79
CA ALA A 1003 2.85 -42.70 -27.92
C ALA A 1003 3.87 -43.51 -27.14
N THR A 1004 4.96 -43.86 -27.79
CA THR A 1004 6.05 -44.61 -27.20
C THR A 1004 7.14 -43.67 -26.73
N PRO A 1005 7.99 -44.12 -25.80
CA PRO A 1005 9.11 -43.26 -25.40
C PRO A 1005 10.01 -42.88 -26.56
N GLU A 1006 10.10 -43.75 -27.56
CA GLU A 1006 10.92 -43.45 -28.73
C GLU A 1006 10.45 -42.19 -29.43
N LEU A 1007 9.14 -42.04 -29.61
CA LEU A 1007 8.63 -40.86 -30.29
C LEU A 1007 8.95 -39.60 -29.50
N GLU A 1008 8.94 -39.70 -28.17
CA GLU A 1008 9.25 -38.53 -27.35
C GLU A 1008 10.64 -37.99 -27.66
N ALA A 1009 11.59 -38.87 -27.97
CA ALA A 1009 12.90 -38.39 -28.38
C ALA A 1009 12.82 -37.57 -29.65
N LEU A 1010 12.08 -38.06 -30.64
CA LEU A 1010 11.96 -37.34 -31.90
C LEU A 1010 11.33 -35.97 -31.70
N ILE A 1011 10.27 -35.91 -30.89
CA ILE A 1011 9.61 -34.64 -30.65
C ILE A 1011 10.49 -33.69 -29.86
N ALA A 1012 11.53 -34.20 -29.20
CA ALA A 1012 12.38 -33.34 -28.40
C ALA A 1012 13.19 -32.39 -29.28
N GLU A 1013 13.78 -32.90 -30.35
CA GLU A 1013 14.68 -32.09 -31.17
C GLU A 1013 13.98 -31.46 -32.36
N GLU A 1014 13.46 -32.28 -33.27
CA GLU A 1014 12.89 -31.75 -34.49
C GLU A 1014 11.66 -30.90 -34.20
N ASN A 1015 10.84 -31.33 -33.25
CA ASN A 1015 9.61 -30.62 -32.89
C ASN A 1015 8.67 -30.47 -34.09
N ALA A 1016 8.67 -31.45 -34.98
CA ALA A 1016 7.85 -31.36 -36.18
C ALA A 1016 7.14 -32.66 -36.56
N LEU A 1017 7.36 -33.76 -35.84
CA LEU A 1017 6.71 -35.03 -36.13
C LEU A 1017 6.96 -35.45 -37.58
N ARG A 1018 8.23 -35.71 -37.86
CA ARG A 1018 8.65 -36.08 -39.20
C ARG A 1018 7.94 -37.32 -39.68
N GLY A 1019 7.45 -37.28 -40.91
CA GLY A 1019 6.82 -38.45 -41.51
C GLY A 1019 7.83 -39.47 -41.95
N GLY A 1020 7.32 -40.63 -42.37
CA GLY A 1020 8.19 -41.70 -42.80
C GLY A 1020 7.65 -42.50 -43.97
N TYR A 1021 8.26 -43.65 -44.25
CA TYR A 1021 7.80 -44.55 -45.29
C TYR A 1021 7.14 -45.76 -44.67
N SER A 1022 6.67 -46.67 -45.51
CA SER A 1022 5.83 -47.78 -45.10
C SER A 1022 6.54 -49.11 -45.28
N THR A 1023 6.59 -49.90 -44.22
CA THR A 1023 7.07 -51.26 -44.23
C THR A 1023 6.05 -52.11 -43.48
N PRO A 1024 6.00 -53.42 -43.77
CA PRO A 1024 5.04 -54.27 -43.06
C PRO A 1024 5.18 -54.22 -41.55
N GLN A 1025 6.40 -54.05 -41.05
CA GLN A 1025 6.60 -53.93 -39.62
C GLN A 1025 5.91 -52.68 -39.07
N THR A 1026 6.00 -51.57 -39.80
CA THR A 1026 5.24 -50.39 -39.42
C THR A 1026 3.74 -50.68 -39.48
N LEU A 1027 3.31 -51.40 -40.52
CA LEU A 1027 1.89 -51.70 -40.65
C LEU A 1027 1.38 -52.57 -39.51
N ALA A 1028 2.22 -53.51 -39.05
CA ALA A 1028 1.80 -54.41 -37.99
C ALA A 1028 1.46 -53.67 -36.70
N ASN A 1029 1.99 -52.46 -36.52
CA ASN A 1029 1.72 -51.71 -35.31
C ASN A 1029 0.28 -51.21 -35.26
N ARG A 1030 -0.40 -51.17 -36.40
CA ARG A 1030 -1.76 -50.63 -36.41
C ARG A 1030 -2.74 -51.55 -35.70
N ASP A 1031 -2.42 -52.83 -35.57
CA ASP A 1031 -3.39 -53.78 -35.05
C ASP A 1031 -3.54 -53.67 -33.54
N ARG A 1032 -4.41 -52.78 -33.08
CA ARG A 1032 -4.69 -52.67 -31.66
C ARG A 1032 -6.12 -52.18 -31.48
N CYS A 1033 -6.69 -52.48 -30.32
CA CYS A 1033 -8.09 -52.18 -30.09
C CYS A 1033 -8.32 -50.69 -29.87
N ARG A 1034 -9.57 -50.27 -30.06
CA ARG A 1034 -9.97 -48.88 -29.90
C ARG A 1034 -11.23 -48.82 -29.05
N VAL A 1035 -11.66 -47.60 -28.76
CA VAL A 1035 -12.86 -47.35 -27.97
C VAL A 1035 -14.01 -47.06 -28.92
N ALA A 1036 -15.15 -47.70 -28.68
CA ALA A 1036 -16.33 -47.48 -29.52
C ALA A 1036 -17.57 -47.64 -28.66
N GLN A 1037 -18.67 -47.09 -29.15
CA GLN A 1037 -19.92 -47.04 -28.42
C GLN A 1037 -21.03 -47.64 -29.29
N LEU A 1038 -21.72 -48.64 -28.77
CA LEU A 1038 -22.73 -49.34 -29.53
C LEU A 1038 -24.12 -48.78 -29.25
N ALA A 1039 -25.14 -49.47 -29.77
CA ALA A 1039 -26.53 -49.09 -29.54
C ALA A 1039 -27.38 -50.34 -29.71
N LEU A 1040 -28.31 -50.55 -28.79
CA LEU A 1040 -29.13 -51.75 -28.77
C LEU A 1040 -30.41 -51.60 -29.56
N LEU A 1041 -30.62 -50.46 -30.23
CA LEU A 1041 -31.88 -50.25 -30.92
C LEU A 1041 -32.10 -51.29 -32.02
N ASP A 1042 -31.05 -51.60 -32.77
CA ASP A 1042 -31.13 -52.62 -33.80
C ASP A 1042 -29.75 -53.21 -34.03
N GLY A 1043 -29.73 -54.41 -34.59
CA GLY A 1043 -28.48 -55.08 -34.86
C GLY A 1043 -28.46 -56.49 -34.29
N PRO A 1044 -27.27 -57.08 -34.19
CA PRO A 1044 -27.18 -58.45 -33.68
C PRO A 1044 -27.69 -58.61 -32.27
N PHE A 1045 -27.55 -57.58 -31.44
CA PHE A 1045 -27.94 -57.65 -30.04
C PHE A 1045 -29.35 -57.11 -29.78
N ALA A 1046 -30.06 -56.71 -30.83
CA ALA A 1046 -31.38 -56.10 -30.63
C ALA A 1046 -32.34 -57.04 -29.92
N ASP A 1047 -32.17 -58.35 -30.09
CA ASP A 1047 -33.05 -59.31 -29.44
C ASP A 1047 -32.95 -59.20 -27.92
N LEU A 1048 -31.75 -59.01 -27.40
CA LEU A 1048 -31.58 -58.84 -25.97
C LEU A 1048 -31.94 -57.44 -25.50
N GLY A 1049 -32.57 -56.63 -26.34
CA GLY A 1049 -32.99 -55.31 -25.92
C GLY A 1049 -33.93 -55.33 -24.75
N ASP A 1050 -34.63 -56.44 -24.54
CA ASP A 1050 -35.51 -56.60 -23.39
C ASP A 1050 -35.17 -57.83 -22.56
N GLY A 1051 -34.18 -58.62 -22.97
CA GLY A 1051 -33.82 -59.80 -22.21
C GLY A 1051 -33.41 -59.46 -20.80
N GLY A 1052 -32.70 -58.36 -20.62
CA GLY A 1052 -32.34 -57.90 -19.29
C GLY A 1052 -31.42 -58.84 -18.54
N CYS A 1053 -30.55 -59.54 -19.25
CA CYS A 1053 -29.54 -60.38 -18.62
C CYS A 1053 -28.21 -59.90 -19.18
N TYR A 1054 -27.63 -58.90 -18.52
CA TYR A 1054 -26.44 -58.25 -19.04
C TYR A 1054 -25.31 -59.25 -19.29
N GLY A 1055 -25.23 -60.30 -18.49
CA GLY A 1055 -24.20 -61.30 -18.71
C GLY A 1055 -24.31 -61.97 -20.06
N ASP A 1056 -25.53 -62.32 -20.45
CA ASP A 1056 -25.72 -63.02 -21.72
C ASP A 1056 -25.23 -62.18 -22.89
N LEU A 1057 -25.52 -60.88 -22.88
CA LEU A 1057 -24.98 -60.01 -23.90
C LEU A 1057 -23.45 -59.99 -23.84
N PHE A 1058 -22.90 -59.92 -22.63
CA PHE A 1058 -21.45 -59.86 -22.49
C PHE A 1058 -20.79 -61.13 -23.00
N CYS A 1059 -21.26 -62.29 -22.52
CA CYS A 1059 -20.63 -63.54 -22.90
C CYS A 1059 -20.73 -63.78 -24.41
N LYS A 1060 -21.90 -63.51 -24.98
CA LYS A 1060 -22.08 -63.70 -26.41
C LYS A 1060 -21.12 -62.84 -27.21
N ALA A 1061 -20.93 -61.58 -26.79
CA ALA A 1061 -20.14 -60.65 -27.58
C ALA A 1061 -18.70 -61.12 -27.74
N LEU A 1062 -18.08 -61.59 -26.66
CA LEU A 1062 -16.68 -61.99 -26.73
C LEU A 1062 -16.51 -63.18 -27.67
N LYS A 1063 -17.39 -64.18 -27.55
CA LYS A 1063 -17.25 -65.37 -28.37
C LYS A 1063 -17.49 -65.10 -29.84
N THR A 1064 -18.09 -63.97 -30.19
CA THR A 1064 -18.53 -63.71 -31.55
C THR A 1064 -17.66 -62.69 -32.27
N TYR A 1065 -17.48 -61.50 -31.70
CA TYR A 1065 -16.66 -60.47 -32.33
C TYR A 1065 -15.48 -60.06 -31.48
N ASN A 1066 -15.24 -60.74 -30.36
CA ASN A 1066 -14.11 -60.43 -29.48
C ASN A 1066 -14.19 -59.00 -28.97
N MET A 1067 -15.39 -58.57 -28.61
CA MET A 1067 -15.64 -57.22 -28.12
C MET A 1067 -15.89 -57.26 -26.63
N LEU A 1068 -15.29 -56.32 -25.90
CA LEU A 1068 -15.39 -56.27 -24.45
C LEU A 1068 -16.36 -55.17 -24.08
N CYS A 1069 -17.39 -55.53 -23.31
CA CYS A 1069 -18.44 -54.60 -22.91
C CYS A 1069 -18.38 -54.42 -21.40
N PHE A 1070 -18.23 -53.17 -20.95
CA PHE A 1070 -18.04 -52.95 -19.52
C PHE A 1070 -18.71 -51.67 -19.03
N GLY A 1071 -19.79 -51.25 -19.68
CA GLY A 1071 -20.48 -50.06 -19.20
C GLY A 1071 -21.79 -49.77 -19.88
N ILE A 1072 -22.73 -49.22 -19.13
CA ILE A 1072 -24.05 -48.85 -19.64
C ILE A 1072 -24.19 -47.34 -19.56
N TYR A 1073 -24.76 -46.76 -20.60
CA TYR A 1073 -24.99 -45.32 -20.66
C TYR A 1073 -26.49 -45.14 -20.78
N ARG A 1074 -27.13 -44.91 -19.64
CA ARG A 1074 -28.57 -45.05 -19.47
C ARG A 1074 -29.26 -43.70 -19.40
N LEU A 1075 -30.47 -43.65 -19.96
CA LEU A 1075 -31.28 -42.44 -19.88
C LEU A 1075 -31.51 -42.04 -18.43
N ARG A 1076 -31.69 -40.74 -18.21
CA ARG A 1076 -31.87 -40.24 -16.85
C ARG A 1076 -33.23 -40.63 -16.29
N ASP A 1077 -34.21 -40.86 -17.14
CA ASP A 1077 -35.59 -41.07 -16.70
C ASP A 1077 -36.15 -42.38 -17.22
N ALA A 1078 -35.30 -43.40 -17.35
CA ALA A 1078 -35.80 -44.69 -17.79
C ALA A 1078 -36.66 -45.36 -16.72
N HIS A 1079 -36.27 -45.21 -15.45
CA HIS A 1079 -37.00 -45.90 -14.39
C HIS A 1079 -38.33 -45.23 -14.07
N LEU A 1080 -38.43 -43.92 -14.28
CA LEU A 1080 -39.66 -43.22 -13.93
C LEU A 1080 -40.81 -43.66 -14.81
N SER A 1081 -42.01 -43.71 -14.23
CA SER A 1081 -43.18 -44.16 -14.97
C SER A 1081 -43.62 -43.13 -16.01
N THR A 1082 -43.68 -41.87 -15.62
CA THR A 1082 -44.16 -40.83 -16.52
C THR A 1082 -43.12 -40.54 -17.59
N PRO A 1083 -43.49 -40.59 -18.87
CA PRO A 1083 -42.53 -40.27 -19.93
C PRO A 1083 -42.15 -38.81 -19.91
N SER A 1084 -40.96 -38.52 -20.43
CA SER A 1084 -40.48 -37.15 -20.53
C SER A 1084 -39.68 -37.02 -21.82
N GLN A 1085 -38.95 -35.91 -21.95
CA GLN A 1085 -38.17 -35.64 -23.15
C GLN A 1085 -36.70 -35.39 -22.89
N CYS A 1086 -36.28 -35.20 -21.63
CA CYS A 1086 -34.88 -34.96 -21.36
C CYS A 1086 -34.04 -36.14 -21.82
N THR A 1087 -32.94 -35.85 -22.50
CA THR A 1087 -32.08 -36.88 -23.07
C THR A 1087 -30.75 -36.97 -22.35
N LYS A 1088 -30.61 -36.35 -21.19
CA LYS A 1088 -29.38 -36.51 -20.42
C LYS A 1088 -29.23 -37.96 -19.99
N ARG A 1089 -28.00 -38.44 -20.00
CA ARG A 1089 -27.70 -39.82 -19.64
C ARG A 1089 -26.52 -39.85 -18.68
N TYR A 1090 -26.47 -40.88 -17.86
CA TYR A 1090 -25.38 -41.06 -16.91
C TYR A 1090 -24.69 -42.39 -17.20
N VAL A 1091 -23.62 -42.67 -16.45
CA VAL A 1091 -22.75 -43.81 -16.70
C VAL A 1091 -22.87 -44.82 -15.57
N ILE A 1092 -22.94 -46.09 -15.93
CA ILE A 1092 -22.91 -47.19 -14.98
C ILE A 1092 -21.74 -48.09 -15.34
N THR A 1093 -20.85 -48.31 -14.40
CA THR A 1093 -19.60 -49.01 -14.65
C THR A 1093 -19.65 -50.41 -14.06
N ASN A 1094 -19.34 -51.40 -14.88
CA ASN A 1094 -19.23 -52.80 -14.47
C ASN A 1094 -20.47 -53.24 -13.69
N PRO A 1095 -21.60 -53.43 -14.37
CA PRO A 1095 -22.80 -53.86 -13.68
C PRO A 1095 -22.70 -55.31 -13.27
N PRO A 1096 -23.51 -55.75 -12.32
CA PRO A 1096 -23.52 -57.18 -11.96
C PRO A 1096 -23.95 -58.06 -13.11
N TYR A 1097 -23.90 -59.37 -12.91
CA TYR A 1097 -24.13 -60.31 -14.00
C TYR A 1097 -25.57 -60.24 -14.51
N GLU A 1098 -26.53 -60.07 -13.61
CA GLU A 1098 -27.94 -60.24 -13.92
C GLU A 1098 -28.68 -58.91 -14.01
N PHE A 1099 -27.98 -57.85 -14.36
CA PHE A 1099 -28.62 -56.54 -14.43
C PHE A 1099 -29.64 -56.50 -15.55
N GLU A 1100 -30.72 -55.77 -15.33
CA GLU A 1100 -31.78 -55.64 -16.31
C GLU A 1100 -31.44 -54.60 -17.37
N LEU A 1101 -32.00 -54.78 -18.56
CA LEU A 1101 -31.69 -53.95 -19.71
C LEU A 1101 -32.94 -53.27 -20.24
N VAL A 1102 -32.81 -52.01 -20.63
CA VAL A 1102 -33.86 -51.30 -21.33
C VAL A 1102 -33.49 -51.26 -22.80
N PRO A 1103 -34.46 -51.30 -23.72
CA PRO A 1103 -34.12 -51.35 -25.14
C PRO A 1103 -33.42 -50.10 -25.66
N THR A 1104 -33.52 -48.98 -24.95
CA THR A 1104 -32.98 -47.71 -25.43
C THR A 1104 -31.85 -47.25 -24.50
N ASP A 1105 -30.64 -47.68 -24.84
CA ASP A 1105 -29.43 -47.28 -24.10
C ASP A 1105 -28.22 -47.72 -24.90
N LEU A 1106 -27.04 -47.37 -24.41
CA LEU A 1106 -25.80 -47.58 -25.14
C LEU A 1106 -24.81 -48.37 -24.30
N ILE A 1107 -23.91 -49.06 -24.98
CA ILE A 1107 -22.94 -49.95 -24.35
C ILE A 1107 -21.54 -49.50 -24.73
N PHE A 1108 -20.68 -49.34 -23.73
CA PHE A 1108 -19.28 -49.07 -24.00
C PHE A 1108 -18.59 -50.34 -24.47
N CYS A 1109 -17.70 -50.20 -25.45
CA CYS A 1109 -17.11 -51.36 -26.09
C CYS A 1109 -15.66 -51.09 -26.46
N LEU A 1110 -14.90 -52.17 -26.62
CA LEU A 1110 -13.54 -52.13 -27.13
C LEU A 1110 -13.46 -53.10 -28.31
N MET A 1111 -13.63 -52.58 -29.51
CA MET A 1111 -13.63 -53.42 -30.69
C MET A 1111 -12.21 -53.63 -31.22
N GLN A 1112 -12.07 -54.65 -32.05
CA GLN A 1112 -10.80 -54.95 -32.67
C GLN A 1112 -10.53 -53.97 -33.82
N PHE A 1113 -9.42 -54.17 -34.51
CA PHE A 1113 -9.08 -53.39 -35.68
C PHE A 1113 -9.31 -54.23 -36.92
N ASP A 1114 -9.98 -53.65 -37.91
CA ASP A 1114 -10.29 -54.35 -39.14
C ASP A 1114 -9.03 -54.57 -39.96
N ARG B 17 -15.27 31.23 66.57
CA ARG B 17 -15.35 32.56 67.15
C ARG B 17 -16.73 33.19 66.92
N GLY B 18 -16.72 34.38 66.34
CA GLY B 18 -17.96 35.06 66.03
C GLY B 18 -18.69 34.41 64.88
N GLN B 19 -19.84 35.00 64.53
CA GLN B 19 -20.63 34.50 63.43
C GLN B 19 -19.80 34.45 62.16
N ARG B 20 -19.84 33.30 61.49
CA ARG B 20 -19.01 33.11 60.31
C ARG B 20 -19.46 34.03 59.19
N MET B 21 -18.49 34.61 58.50
CA MET B 21 -18.75 35.55 57.41
C MET B 21 -18.40 34.95 56.05
N TRP B 22 -18.28 33.63 55.96
CA TRP B 22 -17.91 33.01 54.70
C TRP B 22 -18.92 33.31 53.61
N TRP B 23 -20.18 33.56 53.97
CA TRP B 23 -21.21 33.82 52.98
C TRP B 23 -20.89 35.07 52.17
N ALA B 24 -20.31 36.08 52.81
CA ALA B 24 -20.08 37.35 52.13
C ALA B 24 -19.13 37.19 50.95
N PHE B 25 -17.98 36.55 51.17
CA PHE B 25 -16.98 36.44 50.10
C PHE B 25 -17.53 35.69 48.91
N LEU B 26 -18.21 34.57 49.14
CA LEU B 26 -18.79 33.83 48.03
C LEU B 26 -19.84 34.66 47.32
N ALA B 27 -20.61 35.44 48.07
CA ALA B 27 -21.64 36.27 47.45
C ALA B 27 -21.02 37.35 46.59
N SER B 28 -19.99 38.04 47.09
CA SER B 28 -19.44 39.18 46.38
C SER B 28 -18.87 38.77 45.04
N SER B 29 -18.13 37.67 45.01
CA SER B 29 -17.61 37.17 43.74
C SER B 29 -18.73 36.74 42.81
N MET B 30 -19.76 36.09 43.35
CA MET B 30 -20.82 35.56 42.52
C MET B 30 -21.59 36.67 41.81
N VAL B 31 -21.89 37.76 42.52
CA VAL B 31 -22.75 38.79 41.93
C VAL B 31 -22.05 39.44 40.74
N THR B 32 -20.73 39.58 40.81
CA THR B 32 -20.00 40.21 39.72
C THR B 32 -20.15 39.42 38.42
N PHE B 33 -20.02 38.10 38.51
CA PHE B 33 -20.07 37.28 37.30
C PHE B 33 -21.46 37.32 36.66
N PHE B 34 -22.50 37.09 37.46
CA PHE B 34 -23.85 37.08 36.91
C PHE B 34 -24.33 38.48 36.59
N GLY B 35 -24.03 39.44 37.47
CA GLY B 35 -24.44 40.81 37.22
C GLY B 35 -23.87 41.35 35.93
N GLY B 36 -22.59 41.07 35.67
CA GLY B 36 -22.02 41.46 34.40
C GLY B 36 -22.70 40.75 33.23
N LEU B 37 -23.00 39.47 33.39
CA LEU B 37 -23.66 38.73 32.33
C LEU B 37 -25.04 39.31 32.02
N PHE B 38 -25.75 39.75 33.06
CA PHE B 38 -27.08 40.29 32.85
C PHE B 38 -27.05 41.55 32.00
N ILE B 39 -26.09 42.44 32.26
CA ILE B 39 -26.07 43.72 31.56
C ILE B 39 -25.83 43.50 30.07
N ILE B 40 -24.87 42.65 29.73
CA ILE B 40 -24.52 42.44 28.33
C ILE B 40 -25.69 41.85 27.55
N LEU B 41 -26.39 40.88 28.13
CA LEU B 41 -27.58 40.35 27.48
C LEU B 41 -28.64 41.43 27.31
N LEU B 42 -28.79 42.29 28.31
CA LEU B 42 -29.75 43.38 28.22
C LEU B 42 -29.41 44.34 27.09
N TRP B 43 -28.13 44.70 26.97
CA TRP B 43 -27.73 45.71 26.00
C TRP B 43 -27.89 45.21 24.58
N ARG B 44 -27.76 43.90 24.36
CA ARG B 44 -28.08 43.34 23.05
C ARG B 44 -29.55 43.50 22.72
N THR B 45 -30.43 43.17 23.66
CA THR B 45 -31.86 43.21 23.39
C THR B 45 -32.34 44.64 23.19
N LEU B 46 -31.68 45.60 23.82
CA LEU B 46 -32.03 47.01 23.61
C LEU B 46 -31.85 47.41 22.15
N LYS B 47 -30.93 46.75 21.45
CA LYS B 47 -30.62 47.14 20.08
C LYS B 47 -31.77 46.83 19.12
N TYR B 48 -32.47 45.72 19.34
CA TYR B 48 -33.52 45.31 18.41
C TYR B 48 -34.57 46.40 18.27
N LEU B 49 -34.82 46.81 17.04
CA LEU B 49 -35.71 47.92 16.69
C LEU B 49 -35.32 49.22 17.38
N TRP B 50 -34.05 49.34 17.78
CA TRP B 50 -33.57 50.49 18.53
C TRP B 50 -34.41 50.72 19.78
N THR B 51 -34.84 49.62 20.39
CA THR B 51 -35.69 49.68 21.57
C THR B 51 -35.61 48.37 22.35
N GLY B 92 -12.72 56.62 13.66
CA GLY B 92 -13.18 57.30 14.87
C GLY B 92 -12.32 56.90 16.07
N TRP B 93 -12.38 57.69 17.13
CA TRP B 93 -11.56 57.41 18.31
C TRP B 93 -12.01 56.18 19.07
N MET B 94 -13.20 55.63 18.76
CA MET B 94 -13.61 54.39 19.39
C MET B 94 -12.62 53.27 19.09
N THR B 95 -12.23 53.13 17.83
CA THR B 95 -11.34 52.06 17.44
C THR B 95 -9.87 52.38 17.73
N SER B 96 -9.54 53.64 17.95
CA SER B 96 -8.17 54.01 18.25
C SER B 96 -7.70 53.36 19.55
N VAL B 97 -8.49 53.52 20.61
CA VAL B 97 -8.13 52.90 21.88
C VAL B 97 -8.17 51.38 21.77
N LYS B 98 -9.08 50.86 20.95
CA LYS B 98 -9.14 49.41 20.79
C LYS B 98 -7.85 48.86 20.20
N ASP B 99 -7.36 49.50 19.13
CA ASP B 99 -6.12 49.02 18.54
C ASP B 99 -4.93 49.26 19.47
N TRP B 100 -4.93 50.39 20.20
CA TRP B 100 -3.83 50.61 21.12
C TRP B 100 -3.80 49.55 22.22
N ALA B 101 -4.96 49.18 22.74
CA ALA B 101 -5.02 48.13 23.74
C ALA B 101 -4.57 46.80 23.15
N GLY B 102 -4.95 46.52 21.90
CA GLY B 102 -4.51 45.28 21.29
C GLY B 102 -2.99 45.21 21.15
N VAL B 103 -2.39 46.28 20.65
CA VAL B 103 -0.95 46.28 20.48
C VAL B 103 -0.25 46.26 21.83
N MET B 104 -0.87 46.83 22.86
CA MET B 104 -0.32 46.74 24.20
C MET B 104 -0.34 45.31 24.71
N ILE B 105 -1.47 44.60 24.50
CA ILE B 105 -1.59 43.23 24.97
C ILE B 105 -0.58 42.33 24.28
N SER B 106 -0.48 42.44 22.96
CA SER B 106 0.57 41.72 22.28
C SER B 106 1.92 42.36 22.59
N ALA B 107 2.98 41.69 22.17
CA ALA B 107 4.34 42.14 22.48
C ALA B 107 4.97 42.89 21.32
N GLN B 108 4.16 43.66 20.59
CA GLN B 108 4.69 44.37 19.43
C GLN B 108 5.73 45.40 19.84
N THR B 109 5.38 46.25 20.81
CA THR B 109 6.24 47.36 21.19
C THR B 109 7.30 46.90 22.17
N LEU B 110 8.15 47.83 22.60
CA LEU B 110 9.05 47.54 23.71
C LEU B 110 8.29 47.38 25.01
N THR B 111 7.31 48.25 25.25
CA THR B 111 6.50 48.12 26.46
C THR B 111 5.76 46.80 26.48
N GLY B 112 5.31 46.34 25.32
CA GLY B 112 4.62 45.06 25.26
C GLY B 112 5.47 43.92 25.79
N ARG B 113 6.75 43.93 25.45
CA ARG B 113 7.64 42.93 26.04
C ARG B 113 7.77 43.12 27.54
N VAL B 114 7.74 44.37 28.00
CA VAL B 114 7.85 44.62 29.43
C VAL B 114 6.61 44.13 30.17
N LEU B 115 5.43 44.49 29.68
CA LEU B 115 4.21 44.24 30.44
C LEU B 115 3.96 42.76 30.61
N VAL B 116 4.16 41.97 29.56
CA VAL B 116 3.86 40.55 29.63
C VAL B 116 4.75 39.85 30.64
N VAL B 117 6.03 40.23 30.70
CA VAL B 117 6.96 39.56 31.61
C VAL B 117 6.51 39.72 33.05
N LEU B 118 5.98 40.90 33.41
CA LEU B 118 5.48 41.07 34.76
C LEU B 118 4.35 40.10 35.06
N VAL B 119 3.43 39.91 34.11
CA VAL B 119 2.37 38.94 34.30
C VAL B 119 2.96 37.55 34.48
N PHE B 120 4.01 37.24 33.73
CA PHE B 120 4.73 35.99 33.93
C PHE B 120 5.20 35.86 35.36
N ALA B 121 5.84 36.90 35.89
CA ALA B 121 6.38 36.83 37.24
C ALA B 121 5.27 36.83 38.28
N LEU B 122 4.32 37.77 38.15
CA LEU B 122 3.29 37.88 39.18
C LEU B 122 2.34 36.70 39.18
N SER B 123 2.25 35.95 38.08
CA SER B 123 1.48 34.72 38.10
C SER B 123 2.08 33.73 39.08
N ILE B 124 3.40 33.62 39.08
CA ILE B 124 4.06 32.76 40.07
C ILE B 124 3.97 33.38 41.45
N GLY B 125 4.12 34.69 41.55
CA GLY B 125 4.18 35.33 42.85
C GLY B 125 2.91 35.13 43.66
N ALA B 126 1.75 35.28 43.01
CA ALA B 126 0.49 35.09 43.73
C ALA B 126 0.36 33.66 44.23
N LEU B 127 0.81 32.70 43.44
CA LEU B 127 0.69 31.30 43.83
C LEU B 127 1.48 31.02 45.11
N VAL B 128 2.68 31.57 45.21
CA VAL B 128 3.50 31.34 46.41
C VAL B 128 2.80 31.89 47.64
N ILE B 129 2.14 33.04 47.50
CA ILE B 129 1.40 33.60 48.62
C ILE B 129 0.31 32.64 49.08
N TYR B 130 -0.32 31.95 48.13
CA TYR B 130 -1.39 31.03 48.48
C TYR B 130 -0.86 29.87 49.32
N PHE B 131 0.35 29.41 49.02
CA PHE B 131 0.92 28.30 49.78
C PHE B 131 1.08 28.65 51.25
N ILE B 132 1.57 29.86 51.53
CA ILE B 132 1.82 30.26 52.91
C ILE B 132 0.53 30.27 53.71
N ASP B 133 -0.54 30.80 53.13
CA ASP B 133 -1.79 30.95 53.86
C ASP B 133 -2.47 29.62 54.13
N SER B 134 -2.03 28.54 53.50
CA SER B 134 -2.70 27.26 53.70
C SER B 134 -2.61 26.79 55.14
N SER B 135 -1.44 26.99 55.77
CA SER B 135 -1.26 26.52 57.14
C SER B 135 -2.13 27.28 58.14
N ASN B 136 -2.54 28.50 57.82
CA ASN B 136 -3.37 29.27 58.73
C ASN B 136 -4.77 28.67 58.80
N PRO B 137 -5.52 28.96 59.86
CA PRO B 137 -6.88 28.44 59.97
C PRO B 137 -7.75 28.94 58.84
N ILE B 138 -8.85 28.23 58.60
CA ILE B 138 -9.71 28.52 57.46
C ILE B 138 -10.32 29.91 57.61
N GLU B 139 -10.78 30.25 58.80
CA GLU B 139 -11.28 31.59 59.08
C GLU B 139 -10.46 32.20 60.20
N SER B 140 -10.12 33.48 60.04
CA SER B 140 -9.29 34.18 61.02
C SER B 140 -9.47 35.67 60.83
N CYS B 141 -8.79 36.43 61.68
CA CYS B 141 -8.82 37.89 61.65
C CYS B 141 -7.40 38.41 61.71
N GLN B 142 -7.18 39.57 61.11
CA GLN B 142 -5.86 40.17 61.02
C GLN B 142 -5.97 41.68 61.16
N ASN B 143 -4.82 42.34 61.14
CA ASN B 143 -4.73 43.79 61.07
C ASN B 143 -4.09 44.16 59.75
N PHE B 144 -4.79 44.98 58.95
CA PHE B 144 -4.28 45.34 57.64
C PHE B 144 -2.97 46.13 57.75
N TYR B 145 -2.91 47.06 58.70
CA TYR B 145 -1.75 47.93 58.83
C TYR B 145 -0.60 47.28 59.59
N LYS B 146 -0.78 46.06 60.09
CA LYS B 146 0.24 45.43 60.93
C LYS B 146 0.90 44.23 60.31
N ASP B 147 0.32 43.63 59.27
CA ASP B 147 0.86 42.45 58.63
C ASP B 147 1.52 42.81 57.32
N PHE B 148 2.73 42.30 57.10
CA PHE B 148 3.41 42.53 55.83
C PHE B 148 2.66 41.85 54.69
N THR B 149 2.29 40.59 54.86
CA THR B 149 1.42 39.96 53.89
C THR B 149 0.04 40.60 53.96
N LEU B 150 -0.78 40.29 52.95
CA LEU B 150 -2.10 40.89 52.74
C LEU B 150 -1.92 42.34 52.30
N GLN B 151 -0.67 42.81 52.32
CA GLN B 151 -0.29 44.08 51.73
C GLN B 151 0.49 43.88 50.44
N ILE B 152 1.40 42.92 50.41
CA ILE B 152 1.96 42.47 49.14
C ILE B 152 0.84 41.91 48.27
N ASP B 153 -0.06 41.13 48.88
CA ASP B 153 -1.17 40.58 48.11
C ASP B 153 -2.05 41.67 47.53
N MET B 154 -2.28 42.74 48.31
CA MET B 154 -3.07 43.85 47.79
C MET B 154 -2.40 44.45 46.56
N ALA B 155 -1.07 44.61 46.60
CA ALA B 155 -0.37 45.17 45.46
C ALA B 155 -0.48 44.24 44.25
N PHE B 156 -0.33 42.94 44.45
CA PHE B 156 -0.41 42.02 43.34
C PHE B 156 -1.79 42.02 42.71
N ASN B 157 -2.85 42.04 43.53
CA ASN B 157 -4.19 41.86 42.99
C ASN B 157 -4.63 43.08 42.19
N VAL B 158 -4.23 44.28 42.61
CA VAL B 158 -4.64 45.46 41.88
C VAL B 158 -4.06 45.45 40.47
N PHE B 159 -2.87 44.88 40.30
CA PHE B 159 -2.28 44.79 38.97
C PHE B 159 -3.12 43.90 38.06
N PHE B 160 -3.59 42.77 38.57
CA PHE B 160 -4.42 41.89 37.76
C PHE B 160 -5.71 42.56 37.35
N LEU B 161 -6.17 43.53 38.14
CA LEU B 161 -7.41 44.23 37.80
C LEU B 161 -7.24 45.03 36.51
N LEU B 162 -6.16 45.82 36.43
CA LEU B 162 -5.94 46.61 35.23
C LEU B 162 -5.72 45.73 34.01
N TYR B 163 -4.89 44.69 34.15
CA TYR B 163 -4.63 43.82 33.01
C TYR B 163 -5.89 43.14 32.54
N PHE B 164 -6.85 42.93 33.43
CA PHE B 164 -8.15 42.42 32.99
C PHE B 164 -8.87 43.46 32.15
N GLY B 165 -8.78 44.74 32.53
CA GLY B 165 -9.45 45.78 31.78
C GLY B 165 -8.96 45.87 30.34
N LEU B 166 -7.64 45.79 30.15
CA LEU B 166 -7.10 45.88 28.80
C LEU B 166 -7.58 44.73 27.94
N ARG B 167 -7.55 43.51 28.46
CA ARG B 167 -8.05 42.38 27.69
C ARG B 167 -9.52 42.57 27.34
N PHE B 168 -10.28 43.20 28.23
CA PHE B 168 -11.69 43.43 27.96
C PHE B 168 -11.87 44.35 26.76
N ILE B 169 -11.04 45.38 26.66
CA ILE B 169 -11.19 46.34 25.58
C ILE B 169 -10.93 45.69 24.23
N ALA B 170 -9.86 44.90 24.14
CA ALA B 170 -9.43 44.37 22.86
C ALA B 170 -10.30 43.23 22.35
N ALA B 171 -11.21 42.72 23.16
CA ALA B 171 -12.03 41.60 22.72
C ALA B 171 -13.03 42.03 21.66
N ASN B 172 -13.38 41.08 20.78
CA ASN B 172 -14.32 41.38 19.71
C ASN B 172 -15.77 41.26 20.20
N ASP B 173 -16.16 40.08 20.66
CA ASP B 173 -17.51 39.84 21.18
C ASP B 173 -17.48 39.71 22.70
N LYS B 174 -18.10 40.69 23.36
CA LYS B 174 -17.93 40.82 24.81
C LYS B 174 -18.48 39.62 25.55
N LEU B 175 -19.59 39.06 25.08
CA LEU B 175 -20.18 37.92 25.78
C LEU B 175 -19.23 36.73 25.78
N TRP B 176 -18.66 36.41 24.63
CA TRP B 176 -17.76 35.28 24.55
C TRP B 176 -16.43 35.56 25.22
N PHE B 177 -16.05 36.83 25.35
CA PHE B 177 -14.90 37.13 26.21
C PHE B 177 -15.24 36.91 27.67
N TRP B 178 -16.44 37.31 28.07
CA TRP B 178 -16.87 37.18 29.45
C TRP B 178 -16.92 35.72 29.87
N LEU B 179 -17.40 34.86 28.99
CA LEU B 179 -17.48 33.42 29.30
C LEU B 179 -16.19 32.72 28.92
N GLU B 180 -15.08 33.17 29.49
CA GLU B 180 -13.78 32.59 29.21
C GLU B 180 -13.13 32.15 30.52
N VAL B 181 -12.24 31.18 30.41
CA VAL B 181 -11.64 30.58 31.61
C VAL B 181 -10.86 31.62 32.41
N ASN B 182 -10.03 32.40 31.72
CA ASN B 182 -9.21 33.37 32.43
C ASN B 182 -10.07 34.46 33.06
N SER B 183 -11.11 34.90 32.36
CA SER B 183 -12.03 35.87 32.95
C SER B 183 -12.71 35.30 34.17
N VAL B 184 -13.09 34.02 34.12
CA VAL B 184 -13.75 33.39 35.26
C VAL B 184 -12.81 33.35 36.47
N VAL B 185 -11.57 32.96 36.24
CA VAL B 185 -10.66 32.86 37.39
C VAL B 185 -10.40 34.23 37.98
N ASP B 186 -10.30 35.26 37.12
CA ASP B 186 -10.15 36.61 37.66
C ASP B 186 -11.37 37.02 38.47
N PHE B 187 -12.56 36.69 37.99
CA PHE B 187 -13.78 37.03 38.72
C PHE B 187 -13.79 36.37 40.09
N PHE B 188 -13.35 35.13 40.16
CA PHE B 188 -13.46 34.41 41.41
C PHE B 188 -12.29 34.67 42.35
N THR B 189 -11.21 35.30 41.87
CA THR B 189 -10.09 35.58 42.75
C THR B 189 -9.98 37.04 43.19
N VAL B 190 -10.37 38.01 42.37
CA VAL B 190 -10.05 39.39 42.70
C VAL B 190 -10.94 39.98 43.79
N PRO B 191 -12.26 40.03 43.64
CA PRO B 191 -13.10 40.78 44.60
C PRO B 191 -12.97 40.32 46.04
N PRO B 192 -12.75 39.02 46.32
CA PRO B 192 -12.64 38.62 47.72
C PRO B 192 -11.57 39.37 48.50
N VAL B 193 -10.44 39.71 47.88
CA VAL B 193 -9.41 40.43 48.63
C VAL B 193 -9.92 41.79 49.07
N PHE B 194 -10.61 42.50 48.18
CA PHE B 194 -11.17 43.80 48.55
C PHE B 194 -12.22 43.66 49.63
N VAL B 195 -13.03 42.62 49.56
CA VAL B 195 -14.03 42.41 50.60
C VAL B 195 -13.34 42.15 51.93
N SER B 196 -12.28 41.35 51.91
CA SER B 196 -11.58 40.99 53.13
C SER B 196 -10.93 42.21 53.77
N VAL B 197 -10.34 43.08 52.96
CA VAL B 197 -9.67 44.25 53.54
C VAL B 197 -10.69 45.16 54.22
N TYR B 198 -11.90 45.25 53.67
CA TYR B 198 -12.92 46.09 54.28
C TYR B 198 -13.44 45.47 55.58
N LEU B 199 -13.78 44.18 55.55
CA LEU B 199 -14.35 43.57 56.75
C LEU B 199 -13.28 43.34 57.82
N ASN B 200 -12.01 43.40 57.43
CA ASN B 200 -10.87 43.11 58.29
C ASN B 200 -10.86 41.66 58.76
N ARG B 201 -11.62 40.81 58.08
CA ARG B 201 -11.75 39.40 58.41
C ARG B 201 -11.44 38.57 57.17
N SER B 202 -10.81 37.41 57.35
CA SER B 202 -10.26 36.66 56.22
C SER B 202 -10.83 35.24 56.18
N TRP B 203 -11.16 34.78 54.98
CA TRP B 203 -11.55 33.40 54.74
C TRP B 203 -10.77 32.86 53.56
N LEU B 204 -10.27 31.64 53.68
CA LEU B 204 -9.54 30.97 52.61
C LEU B 204 -10.54 30.31 51.67
N GLY B 205 -11.29 31.15 50.96
CA GLY B 205 -12.31 30.62 50.09
C GLY B 205 -11.99 30.74 48.62
N LEU B 206 -11.95 29.60 47.92
CA LEU B 206 -11.76 29.55 46.49
C LEU B 206 -10.48 30.22 46.03
N ARG B 207 -9.53 30.44 46.94
CA ARG B 207 -8.28 31.06 46.54
C ARG B 207 -7.37 30.11 45.80
N PHE B 208 -7.66 28.82 45.80
CA PHE B 208 -6.81 27.86 45.13
C PHE B 208 -6.86 27.99 43.62
N LEU B 209 -7.83 28.72 43.08
CA LEU B 209 -7.92 28.85 41.64
C LEU B 209 -6.76 29.64 41.05
N ARG B 210 -5.93 30.27 41.88
CA ARG B 210 -4.81 31.02 41.36
C ARG B 210 -3.87 30.14 40.56
N ALA B 211 -3.92 28.82 40.78
CA ALA B 211 -3.03 27.93 40.05
C ALA B 211 -3.36 27.87 38.56
N LEU B 212 -4.59 28.21 38.18
CA LEU B 212 -5.00 28.06 36.79
C LEU B 212 -4.30 29.03 35.86
N ARG B 213 -3.60 30.02 36.39
CA ARG B 213 -2.96 31.01 35.53
C ARG B 213 -1.84 30.39 34.71
N LEU B 214 -1.34 29.23 35.12
CA LEU B 214 -0.24 28.59 34.40
C LEU B 214 -0.59 28.29 32.95
N ILE B 215 -1.88 28.19 32.63
CA ILE B 215 -2.28 27.84 31.26
C ILE B 215 -1.68 28.82 30.27
N GLN B 216 -1.72 30.11 30.58
CA GLN B 216 -1.33 31.14 29.62
C GLN B 216 0.17 31.19 29.35
N PHE B 217 0.96 30.28 29.91
CA PHE B 217 2.40 30.38 29.74
C PHE B 217 2.80 30.14 28.29
N SER B 218 2.17 29.18 27.62
CA SER B 218 2.52 28.93 26.23
C SER B 218 2.26 30.15 25.37
N GLU B 219 1.13 30.82 25.56
CA GLU B 219 0.80 31.98 24.74
C GLU B 219 1.71 33.16 25.06
N ILE B 220 1.90 33.46 26.35
CA ILE B 220 2.77 34.58 26.69
C ILE B 220 4.22 34.26 26.45
N LEU B 221 4.54 33.03 26.09
CA LEU B 221 5.88 32.72 25.60
C LEU B 221 5.96 32.88 24.09
N GLN B 222 4.93 32.45 23.37
CA GLN B 222 4.94 32.60 21.91
C GLN B 222 4.95 34.07 21.51
N PHE B 223 4.25 34.93 22.25
CA PHE B 223 4.32 36.36 21.95
C PHE B 223 5.74 36.88 21.98
N LEU B 224 6.60 36.32 22.82
CA LEU B 224 7.98 36.77 22.91
C LEU B 224 8.88 36.11 21.88
N ASN B 225 8.31 35.34 20.96
CA ASN B 225 9.03 34.73 19.85
C ASN B 225 10.06 33.71 20.32
N ILE B 226 9.95 33.22 21.54
CA ILE B 226 10.91 32.24 22.05
C ILE B 226 10.66 30.88 21.41
N LEU B 227 9.41 30.45 21.37
CA LEU B 227 9.07 29.14 20.82
C LEU B 227 8.71 29.28 19.35
N LYS B 228 9.37 28.50 18.52
CA LYS B 228 9.07 28.55 17.09
C LYS B 228 8.76 27.19 16.50
N THR B 229 9.41 26.13 16.96
CA THR B 229 9.21 24.80 16.41
C THR B 229 7.91 24.21 16.94
N SER B 230 7.68 22.93 16.66
CA SER B 230 6.44 22.26 17.03
C SER B 230 6.58 21.36 18.25
N ASN B 231 7.68 20.62 18.35
CA ASN B 231 7.86 19.72 19.48
C ASN B 231 7.92 20.51 20.79
N SER B 232 8.66 21.61 20.80
CA SER B 232 8.73 22.41 22.02
C SER B 232 7.36 22.92 22.42
N ILE B 233 6.56 23.36 21.45
CA ILE B 233 5.23 23.86 21.75
C ILE B 233 4.37 22.76 22.36
N LYS B 234 4.39 21.59 21.75
CA LYS B 234 3.58 20.50 22.29
C LYS B 234 4.00 20.14 23.70
N LEU B 235 5.31 20.07 23.93
CA LEU B 235 5.81 19.72 25.26
C LEU B 235 5.37 20.74 26.29
N VAL B 236 5.51 22.02 25.97
CA VAL B 236 5.13 23.06 26.93
C VAL B 236 3.65 22.98 27.25
N ASN B 237 2.82 22.80 26.22
CA ASN B 237 1.38 22.71 26.46
C ASN B 237 1.05 21.57 27.41
N LEU B 238 1.62 20.39 27.14
CA LEU B 238 1.31 19.24 27.99
C LEU B 238 1.73 19.50 29.42
N LEU B 239 2.94 20.00 29.62
CA LEU B 239 3.42 20.23 30.98
C LEU B 239 2.53 21.20 31.73
N SER B 240 2.17 22.32 31.08
CA SER B 240 1.37 23.31 31.75
C SER B 240 0.02 22.76 32.16
N ILE B 241 -0.66 22.08 31.23
CA ILE B 241 -1.98 21.53 31.55
C ILE B 241 -1.89 20.58 32.72
N PHE B 242 -0.93 19.66 32.67
CA PHE B 242 -0.84 18.63 33.70
C PHE B 242 -0.61 19.24 35.07
N ILE B 243 0.40 20.10 35.20
CA ILE B 243 0.72 20.64 36.51
C ILE B 243 -0.42 21.50 37.05
N SER B 244 -1.01 22.32 36.18
CA SER B 244 -2.08 23.19 36.65
C SER B 244 -3.25 22.38 37.21
N THR B 245 -3.72 21.38 36.45
CA THR B 245 -4.89 20.65 36.93
C THR B 245 -4.56 19.89 38.21
N TRP B 246 -3.37 19.31 38.30
CA TRP B 246 -3.00 18.59 39.51
C TRP B 246 -3.06 19.50 40.73
N LEU B 247 -2.40 20.67 40.65
CA LEU B 247 -2.35 21.55 41.81
C LEU B 247 -3.73 22.08 42.18
N THR B 248 -4.54 22.45 41.21
CA THR B 248 -5.84 23.02 41.57
C THR B 248 -6.74 21.96 42.21
N ALA B 249 -6.70 20.72 41.71
CA ALA B 249 -7.49 19.69 42.34
C ALA B 249 -7.06 19.48 43.78
N ALA B 250 -5.75 19.48 44.02
CA ALA B 250 -5.28 19.32 45.40
C ALA B 250 -5.81 20.44 46.28
N GLY B 251 -5.77 21.68 45.78
CA GLY B 251 -6.28 22.78 46.58
C GLY B 251 -7.74 22.60 46.95
N PHE B 252 -8.56 22.18 45.98
CA PHE B 252 -9.98 22.02 46.27
C PHE B 252 -10.20 20.95 47.33
N ILE B 253 -9.50 19.81 47.21
CA ILE B 253 -9.66 18.77 48.22
C ILE B 253 -9.26 19.29 49.58
N HIS B 254 -8.16 20.03 49.65
CA HIS B 254 -7.72 20.58 50.93
C HIS B 254 -8.81 21.42 51.56
N LEU B 255 -9.39 22.33 50.78
CA LEU B 255 -10.44 23.19 51.33
C LEU B 255 -11.60 22.35 51.85
N VAL B 256 -12.13 21.45 51.02
CA VAL B 256 -13.34 20.74 51.39
C VAL B 256 -13.10 19.85 52.59
N GLU B 257 -11.89 19.27 52.70
CA GLU B 257 -11.63 18.35 53.79
C GLU B 257 -11.39 19.07 55.10
N ASN B 258 -10.54 20.10 55.10
CA ASN B 258 -10.31 20.81 56.36
C ASN B 258 -11.59 21.45 56.86
N SER B 259 -12.38 22.03 55.96
CA SER B 259 -13.69 22.47 56.38
C SER B 259 -14.60 21.26 56.57
N GLY B 260 -15.62 21.43 57.37
CA GLY B 260 -16.61 20.39 57.53
C GLY B 260 -17.71 20.50 56.50
N ASP B 261 -18.62 19.53 56.55
CA ASP B 261 -19.83 19.65 55.76
C ASP B 261 -20.75 20.69 56.38
N PRO B 262 -21.36 21.55 55.58
CA PRO B 262 -22.18 22.63 56.17
C PRO B 262 -23.43 22.12 56.85
N TRP B 263 -24.22 21.28 56.19
CA TRP B 263 -25.45 20.82 56.80
C TRP B 263 -25.20 20.02 58.06
N GLU B 264 -24.03 19.40 58.18
CA GLU B 264 -23.65 18.76 59.42
C GLU B 264 -23.03 19.73 60.41
N ASN B 265 -23.09 21.03 60.12
CA ASN B 265 -22.58 22.05 61.02
C ASN B 265 -21.10 21.84 61.33
N PHE B 266 -20.37 21.36 60.34
CA PHE B 266 -18.92 21.27 60.40
C PHE B 266 -18.45 20.43 61.59
N GLN B 267 -19.07 19.27 61.77
CA GLN B 267 -18.73 18.39 62.87
C GLN B 267 -17.95 17.16 62.44
N ASN B 268 -17.76 16.95 61.14
CA ASN B 268 -17.02 15.81 60.64
C ASN B 268 -15.74 16.22 59.93
N ASN B 269 -15.15 17.34 60.32
CA ASN B 269 -13.93 17.80 59.68
C ASN B 269 -12.78 16.85 59.98
N GLN B 270 -11.90 16.69 59.01
CA GLN B 270 -10.68 15.91 59.15
C GLN B 270 -9.49 16.79 58.83
N ALA B 271 -8.47 16.75 59.69
CA ALA B 271 -7.33 17.64 59.55
C ALA B 271 -6.36 17.13 58.50
N LEU B 272 -5.84 18.04 57.68
CA LEU B 272 -4.93 17.68 56.61
C LEU B 272 -4.09 18.89 56.23
N THR B 273 -3.01 18.64 55.50
CA THR B 273 -2.15 19.69 54.98
C THR B 273 -2.02 19.57 53.48
N TYR B 274 -1.56 20.67 52.88
CA TYR B 274 -1.55 20.75 51.42
C TYR B 274 -0.62 19.70 50.81
N TRP B 275 0.53 19.45 51.45
CA TRP B 275 1.42 18.42 50.95
C TRP B 275 0.74 17.07 50.94
N GLU B 276 0.02 16.74 52.02
CA GLU B 276 -0.68 15.47 52.06
C GLU B 276 -1.73 15.39 50.96
N CYS B 277 -2.45 16.48 50.72
CA CYS B 277 -3.46 16.46 49.68
C CYS B 277 -2.83 16.22 48.31
N VAL B 278 -1.71 16.87 48.02
CA VAL B 278 -1.04 16.67 46.74
C VAL B 278 -0.63 15.20 46.60
N TYR B 279 -0.06 14.65 47.67
CA TYR B 279 0.38 13.27 47.64
C TYR B 279 -0.80 12.33 47.39
N LEU B 280 -1.92 12.58 48.06
CA LEU B 280 -3.09 11.74 47.89
C LEU B 280 -3.57 11.76 46.45
N LEU B 281 -3.62 12.94 45.84
CA LEU B 281 -4.09 12.99 44.46
C LEU B 281 -3.12 12.30 43.52
N MET B 282 -1.82 12.42 43.74
CA MET B 282 -0.91 11.71 42.85
C MET B 282 -1.11 10.20 42.97
N VAL B 283 -1.25 9.70 44.20
CA VAL B 283 -1.44 8.27 44.39
C VAL B 283 -2.72 7.82 43.69
N THR B 284 -3.81 8.57 43.87
CA THR B 284 -5.06 8.17 43.25
C THR B 284 -4.97 8.23 41.73
N MET B 285 -4.39 9.30 41.19
CA MET B 285 -4.32 9.45 39.74
C MET B 285 -3.45 8.37 39.11
N SER B 286 -2.50 7.81 39.83
CA SER B 286 -1.71 6.74 39.26
C SER B 286 -2.34 5.37 39.47
N THR B 287 -3.54 5.29 40.04
CA THR B 287 -4.25 4.03 40.27
C THR B 287 -3.43 3.08 41.15
N VAL B 288 -2.90 3.60 42.24
CA VAL B 288 -2.22 2.76 43.20
C VAL B 288 -3.13 2.55 44.40
N GLY B 289 -3.45 3.63 45.10
CA GLY B 289 -4.40 3.53 46.19
C GLY B 289 -3.88 2.79 47.40
N TYR B 290 -2.92 3.39 48.11
CA TYR B 290 -2.40 2.76 49.31
C TYR B 290 -3.48 2.61 50.36
N GLY B 291 -4.29 3.64 50.56
CA GLY B 291 -5.31 3.61 51.56
C GLY B 291 -4.91 4.13 52.93
N ASP B 292 -3.71 4.68 53.08
CA ASP B 292 -3.34 5.26 54.35
C ASP B 292 -4.13 6.52 54.64
N VAL B 293 -4.27 7.39 53.65
CA VAL B 293 -5.05 8.61 53.76
C VAL B 293 -6.09 8.61 52.65
N TYR B 294 -7.34 8.91 53.00
CA TYR B 294 -8.41 8.89 52.02
C TYR B 294 -9.46 9.89 52.42
N ALA B 295 -10.28 10.28 51.46
CA ALA B 295 -11.34 11.24 51.72
C ALA B 295 -12.39 10.64 52.64
N LYS B 296 -13.00 11.47 53.48
CA LYS B 296 -14.02 11.00 54.39
C LYS B 296 -15.35 11.74 54.30
N THR B 297 -15.34 13.03 54.04
CA THR B 297 -16.59 13.76 54.02
C THR B 297 -17.34 13.51 52.71
N THR B 298 -18.64 13.80 52.75
CA THR B 298 -19.49 13.53 51.61
C THR B 298 -19.04 14.29 50.38
N LEU B 299 -18.75 15.59 50.54
CA LEU B 299 -18.32 16.38 49.41
C LEU B 299 -16.99 15.88 48.86
N GLY B 300 -16.08 15.48 49.74
CA GLY B 300 -14.81 14.94 49.27
C GLY B 300 -15.01 13.70 48.41
N ARG B 301 -15.83 12.77 48.89
CA ARG B 301 -16.07 11.56 48.11
C ARG B 301 -16.76 11.90 46.79
N LEU B 302 -17.70 12.83 46.82
CA LEU B 302 -18.41 13.20 45.61
C LEU B 302 -17.48 13.82 44.59
N PHE B 303 -16.52 14.63 45.04
CA PHE B 303 -15.56 15.17 44.10
C PHE B 303 -14.65 14.07 43.57
N MET B 304 -14.22 13.16 44.44
CA MET B 304 -13.27 12.15 44.00
C MET B 304 -13.86 11.22 42.95
N VAL B 305 -15.12 10.82 43.14
CA VAL B 305 -15.73 9.90 42.18
C VAL B 305 -15.84 10.55 40.82
N PHE B 306 -16.08 11.86 40.76
CA PHE B 306 -16.12 12.53 39.47
C PHE B 306 -14.72 12.75 38.91
N PHE B 307 -13.75 13.03 39.78
CA PHE B 307 -12.43 13.36 39.29
C PHE B 307 -11.71 12.14 38.74
N ILE B 308 -12.06 10.95 39.20
CA ILE B 308 -11.39 9.74 38.72
C ILE B 308 -11.52 9.65 37.20
N LEU B 309 -12.72 9.88 36.69
CA LEU B 309 -12.98 9.68 35.27
C LEU B 309 -12.06 10.54 34.41
N GLY B 310 -11.96 11.83 34.70
CA GLY B 310 -11.09 12.68 33.91
C GLY B 310 -9.62 12.42 34.18
N GLY B 311 -9.25 12.31 35.45
CA GLY B 311 -7.84 12.27 35.80
C GLY B 311 -7.14 11.03 35.30
N LEU B 312 -7.78 9.88 35.40
CA LEU B 312 -7.12 8.65 34.97
C LEU B 312 -6.79 8.72 33.48
N ALA B 313 -7.76 9.14 32.67
CA ALA B 313 -7.51 9.27 31.25
C ALA B 313 -6.40 10.27 30.97
N MET B 314 -6.44 11.42 31.66
CA MET B 314 -5.42 12.43 31.41
C MET B 314 -4.03 11.89 31.69
N PHE B 315 -3.85 11.27 32.85
CA PHE B 315 -2.52 10.76 33.21
C PHE B 315 -2.07 9.70 32.23
N ALA B 316 -2.90 8.68 32.02
CA ALA B 316 -2.49 7.56 31.20
C ALA B 316 -2.29 7.93 29.74
N SER B 317 -2.85 9.04 29.28
CA SER B 317 -2.61 9.47 27.92
C SER B 317 -1.53 10.52 27.79
N TYR B 318 -1.18 11.22 28.87
CA TYR B 318 -0.20 12.28 28.79
C TYR B 318 1.20 11.84 29.14
N VAL B 319 1.37 11.04 30.21
CA VAL B 319 2.73 10.70 30.66
C VAL B 319 3.57 10.05 29.56
N PRO B 320 3.08 9.04 28.83
CA PRO B 320 3.94 8.45 27.79
C PRO B 320 4.37 9.45 26.73
N GLU B 321 3.51 10.38 26.33
CA GLU B 321 3.92 11.32 25.30
C GLU B 321 5.02 12.25 25.80
N ILE B 322 4.93 12.70 27.05
CA ILE B 322 6.00 13.53 27.60
C ILE B 322 7.29 12.75 27.64
N ILE B 323 7.23 11.51 28.11
CA ILE B 323 8.44 10.70 28.19
C ILE B 323 9.06 10.52 26.82
N GLU B 324 8.23 10.27 25.81
CA GLU B 324 8.75 10.08 24.46
C GLU B 324 9.36 11.37 23.91
N LEU B 325 8.65 12.48 24.07
CA LEU B 325 9.15 13.74 23.50
C LEU B 325 10.46 14.15 24.13
N ILE B 326 10.50 14.21 25.46
CA ILE B 326 11.77 14.49 26.11
C ILE B 326 12.70 13.30 25.93
N GLY B 327 14.00 13.55 26.08
CA GLY B 327 14.95 12.48 25.91
C GLY B 327 15.04 11.94 24.50
N ASN B 328 14.62 12.73 23.51
CA ASN B 328 14.74 12.32 22.11
C ASN B 328 16.11 12.74 21.59
N ARG B 329 17.13 12.09 22.12
CA ARG B 329 18.51 12.42 21.84
C ARG B 329 18.92 11.90 20.46
N LYS B 330 20.13 12.24 20.05
CA LYS B 330 20.76 11.70 18.85
C LYS B 330 22.03 10.99 19.30
N LYS B 331 22.02 9.66 19.23
CA LYS B 331 23.05 8.89 19.93
C LYS B 331 24.43 9.12 19.32
N TYR B 332 24.52 9.25 18.01
CA TYR B 332 25.80 9.26 17.31
C TYR B 332 26.14 10.62 16.74
N GLY B 333 25.82 11.67 17.46
CA GLY B 333 26.17 13.01 17.05
C GLY B 333 27.63 13.30 17.36
N GLY B 334 27.95 14.58 17.39
CA GLY B 334 29.28 15.01 17.71
C GLY B 334 30.13 15.21 16.47
N SER B 335 31.43 15.18 16.68
CA SER B 335 32.37 15.42 15.58
C SER B 335 33.67 14.69 15.87
N TYR B 336 34.48 14.57 14.83
CA TYR B 336 35.75 13.88 14.90
C TYR B 336 36.86 14.88 15.16
N SER B 337 37.89 14.44 15.87
CA SER B 337 39.04 15.27 16.18
C SER B 337 40.27 14.65 15.53
N ALA B 338 40.93 15.40 14.66
CA ALA B 338 42.11 14.89 13.97
C ALA B 338 43.24 14.67 14.96
N VAL B 339 44.06 13.67 14.67
CA VAL B 339 45.23 13.34 15.48
C VAL B 339 46.46 13.52 14.61
N SER B 340 47.38 14.36 15.06
CA SER B 340 48.57 14.66 14.27
C SER B 340 49.41 13.41 14.06
N GLY B 341 50.01 13.29 12.89
CA GLY B 341 50.88 12.18 12.57
C GLY B 341 50.18 10.91 12.17
N ARG B 342 48.86 10.92 12.02
CA ARG B 342 48.10 9.75 11.62
C ARG B 342 47.10 10.13 10.55
N LYS B 343 47.07 9.38 9.46
CA LYS B 343 46.13 9.65 8.40
C LYS B 343 44.81 8.96 8.68
N HIS B 344 43.78 9.34 7.92
CA HIS B 344 42.48 8.72 8.07
C HIS B 344 41.71 8.87 6.78
N ILE B 345 40.72 8.01 6.59
CA ILE B 345 39.90 8.01 5.39
C ILE B 345 38.44 8.13 5.80
N VAL B 346 37.58 8.33 4.81
CA VAL B 346 36.16 8.51 5.02
C VAL B 346 35.41 7.60 4.07
N VAL B 347 34.44 6.86 4.59
CA VAL B 347 33.68 5.89 3.80
C VAL B 347 32.21 6.26 3.88
N CYS B 348 31.56 6.32 2.73
CA CYS B 348 30.16 6.69 2.68
C CYS B 348 29.49 5.96 1.53
N GLY B 349 28.17 5.83 1.61
CA GLY B 349 27.43 5.17 0.56
C GLY B 349 26.40 4.18 1.05
N HIS B 350 26.56 2.92 0.68
CA HIS B 350 25.60 1.87 1.01
C HIS B 350 26.23 1.01 2.10
N ILE B 351 25.99 1.40 3.35
CA ILE B 351 26.59 0.77 4.51
C ILE B 351 25.58 -0.17 5.14
N THR B 352 25.85 -1.48 5.05
CA THR B 352 25.07 -2.47 5.76
C THR B 352 26.02 -3.50 6.36
N LEU B 353 25.45 -4.43 7.13
CA LEU B 353 26.27 -5.34 7.92
C LEU B 353 27.18 -6.17 7.03
N GLU B 354 26.62 -6.78 5.99
CA GLU B 354 27.41 -7.66 5.14
C GLU B 354 28.57 -6.91 4.49
N SER B 355 28.26 -5.78 3.85
CA SER B 355 29.29 -5.04 3.13
C SER B 355 30.38 -4.56 4.08
N VAL B 356 29.99 -4.01 5.23
CA VAL B 356 30.99 -3.51 6.15
C VAL B 356 31.87 -4.66 6.64
N SER B 357 31.27 -5.79 6.98
CA SER B 357 32.05 -6.90 7.52
C SER B 357 33.07 -7.38 6.50
N ASN B 358 32.61 -7.69 5.29
CA ASN B 358 33.54 -8.25 4.33
C ASN B 358 34.39 -7.19 3.65
N PHE B 359 34.21 -5.92 3.99
CA PHE B 359 35.19 -4.93 3.59
C PHE B 359 36.28 -4.77 4.64
N LEU B 360 35.90 -4.70 5.92
CA LEU B 360 36.89 -4.63 6.98
C LEU B 360 37.80 -5.85 6.96
N LYS B 361 37.23 -7.02 6.67
CA LYS B 361 38.04 -8.23 6.63
C LYS B 361 39.21 -8.07 5.68
N ASP B 362 38.98 -7.51 4.50
CA ASP B 362 40.06 -7.31 3.55
C ASP B 362 40.95 -6.14 3.92
N PHE B 363 40.38 -5.08 4.49
CA PHE B 363 41.17 -3.89 4.74
C PHE B 363 42.21 -4.14 5.84
N LEU B 364 41.79 -4.73 6.96
CA LEU B 364 42.67 -4.84 8.11
C LEU B 364 43.38 -6.19 8.18
N HIS B 365 43.63 -6.82 7.03
CA HIS B 365 44.26 -8.12 7.03
C HIS B 365 45.72 -8.03 7.48
N LYS B 366 46.22 -9.12 8.05
CA LYS B 366 47.56 -9.13 8.60
C LYS B 366 48.65 -9.23 7.55
N ASP B 367 48.36 -9.79 6.38
CA ASP B 367 49.39 -9.87 5.35
C ASP B 367 49.85 -8.50 4.87
N ARG B 368 49.05 -7.46 5.11
CA ARG B 368 49.51 -6.13 4.76
C ARG B 368 50.65 -5.71 5.68
N ASP B 369 51.33 -4.64 5.30
CA ASP B 369 52.32 -4.04 6.18
C ASP B 369 51.63 -3.42 7.39
N ASP B 370 52.43 -2.89 8.31
CA ASP B 370 51.86 -2.16 9.43
C ASP B 370 51.05 -0.97 8.93
N VAL B 371 49.87 -0.79 9.50
CA VAL B 371 48.96 0.24 9.02
C VAL B 371 48.56 1.14 10.18
N ASN B 372 48.24 2.38 9.85
CA ASN B 372 47.85 3.36 10.85
C ASN B 372 46.55 4.07 10.51
N VAL B 373 46.00 3.87 9.32
CA VAL B 373 44.83 4.62 8.90
C VAL B 373 43.66 4.33 9.83
N GLU B 374 42.83 5.34 10.04
CA GLU B 374 41.70 5.26 10.96
C GLU B 374 40.42 5.47 10.17
N ILE B 375 39.69 4.38 9.92
CA ILE B 375 38.49 4.47 9.12
C ILE B 375 37.42 5.27 9.86
N VAL B 376 36.66 6.06 9.11
CA VAL B 376 35.60 6.90 9.69
C VAL B 376 34.38 6.79 8.79
N PHE B 377 33.32 6.16 9.28
CA PHE B 377 32.14 5.98 8.46
C PHE B 377 31.28 7.24 8.47
N LEU B 378 30.24 7.23 7.65
CA LEU B 378 29.34 8.37 7.56
C LEU B 378 28.05 7.93 6.89
N HIS B 379 26.94 7.99 7.63
CA HIS B 379 25.66 7.55 7.11
C HIS B 379 24.57 8.33 7.81
N ASN B 380 23.39 8.34 7.20
CA ASN B 380 22.27 9.11 7.74
C ASN B 380 21.16 8.22 8.29
N ILE B 381 21.45 6.96 8.55
CA ILE B 381 20.50 6.04 9.17
C ILE B 381 21.14 5.48 10.42
N SER B 382 20.41 5.52 11.53
CA SER B 382 20.95 5.00 12.78
C SER B 382 21.21 3.51 12.64
N PRO B 383 22.39 3.03 13.02
CA PRO B 383 22.70 1.61 12.86
C PRO B 383 21.87 0.75 13.79
N ASN B 384 21.72 -0.51 13.40
CA ASN B 384 21.01 -1.46 14.22
C ASN B 384 21.98 -2.16 15.17
N LEU B 385 21.44 -3.12 15.94
CA LEU B 385 22.21 -3.74 17.01
C LEU B 385 23.38 -4.53 16.46
N GLU B 386 23.18 -5.25 15.36
CA GLU B 386 24.25 -6.07 14.80
C GLU B 386 25.44 -5.20 14.42
N LEU B 387 25.19 -4.14 13.67
CA LEU B 387 26.26 -3.27 13.20
C LEU B 387 26.92 -2.57 14.38
N GLU B 388 26.13 -2.18 15.37
CA GLU B 388 26.72 -1.56 16.55
C GLU B 388 27.66 -2.52 17.26
N ALA B 389 27.27 -3.78 17.37
CA ALA B 389 28.13 -4.77 18.00
C ALA B 389 29.42 -4.93 17.22
N LEU B 390 29.34 -4.94 15.89
CA LEU B 390 30.54 -5.05 15.08
C LEU B 390 31.49 -3.88 15.35
N PHE B 391 30.94 -2.66 15.36
CA PHE B 391 31.77 -1.50 15.64
C PHE B 391 32.43 -1.62 17.00
N LYS B 392 31.67 -2.08 18.00
CA LYS B 392 32.26 -2.24 19.33
C LYS B 392 33.39 -3.26 19.31
N ARG B 393 33.24 -4.32 18.52
CA ARG B 393 34.32 -5.29 18.41
C ARG B 393 35.58 -4.65 17.86
N HIS B 394 35.45 -3.83 16.82
CA HIS B 394 36.62 -3.10 16.30
C HIS B 394 36.72 -1.73 16.96
N PHE B 395 36.87 -1.73 18.28
CA PHE B 395 36.67 -0.50 19.05
C PHE B 395 37.69 0.58 18.68
N THR B 396 38.95 0.21 18.51
CA THR B 396 40.01 1.20 18.44
C THR B 396 40.47 1.49 17.02
N GLN B 397 39.68 1.15 16.02
CA GLN B 397 40.10 1.37 14.64
C GLN B 397 39.00 1.90 13.75
N VAL B 398 37.84 2.26 14.29
CA VAL B 398 36.73 2.69 13.46
C VAL B 398 35.78 3.50 14.32
N GLU B 399 35.23 4.57 13.74
CA GLU B 399 34.30 5.44 14.43
C GLU B 399 33.13 5.74 13.51
N PHE B 400 31.98 6.04 14.09
CA PHE B 400 30.76 6.29 13.35
C PHE B 400 30.30 7.72 13.60
N TYR B 401 29.60 8.28 12.62
CA TYR B 401 29.04 9.62 12.77
C TYR B 401 27.79 9.72 11.91
N GLN B 402 26.65 9.94 12.54
CA GLN B 402 25.41 10.06 11.79
C GLN B 402 25.36 11.41 11.08
N GLY B 403 25.00 11.39 9.81
CA GLY B 403 24.91 12.61 9.04
C GLY B 403 24.70 12.29 7.58
N SER B 404 24.55 13.34 6.78
CA SER B 404 24.33 13.19 5.36
C SER B 404 25.48 13.81 4.58
N VAL B 405 25.92 13.12 3.52
CA VAL B 405 27.07 13.57 2.77
C VAL B 405 26.78 14.79 1.92
N LEU B 406 25.52 15.16 1.77
CA LEU B 406 25.15 16.32 0.97
C LEU B 406 25.09 17.61 1.78
N ASN B 407 25.43 17.58 3.05
CA ASN B 407 25.34 18.76 3.89
C ASN B 407 26.73 19.25 4.28
N PRO B 408 27.08 20.47 3.90
CA PRO B 408 28.44 20.96 4.17
C PRO B 408 28.81 20.96 5.64
N HIS B 409 27.86 21.19 6.54
CA HIS B 409 28.20 21.12 7.95
C HIS B 409 28.63 19.71 8.34
N ASP B 410 27.93 18.69 7.82
CA ASP B 410 28.36 17.32 8.08
C ASP B 410 29.75 17.08 7.51
N LEU B 411 29.98 17.54 6.27
CA LEU B 411 31.29 17.34 5.68
C LEU B 411 32.39 17.99 6.53
N ALA B 412 32.10 19.13 7.14
CA ALA B 412 33.09 19.73 8.03
C ALA B 412 33.22 18.93 9.32
N ARG B 413 32.13 18.32 9.78
CA ARG B 413 32.22 17.51 10.99
C ARG B 413 33.18 16.36 10.80
N VAL B 414 33.11 15.69 9.65
CA VAL B 414 33.98 14.53 9.43
C VAL B 414 35.41 14.94 9.07
N LYS B 415 35.66 16.24 8.88
CA LYS B 415 36.99 16.75 8.55
C LYS B 415 37.49 16.20 7.22
N ILE B 416 36.74 16.49 6.16
CA ILE B 416 37.13 16.04 4.84
C ILE B 416 38.44 16.68 4.40
N GLU B 417 38.57 17.99 4.64
CA GLU B 417 39.66 18.74 4.03
C GLU B 417 41.03 18.16 4.36
N SER B 418 41.18 17.55 5.53
CA SER B 418 42.45 16.98 5.94
C SER B 418 42.51 15.48 5.75
N ALA B 419 41.48 14.88 5.14
CA ALA B 419 41.47 13.44 4.94
C ALA B 419 42.45 13.05 3.85
N ASP B 420 42.45 11.77 3.51
CA ASP B 420 43.34 11.25 2.48
C ASP B 420 42.63 10.54 1.35
N ALA B 421 41.39 10.14 1.53
CA ALA B 421 40.63 9.48 0.48
C ALA B 421 39.16 9.53 0.87
N CYS B 422 38.29 9.10 -0.04
CA CYS B 422 36.88 9.03 0.28
C CYS B 422 36.26 7.93 -0.57
N LEU B 423 36.16 6.74 -0.01
CA LEU B 423 35.58 5.62 -0.72
C LEU B 423 34.06 5.78 -0.80
N ILE B 424 33.46 5.16 -1.81
CA ILE B 424 32.02 5.20 -1.97
C ILE B 424 31.52 3.82 -2.38
N LEU B 425 30.96 3.07 -1.45
CA LEU B 425 30.43 1.75 -1.77
C LEU B 425 29.09 1.87 -2.46
N ALA B 426 28.77 0.90 -3.30
CA ALA B 426 27.57 0.92 -4.10
C ALA B 426 26.78 -0.37 -3.89
N ASN B 427 25.46 -0.28 -4.04
CA ASN B 427 24.59 -1.43 -3.86
C ASN B 427 24.52 -2.20 -5.17
N LYS B 428 25.24 -3.32 -5.23
CA LYS B 428 25.32 -4.09 -6.46
C LYS B 428 23.96 -4.66 -6.86
N TYR B 429 23.20 -5.16 -5.88
CA TYR B 429 21.92 -5.80 -6.18
C TYR B 429 20.78 -4.80 -6.10
N CYS B 430 20.87 -3.76 -6.91
CA CYS B 430 19.82 -2.75 -6.96
C CYS B 430 18.74 -3.17 -7.95
N ALA B 431 17.52 -2.69 -7.70
CA ALA B 431 16.42 -2.99 -8.60
C ALA B 431 16.58 -2.27 -9.93
N ASP B 432 16.89 -0.97 -9.89
CA ASP B 432 17.06 -0.18 -11.10
C ASP B 432 18.42 0.49 -11.09
N PRO B 433 19.34 0.11 -11.99
CA PRO B 433 20.70 0.64 -11.91
C PRO B 433 20.81 2.14 -12.03
N ASP B 434 19.96 2.78 -12.84
CA ASP B 434 20.20 4.18 -13.16
C ASP B 434 20.12 5.08 -11.93
N ALA B 435 19.15 4.83 -11.06
CA ALA B 435 19.03 5.66 -9.86
C ALA B 435 20.29 5.58 -9.01
N GLU B 436 20.88 4.40 -8.91
CA GLU B 436 22.10 4.25 -8.14
C GLU B 436 23.21 5.13 -8.70
N ASP B 437 23.39 5.11 -10.02
CA ASP B 437 24.44 5.91 -10.63
C ASP B 437 24.16 7.39 -10.44
N ALA B 438 22.89 7.80 -10.55
CA ALA B 438 22.57 9.20 -10.33
C ALA B 438 22.94 9.63 -8.91
N SER B 439 22.59 8.81 -7.93
CA SER B 439 22.91 9.15 -6.55
C SER B 439 24.41 9.26 -6.35
N ASN B 440 25.16 8.30 -6.88
CA ASN B 440 26.61 8.34 -6.69
C ASN B 440 27.23 9.55 -7.36
N ILE B 441 26.76 9.89 -8.56
CA ILE B 441 27.30 11.07 -9.23
C ILE B 441 27.02 12.31 -8.42
N MET B 442 25.82 12.41 -7.84
CA MET B 442 25.52 13.57 -7.02
C MET B 442 26.44 13.65 -5.82
N ARG B 443 26.72 12.51 -5.18
CA ARG B 443 27.63 12.52 -4.04
C ARG B 443 29.02 13.01 -4.46
N VAL B 444 29.50 12.54 -5.60
CA VAL B 444 30.83 12.94 -6.06
C VAL B 444 30.86 14.43 -6.30
N ILE B 445 29.81 14.97 -6.93
CA ILE B 445 29.78 16.40 -7.20
C ILE B 445 29.82 17.19 -5.90
N SER B 446 29.05 16.75 -4.90
CA SER B 446 29.03 17.47 -3.65
C SER B 446 30.39 17.48 -2.98
N ILE B 447 31.06 16.33 -2.94
CA ILE B 447 32.35 16.27 -2.28
C ILE B 447 33.36 17.14 -3.00
N LYS B 448 33.40 17.05 -4.33
CA LYS B 448 34.34 17.89 -5.06
C LYS B 448 34.02 19.36 -4.89
N ASN B 449 32.75 19.70 -4.71
CA ASN B 449 32.40 21.09 -4.40
C ASN B 449 33.02 21.52 -3.09
N TYR B 450 32.85 20.72 -2.04
CA TYR B 450 33.38 21.14 -0.75
C TYR B 450 34.90 21.21 -0.77
N HIS B 451 35.56 20.35 -1.54
CA HIS B 451 36.99 20.42 -1.62
C HIS B 451 37.43 19.90 -2.97
N PRO B 452 38.32 20.57 -3.65
CA PRO B 452 38.64 20.18 -5.03
C PRO B 452 39.78 19.18 -5.17
N LYS B 453 40.62 19.05 -4.14
CA LYS B 453 41.83 18.26 -4.25
C LYS B 453 41.75 16.91 -3.58
N ILE B 454 40.57 16.49 -3.14
CA ILE B 454 40.45 15.20 -2.46
C ILE B 454 40.67 14.08 -3.47
N ARG B 455 40.89 12.88 -2.95
CA ARG B 455 41.09 11.69 -3.77
C ARG B 455 39.89 10.76 -3.58
N ILE B 456 39.29 10.33 -4.68
CA ILE B 456 38.02 9.61 -4.64
C ILE B 456 38.17 8.28 -5.36
N ILE B 457 37.63 7.22 -4.75
CA ILE B 457 37.52 5.91 -5.35
C ILE B 457 36.08 5.47 -5.26
N THR B 458 35.53 4.95 -6.36
CA THR B 458 34.10 4.71 -6.41
C THR B 458 33.78 3.50 -7.26
N GLN B 459 32.56 3.00 -7.09
CA GLN B 459 32.03 1.92 -7.90
C GLN B 459 30.88 2.45 -8.75
N MET B 460 30.76 1.91 -9.96
CA MET B 460 29.66 2.27 -10.84
C MET B 460 29.01 1.00 -11.36
N LEU B 461 27.97 1.16 -12.16
CA LEU B 461 27.20 0.01 -12.63
C LEU B 461 26.95 -0.01 -14.13
N GLN B 462 27.21 1.07 -14.85
CA GLN B 462 27.00 1.10 -16.29
C GLN B 462 28.15 1.87 -16.93
N TYR B 463 28.54 1.44 -18.12
CA TYR B 463 29.65 2.11 -18.80
C TYR B 463 29.26 3.54 -19.18
N HIS B 464 28.09 3.70 -19.80
CA HIS B 464 27.71 5.03 -20.28
C HIS B 464 27.57 6.01 -19.14
N ASN B 465 27.08 5.55 -17.99
CA ASN B 465 27.02 6.43 -16.83
C ASN B 465 28.42 6.84 -16.39
N LYS B 466 29.36 5.91 -16.38
CA LYS B 466 30.73 6.26 -16.04
C LYS B 466 31.30 7.28 -17.00
N ALA B 467 30.84 7.27 -18.25
CA ALA B 467 31.33 8.25 -19.20
C ALA B 467 31.09 9.68 -18.73
N HIS B 468 30.08 9.90 -17.88
CA HIS B 468 29.76 11.26 -17.44
C HIS B 468 30.85 11.84 -16.55
N LEU B 469 31.51 11.01 -15.75
CA LEU B 469 32.42 11.53 -14.74
C LEU B 469 33.56 12.33 -15.34
N LEU B 470 33.85 12.14 -16.62
CA LEU B 470 34.93 12.92 -17.23
C LEU B 470 34.55 14.38 -17.42
N ASN B 471 33.30 14.74 -17.21
CA ASN B 471 32.87 16.12 -17.39
C ASN B 471 32.91 16.94 -16.12
N ILE B 472 33.15 16.32 -14.97
CA ILE B 472 33.32 17.10 -13.75
C ILE B 472 34.58 17.96 -13.89
N PRO B 473 34.52 19.25 -13.60
CA PRO B 473 35.67 20.11 -13.91
C PRO B 473 36.96 19.73 -13.23
N SER B 474 36.89 19.22 -11.99
CA SER B 474 38.10 18.96 -11.22
C SER B 474 38.38 17.48 -11.05
N TRP B 475 37.84 16.63 -11.93
CA TRP B 475 38.06 15.20 -11.84
C TRP B 475 39.33 14.88 -12.62
N ASN B 476 40.41 14.64 -11.89
CA ASN B 476 41.74 14.46 -12.47
C ASN B 476 42.10 12.99 -12.39
N TRP B 477 41.98 12.28 -13.51
CA TRP B 477 42.26 10.85 -13.49
C TRP B 477 43.75 10.54 -13.64
N LYS B 478 44.58 11.54 -13.87
CA LYS B 478 46.02 11.30 -13.84
C LYS B 478 46.46 10.89 -12.44
N GLU B 479 45.92 11.54 -11.42
CA GLU B 479 46.16 11.15 -10.04
C GLU B 479 45.19 10.04 -9.67
N GLY B 480 45.14 9.71 -8.39
CA GLY B 480 44.40 8.55 -7.96
C GLY B 480 42.90 8.75 -7.90
N ASP B 481 42.31 9.32 -8.94
CA ASP B 481 40.86 9.41 -9.05
C ASP B 481 40.41 8.29 -9.97
N ASP B 482 39.81 7.25 -9.39
CA ASP B 482 39.53 6.03 -10.13
C ASP B 482 38.09 5.60 -9.95
N ALA B 483 37.49 5.16 -11.05
CA ALA B 483 36.14 4.61 -11.03
C ALA B 483 36.21 3.16 -11.47
N ILE B 484 35.56 2.28 -10.73
CA ILE B 484 35.59 0.85 -10.99
C ILE B 484 34.24 0.48 -11.60
N CYS B 485 34.23 0.27 -12.91
CA CYS B 485 33.00 -0.09 -13.62
C CYS B 485 32.83 -1.60 -13.55
N LEU B 486 31.84 -2.06 -12.78
CA LEU B 486 31.67 -3.48 -12.56
C LEU B 486 31.40 -4.21 -13.87
N ALA B 487 30.50 -3.67 -14.69
CA ALA B 487 30.09 -4.37 -15.90
C ALA B 487 31.27 -4.56 -16.85
N GLU B 488 32.05 -3.49 -17.05
CA GLU B 488 33.19 -3.58 -17.97
C GLU B 488 34.19 -4.61 -17.48
N LEU B 489 34.52 -4.58 -16.20
CA LEU B 489 35.50 -5.52 -15.67
C LEU B 489 35.01 -6.95 -15.80
N LYS B 490 33.74 -7.19 -15.47
CA LYS B 490 33.22 -8.55 -15.53
C LYS B 490 33.27 -9.09 -16.95
N LEU B 491 32.72 -8.32 -17.89
CA LEU B 491 32.71 -8.80 -19.28
C LEU B 491 34.13 -8.97 -19.80
N GLY B 492 35.05 -8.08 -19.40
CA GLY B 492 36.42 -8.24 -19.84
C GLY B 492 37.06 -9.50 -19.31
N PHE B 493 36.82 -9.81 -18.03
CA PHE B 493 37.35 -11.05 -17.47
C PHE B 493 36.86 -12.24 -18.28
N ILE B 494 35.56 -12.29 -18.56
CA ILE B 494 35.02 -13.42 -19.29
C ILE B 494 35.64 -13.50 -20.68
N ALA B 495 35.70 -12.37 -21.38
CA ALA B 495 36.21 -12.37 -22.74
C ALA B 495 37.64 -12.83 -22.80
N GLN B 496 38.47 -12.36 -21.87
CA GLN B 496 39.84 -12.84 -21.83
C GLN B 496 39.88 -14.32 -21.50
N SER B 497 38.93 -14.80 -20.69
CA SER B 497 38.88 -16.23 -20.43
C SER B 497 38.57 -17.02 -21.68
N CYS B 498 37.90 -16.40 -22.65
CA CYS B 498 37.60 -17.11 -23.90
C CYS B 498 38.89 -17.54 -24.61
N LEU B 499 39.91 -16.69 -24.59
CA LEU B 499 41.17 -17.06 -25.25
C LEU B 499 41.87 -18.18 -24.52
N ALA B 500 41.98 -18.07 -23.20
CA ALA B 500 42.59 -19.11 -22.38
C ALA B 500 41.71 -19.33 -21.16
N GLN B 501 41.31 -20.57 -20.93
CA GLN B 501 40.37 -20.85 -19.86
C GLN B 501 41.06 -20.75 -18.51
N GLY B 502 40.27 -20.47 -17.47
CA GLY B 502 40.78 -20.35 -16.13
C GLY B 502 41.36 -19.01 -15.78
N LEU B 503 41.56 -18.14 -16.77
CA LEU B 503 42.16 -16.84 -16.49
C LEU B 503 41.31 -16.04 -15.54
N SER B 504 39.98 -16.17 -15.64
CA SER B 504 39.11 -15.43 -14.75
C SER B 504 39.38 -15.79 -13.30
N THR B 505 39.42 -17.08 -12.99
CA THR B 505 39.72 -17.49 -11.62
C THR B 505 41.10 -17.04 -11.20
N MET B 506 42.10 -17.26 -12.06
CA MET B 506 43.46 -16.93 -11.67
C MET B 506 43.59 -15.44 -11.35
N LEU B 507 42.99 -14.59 -12.16
CA LEU B 507 43.04 -13.16 -11.85
C LEU B 507 42.26 -12.84 -10.59
N ALA B 508 41.05 -13.38 -10.45
CA ALA B 508 40.24 -13.03 -9.30
C ALA B 508 40.88 -13.45 -7.99
N ASN B 509 41.77 -14.43 -8.01
CA ASN B 509 42.38 -14.83 -6.76
C ASN B 509 43.57 -13.97 -6.37
N LEU B 510 44.00 -13.05 -7.23
CA LEU B 510 45.13 -12.20 -6.91
C LEU B 510 44.72 -10.94 -6.15
N PHE B 511 43.44 -10.76 -5.87
CA PHE B 511 42.97 -9.55 -5.21
C PHE B 511 42.20 -9.85 -3.93
N SER B 512 42.39 -11.03 -3.37
CA SER B 512 41.79 -11.39 -2.09
C SER B 512 42.93 -11.83 -1.17
N MET B 513 43.32 -10.95 -0.27
CA MET B 513 44.46 -11.24 0.59
C MET B 513 44.14 -12.40 1.49
N ARG B 514 44.91 -13.47 1.35
CA ARG B 514 44.69 -14.72 2.07
C ARG B 514 46.00 -15.21 2.65
N SER B 515 45.91 -15.86 3.80
CA SER B 515 47.07 -16.47 4.43
C SER B 515 47.23 -17.90 3.95
N PHE B 516 48.45 -18.41 4.07
CA PHE B 516 48.74 -19.77 3.63
C PHE B 516 48.06 -20.77 4.53
N ILE B 517 47.40 -21.76 3.91
CA ILE B 517 46.72 -22.83 4.63
C ILE B 517 47.33 -24.15 4.16
N LYS B 518 47.65 -25.03 5.10
CA LYS B 518 48.25 -26.32 4.79
C LYS B 518 47.25 -27.44 5.05
N ILE B 519 47.15 -28.37 4.09
CA ILE B 519 46.31 -29.55 4.21
C ILE B 519 47.17 -30.76 3.88
N GLU B 520 47.09 -31.80 4.72
CA GLU B 520 48.05 -32.90 4.66
C GLU B 520 47.64 -34.01 3.69
N GLU B 521 46.38 -34.41 3.68
CA GLU B 521 45.98 -35.52 2.83
C GLU B 521 46.07 -35.14 1.35
N ASP B 522 46.47 -36.09 0.53
CA ASP B 522 46.73 -35.82 -0.88
C ASP B 522 45.41 -35.64 -1.62
N THR B 523 45.11 -34.41 -1.99
CA THR B 523 43.97 -34.10 -2.83
C THR B 523 44.20 -32.74 -3.48
N TRP B 524 43.44 -32.46 -4.53
CA TRP B 524 43.72 -31.27 -5.32
C TRP B 524 43.59 -29.99 -4.50
N GLN B 525 42.82 -30.01 -3.42
CA GLN B 525 42.75 -28.84 -2.56
C GLN B 525 44.13 -28.46 -2.04
N LYS B 526 44.95 -29.45 -1.71
CA LYS B 526 46.26 -29.16 -1.15
C LYS B 526 47.11 -28.35 -2.10
N TYR B 527 47.08 -28.69 -3.39
CA TYR B 527 47.86 -27.93 -4.34
C TYR B 527 47.22 -26.60 -4.68
N TYR B 528 45.90 -26.56 -4.75
CA TYR B 528 45.21 -25.33 -5.12
C TYR B 528 45.41 -24.25 -4.07
N LEU B 529 45.34 -24.62 -2.79
CA LEU B 529 45.49 -23.62 -1.74
C LEU B 529 46.89 -23.05 -1.70
N GLU B 530 47.90 -23.83 -2.08
CA GLU B 530 49.24 -23.28 -2.12
C GLU B 530 49.41 -22.23 -3.21
N GLY B 531 48.46 -22.10 -4.12
CA GLY B 531 48.52 -21.05 -5.11
C GLY B 531 47.60 -19.91 -4.74
N VAL B 532 46.54 -20.23 -3.99
CA VAL B 532 45.58 -19.19 -3.63
C VAL B 532 46.23 -18.09 -2.81
N SER B 533 47.20 -18.46 -1.97
CA SER B 533 47.67 -17.53 -0.95
C SER B 533 48.37 -16.30 -1.50
N ASN B 534 48.68 -16.27 -2.79
CA ASN B 534 49.46 -15.17 -3.34
C ASN B 534 48.61 -13.90 -3.50
N GLU B 535 49.31 -12.77 -3.60
CA GLU B 535 48.72 -11.46 -3.84
C GLU B 535 49.65 -10.70 -4.77
N MET B 536 49.29 -9.46 -5.10
CA MET B 536 50.11 -8.63 -5.97
C MET B 536 50.53 -7.36 -5.26
N TYR B 537 51.79 -6.96 -5.46
CA TYR B 537 52.37 -5.82 -4.77
C TYR B 537 53.17 -4.98 -5.73
N THR B 538 53.35 -3.71 -5.38
CA THR B 538 54.12 -2.76 -6.17
C THR B 538 55.31 -2.27 -5.36
N GLU B 539 56.40 -1.96 -6.05
CA GLU B 539 57.62 -1.54 -5.36
C GLU B 539 58.57 -0.88 -6.35
N TYR B 540 59.31 0.11 -5.87
CA TYR B 540 60.36 0.71 -6.67
C TYR B 540 61.57 -0.21 -6.76
N LEU B 541 62.20 -0.20 -7.92
CA LEU B 541 63.37 -1.04 -8.11
C LEU B 541 64.59 -0.44 -7.42
N SER B 542 65.56 -1.30 -7.12
CA SER B 542 66.82 -0.81 -6.59
C SER B 542 67.64 -0.15 -7.69
N SER B 543 68.72 0.51 -7.27
CA SER B 543 69.55 1.23 -8.22
C SER B 543 70.48 0.32 -9.02
N ALA B 544 70.67 -0.92 -8.59
CA ALA B 544 71.58 -1.81 -9.29
C ALA B 544 71.05 -2.29 -10.63
N PHE B 545 69.78 -2.02 -10.93
CA PHE B 545 69.15 -2.55 -12.14
C PHE B 545 68.96 -1.51 -13.23
N VAL B 546 69.43 -0.29 -13.03
CA VAL B 546 69.09 0.79 -13.96
C VAL B 546 69.61 0.48 -15.36
N GLY B 547 70.87 0.08 -15.47
CA GLY B 547 71.44 -0.20 -16.77
C GLY B 547 71.36 -1.66 -17.16
N LEU B 548 70.17 -2.24 -17.12
CA LEU B 548 70.01 -3.66 -17.38
C LEU B 548 68.79 -3.90 -18.26
N SER B 549 68.78 -5.04 -18.93
CA SER B 549 67.69 -5.43 -19.81
C SER B 549 66.58 -6.11 -19.02
N PHE B 550 65.35 -5.89 -19.47
CA PHE B 550 64.19 -6.42 -18.76
C PHE B 550 64.21 -7.93 -18.60
N PRO B 551 64.43 -8.73 -19.66
CA PRO B 551 64.47 -10.18 -19.44
C PRO B 551 65.54 -10.60 -18.46
N THR B 552 66.73 -10.01 -18.55
CA THR B 552 67.81 -10.38 -17.65
C THR B 552 67.45 -10.06 -16.21
N VAL B 553 66.90 -8.87 -15.98
CA VAL B 553 66.60 -8.48 -14.60
C VAL B 553 65.45 -9.32 -14.05
N CYS B 554 64.47 -9.65 -14.90
CA CYS B 554 63.37 -10.50 -14.42
C CYS B 554 63.88 -11.89 -14.06
N GLU B 555 64.72 -12.47 -14.91
CA GLU B 555 65.29 -13.78 -14.61
C GLU B 555 66.08 -13.74 -13.31
N LEU B 556 66.90 -12.71 -13.14
CA LEU B 556 67.70 -12.60 -11.93
C LEU B 556 66.81 -12.47 -10.70
N CYS B 557 65.79 -11.60 -10.79
CA CYS B 557 64.87 -11.45 -9.67
C CYS B 557 64.28 -12.78 -9.28
N PHE B 558 63.75 -13.52 -10.25
CA PHE B 558 63.20 -14.83 -9.95
C PHE B 558 64.22 -15.70 -9.25
N VAL B 559 65.32 -16.02 -9.95
CA VAL B 559 66.23 -17.05 -9.48
C VAL B 559 66.87 -16.69 -8.15
N LYS B 560 66.98 -15.40 -7.84
CA LYS B 560 67.64 -14.99 -6.61
C LYS B 560 66.65 -14.75 -5.47
N LEU B 561 65.70 -13.83 -5.66
CA LEU B 561 64.85 -13.39 -4.58
C LEU B 561 63.52 -14.12 -4.53
N LYS B 562 63.32 -15.14 -5.38
CA LYS B 562 62.07 -15.89 -5.39
C LYS B 562 60.87 -14.99 -5.57
N LEU B 563 60.99 -14.02 -6.47
CA LEU B 563 59.90 -13.12 -6.81
C LEU B 563 59.65 -13.15 -8.30
N LEU B 564 58.40 -12.95 -8.67
CA LEU B 564 58.00 -12.93 -10.08
C LEU B 564 57.60 -11.51 -10.43
N MET B 565 58.39 -10.88 -11.30
CA MET B 565 58.17 -9.49 -11.70
C MET B 565 57.53 -9.49 -13.07
N ILE B 566 56.30 -8.97 -13.14
CA ILE B 566 55.42 -9.20 -14.28
C ILE B 566 55.44 -8.03 -15.25
N ALA B 567 55.45 -6.79 -14.77
CA ALA B 567 55.31 -5.67 -15.66
C ALA B 567 55.99 -4.43 -15.11
N ILE B 568 56.48 -3.61 -16.02
CA ILE B 568 57.13 -2.34 -15.70
C ILE B 568 56.19 -1.23 -16.12
N GLU B 569 56.37 -0.05 -15.52
CA GLU B 569 55.36 0.98 -15.60
C GLU B 569 55.74 2.22 -16.40
N TYR B 570 57.01 2.40 -16.75
CA TYR B 570 57.40 3.63 -17.41
C TYR B 570 58.65 3.43 -18.25
N LYS B 571 58.60 3.86 -19.51
CA LYS B 571 59.81 4.06 -20.28
C LYS B 571 59.84 5.39 -21.02
N SER B 572 58.73 6.12 -21.10
CA SER B 572 58.65 7.27 -21.99
C SER B 572 59.61 8.36 -21.56
N ALA B 573 60.28 8.96 -22.54
CA ALA B 573 61.07 10.16 -22.32
C ALA B 573 60.18 11.39 -22.44
N ASN B 574 59.04 11.33 -21.75
CA ASN B 574 58.01 12.35 -21.79
C ASN B 574 56.99 12.01 -20.72
N ARG B 575 56.06 12.94 -20.50
CA ARG B 575 55.15 12.83 -19.37
C ARG B 575 54.10 11.74 -19.54
N GLU B 576 54.00 11.13 -20.72
CA GLU B 576 53.02 10.06 -20.90
C GLU B 576 53.50 8.81 -20.19
N SER B 577 53.20 8.69 -18.91
CA SER B 577 53.55 7.49 -18.14
C SER B 577 52.67 6.35 -18.63
N ARG B 578 53.26 5.44 -19.39
CA ARG B 578 52.52 4.35 -20.02
C ARG B 578 53.00 3.02 -19.46
N ILE B 579 52.06 2.16 -19.11
CA ILE B 579 52.37 0.86 -18.54
C ILE B 579 52.80 -0.10 -19.65
N LEU B 580 53.76 -0.97 -19.34
CA LEU B 580 54.21 -2.00 -20.27
C LEU B 580 54.11 -3.36 -19.59
N ILE B 581 53.61 -4.34 -20.32
CA ILE B 581 53.47 -5.70 -19.83
C ILE B 581 54.50 -6.54 -20.58
N ASN B 582 55.51 -7.03 -19.87
CA ASN B 582 56.52 -7.91 -20.43
C ASN B 582 57.12 -7.29 -21.69
N PRO B 583 57.93 -6.25 -21.57
CA PRO B 583 58.51 -5.62 -22.76
C PRO B 583 59.53 -6.53 -23.41
N GLY B 584 59.94 -6.14 -24.62
CA GLY B 584 60.86 -6.95 -25.40
C GLY B 584 62.27 -6.97 -24.85
N ASN B 585 63.23 -7.27 -25.71
CA ASN B 585 64.62 -7.36 -25.29
C ASN B 585 65.41 -6.07 -25.49
N HIS B 586 64.96 -5.20 -26.39
CA HIS B 586 65.69 -3.98 -26.66
C HIS B 586 65.58 -2.97 -25.53
N LEU B 587 64.52 -3.04 -24.73
CA LEU B 587 64.28 -2.02 -23.72
C LEU B 587 65.29 -2.10 -22.58
N LYS B 588 65.70 -0.94 -22.09
CA LYS B 588 66.55 -0.82 -20.92
C LYS B 588 65.81 -0.03 -19.85
N ILE B 589 66.17 -0.28 -18.60
CA ILE B 589 65.46 0.31 -17.47
C ILE B 589 65.89 1.75 -17.29
N GLN B 590 64.94 2.59 -16.89
CA GLN B 590 65.22 3.96 -16.50
C GLN B 590 65.36 4.06 -15.00
N GLU B 591 65.90 5.19 -14.55
CA GLU B 591 66.07 5.42 -13.12
C GLU B 591 64.73 5.67 -12.46
N GLY B 592 64.57 5.15 -11.24
CA GLY B 592 63.37 5.38 -10.45
C GLY B 592 62.12 4.83 -11.10
N THR B 593 62.18 3.59 -11.56
CA THR B 593 61.06 2.97 -12.24
C THR B 593 60.36 1.98 -11.32
N LEU B 594 59.06 2.15 -11.15
CA LEU B 594 58.27 1.27 -10.31
C LEU B 594 58.07 -0.07 -11.01
N GLY B 595 57.85 -1.11 -10.21
CA GLY B 595 57.66 -2.44 -10.75
C GLY B 595 56.56 -3.16 -10.01
N PHE B 596 55.86 -4.03 -10.74
CA PHE B 596 54.79 -4.85 -10.20
C PHE B 596 55.30 -6.25 -9.92
N PHE B 597 54.85 -6.85 -8.83
CA PHE B 597 55.40 -8.11 -8.38
C PHE B 597 54.29 -8.99 -7.84
N ILE B 598 54.56 -10.29 -7.83
CA ILE B 598 53.68 -11.29 -7.26
C ILE B 598 54.44 -12.01 -6.16
N ALA B 599 53.83 -12.14 -5.00
CA ALA B 599 54.46 -12.83 -3.88
C ALA B 599 53.37 -13.27 -2.91
N SER B 600 53.78 -13.76 -1.76
CA SER B 600 52.85 -14.26 -0.76
C SER B 600 52.59 -13.28 0.37
N ASP B 601 53.48 -12.31 0.58
CA ASP B 601 53.36 -11.41 1.71
C ASP B 601 54.05 -10.10 1.39
N ALA B 602 53.54 -8.99 1.91
CA ALA B 602 54.11 -7.66 1.59
C ALA B 602 55.58 -7.58 1.99
N LYS B 603 55.97 -8.29 3.05
CA LYS B 603 57.37 -8.18 3.54
C LYS B 603 58.36 -8.68 2.48
N GLU B 604 58.01 -9.74 1.77
CA GLU B 604 58.97 -10.35 0.80
C GLU B 604 59.32 -9.35 -0.32
N VAL B 605 58.36 -8.60 -0.84
CA VAL B 605 58.63 -7.70 -2.00
C VAL B 605 59.63 -6.61 -1.59
N LYS B 606 59.64 -6.22 -0.31
CA LYS B 606 60.52 -5.12 0.16
C LYS B 606 61.98 -5.50 -0.08
N ARG B 607 62.31 -6.80 -0.06
CA ARG B 607 63.73 -7.22 -0.18
C ARG B 607 64.32 -6.69 -1.49
N ALA B 608 63.56 -6.69 -2.57
CA ALA B 608 64.15 -6.29 -3.87
C ALA B 608 64.69 -4.86 -3.82
N PHE B 609 63.89 -3.93 -3.28
CA PHE B 609 64.36 -2.52 -3.16
C PHE B 609 65.50 -2.43 -2.16
N PHE B 610 65.38 -3.13 -1.02
CA PHE B 610 66.39 -3.02 0.05
C PHE B 610 67.77 -3.52 -0.39
N TYR B 611 67.82 -4.62 -1.14
CA TYR B 611 69.16 -5.20 -1.46
C TYR B 611 69.56 -4.93 -2.91
N CYS B 612 70.68 -4.21 -3.10
CA CYS B 612 71.21 -4.02 -4.47
C CYS B 612 72.29 -5.10 -4.67
N LYS B 613 73.03 -5.42 -3.61
CA LYS B 613 74.07 -6.47 -3.68
C LYS B 613 73.99 -7.32 -2.41
N ALA B 614 74.25 -8.62 -2.51
CA ALA B 614 74.20 -9.53 -1.34
C ALA B 614 74.99 -10.81 -1.65
N LYS B 742 41.03 1.04 -45.56
CA LYS B 742 40.62 1.55 -44.26
C LYS B 742 40.31 0.41 -43.30
N LYS B 743 41.33 -0.02 -42.54
CA LYS B 743 41.22 -1.20 -41.70
C LYS B 743 40.96 -0.86 -40.24
N TYR B 744 41.86 -0.11 -39.62
CA TYR B 744 41.84 0.04 -38.18
C TYR B 744 41.18 1.34 -37.77
N ASP B 745 41.16 1.59 -36.46
CA ASP B 745 40.68 2.84 -35.92
C ASP B 745 41.74 3.93 -36.10
N SER B 746 41.32 5.18 -35.91
CA SER B 746 42.25 6.29 -36.06
C SER B 746 43.44 6.15 -35.12
N THR B 747 43.22 5.59 -33.93
CA THR B 747 44.28 5.38 -32.97
C THR B 747 45.01 4.06 -33.16
N GLY B 748 44.55 3.21 -34.07
CA GLY B 748 45.22 1.96 -34.35
C GLY B 748 45.20 0.95 -33.23
N MET B 749 44.08 0.84 -32.52
CA MET B 749 43.94 -0.16 -31.46
C MET B 749 43.14 -1.38 -31.87
N PHE B 750 42.10 -1.21 -32.69
CA PHE B 750 41.22 -2.32 -32.99
C PHE B 750 40.91 -2.37 -34.47
N HIS B 751 40.58 -3.56 -34.96
CA HIS B 751 40.11 -3.70 -36.32
C HIS B 751 38.79 -2.97 -36.48
N TRP B 752 38.60 -2.38 -37.65
CA TRP B 752 37.42 -1.55 -37.89
C TRP B 752 36.86 -1.89 -39.26
N CYS B 753 35.58 -1.59 -39.46
CA CYS B 753 34.92 -1.84 -40.72
C CYS B 753 33.82 -0.81 -40.92
N ALA B 754 33.33 -0.73 -42.16
CA ALA B 754 32.24 0.18 -42.47
C ALA B 754 30.96 -0.29 -41.77
N PRO B 755 30.12 0.64 -41.35
CA PRO B 755 28.88 0.25 -40.65
C PRO B 755 28.01 -0.62 -41.55
N LYS B 756 27.70 -1.81 -41.08
CA LYS B 756 26.88 -2.75 -41.81
C LYS B 756 25.42 -2.54 -41.42
N GLU B 757 24.53 -3.39 -41.94
CA GLU B 757 23.11 -3.29 -41.67
C GLU B 757 22.63 -4.55 -40.99
N ILE B 758 21.66 -4.38 -40.07
CA ILE B 758 21.24 -5.50 -39.24
C ILE B 758 20.68 -6.63 -40.09
N GLU B 759 19.93 -6.30 -41.14
CA GLU B 759 19.40 -7.35 -41.99
C GLU B 759 20.50 -8.07 -42.76
N LYS B 760 21.65 -7.42 -42.95
CA LYS B 760 22.73 -8.05 -43.70
C LYS B 760 23.42 -9.14 -42.92
N VAL B 761 23.22 -9.21 -41.61
CA VAL B 761 23.89 -10.19 -40.77
C VAL B 761 22.92 -11.17 -40.12
N ILE B 762 21.61 -10.92 -40.20
CA ILE B 762 20.68 -11.89 -39.63
C ILE B 762 20.80 -13.20 -40.39
N LEU B 763 20.43 -14.29 -39.71
CA LEU B 763 20.55 -15.62 -40.28
C LEU B 763 19.28 -16.41 -40.02
N THR B 764 19.07 -17.43 -40.83
CA THR B 764 18.02 -18.40 -40.62
C THR B 764 18.63 -19.77 -40.30
N ARG B 765 17.79 -20.64 -39.75
CA ARG B 765 18.29 -21.92 -39.27
C ARG B 765 18.94 -22.72 -40.39
N SER B 766 18.29 -22.78 -41.54
CA SER B 766 18.87 -23.51 -42.67
C SER B 766 20.15 -22.86 -43.14
N GLU B 767 20.19 -21.53 -43.13
CA GLU B 767 21.35 -20.81 -43.67
C GLU B 767 22.62 -21.19 -42.94
N ALA B 768 22.56 -21.25 -41.61
CA ALA B 768 23.74 -21.57 -40.83
C ALA B 768 24.26 -22.97 -41.12
N ALA B 769 23.40 -23.87 -41.60
CA ALA B 769 23.85 -25.23 -41.90
C ALA B 769 24.89 -25.23 -43.00
N MET B 770 24.68 -24.44 -44.06
CA MET B 770 25.63 -24.44 -45.16
C MET B 770 26.97 -23.86 -44.73
N THR B 771 26.96 -22.72 -44.05
CA THR B 771 28.20 -22.15 -43.55
C THR B 771 28.78 -23.07 -42.47
N VAL B 772 30.10 -23.13 -42.43
CA VAL B 772 30.81 -24.00 -41.50
C VAL B 772 31.58 -23.11 -40.54
N LEU B 773 31.37 -23.32 -39.24
CA LEU B 773 32.05 -22.57 -38.20
C LEU B 773 32.96 -23.51 -37.43
N SER B 774 34.18 -23.07 -37.17
CA SER B 774 35.13 -23.85 -36.40
C SER B 774 35.95 -22.93 -35.53
N GLY B 775 36.17 -23.34 -34.28
CA GLY B 775 36.94 -22.53 -33.37
C GLY B 775 36.34 -21.15 -33.17
N HIS B 776 35.02 -21.07 -33.12
CA HIS B 776 34.33 -19.80 -32.95
C HIS B 776 33.89 -19.66 -31.51
N VAL B 777 33.13 -18.60 -31.23
CA VAL B 777 32.59 -18.34 -29.91
C VAL B 777 31.11 -18.08 -30.06
N VAL B 778 30.31 -18.75 -29.24
CA VAL B 778 28.86 -18.64 -29.29
C VAL B 778 28.37 -18.09 -27.96
N VAL B 779 27.40 -17.18 -28.02
CA VAL B 779 26.89 -16.52 -26.84
C VAL B 779 25.37 -16.68 -26.81
N CYS B 780 24.84 -17.10 -25.66
CA CYS B 780 23.41 -17.27 -25.49
C CYS B 780 22.89 -16.20 -24.55
N ILE B 781 21.83 -15.51 -24.97
CA ILE B 781 21.30 -14.38 -24.23
C ILE B 781 19.83 -14.64 -23.89
N PHE B 782 19.49 -14.48 -22.62
CA PHE B 782 18.11 -14.47 -22.18
C PHE B 782 17.67 -13.04 -21.92
N GLY B 783 16.60 -12.62 -22.56
CA GLY B 783 16.12 -11.27 -22.36
C GLY B 783 15.05 -10.92 -23.36
N ASP B 784 14.48 -9.74 -23.17
CA ASP B 784 13.39 -9.26 -24.01
C ASP B 784 13.47 -7.75 -24.06
N VAL B 785 12.38 -7.12 -24.50
CA VAL B 785 12.37 -5.66 -24.63
C VAL B 785 12.51 -4.99 -23.28
N SER B 786 11.80 -5.50 -22.28
CA SER B 786 11.81 -4.87 -20.96
C SER B 786 13.14 -5.04 -20.24
N SER B 787 13.97 -5.97 -20.67
CA SER B 787 15.20 -6.26 -19.96
C SER B 787 16.15 -5.07 -20.01
N ALA B 788 16.85 -4.83 -18.91
CA ALA B 788 17.85 -3.78 -18.89
C ALA B 788 19.03 -4.17 -19.78
N LEU B 789 19.80 -3.16 -20.17
CA LEU B 789 20.92 -3.39 -21.07
C LEU B 789 22.04 -4.15 -20.37
N ILE B 790 22.96 -4.68 -21.18
CA ILE B 790 24.13 -5.38 -20.69
C ILE B 790 25.41 -4.67 -21.09
N GLY B 791 25.50 -4.20 -22.33
CA GLY B 791 26.70 -3.54 -22.78
C GLY B 791 27.64 -4.51 -23.46
N LEU B 792 27.14 -5.24 -24.45
CA LEU B 792 27.94 -6.26 -25.09
C LEU B 792 29.19 -5.71 -25.76
N ARG B 793 29.22 -4.40 -26.05
CA ARG B 793 30.41 -3.84 -26.68
C ARG B 793 31.65 -4.00 -25.82
N ASN B 794 31.48 -4.15 -24.51
CA ASN B 794 32.63 -4.43 -23.66
C ASN B 794 33.07 -5.87 -23.76
N LEU B 795 32.23 -6.75 -24.30
CA LEU B 795 32.59 -8.15 -24.45
C LEU B 795 33.34 -8.41 -25.74
N VAL B 796 32.87 -7.85 -26.85
CA VAL B 796 33.50 -8.13 -28.13
C VAL B 796 34.79 -7.34 -28.31
N MET B 797 34.88 -6.14 -27.72
CA MET B 797 36.05 -5.29 -27.95
C MET B 797 37.37 -5.98 -27.64
N PRO B 798 37.57 -6.63 -26.50
CA PRO B 798 38.87 -7.26 -26.25
C PRO B 798 39.20 -8.32 -27.26
N LEU B 799 38.21 -8.89 -27.93
CA LEU B 799 38.44 -9.87 -28.99
C LEU B 799 38.71 -9.23 -30.33
N ARG B 800 39.10 -7.95 -30.35
CA ARG B 800 39.37 -7.28 -31.60
C ARG B 800 40.62 -6.40 -31.53
N ALA B 801 41.53 -6.69 -30.61
CA ALA B 801 42.72 -5.85 -30.47
C ALA B 801 43.59 -5.95 -31.72
N SER B 802 44.36 -4.88 -31.96
CA SER B 802 45.17 -4.83 -33.17
C SER B 802 46.26 -5.89 -33.20
N ASN B 803 46.65 -6.43 -32.06
CA ASN B 803 47.71 -7.42 -32.03
C ASN B 803 47.25 -8.79 -32.46
N PHE B 804 46.09 -8.89 -33.09
CA PHE B 804 45.59 -10.14 -33.65
C PHE B 804 45.61 -10.06 -35.16
N HIS B 805 46.24 -11.05 -35.80
CA HIS B 805 46.19 -11.13 -37.25
C HIS B 805 44.76 -11.39 -37.70
N TYR B 806 44.43 -10.86 -38.88
CA TYR B 806 43.05 -10.92 -39.35
C TYR B 806 42.56 -12.36 -39.44
N HIS B 807 43.40 -13.25 -39.98
CA HIS B 807 42.97 -14.62 -40.17
C HIS B 807 42.86 -15.40 -38.87
N GLU B 808 43.35 -14.85 -37.76
CA GLU B 808 43.28 -15.54 -36.48
C GLU B 808 42.07 -15.15 -35.64
N LEU B 809 41.25 -14.22 -36.12
CA LEU B 809 40.12 -13.77 -35.33
C LEU B 809 39.11 -14.90 -35.12
N LYS B 810 38.44 -14.86 -33.98
CA LYS B 810 37.43 -15.85 -33.65
C LYS B 810 36.06 -15.31 -34.03
N HIS B 811 35.35 -16.06 -34.87
CA HIS B 811 34.01 -15.66 -35.26
C HIS B 811 33.08 -15.67 -34.07
N ILE B 812 32.15 -14.72 -34.02
CA ILE B 812 31.21 -14.58 -32.91
C ILE B 812 29.81 -14.75 -33.46
N VAL B 813 29.00 -15.56 -32.78
CA VAL B 813 27.62 -15.81 -33.16
C VAL B 813 26.74 -15.64 -31.94
N PHE B 814 25.75 -14.77 -32.03
CA PHE B 814 24.79 -14.57 -30.96
C PHE B 814 23.57 -15.44 -31.17
N VAL B 815 23.02 -15.96 -30.08
CA VAL B 815 21.77 -16.69 -30.10
C VAL B 815 20.87 -16.09 -29.04
N GLY B 816 19.69 -15.63 -29.45
CA GLY B 816 18.78 -15.04 -28.50
C GLY B 816 17.61 -14.39 -29.21
N SER B 817 16.80 -13.68 -28.42
CA SER B 817 15.65 -12.99 -28.97
C SER B 817 16.09 -11.84 -29.85
N ILE B 818 15.43 -11.70 -30.99
CA ILE B 818 15.78 -10.63 -31.92
C ILE B 818 15.40 -9.27 -31.34
N GLU B 819 14.34 -9.23 -30.52
CA GLU B 819 13.89 -7.95 -29.99
C GLU B 819 14.95 -7.31 -29.11
N TYR B 820 15.59 -8.10 -28.26
CA TYR B 820 16.58 -7.54 -27.36
C TYR B 820 17.79 -7.02 -28.13
N LEU B 821 18.34 -7.85 -29.02
CA LEU B 821 19.57 -7.48 -29.70
C LEU B 821 19.41 -6.23 -30.54
N LYS B 822 18.20 -5.96 -31.02
CA LYS B 822 17.99 -4.79 -31.86
C LYS B 822 18.30 -3.52 -31.10
N ARG B 823 17.91 -3.45 -29.83
CA ARG B 823 18.15 -2.26 -29.03
C ARG B 823 19.63 -1.97 -28.84
N GLU B 824 20.49 -2.95 -29.10
CA GLU B 824 21.90 -2.81 -28.78
C GLU B 824 22.81 -2.86 -29.99
N TRP B 825 22.28 -3.11 -31.19
CA TRP B 825 23.16 -3.31 -32.32
C TRP B 825 23.77 -2.01 -32.83
N GLU B 826 23.38 -0.87 -32.26
CA GLU B 826 23.95 0.40 -32.68
C GLU B 826 25.44 0.48 -32.38
N THR B 827 25.87 -0.10 -31.26
CA THR B 827 27.24 0.02 -30.81
C THR B 827 28.13 -1.10 -31.34
N LEU B 828 27.62 -1.94 -32.23
CA LEU B 828 28.35 -3.09 -32.70
C LEU B 828 28.65 -3.09 -34.19
N HIS B 829 27.91 -2.34 -34.99
CA HIS B 829 27.98 -2.52 -36.43
C HIS B 829 29.35 -2.21 -37.02
N ASN B 830 30.22 -1.53 -36.28
CA ASN B 830 31.54 -1.25 -36.82
C ASN B 830 32.44 -2.47 -36.86
N PHE B 831 32.22 -3.45 -35.99
CA PHE B 831 33.15 -4.56 -35.88
C PHE B 831 32.91 -5.60 -36.97
N PRO B 832 33.93 -6.36 -37.33
CA PRO B 832 33.79 -7.39 -38.35
C PRO B 832 33.48 -8.76 -37.77
N LYS B 833 32.94 -9.62 -38.63
CA LYS B 833 32.70 -11.03 -38.33
C LYS B 833 31.79 -11.20 -37.11
N VAL B 834 30.57 -10.71 -37.25
CA VAL B 834 29.55 -10.87 -36.23
C VAL B 834 28.27 -11.36 -36.92
N SER B 835 27.65 -12.37 -36.34
CA SER B 835 26.44 -12.94 -36.90
C SER B 835 25.42 -13.16 -35.80
N ILE B 836 24.14 -13.13 -36.17
CA ILE B 836 23.05 -13.26 -35.23
C ILE B 836 22.10 -14.34 -35.73
N LEU B 837 21.70 -15.24 -34.83
CA LEU B 837 20.71 -16.27 -35.14
C LEU B 837 19.56 -16.15 -34.15
N PRO B 838 18.42 -15.62 -34.57
CA PRO B 838 17.28 -15.54 -33.66
C PRO B 838 16.79 -16.92 -33.27
N GLY B 839 16.25 -17.01 -32.07
CA GLY B 839 15.75 -18.28 -31.57
C GLY B 839 15.69 -18.34 -30.07
N THR B 840 16.17 -19.44 -29.50
CA THR B 840 16.15 -19.63 -28.06
C THR B 840 17.25 -20.60 -27.65
N PRO B 841 18.07 -20.25 -26.66
CA PRO B 841 19.18 -21.12 -26.29
C PRO B 841 18.75 -22.49 -25.79
N LEU B 842 17.51 -22.66 -25.35
CA LEU B 842 17.06 -23.96 -24.88
C LEU B 842 16.76 -24.93 -26.02
N SER B 843 16.67 -24.45 -27.26
CA SER B 843 16.30 -25.31 -28.37
C SER B 843 17.46 -26.19 -28.77
N ARG B 844 17.29 -27.50 -28.65
CA ARG B 844 18.31 -28.42 -29.15
C ARG B 844 18.49 -28.29 -30.65
N ALA B 845 17.46 -27.84 -31.36
CA ALA B 845 17.57 -27.70 -32.81
C ALA B 845 18.58 -26.62 -33.19
N ASP B 846 18.51 -25.47 -32.51
CA ASP B 846 19.35 -24.34 -32.89
C ASP B 846 20.82 -24.65 -32.72
N LEU B 847 21.18 -25.26 -31.58
CA LEU B 847 22.58 -25.47 -31.28
C LEU B 847 23.24 -26.38 -32.30
N ARG B 848 22.52 -27.40 -32.77
CA ARG B 848 23.07 -28.25 -33.79
C ARG B 848 23.33 -27.49 -35.08
N ALA B 849 22.63 -26.39 -35.30
CA ALA B 849 22.83 -25.60 -36.50
C ALA B 849 24.09 -24.75 -36.43
N VAL B 850 24.66 -24.55 -35.26
CA VAL B 850 25.85 -23.73 -35.12
C VAL B 850 27.06 -24.56 -34.71
N ASN B 851 26.96 -25.88 -34.80
CA ASN B 851 28.08 -26.78 -34.55
C ASN B 851 28.69 -26.52 -33.18
N ILE B 852 27.83 -26.58 -32.17
CA ILE B 852 28.24 -26.25 -30.81
C ILE B 852 29.39 -27.13 -30.36
N ASN B 853 29.49 -28.34 -30.88
CA ASN B 853 30.56 -29.24 -30.47
C ASN B 853 31.93 -28.80 -30.95
N LEU B 854 32.00 -27.82 -31.85
CA LEU B 854 33.28 -27.35 -32.36
C LEU B 854 33.69 -25.99 -31.80
N CYS B 855 32.85 -25.37 -30.99
CA CYS B 855 33.17 -24.04 -30.48
C CYS B 855 34.32 -24.11 -29.48
N ASP B 856 34.93 -22.95 -29.26
CA ASP B 856 35.98 -22.81 -28.25
C ASP B 856 35.46 -22.28 -26.93
N MET B 857 34.18 -21.90 -26.86
CA MET B 857 33.62 -21.33 -25.66
C MET B 857 32.12 -21.20 -25.89
N CYS B 858 31.34 -21.31 -24.82
CA CYS B 858 29.90 -21.12 -24.87
C CYS B 858 29.50 -20.25 -23.68
N VAL B 859 29.56 -18.95 -23.86
CA VAL B 859 29.27 -18.02 -22.78
C VAL B 859 27.76 -17.92 -22.60
N ILE B 860 27.31 -17.96 -21.35
CA ILE B 860 25.91 -17.85 -21.01
C ILE B 860 25.72 -16.67 -20.07
N LEU B 861 24.83 -15.76 -20.44
CA LEU B 861 24.55 -14.58 -19.64
C LEU B 861 23.06 -14.47 -19.40
N SER B 862 22.69 -13.77 -18.34
CA SER B 862 21.30 -13.52 -18.00
C SER B 862 21.10 -12.02 -17.85
N ALA B 863 20.29 -11.44 -18.72
CA ALA B 863 20.09 -10.00 -18.66
C ALA B 863 19.12 -9.58 -17.56
N ASN B 864 18.15 -10.43 -17.26
CA ASN B 864 17.04 -10.06 -16.39
C ASN B 864 17.28 -10.43 -14.93
N GLN B 865 18.52 -10.74 -14.55
CA GLN B 865 18.76 -11.29 -13.22
C GLN B 865 18.38 -10.32 -12.11
N ASN B 866 18.45 -9.02 -12.39
CA ASN B 866 18.12 -8.04 -11.36
C ASN B 866 16.61 -7.94 -11.15
N ASN B 867 15.84 -7.97 -12.25
CA ASN B 867 14.40 -7.79 -12.16
C ASN B 867 13.73 -8.93 -11.41
N ILE B 868 14.18 -10.17 -11.64
CA ILE B 868 13.57 -11.32 -11.00
C ILE B 868 13.79 -11.24 -9.51
N ASP B 869 12.72 -11.48 -8.74
CA ASP B 869 12.73 -11.26 -7.30
C ASP B 869 12.71 -12.55 -6.50
N ASP B 870 12.82 -13.70 -7.16
CA ASP B 870 12.66 -14.99 -6.50
C ASP B 870 13.87 -15.87 -6.79
N THR B 871 14.22 -16.70 -5.81
CA THR B 871 15.33 -17.63 -5.99
C THR B 871 15.02 -18.60 -7.12
N SER B 872 13.79 -19.11 -7.18
CA SER B 872 13.37 -19.92 -8.32
C SER B 872 13.45 -19.13 -9.61
N LEU B 873 13.05 -17.85 -9.57
CA LEU B 873 13.26 -16.96 -10.70
C LEU B 873 14.75 -16.78 -10.98
N GLN B 874 15.56 -16.74 -9.92
CA GLN B 874 16.98 -16.49 -10.05
C GLN B 874 17.67 -17.69 -10.71
N ASP B 875 18.20 -17.48 -11.91
CA ASP B 875 19.10 -18.43 -12.56
C ASP B 875 18.42 -19.76 -12.85
N LYS B 876 17.09 -19.74 -12.98
CA LYS B 876 16.40 -20.95 -13.40
C LYS B 876 16.85 -21.38 -14.78
N GLU B 877 16.99 -20.43 -15.71
CA GLU B 877 17.39 -20.80 -17.06
C GLU B 877 18.85 -21.21 -17.12
N CYS B 878 19.72 -20.46 -16.46
CA CYS B 878 21.15 -20.67 -16.65
C CYS B 878 21.55 -22.08 -16.28
N ILE B 879 21.06 -22.58 -15.15
CA ILE B 879 21.36 -23.97 -14.78
C ILE B 879 20.76 -24.93 -15.78
N LEU B 880 19.52 -24.68 -16.19
CA LEU B 880 18.87 -25.57 -17.16
C LEU B 880 19.61 -25.56 -18.49
N ALA B 881 19.97 -24.39 -18.99
CA ALA B 881 20.68 -24.33 -20.27
C ALA B 881 22.01 -25.03 -20.18
N SER B 882 22.76 -24.80 -19.10
CA SER B 882 24.02 -25.49 -18.93
C SER B 882 23.83 -26.99 -18.87
N LEU B 883 22.84 -27.43 -18.10
CA LEU B 883 22.62 -28.86 -17.94
C LEU B 883 22.21 -29.50 -19.26
N ASN B 884 21.41 -28.80 -20.06
CA ASN B 884 20.92 -29.36 -21.31
C ASN B 884 22.07 -29.68 -22.25
N ILE B 885 23.11 -28.84 -22.26
CA ILE B 885 24.21 -29.04 -23.18
C ILE B 885 24.94 -30.33 -22.87
N LYS B 886 25.14 -30.63 -21.59
CA LYS B 886 25.99 -31.74 -21.21
C LYS B 886 25.49 -33.07 -21.76
N SER B 887 24.20 -33.33 -21.60
CA SER B 887 23.66 -34.64 -21.98
C SER B 887 23.45 -34.78 -23.47
N MET B 888 23.61 -33.70 -24.23
CA MET B 888 23.39 -33.73 -25.66
C MET B 888 24.42 -34.63 -26.34
N GLN B 889 24.01 -35.29 -27.41
CA GLN B 889 24.83 -36.29 -28.06
C GLN B 889 25.14 -35.93 -29.52
N PHE B 890 26.32 -36.34 -29.96
CA PHE B 890 26.79 -36.10 -31.31
C PHE B 890 27.25 -37.41 -31.93
N ASP B 891 27.88 -37.34 -33.10
CA ASP B 891 28.41 -38.53 -33.75
C ASP B 891 29.80 -38.28 -34.33
N THR B 929 30.47 -38.30 -30.39
CA THR B 929 30.64 -38.57 -28.97
C THR B 929 29.54 -37.89 -28.17
N THR B 930 29.80 -37.69 -26.88
CA THR B 930 28.86 -37.02 -26.00
C THR B 930 29.25 -35.56 -25.84
N GLY B 931 28.45 -34.84 -25.06
CA GLY B 931 28.67 -33.42 -24.87
C GLY B 931 29.12 -33.06 -23.47
N VAL B 932 30.01 -33.87 -22.90
CA VAL B 932 30.51 -33.57 -21.56
C VAL B 932 31.78 -32.74 -21.62
N ASN B 933 32.45 -32.67 -22.76
CA ASN B 933 33.72 -31.97 -22.89
C ASN B 933 33.57 -30.59 -23.48
N ILE B 934 32.35 -30.10 -23.63
CA ILE B 934 32.13 -28.76 -24.19
C ILE B 934 32.53 -27.72 -23.16
N PRO B 935 33.45 -26.82 -23.47
CA PRO B 935 33.78 -25.75 -22.52
C PRO B 935 32.58 -24.84 -22.33
N ILE B 936 32.34 -24.46 -21.07
CA ILE B 936 31.20 -23.61 -20.74
C ILE B 936 31.61 -22.62 -19.66
N ILE B 937 31.22 -21.37 -19.83
CA ILE B 937 31.40 -20.33 -18.82
C ILE B 937 30.05 -19.70 -18.55
N THR B 938 29.66 -19.65 -17.28
CA THR B 938 28.36 -19.13 -16.91
C THR B 938 28.50 -18.11 -15.79
N GLU B 939 27.54 -17.20 -15.73
CA GLU B 939 27.54 -16.12 -14.75
C GLU B 939 26.33 -16.28 -13.84
N LEU B 940 26.56 -16.15 -12.53
CA LEU B 940 25.51 -16.31 -11.55
C LEU B 940 25.27 -14.99 -10.82
N VAL B 941 24.05 -14.80 -10.35
CA VAL B 941 23.72 -13.63 -9.55
C VAL B 941 23.69 -13.95 -8.06
N ASN B 942 23.43 -15.20 -7.69
CA ASN B 942 23.46 -15.62 -6.29
C ASN B 942 24.42 -16.80 -6.17
N ASP B 943 25.41 -16.66 -5.30
CA ASP B 943 26.50 -17.64 -5.27
C ASP B 943 26.02 -19.02 -4.86
N THR B 944 25.07 -19.08 -3.92
CA THR B 944 24.74 -20.35 -3.29
C THR B 944 24.19 -21.37 -4.28
N ASN B 945 23.76 -20.93 -5.46
CA ASN B 945 23.28 -21.87 -6.46
C ASN B 945 24.39 -22.69 -7.07
N VAL B 946 25.65 -22.38 -6.78
CA VAL B 946 26.77 -23.01 -7.47
C VAL B 946 26.76 -24.52 -7.28
N GLN B 947 26.14 -25.02 -6.21
CA GLN B 947 26.16 -26.45 -5.97
C GLN B 947 25.50 -27.25 -7.09
N PHE B 948 24.60 -26.63 -7.85
CA PHE B 948 23.85 -27.36 -8.86
C PHE B 948 24.61 -27.55 -10.16
N LEU B 949 25.71 -26.84 -10.38
CA LEU B 949 26.37 -26.91 -11.67
C LEU B 949 27.07 -28.24 -11.91
N ASP B 950 27.44 -28.97 -10.87
CA ASP B 950 28.17 -30.21 -11.04
C ASP B 950 27.50 -31.33 -10.26
N GLN B 951 27.79 -32.56 -10.68
CA GLN B 951 27.17 -33.74 -10.09
C GLN B 951 28.12 -34.51 -9.18
N ASP B 952 29.37 -34.70 -9.58
CA ASP B 952 30.35 -35.35 -8.72
C ASP B 952 31.08 -34.33 -7.87
N ASP B 953 30.31 -33.48 -7.19
CA ASP B 953 30.85 -32.44 -6.33
C ASP B 953 30.42 -32.71 -4.90
N ASP B 954 31.19 -32.18 -3.96
CA ASP B 954 30.89 -32.31 -2.54
C ASP B 954 30.14 -31.06 -2.10
N ASP B 955 28.87 -31.00 -2.46
CA ASP B 955 28.06 -29.83 -2.19
C ASP B 955 27.89 -29.62 -0.69
N ASP B 956 27.97 -28.37 -0.26
CA ASP B 956 27.76 -27.98 1.13
C ASP B 956 27.59 -26.48 1.22
N PRO B 957 26.62 -25.99 1.98
CA PRO B 957 26.32 -24.56 1.95
C PRO B 957 27.19 -23.72 2.87
N ASP B 958 28.31 -24.25 3.33
CA ASP B 958 29.16 -23.52 4.27
C ASP B 958 30.45 -23.01 3.64
N THR B 959 31.09 -23.79 2.77
CA THR B 959 32.35 -23.36 2.18
C THR B 959 32.14 -22.12 1.32
N GLU B 960 33.12 -21.22 1.35
CA GLU B 960 33.02 -20.01 0.55
C GLU B 960 33.17 -20.34 -0.93
N LEU B 961 32.83 -19.36 -1.77
CA LEU B 961 32.81 -19.60 -3.20
C LEU B 961 34.18 -20.00 -3.72
N TYR B 962 35.25 -19.45 -3.16
CA TYR B 962 36.56 -19.69 -3.72
C TYR B 962 37.08 -21.10 -3.46
N LEU B 963 36.30 -21.99 -2.85
CA LEU B 963 36.70 -23.38 -2.69
C LEU B 963 35.86 -24.37 -3.47
N THR B 964 34.68 -23.97 -3.95
CA THR B 964 33.84 -24.90 -4.66
C THR B 964 34.51 -25.34 -5.95
N GLN B 965 34.31 -26.60 -6.31
CA GLN B 965 34.94 -27.14 -7.50
C GLN B 965 34.65 -26.35 -8.76
N PRO B 966 33.42 -25.89 -9.05
CA PRO B 966 33.22 -25.14 -10.28
C PRO B 966 34.09 -23.91 -10.40
N PHE B 967 34.31 -23.18 -9.31
CA PHE B 967 35.12 -21.98 -9.38
C PHE B 967 36.58 -22.32 -9.65
N ALA B 968 37.14 -23.25 -8.88
CA ALA B 968 38.54 -23.59 -9.04
C ALA B 968 38.82 -24.21 -10.39
N CYS B 969 37.80 -24.67 -11.09
CA CYS B 969 37.99 -25.15 -12.46
C CYS B 969 37.80 -24.05 -13.48
N GLY B 970 37.50 -22.84 -13.04
CA GLY B 970 37.31 -21.74 -13.96
C GLY B 970 36.13 -21.93 -14.88
N THR B 971 35.00 -22.35 -14.31
CA THR B 971 33.78 -22.56 -15.07
C THR B 971 32.67 -21.61 -14.68
N ALA B 972 32.45 -21.40 -13.39
CA ALA B 972 31.47 -20.43 -12.94
C ALA B 972 32.12 -19.08 -12.73
N PHE B 973 31.29 -18.09 -12.42
CA PHE B 973 31.79 -16.76 -12.12
C PHE B 973 30.66 -15.92 -11.56
N ALA B 974 30.96 -15.11 -10.56
CA ALA B 974 29.97 -14.23 -9.97
C ALA B 974 30.61 -12.88 -9.71
N VAL B 975 29.78 -11.83 -9.78
CA VAL B 975 30.28 -10.48 -9.53
C VAL B 975 30.68 -10.27 -8.08
N SER B 976 30.22 -11.14 -7.18
CA SER B 976 30.49 -10.96 -5.76
C SER B 976 31.97 -10.97 -5.43
N VAL B 977 32.80 -11.59 -6.27
CA VAL B 977 34.22 -11.71 -5.95
C VAL B 977 34.99 -10.42 -6.19
N LEU B 978 34.37 -9.40 -6.77
CA LEU B 978 35.05 -8.16 -7.08
C LEU B 978 34.88 -7.09 -6.01
N ASP B 979 34.18 -7.38 -4.93
CA ASP B 979 34.09 -6.40 -3.85
C ASP B 979 35.46 -6.15 -3.23
N SER B 980 36.34 -7.12 -3.28
CA SER B 980 37.68 -6.97 -2.72
C SER B 980 38.53 -5.98 -3.48
N LEU B 981 38.10 -5.54 -4.65
CA LEU B 981 38.94 -4.68 -5.48
C LEU B 981 39.06 -3.27 -4.91
N MET B 982 38.18 -2.87 -4.00
CA MET B 982 38.25 -1.52 -3.45
C MET B 982 39.55 -1.32 -2.69
N SER B 983 39.74 -2.09 -1.61
CA SER B 983 40.87 -1.85 -0.73
C SER B 983 42.19 -2.00 -1.47
N ALA B 984 42.29 -3.00 -2.34
CA ALA B 984 43.52 -3.19 -3.09
C ALA B 984 43.86 -1.97 -3.93
N THR B 985 42.84 -1.25 -4.39
CA THR B 985 43.10 -0.06 -5.20
C THR B 985 43.66 1.07 -4.37
N TYR B 986 43.24 1.19 -3.10
CA TYR B 986 43.66 2.33 -2.31
C TYR B 986 45.13 2.25 -1.95
N PHE B 987 45.60 1.08 -1.54
CA PHE B 987 46.96 0.97 -1.06
C PHE B 987 47.97 1.10 -2.19
N ASN B 988 47.95 0.17 -3.13
CA ASN B 988 48.83 0.27 -4.28
C ASN B 988 48.35 1.39 -5.19
N ASP B 989 49.30 2.07 -5.82
CA ASP B 989 48.99 3.32 -6.49
C ASP B 989 48.01 3.13 -7.63
N ASN B 990 48.41 2.39 -8.66
CA ASN B 990 47.70 2.40 -9.93
C ASN B 990 47.52 0.99 -10.45
N ILE B 991 47.05 0.09 -9.59
CA ILE B 991 46.70 -1.25 -10.05
C ILE B 991 45.60 -1.18 -11.08
N LEU B 992 44.60 -0.31 -10.84
CA LEU B 992 43.45 -0.26 -11.73
C LEU B 992 43.87 -0.03 -13.17
N THR B 993 44.91 0.77 -13.39
CA THR B 993 45.42 0.94 -14.74
C THR B 993 45.96 -0.36 -15.29
N LEU B 994 46.73 -1.09 -14.48
CA LEU B 994 47.33 -2.33 -14.96
C LEU B 994 46.26 -3.34 -15.37
N ILE B 995 45.24 -3.51 -14.54
CA ILE B 995 44.21 -4.50 -14.84
C ILE B 995 43.53 -4.16 -16.15
N ARG B 996 43.18 -2.90 -16.34
CA ARG B 996 42.48 -2.53 -17.57
C ARG B 996 43.34 -2.81 -18.79
N THR B 997 44.61 -2.46 -18.74
CA THR B 997 45.48 -2.75 -19.88
C THR B 997 45.55 -4.24 -20.14
N LEU B 998 45.65 -5.04 -19.08
CA LEU B 998 45.77 -6.49 -19.26
C LEU B 998 44.47 -7.11 -19.75
N VAL B 999 43.34 -6.50 -19.45
CA VAL B 999 42.06 -7.13 -19.73
C VAL B 999 41.38 -6.53 -20.94
N THR B 1000 41.05 -5.24 -20.89
CA THR B 1000 40.28 -4.66 -21.98
C THR B 1000 41.12 -4.36 -23.21
N GLY B 1001 42.43 -4.59 -23.16
CA GLY B 1001 43.25 -4.44 -24.33
C GLY B 1001 43.34 -3.03 -24.87
N GLY B 1002 44.00 -2.16 -24.13
CA GLY B 1002 44.19 -0.79 -24.57
C GLY B 1002 43.52 0.24 -23.70
N ALA B 1003 44.32 0.94 -22.91
CA ALA B 1003 43.84 2.05 -22.09
C ALA B 1003 44.83 3.20 -22.16
N THR B 1004 45.43 3.39 -23.32
CA THR B 1004 46.41 4.44 -23.49
C THR B 1004 45.75 5.80 -23.31
N PRO B 1005 46.49 6.79 -22.80
CA PRO B 1005 45.86 8.10 -22.53
C PRO B 1005 45.24 8.74 -23.75
N GLU B 1006 45.90 8.63 -24.91
CA GLU B 1006 45.34 9.24 -26.11
C GLU B 1006 43.99 8.63 -26.48
N LEU B 1007 43.82 7.32 -26.24
CA LEU B 1007 42.52 6.72 -26.46
C LEU B 1007 41.49 7.28 -25.48
N GLU B 1008 41.92 7.58 -24.26
CA GLU B 1008 40.99 8.11 -23.26
C GLU B 1008 40.39 9.43 -23.72
N ALA B 1009 41.25 10.33 -24.24
CA ALA B 1009 40.77 11.64 -24.65
C ALA B 1009 39.74 11.53 -25.76
N LEU B 1010 40.02 10.70 -26.77
CA LEU B 1010 39.09 10.57 -27.88
C LEU B 1010 37.78 9.94 -27.43
N ILE B 1011 37.83 9.08 -26.42
CA ILE B 1011 36.60 8.51 -25.87
C ILE B 1011 35.74 9.58 -25.24
N ALA B 1012 36.37 10.58 -24.63
CA ALA B 1012 35.62 11.57 -23.86
C ALA B 1012 34.63 12.31 -24.74
N GLU B 1013 35.04 12.71 -25.94
CA GLU B 1013 34.18 13.57 -26.75
C GLU B 1013 33.32 12.80 -27.75
N GLU B 1014 33.94 12.02 -28.64
CA GLU B 1014 33.15 11.36 -29.67
C GLU B 1014 32.33 10.22 -29.10
N ASN B 1015 32.79 9.60 -28.02
CA ASN B 1015 32.11 8.49 -27.35
C ASN B 1015 32.02 7.25 -28.23
N ALA B 1016 32.73 7.21 -29.35
CA ALA B 1016 32.72 6.05 -30.22
C ALA B 1016 33.98 6.08 -31.08
N LEU B 1017 34.32 4.92 -31.63
CA LEU B 1017 35.48 4.83 -32.50
C LEU B 1017 35.19 5.50 -33.84
N ARG B 1018 36.25 5.83 -34.56
CA ARG B 1018 36.14 6.51 -35.85
C ARG B 1018 37.21 5.95 -36.76
N GLY B 1019 36.80 5.15 -37.74
CA GLY B 1019 37.77 4.50 -38.62
C GLY B 1019 38.64 5.53 -39.33
N GLY B 1020 39.93 5.24 -39.40
CA GLY B 1020 40.88 6.15 -40.01
C GLY B 1020 41.90 5.39 -40.84
N TYR B 1021 42.83 6.14 -41.41
CA TYR B 1021 43.83 5.57 -42.30
C TYR B 1021 44.96 4.97 -41.48
N SER B 1022 46.01 4.53 -42.16
CA SER B 1022 47.16 3.90 -41.52
C SER B 1022 48.43 4.66 -41.88
N THR B 1023 49.28 4.86 -40.89
CA THR B 1023 50.58 5.48 -41.04
C THR B 1023 51.62 4.58 -40.39
N PRO B 1024 52.88 4.68 -40.81
CA PRO B 1024 53.92 3.91 -40.12
C PRO B 1024 54.00 4.21 -38.64
N GLN B 1025 53.63 5.42 -38.23
CA GLN B 1025 53.58 5.72 -36.80
C GLN B 1025 52.48 4.91 -36.12
N THR B 1026 51.29 4.85 -36.71
CA THR B 1026 50.19 4.14 -36.06
C THR B 1026 50.47 2.66 -35.95
N LEU B 1027 51.06 2.07 -36.99
CA LEU B 1027 51.27 0.63 -37.00
C LEU B 1027 52.23 0.17 -35.92
N ALA B 1028 53.00 1.10 -35.33
CA ALA B 1028 53.87 0.73 -34.23
C ALA B 1028 53.10 0.41 -32.96
N ASN B 1029 51.79 0.67 -32.93
CA ASN B 1029 50.99 0.37 -31.75
C ASN B 1029 50.53 -1.07 -31.69
N ARG B 1030 50.85 -1.89 -32.70
CA ARG B 1030 50.54 -3.31 -32.67
C ARG B 1030 51.60 -4.11 -31.96
N ASP B 1031 52.31 -3.49 -31.03
CA ASP B 1031 53.45 -4.07 -30.34
C ASP B 1031 53.05 -4.77 -29.04
N ARG B 1032 51.78 -4.72 -28.66
CA ARG B 1032 51.36 -5.24 -27.38
C ARG B 1032 51.56 -6.75 -27.30
N CYS B 1033 51.73 -7.24 -26.08
CA CYS B 1033 51.85 -8.67 -25.84
C CYS B 1033 50.48 -9.32 -25.67
N ARG B 1034 50.40 -10.59 -26.07
CA ARG B 1034 49.13 -11.30 -26.13
C ARG B 1034 49.11 -12.45 -25.13
N VAL B 1035 47.96 -12.64 -24.49
CA VAL B 1035 47.75 -13.77 -23.61
C VAL B 1035 47.42 -15.00 -24.43
N ALA B 1036 48.06 -16.13 -24.14
CA ALA B 1036 47.77 -17.36 -24.86
C ALA B 1036 48.10 -18.56 -24.00
N GLN B 1037 47.46 -19.68 -24.31
CA GLN B 1037 47.64 -20.93 -23.62
C GLN B 1037 48.53 -21.84 -24.46
N LEU B 1038 49.36 -22.62 -23.80
CA LEU B 1038 50.39 -23.40 -24.46
C LEU B 1038 50.26 -24.88 -24.11
N ALA B 1039 50.32 -25.74 -25.12
CA ALA B 1039 50.37 -27.17 -24.88
C ALA B 1039 51.76 -27.57 -24.41
N LEU B 1040 51.89 -28.81 -23.95
CA LEU B 1040 53.17 -29.25 -23.41
C LEU B 1040 53.66 -30.56 -24.03
N LEU B 1041 52.74 -31.45 -24.37
CA LEU B 1041 53.14 -32.78 -24.82
C LEU B 1041 53.92 -32.74 -26.12
N ASP B 1042 53.78 -31.68 -26.91
CA ASP B 1042 54.48 -31.56 -28.17
C ASP B 1042 55.08 -30.16 -28.28
N GLY B 1043 56.16 -30.05 -29.04
CA GLY B 1043 56.82 -28.78 -29.25
C GLY B 1043 58.24 -28.79 -28.75
N PRO B 1044 58.85 -27.61 -28.66
CA PRO B 1044 60.23 -27.53 -28.16
C PRO B 1044 60.38 -28.00 -26.74
N PHE B 1045 59.30 -27.98 -25.96
CA PHE B 1045 59.35 -28.29 -24.54
C PHE B 1045 58.91 -29.70 -24.22
N ALA B 1046 58.59 -30.50 -25.24
CA ALA B 1046 58.12 -31.86 -24.99
C ALA B 1046 59.17 -32.69 -24.27
N ASP B 1047 60.45 -32.35 -24.45
CA ASP B 1047 61.51 -33.05 -23.74
C ASP B 1047 61.34 -32.89 -22.23
N LEU B 1048 61.01 -31.70 -21.77
CA LEU B 1048 60.74 -31.47 -20.36
C LEU B 1048 59.28 -31.71 -20.04
N GLY B 1049 58.75 -32.84 -20.51
CA GLY B 1049 57.39 -33.22 -20.17
C GLY B 1049 57.28 -33.93 -18.85
N ASP B 1050 58.37 -34.52 -18.38
CA ASP B 1050 58.38 -35.28 -17.13
C ASP B 1050 59.59 -34.96 -16.27
N GLY B 1051 60.41 -33.98 -16.68
CA GLY B 1051 61.56 -33.62 -15.87
C GLY B 1051 61.18 -33.04 -14.53
N GLY B 1052 60.00 -32.42 -14.45
CA GLY B 1052 59.57 -31.83 -13.19
C GLY B 1052 60.46 -30.70 -12.71
N CYS B 1053 60.93 -29.88 -13.64
CA CYS B 1053 61.76 -28.72 -13.31
C CYS B 1053 61.07 -27.51 -13.88
N TYR B 1054 60.13 -26.95 -13.11
CA TYR B 1054 59.36 -25.81 -13.60
C TYR B 1054 60.27 -24.63 -13.90
N GLY B 1055 61.24 -24.38 -13.02
CA GLY B 1055 62.14 -23.25 -13.24
C GLY B 1055 62.96 -23.41 -14.51
N ASP B 1056 63.46 -24.63 -14.76
CA ASP B 1056 64.31 -24.82 -15.93
C ASP B 1056 63.57 -24.47 -17.21
N LEU B 1057 62.31 -24.88 -17.32
CA LEU B 1057 61.50 -24.43 -18.44
C LEU B 1057 61.31 -22.94 -18.40
N PHE B 1058 61.08 -22.38 -17.21
CA PHE B 1058 60.79 -20.96 -17.08
C PHE B 1058 61.95 -20.12 -17.61
N CYS B 1059 63.17 -20.40 -17.17
CA CYS B 1059 64.32 -19.65 -17.65
C CYS B 1059 64.53 -19.88 -19.14
N LYS B 1060 64.41 -21.14 -19.59
CA LYS B 1060 64.66 -21.44 -20.99
C LYS B 1060 63.65 -20.74 -21.89
N ALA B 1061 62.38 -20.74 -21.50
CA ALA B 1061 61.35 -20.14 -22.34
C ALA B 1061 61.57 -18.64 -22.50
N LEU B 1062 61.81 -17.95 -21.38
CA LEU B 1062 62.01 -16.51 -21.44
C LEU B 1062 63.27 -16.16 -22.22
N LYS B 1063 64.36 -16.92 -22.00
CA LYS B 1063 65.63 -16.58 -22.61
C LYS B 1063 65.57 -16.66 -24.12
N THR B 1064 64.90 -17.68 -24.66
CA THR B 1064 64.93 -17.93 -26.09
C THR B 1064 63.71 -17.42 -26.83
N TYR B 1065 62.68 -16.97 -26.13
CA TYR B 1065 61.49 -16.46 -26.79
C TYR B 1065 60.92 -15.20 -26.18
N ASN B 1066 61.56 -14.64 -25.15
CA ASN B 1066 60.94 -13.57 -24.35
C ASN B 1066 59.58 -14.03 -23.85
N MET B 1067 59.52 -15.30 -23.43
CA MET B 1067 58.27 -15.95 -23.08
C MET B 1067 58.10 -15.94 -21.57
N LEU B 1068 57.04 -15.30 -21.10
CA LEU B 1068 56.76 -15.21 -19.67
C LEU B 1068 55.64 -16.19 -19.35
N CYS B 1069 55.94 -17.19 -18.52
CA CYS B 1069 54.98 -18.22 -18.17
C CYS B 1069 54.93 -18.34 -16.65
N PHE B 1070 53.74 -18.21 -16.09
CA PHE B 1070 53.57 -18.26 -14.65
C PHE B 1070 52.58 -19.32 -14.19
N GLY B 1071 51.41 -19.38 -14.79
CA GLY B 1071 50.39 -20.30 -14.32
C GLY B 1071 50.45 -21.66 -14.98
N ILE B 1072 49.88 -22.64 -14.30
CA ILE B 1072 49.86 -24.01 -14.79
C ILE B 1072 48.44 -24.55 -14.63
N TYR B 1073 47.99 -25.33 -15.61
CA TYR B 1073 46.63 -25.81 -15.69
C TYR B 1073 46.67 -27.33 -15.76
N ARG B 1074 46.23 -28.00 -14.70
CA ARG B 1074 46.48 -29.41 -14.52
C ARG B 1074 45.17 -30.18 -14.39
N LEU B 1075 45.18 -31.42 -14.89
CA LEU B 1075 44.03 -32.30 -14.76
C LEU B 1075 43.74 -32.57 -13.28
N ARG B 1076 42.45 -32.76 -12.98
CA ARG B 1076 42.06 -32.94 -11.59
C ARG B 1076 42.63 -34.21 -11.00
N ASP B 1077 42.63 -35.29 -11.77
CA ASP B 1077 43.07 -36.59 -11.27
C ASP B 1077 44.43 -36.99 -11.80
N ALA B 1078 45.29 -36.02 -12.12
CA ALA B 1078 46.62 -36.34 -12.57
C ALA B 1078 47.43 -37.04 -11.49
N HIS B 1079 47.28 -36.59 -10.24
CA HIS B 1079 48.10 -37.15 -9.17
C HIS B 1079 47.63 -38.54 -8.76
N LEU B 1080 46.35 -38.85 -8.96
CA LEU B 1080 45.83 -40.15 -8.56
C LEU B 1080 46.47 -41.26 -9.38
N SER B 1081 46.79 -42.37 -8.70
CA SER B 1081 47.42 -43.50 -9.38
C SER B 1081 46.45 -44.18 -10.34
N THR B 1082 45.25 -44.47 -9.88
CA THR B 1082 44.31 -45.21 -10.71
C THR B 1082 43.84 -44.35 -11.89
N PRO B 1083 43.65 -44.93 -13.06
CA PRO B 1083 43.22 -44.14 -14.21
C PRO B 1083 41.74 -43.81 -14.15
N SER B 1084 41.37 -42.79 -14.92
CA SER B 1084 39.98 -42.37 -15.05
C SER B 1084 39.85 -41.59 -16.35
N GLN B 1085 38.69 -40.99 -16.57
CA GLN B 1085 38.44 -40.19 -17.76
C GLN B 1085 37.91 -38.80 -17.42
N CYS B 1086 37.89 -38.42 -16.15
CA CYS B 1086 37.49 -37.07 -15.80
C CYS B 1086 38.46 -36.08 -16.42
N THR B 1087 37.94 -35.20 -17.27
CA THR B 1087 38.77 -34.28 -18.03
C THR B 1087 38.72 -32.87 -17.49
N LYS B 1088 38.27 -32.68 -16.26
CA LYS B 1088 38.28 -31.35 -15.68
C LYS B 1088 39.69 -30.98 -15.24
N ARG B 1089 39.90 -29.68 -15.09
CA ARG B 1089 41.21 -29.16 -14.70
C ARG B 1089 41.03 -28.05 -13.69
N TYR B 1090 42.10 -27.75 -12.97
CA TYR B 1090 42.13 -26.65 -12.03
C TYR B 1090 43.40 -25.84 -12.26
N VAL B 1091 43.50 -24.70 -11.58
CA VAL B 1091 44.51 -23.70 -11.87
C VAL B 1091 45.43 -23.51 -10.67
N ILE B 1092 46.73 -23.50 -10.92
CA ILE B 1092 47.73 -23.26 -9.89
C ILE B 1092 48.55 -22.06 -10.33
N THR B 1093 48.72 -21.09 -9.42
CA THR B 1093 49.35 -19.82 -9.74
C THR B 1093 50.74 -19.75 -9.12
N ASN B 1094 51.73 -19.41 -9.93
CA ASN B 1094 53.09 -19.17 -9.48
C ASN B 1094 53.61 -20.32 -8.63
N PRO B 1095 53.91 -21.46 -9.22
CA PRO B 1095 54.49 -22.56 -8.46
C PRO B 1095 55.93 -22.25 -8.09
N PRO B 1096 56.45 -22.86 -7.04
CA PRO B 1096 57.86 -22.66 -6.69
C PRO B 1096 58.80 -23.17 -7.78
N TYR B 1097 60.10 -22.96 -7.59
CA TYR B 1097 61.07 -23.26 -8.63
C TYR B 1097 61.11 -24.74 -8.97
N GLU B 1098 61.07 -25.60 -7.95
CA GLU B 1098 61.31 -27.03 -8.12
C GLU B 1098 60.02 -27.84 -8.15
N PHE B 1099 58.96 -27.28 -8.69
CA PHE B 1099 57.71 -28.01 -8.81
C PHE B 1099 57.83 -29.13 -9.84
N GLU B 1100 57.10 -30.22 -9.61
CA GLU B 1100 57.09 -31.32 -10.55
C GLU B 1100 56.23 -30.98 -11.76
N LEU B 1101 56.35 -31.80 -12.80
CA LEU B 1101 55.72 -31.51 -14.08
C LEU B 1101 55.37 -32.82 -14.78
N VAL B 1102 54.09 -33.04 -15.02
CA VAL B 1102 53.64 -34.25 -15.71
C VAL B 1102 53.42 -33.92 -17.18
N PRO B 1103 53.52 -34.90 -18.08
CA PRO B 1103 53.41 -34.58 -19.52
C PRO B 1103 52.08 -33.99 -19.91
N THR B 1104 51.00 -34.33 -19.21
CA THR B 1104 49.67 -33.84 -19.54
C THR B 1104 49.37 -32.60 -18.71
N ASP B 1105 49.92 -31.47 -19.15
CA ASP B 1105 49.75 -30.21 -18.46
C ASP B 1105 49.62 -29.09 -19.47
N LEU B 1106 49.02 -27.99 -19.05
CA LEU B 1106 48.92 -26.79 -19.85
C LEU B 1106 49.43 -25.61 -19.04
N ILE B 1107 50.06 -24.66 -19.74
CA ILE B 1107 50.78 -23.57 -19.09
C ILE B 1107 50.33 -22.25 -19.71
N PHE B 1108 49.92 -21.32 -18.85
CA PHE B 1108 49.62 -19.97 -19.31
C PHE B 1108 50.90 -19.25 -19.71
N CYS B 1109 50.81 -18.43 -20.75
CA CYS B 1109 51.98 -17.74 -21.26
C CYS B 1109 51.57 -16.38 -21.80
N LEU B 1110 52.56 -15.52 -21.99
CA LEU B 1110 52.34 -14.19 -22.57
C LEU B 1110 53.11 -14.11 -23.87
N MET B 1111 52.38 -14.19 -24.99
CA MET B 1111 52.97 -14.23 -26.31
C MET B 1111 53.62 -12.89 -26.66
N GLN B 1112 54.41 -12.90 -27.72
CA GLN B 1112 55.01 -11.69 -28.25
C GLN B 1112 54.15 -11.14 -29.39
N PHE B 1113 54.54 -9.98 -29.89
CA PHE B 1113 53.74 -9.25 -30.86
C PHE B 1113 54.14 -9.62 -32.28
N ASP B 1114 53.21 -9.40 -33.19
CA ASP B 1114 53.43 -9.24 -34.63
C ASP B 1114 52.34 -8.34 -35.20
N ARG C 17 -39.49 -10.12 60.61
CA ARG C 17 -40.59 -10.03 61.55
C ARG C 17 -41.59 -11.16 61.36
N GLY C 18 -42.04 -11.73 62.48
CA GLY C 18 -42.97 -12.84 62.40
C GLY C 18 -42.36 -13.98 61.61
N GLN C 19 -43.07 -14.43 60.59
CA GLN C 19 -42.56 -15.41 59.64
C GLN C 19 -42.16 -14.69 58.37
N ARG C 20 -40.91 -14.89 57.93
CA ARG C 20 -40.42 -14.18 56.76
C ARG C 20 -41.20 -14.59 55.52
N MET C 21 -41.60 -13.61 54.73
CA MET C 21 -42.49 -13.82 53.61
C MET C 21 -41.81 -13.55 52.27
N TRP C 22 -40.50 -13.39 52.27
CA TRP C 22 -39.80 -12.96 51.06
C TRP C 22 -39.98 -13.96 49.93
N TRP C 23 -40.09 -15.25 50.25
CA TRP C 23 -40.13 -16.27 49.21
C TRP C 23 -41.33 -16.07 48.29
N ALA C 24 -42.42 -15.51 48.81
CA ALA C 24 -43.62 -15.35 48.00
C ALA C 24 -43.37 -14.44 46.80
N PHE C 25 -42.67 -13.33 47.00
CA PHE C 25 -42.41 -12.42 45.89
C PHE C 25 -41.56 -13.09 44.82
N LEU C 26 -40.51 -13.80 45.23
CA LEU C 26 -39.62 -14.41 44.25
C LEU C 26 -40.35 -15.44 43.41
N ALA C 27 -41.21 -16.24 44.03
CA ALA C 27 -41.95 -17.25 43.29
C ALA C 27 -42.87 -16.62 42.26
N SER C 28 -43.37 -15.42 42.55
CA SER C 28 -44.32 -14.78 41.65
C SER C 28 -43.73 -14.57 40.27
N SER C 29 -42.52 -14.02 40.19
CA SER C 29 -41.90 -13.80 38.89
C SER C 29 -41.51 -15.12 38.24
N MET C 30 -41.03 -16.08 39.03
CA MET C 30 -40.54 -17.33 38.46
C MET C 30 -41.65 -18.07 37.71
N VAL C 31 -42.84 -18.12 38.29
CA VAL C 31 -43.91 -18.93 37.71
C VAL C 31 -44.33 -18.37 36.36
N THR C 32 -44.32 -17.04 36.21
CA THR C 32 -44.71 -16.47 34.92
C THR C 32 -43.67 -16.76 33.86
N PHE C 33 -42.40 -16.53 34.17
CA PHE C 33 -41.36 -16.65 33.16
C PHE C 33 -41.25 -18.08 32.65
N PHE C 34 -41.10 -19.04 33.56
CA PHE C 34 -41.01 -20.43 33.11
C PHE C 34 -42.36 -20.98 32.70
N GLY C 35 -43.41 -20.67 33.46
CA GLY C 35 -44.73 -21.18 33.12
C GLY C 35 -45.18 -20.72 31.75
N GLY C 36 -44.96 -19.45 31.44
CA GLY C 36 -45.26 -18.97 30.10
C GLY C 36 -44.43 -19.66 29.05
N LEU C 37 -43.17 -19.98 29.38
CA LEU C 37 -42.28 -20.58 28.40
C LEU C 37 -42.79 -21.94 27.92
N PHE C 38 -43.30 -22.75 28.85
CA PHE C 38 -43.80 -24.08 28.46
C PHE C 38 -45.02 -23.97 27.58
N ILE C 39 -45.88 -22.98 27.82
CA ILE C 39 -47.09 -22.84 27.02
C ILE C 39 -46.73 -22.67 25.55
N ILE C 40 -45.71 -21.86 25.27
CA ILE C 40 -45.31 -21.64 23.89
C ILE C 40 -44.79 -22.94 23.27
N LEU C 41 -43.96 -23.68 23.99
CA LEU C 41 -43.44 -24.93 23.47
C LEU C 41 -44.56 -25.94 23.25
N LEU C 42 -45.50 -26.01 24.20
CA LEU C 42 -46.62 -26.95 24.06
C LEU C 42 -47.47 -26.61 22.85
N TRP C 43 -47.77 -25.33 22.66
CA TRP C 43 -48.60 -24.92 21.53
C TRP C 43 -47.94 -25.28 20.20
N ARG C 44 -46.63 -25.14 20.13
CA ARG C 44 -45.92 -25.55 18.92
C ARG C 44 -46.03 -27.04 18.67
N THR C 45 -45.92 -27.84 19.74
CA THR C 45 -46.00 -29.29 19.58
C THR C 45 -47.38 -29.74 19.16
N LEU C 46 -48.43 -29.15 19.74
CA LEU C 46 -49.78 -29.55 19.35
C LEU C 46 -50.05 -29.27 17.88
N LYS C 47 -49.63 -28.11 17.40
CA LYS C 47 -49.75 -27.83 15.97
C LYS C 47 -48.86 -28.76 15.17
N TYR C 48 -47.70 -29.12 15.73
CA TYR C 48 -46.85 -30.13 15.12
C TYR C 48 -47.55 -31.48 15.15
N LEU C 49 -47.07 -32.40 14.31
CA LEU C 49 -47.66 -33.73 14.16
C LEU C 49 -49.12 -33.64 13.72
N TRP C 50 -49.40 -32.68 12.81
CA TRP C 50 -50.69 -32.54 12.12
C TRP C 50 -51.87 -32.70 13.08
N THR C 51 -51.74 -32.16 14.28
CA THR C 51 -52.79 -32.30 15.28
C THR C 51 -53.42 -30.95 15.58
N GLY C 92 -56.26 -10.99 6.35
CA GLY C 92 -56.73 -11.69 7.56
C GLY C 92 -56.92 -10.75 8.73
N TRP C 93 -57.94 -10.97 9.55
CA TRP C 93 -58.23 -10.06 10.68
C TRP C 93 -57.05 -10.05 11.66
N MET C 94 -56.45 -11.22 11.91
CA MET C 94 -55.33 -11.31 12.89
C MET C 94 -54.18 -10.43 12.38
N THR C 95 -53.91 -10.49 11.07
CA THR C 95 -52.81 -9.70 10.48
C THR C 95 -53.10 -8.20 10.67
N SER C 96 -54.37 -7.80 10.49
CA SER C 96 -54.73 -6.37 10.60
C SER C 96 -54.44 -5.87 12.01
N VAL C 97 -54.74 -6.69 13.02
CA VAL C 97 -54.45 -6.30 14.43
C VAL C 97 -52.93 -6.15 14.58
N LYS C 98 -52.15 -7.05 13.99
CA LYS C 98 -50.68 -7.00 14.20
C LYS C 98 -50.12 -5.69 13.64
N ASP C 99 -50.55 -5.29 12.45
CA ASP C 99 -49.98 -4.06 11.84
C ASP C 99 -50.38 -2.85 12.69
N TRP C 100 -51.64 -2.84 13.17
CA TRP C 100 -52.12 -1.72 14.02
C TRP C 100 -51.21 -1.59 15.23
N ALA C 101 -50.69 -2.72 15.74
CA ALA C 101 -49.83 -2.67 16.92
C ALA C 101 -48.43 -2.19 16.55
N GLY C 102 -47.91 -2.67 15.42
CA GLY C 102 -46.59 -2.23 15.01
C GLY C 102 -46.52 -0.74 14.75
N VAL C 103 -47.53 -0.20 14.07
CA VAL C 103 -47.50 1.23 13.75
C VAL C 103 -47.75 2.06 15.00
N MET C 104 -48.32 1.48 16.05
CA MET C 104 -48.32 2.21 17.32
C MET C 104 -46.97 2.14 18.02
N ILE C 105 -46.28 0.99 17.98
CA ILE C 105 -44.97 0.92 18.61
C ILE C 105 -44.01 1.91 17.97
N SER C 106 -43.98 1.96 16.65
CA SER C 106 -43.21 3.00 15.99
C SER C 106 -43.97 4.31 16.03
N ALA C 107 -43.23 5.41 16.16
CA ALA C 107 -43.85 6.73 16.23
C ALA C 107 -44.15 7.20 14.81
N GLN C 108 -45.20 6.64 14.23
CA GLN C 108 -45.59 6.99 12.88
C GLN C 108 -46.92 7.73 12.78
N THR C 109 -47.64 7.86 13.89
CA THR C 109 -48.89 8.60 13.90
C THR C 109 -48.83 9.63 15.02
N LEU C 110 -49.80 10.53 15.03
CA LEU C 110 -49.88 11.50 16.12
C LEU C 110 -50.08 10.79 17.46
N THR C 111 -51.00 9.82 17.50
CA THR C 111 -51.18 9.05 18.70
C THR C 111 -50.00 8.15 19.00
N GLY C 112 -49.21 7.81 17.98
CA GLY C 112 -48.01 7.03 18.23
C GLY C 112 -46.96 7.80 18.99
N ARG C 113 -46.79 9.08 18.66
CA ARG C 113 -45.71 9.86 19.26
C ARG C 113 -45.88 9.99 20.76
N VAL C 114 -47.09 10.26 21.23
CA VAL C 114 -47.29 10.47 22.66
C VAL C 114 -47.05 9.18 23.43
N LEU C 115 -47.45 8.04 22.86
CA LEU C 115 -47.26 6.79 23.57
C LEU C 115 -45.80 6.50 23.82
N VAL C 116 -44.95 6.73 22.82
CA VAL C 116 -43.53 6.47 22.99
C VAL C 116 -42.94 7.43 24.01
N VAL C 117 -43.27 8.72 23.91
CA VAL C 117 -42.73 9.70 24.84
C VAL C 117 -43.17 9.40 26.25
N LEU C 118 -44.41 8.96 26.42
CA LEU C 118 -44.90 8.63 27.76
C LEU C 118 -44.07 7.53 28.40
N VAL C 119 -43.58 6.59 27.59
CA VAL C 119 -42.69 5.56 28.12
C VAL C 119 -41.37 6.18 28.57
N PHE C 120 -40.90 7.20 27.83
CA PHE C 120 -39.64 7.84 28.18
C PHE C 120 -39.71 8.46 29.57
N ALA C 121 -40.81 9.15 29.88
CA ALA C 121 -40.92 9.78 31.19
C ALA C 121 -41.08 8.75 32.29
N LEU C 122 -41.99 7.80 32.11
CA LEU C 122 -42.30 6.87 33.18
C LEU C 122 -41.12 5.96 33.49
N SER C 123 -40.27 5.68 32.51
CA SER C 123 -39.09 4.87 32.77
C SER C 123 -38.19 5.55 33.81
N ILE C 124 -38.00 6.86 33.67
CA ILE C 124 -37.33 7.60 34.73
C ILE C 124 -38.21 7.71 35.97
N GLY C 125 -39.52 7.89 35.76
CA GLY C 125 -40.42 8.08 36.89
C GLY C 125 -40.37 6.93 37.88
N ALA C 126 -40.36 5.70 37.37
CA ALA C 126 -40.24 4.56 38.26
C ALA C 126 -38.88 4.52 38.94
N LEU C 127 -37.84 4.93 38.22
CA LEU C 127 -36.48 4.82 38.76
C LEU C 127 -36.32 5.66 40.01
N VAL C 128 -36.85 6.89 40.00
CA VAL C 128 -36.68 7.77 41.16
C VAL C 128 -37.33 7.15 42.38
N ILE C 129 -38.46 6.48 42.20
CA ILE C 129 -39.14 5.84 43.32
C ILE C 129 -38.23 4.82 43.98
N TYR C 130 -37.51 4.04 43.18
CA TYR C 130 -36.61 3.04 43.76
C TYR C 130 -35.52 3.69 44.61
N PHE C 131 -35.09 4.89 44.24
CA PHE C 131 -34.13 5.60 45.06
C PHE C 131 -34.71 5.93 46.42
N ILE C 132 -35.96 6.40 46.45
CA ILE C 132 -36.53 6.94 47.67
C ILE C 132 -36.69 5.85 48.73
N ASP C 133 -37.21 4.70 48.34
CA ASP C 133 -37.47 3.66 49.33
C ASP C 133 -36.24 2.81 49.63
N SER C 134 -35.09 3.13 49.04
CA SER C 134 -33.88 2.39 49.36
C SER C 134 -33.47 2.55 50.82
N SER C 135 -33.93 3.61 51.48
CA SER C 135 -33.56 3.87 52.86
C SER C 135 -34.41 3.13 53.87
N ASN C 136 -35.51 2.54 53.44
CA ASN C 136 -36.39 1.83 54.37
C ASN C 136 -35.80 0.47 54.72
N PRO C 137 -36.25 -0.12 55.83
CA PRO C 137 -35.79 -1.48 56.16
C PRO C 137 -36.17 -2.46 55.06
N ILE C 138 -35.38 -3.52 54.94
CA ILE C 138 -35.51 -4.42 53.81
C ILE C 138 -36.91 -5.00 53.74
N GLU C 139 -37.42 -5.52 54.85
CA GLU C 139 -38.76 -6.08 54.91
C GLU C 139 -39.57 -5.30 55.92
N SER C 140 -40.79 -4.93 55.54
CA SER C 140 -41.64 -4.11 56.40
C SER C 140 -43.09 -4.36 56.04
N CYS C 141 -43.98 -3.81 56.85
CA CYS C 141 -45.42 -3.90 56.64
C CYS C 141 -45.97 -2.53 56.34
N GLN C 142 -46.75 -2.42 55.26
CA GLN C 142 -47.32 -1.16 54.83
C GLN C 142 -48.77 -1.36 54.44
N ASN C 143 -49.62 -0.42 54.84
CA ASN C 143 -51.01 -0.41 54.41
C ASN C 143 -51.18 0.45 53.15
N PHE C 144 -51.96 -0.05 52.20
CA PHE C 144 -52.07 0.61 50.91
C PHE C 144 -52.89 1.90 51.01
N TYR C 145 -53.99 1.86 51.75
CA TYR C 145 -54.98 2.93 51.67
C TYR C 145 -54.52 4.22 52.32
N LYS C 146 -53.39 4.22 53.02
CA LYS C 146 -52.92 5.42 53.72
C LYS C 146 -51.48 5.71 53.36
N ASP C 147 -51.17 5.67 52.06
CA ASP C 147 -49.81 5.92 51.61
C ASP C 147 -49.86 6.61 50.24
N PHE C 148 -49.30 7.82 50.17
CA PHE C 148 -49.27 8.53 48.90
C PHE C 148 -48.40 7.80 47.89
N THR C 149 -47.21 7.38 48.30
CA THR C 149 -46.42 6.45 47.53
C THR C 149 -47.08 5.08 47.60
N LEU C 150 -46.68 4.18 46.69
CA LEU C 150 -47.25 2.85 46.54
C LEU C 150 -48.64 2.95 45.93
N GLN C 151 -49.13 4.18 45.77
CA GLN C 151 -50.28 4.47 44.94
C GLN C 151 -49.86 4.94 43.56
N ILE C 152 -48.86 5.80 43.49
CA ILE C 152 -48.28 6.18 42.21
C ILE C 152 -47.72 4.96 41.51
N ASP C 153 -47.02 4.11 42.24
CA ASP C 153 -46.38 2.94 41.64
C ASP C 153 -47.40 2.01 41.01
N MET C 154 -48.66 2.07 41.46
CA MET C 154 -49.71 1.30 40.80
C MET C 154 -49.86 1.73 39.35
N ALA C 155 -49.98 3.03 39.11
CA ALA C 155 -50.17 3.51 37.75
C ALA C 155 -48.99 3.16 36.86
N PHE C 156 -47.78 3.35 37.37
CA PHE C 156 -46.60 3.13 36.54
C PHE C 156 -46.49 1.67 36.11
N ASN C 157 -46.80 0.74 37.00
CA ASN C 157 -46.70 -0.66 36.63
C ASN C 157 -47.85 -1.08 35.74
N VAL C 158 -49.05 -0.55 35.98
CA VAL C 158 -50.18 -0.88 35.11
C VAL C 158 -49.89 -0.42 33.69
N PHE C 159 -49.36 0.79 33.54
CA PHE C 159 -49.03 1.29 32.20
C PHE C 159 -47.99 0.40 31.54
N PHE C 160 -46.97 -0.01 32.28
CA PHE C 160 -45.96 -0.89 31.71
C PHE C 160 -46.56 -2.19 31.22
N LEU C 161 -47.60 -2.68 31.91
CA LEU C 161 -48.25 -3.90 31.48
C LEU C 161 -48.86 -3.76 30.10
N LEU C 162 -49.61 -2.68 29.87
CA LEU C 162 -50.22 -2.49 28.57
C LEU C 162 -49.18 -2.32 27.48
N TYR C 163 -48.15 -1.51 27.74
CA TYR C 163 -47.09 -1.34 26.76
C TYR C 163 -46.40 -2.66 26.47
N PHE C 164 -46.31 -3.54 27.46
CA PHE C 164 -45.75 -4.86 27.21
C PHE C 164 -46.63 -5.66 26.26
N GLY C 165 -47.96 -5.55 26.43
CA GLY C 165 -48.85 -6.31 25.57
C GLY C 165 -48.69 -5.96 24.11
N LEU C 166 -48.55 -4.66 23.80
CA LEU C 166 -48.42 -4.24 22.42
C LEU C 166 -47.18 -4.86 21.79
N ARG C 167 -46.04 -4.78 22.47
CA ARG C 167 -44.82 -5.35 21.91
C ARG C 167 -44.97 -6.84 21.69
N PHE C 168 -45.70 -7.52 22.58
CA PHE C 168 -45.91 -8.95 22.41
C PHE C 168 -46.68 -9.24 21.13
N ILE C 169 -47.70 -8.44 20.84
CA ILE C 169 -48.51 -8.68 19.65
C ILE C 169 -47.67 -8.47 18.39
N ALA C 170 -46.91 -7.39 18.36
CA ALA C 170 -46.20 -7.01 17.13
C ALA C 170 -45.00 -7.88 16.84
N ALA C 171 -44.60 -8.77 17.74
CA ALA C 171 -43.40 -9.55 17.53
C ALA C 171 -43.62 -10.57 16.41
N ASN C 172 -42.51 -10.97 15.77
CA ASN C 172 -42.56 -11.97 14.71
C ASN C 172 -42.55 -13.38 15.27
N ASP C 173 -41.50 -13.75 16.01
CA ASP C 173 -41.39 -15.06 16.62
C ASP C 173 -41.54 -14.92 18.14
N LYS C 174 -42.59 -15.53 18.67
CA LYS C 174 -42.95 -15.32 20.06
C LYS C 174 -41.86 -15.79 21.01
N LEU C 175 -41.26 -16.95 20.71
CA LEU C 175 -40.27 -17.50 21.63
C LEU C 175 -39.06 -16.58 21.76
N TRP C 176 -38.51 -16.13 20.64
CA TRP C 176 -37.34 -15.28 20.70
C TRP C 176 -37.68 -13.88 21.19
N PHE C 177 -38.93 -13.44 21.01
CA PHE C 177 -39.34 -12.22 21.71
C PHE C 177 -39.34 -12.42 23.22
N TRP C 178 -39.83 -13.57 23.66
CA TRP C 178 -39.90 -13.86 25.09
C TRP C 178 -38.52 -13.91 25.71
N LEU C 179 -37.56 -14.51 25.02
CA LEU C 179 -36.18 -14.57 25.50
C LEU C 179 -35.41 -13.30 25.16
N GLU C 180 -35.92 -12.18 25.65
CA GLU C 180 -35.30 -10.88 25.41
C GLU C 180 -35.11 -10.16 26.73
N VAL C 181 -34.11 -9.28 26.77
CA VAL C 181 -33.73 -8.62 28.01
C VAL C 181 -34.86 -7.76 28.54
N ASN C 182 -35.54 -7.02 27.66
CA ASN C 182 -36.58 -6.12 28.11
C ASN C 182 -37.78 -6.91 28.65
N SER C 183 -38.16 -7.98 27.96
CA SER C 183 -39.21 -8.84 28.48
C SER C 183 -38.82 -9.43 29.82
N VAL C 184 -37.56 -9.82 29.97
CA VAL C 184 -37.11 -10.41 31.23
C VAL C 184 -37.25 -9.41 32.36
N VAL C 185 -36.80 -8.17 32.14
CA VAL C 185 -36.86 -7.20 33.21
C VAL C 185 -38.30 -6.88 33.56
N ASP C 186 -39.19 -6.82 32.56
CA ASP C 186 -40.59 -6.60 32.87
C ASP C 186 -41.16 -7.74 33.71
N PHE C 187 -40.80 -8.98 33.37
CA PHE C 187 -41.26 -10.12 34.15
C PHE C 187 -40.78 -10.02 35.58
N PHE C 188 -39.53 -9.65 35.78
CA PHE C 188 -38.98 -9.63 37.12
C PHE C 188 -39.43 -8.42 37.92
N THR C 189 -39.97 -7.40 37.27
CA THR C 189 -40.38 -6.21 38.02
C THR C 189 -41.87 -6.14 38.30
N VAL C 190 -42.73 -6.47 37.35
CA VAL C 190 -44.15 -6.11 37.49
C VAL C 190 -44.90 -6.93 38.53
N PRO C 191 -44.94 -8.27 38.44
CA PRO C 191 -45.83 -9.05 39.33
C PRO C 191 -45.62 -8.80 40.82
N PRO C 192 -44.37 -8.60 41.30
CA PRO C 192 -44.19 -8.39 42.74
C PRO C 192 -44.99 -7.23 43.28
N VAL C 193 -45.22 -6.20 42.47
CA VAL C 193 -46.00 -5.06 42.95
C VAL C 193 -47.41 -5.49 43.32
N PHE C 194 -48.06 -6.24 42.42
CA PHE C 194 -49.40 -6.73 42.71
C PHE C 194 -49.40 -7.66 43.91
N VAL C 195 -48.39 -8.52 44.00
CA VAL C 195 -48.31 -9.43 45.15
C VAL C 195 -48.23 -8.63 46.44
N SER C 196 -47.42 -7.57 46.44
CA SER C 196 -47.29 -6.73 47.63
C SER C 196 -48.60 -6.04 47.96
N VAL C 197 -49.32 -5.56 46.95
CA VAL C 197 -50.60 -4.91 47.21
C VAL C 197 -51.56 -5.89 47.87
N TYR C 198 -51.62 -7.11 47.35
CA TYR C 198 -52.54 -8.08 47.93
C TYR C 198 -52.15 -8.45 49.36
N LEU C 199 -50.85 -8.68 49.59
CA LEU C 199 -50.42 -9.16 50.91
C LEU C 199 -50.41 -8.06 51.95
N ASN C 200 -50.31 -6.80 51.53
CA ASN C 200 -50.08 -5.65 52.39
C ASN C 200 -48.71 -5.70 53.06
N ARG C 201 -47.79 -6.50 52.54
CA ARG C 201 -46.42 -6.55 53.00
C ARG C 201 -45.49 -6.19 51.85
N SER C 202 -44.31 -5.69 52.19
CA SER C 202 -43.37 -5.22 51.17
C SER C 202 -41.99 -5.80 51.41
N TRP C 203 -41.31 -6.14 50.32
CA TRP C 203 -39.92 -6.55 50.34
C TRP C 203 -39.20 -5.84 49.21
N LEU C 204 -37.97 -5.39 49.48
CA LEU C 204 -37.25 -4.65 48.46
C LEU C 204 -37.00 -5.51 47.24
N GLY C 205 -36.59 -6.76 47.45
CA GLY C 205 -36.50 -7.70 46.35
C GLY C 205 -35.57 -7.22 45.24
N LEU C 206 -36.01 -7.43 44.00
CA LEU C 206 -35.21 -7.15 42.82
C LEU C 206 -35.59 -5.86 42.13
N ARG C 207 -36.09 -4.87 42.89
CA ARG C 207 -36.53 -3.63 42.26
C ARG C 207 -35.39 -2.90 41.57
N PHE C 208 -34.14 -3.22 41.90
CA PHE C 208 -33.03 -2.47 41.32
C PHE C 208 -32.93 -2.71 39.83
N LEU C 209 -33.60 -3.76 39.32
CA LEU C 209 -33.60 -3.99 37.89
C LEU C 209 -34.29 -2.88 37.10
N ARG C 210 -35.07 -2.03 37.78
CA ARG C 210 -35.74 -0.95 37.07
C ARG C 210 -34.74 -0.04 36.36
N ALA C 211 -33.50 0.01 36.85
CA ALA C 211 -32.50 0.84 36.21
C ALA C 211 -32.06 0.31 34.86
N LEU C 212 -32.46 -0.90 34.50
CA LEU C 212 -32.03 -1.48 33.24
C LEU C 212 -32.84 -0.99 32.06
N ARG C 213 -33.89 -0.21 32.30
CA ARG C 213 -34.71 0.28 31.19
C ARG C 213 -34.04 1.38 30.40
N LEU C 214 -32.94 1.94 30.89
CA LEU C 214 -32.32 3.06 30.22
C LEU C 214 -31.76 2.70 28.85
N ILE C 215 -31.61 1.42 28.55
CA ILE C 215 -31.02 1.03 27.28
C ILE C 215 -31.88 1.48 26.11
N GLN C 216 -33.19 1.46 26.27
CA GLN C 216 -34.10 1.79 25.18
C GLN C 216 -34.02 3.25 24.73
N PHE C 217 -33.19 4.08 25.35
CA PHE C 217 -33.22 5.50 25.05
C PHE C 217 -32.65 5.80 23.67
N SER C 218 -31.51 5.21 23.35
CA SER C 218 -30.87 5.48 22.08
C SER C 218 -31.72 5.04 20.90
N GLU C 219 -32.74 4.23 21.17
CA GLU C 219 -33.61 3.66 20.15
C GLU C 219 -34.95 4.38 20.09
N ILE C 220 -35.49 4.77 21.25
CA ILE C 220 -36.63 5.67 21.27
C ILE C 220 -36.31 6.96 20.54
N LEU C 221 -35.13 7.53 20.78
CA LEU C 221 -34.78 8.75 20.08
C LEU C 221 -34.70 8.53 18.58
N GLN C 222 -34.24 7.36 18.14
CA GLN C 222 -34.18 7.13 16.71
C GLN C 222 -35.57 7.09 16.09
N PHE C 223 -36.53 6.43 16.76
CA PHE C 223 -37.90 6.55 16.26
C PHE C 223 -38.39 7.98 16.24
N LEU C 224 -38.10 8.75 17.28
CA LEU C 224 -38.66 10.10 17.29
C LEU C 224 -38.00 11.02 16.30
N ASN C 225 -37.06 10.54 15.49
CA ASN C 225 -36.38 11.34 14.49
C ASN C 225 -35.69 12.55 15.12
N ILE C 226 -34.88 12.28 16.13
CA ILE C 226 -34.06 13.30 16.76
C ILE C 226 -32.58 13.08 16.50
N LEU C 227 -32.15 11.83 16.47
CA LEU C 227 -30.77 11.48 16.20
C LEU C 227 -30.63 11.06 14.75
N LYS C 228 -29.75 11.71 14.02
CA LYS C 228 -29.56 11.31 12.64
C LYS C 228 -28.11 11.00 12.32
N THR C 229 -27.16 11.77 12.84
CA THR C 229 -25.77 11.56 12.49
C THR C 229 -25.20 10.37 13.25
N SER C 230 -23.98 9.97 12.87
CA SER C 230 -23.34 8.82 13.48
C SER C 230 -22.82 9.12 14.87
N ASN C 231 -22.20 10.29 15.05
CA ASN C 231 -21.55 10.60 16.32
C ASN C 231 -22.55 10.66 17.45
N SER C 232 -23.69 11.30 17.22
CA SER C 232 -24.69 11.38 18.27
C SER C 232 -25.16 10.00 18.69
N ILE C 233 -25.39 9.12 17.72
CA ILE C 233 -25.87 7.78 18.03
C ILE C 233 -24.84 7.03 18.85
N LYS C 234 -23.58 7.09 18.43
CA LYS C 234 -22.54 6.38 19.17
C LYS C 234 -22.44 6.88 20.60
N LEU C 235 -22.44 8.21 20.76
CA LEU C 235 -22.30 8.79 22.09
C LEU C 235 -23.45 8.37 22.98
N VAL C 236 -24.68 8.43 22.47
CA VAL C 236 -25.83 8.10 23.31
C VAL C 236 -25.80 6.63 23.69
N ASN C 237 -25.47 5.75 22.75
CA ASN C 237 -25.38 4.34 23.07
C ASN C 237 -24.40 4.10 24.21
N LEU C 238 -23.20 4.65 24.08
CA LEU C 238 -22.18 4.40 25.10
C LEU C 238 -22.62 4.91 26.45
N LEU C 239 -23.13 6.15 26.51
CA LEU C 239 -23.53 6.72 27.78
C LEU C 239 -24.61 5.89 28.44
N SER C 240 -25.62 5.50 27.68
CA SER C 240 -26.74 4.76 28.25
C SER C 240 -26.26 3.44 28.83
N ILE C 241 -25.50 2.67 28.04
CA ILE C 241 -25.07 1.36 28.53
C ILE C 241 -24.24 1.52 29.79
N PHE C 242 -23.29 2.46 29.79
CA PHE C 242 -22.39 2.61 30.92
C PHE C 242 -23.15 2.94 32.19
N ILE C 243 -24.01 3.97 32.14
CA ILE C 243 -24.70 4.39 33.33
C ILE C 243 -25.62 3.28 33.83
N SER C 244 -26.34 2.62 32.91
CA SER C 244 -27.26 1.59 33.32
C SER C 244 -26.56 0.48 34.08
N THR C 245 -25.48 -0.06 33.50
CA THR C 245 -24.83 -1.19 34.17
C THR C 245 -24.23 -0.76 35.51
N TRP C 246 -23.65 0.44 35.57
CA TRP C 246 -23.09 0.90 36.84
C TRP C 246 -24.14 0.92 37.93
N LEU C 247 -25.28 1.56 37.67
CA LEU C 247 -26.30 1.68 38.70
C LEU C 247 -26.88 0.32 39.08
N THR C 248 -27.09 -0.56 38.10
CA THR C 248 -27.65 -1.86 38.41
C THR C 248 -26.75 -2.67 39.32
N ALA C 249 -25.45 -2.72 38.99
CA ALA C 249 -24.54 -3.47 39.84
C ALA C 249 -24.50 -2.90 41.24
N ALA C 250 -24.49 -1.56 41.36
CA ALA C 250 -24.50 -0.97 42.69
C ALA C 250 -25.73 -1.40 43.47
N GLY C 251 -26.89 -1.41 42.84
CA GLY C 251 -28.10 -1.82 43.54
C GLY C 251 -28.02 -3.25 44.03
N PHE C 252 -27.50 -4.15 43.20
CA PHE C 252 -27.42 -5.54 43.62
C PHE C 252 -26.50 -5.71 44.82
N ILE C 253 -25.35 -5.04 44.79
CA ILE C 253 -24.47 -5.10 45.96
C ILE C 253 -25.18 -4.57 47.19
N HIS C 254 -25.93 -3.47 47.03
CA HIS C 254 -26.67 -2.93 48.16
C HIS C 254 -27.56 -3.98 48.78
N LEU C 255 -28.37 -4.65 47.95
CA LEU C 255 -29.30 -5.63 48.48
C LEU C 255 -28.55 -6.74 49.21
N VAL C 256 -27.58 -7.34 48.55
CA VAL C 256 -26.93 -8.53 49.14
C VAL C 256 -26.23 -8.15 50.44
N GLU C 257 -25.51 -7.04 50.45
CA GLU C 257 -24.77 -6.64 51.64
C GLU C 257 -25.70 -6.33 52.79
N ASN C 258 -26.74 -5.52 52.56
CA ASN C 258 -27.62 -5.17 53.66
C ASN C 258 -28.33 -6.40 54.21
N SER C 259 -28.67 -7.35 53.35
CA SER C 259 -29.47 -8.47 53.81
C SER C 259 -28.67 -9.44 54.66
N GLY C 260 -27.55 -9.94 54.16
CA GLY C 260 -26.83 -11.01 54.82
C GLY C 260 -27.00 -12.33 54.10
N ASP C 261 -26.51 -13.38 54.74
CA ASP C 261 -26.52 -14.68 54.07
C ASP C 261 -27.64 -15.57 54.61
N PRO C 262 -28.33 -16.30 53.75
CA PRO C 262 -29.41 -17.17 54.25
C PRO C 262 -28.92 -18.31 55.11
N TRP C 263 -27.95 -19.09 54.64
CA TRP C 263 -27.56 -20.27 55.40
C TRP C 263 -26.96 -19.89 56.73
N GLU C 264 -26.43 -18.68 56.84
CA GLU C 264 -25.99 -18.15 58.11
C GLU C 264 -27.11 -17.45 58.87
N ASN C 265 -28.36 -17.65 58.45
CA ASN C 265 -29.52 -17.12 59.15
C ASN C 265 -29.46 -15.60 59.24
N PHE C 266 -28.92 -14.97 58.20
CA PHE C 266 -28.88 -13.51 58.11
C PHE C 266 -28.23 -12.88 59.32
N GLN C 267 -27.09 -13.42 59.74
CA GLN C 267 -26.38 -12.90 60.89
C GLN C 267 -25.12 -12.13 60.52
N ASN C 268 -24.84 -11.95 59.22
CA ASN C 268 -23.62 -11.29 58.77
C ASN C 268 -23.90 -9.91 58.19
N ASN C 269 -25.08 -9.35 58.43
CA ASN C 269 -25.45 -8.10 57.78
C ASN C 269 -24.48 -6.98 58.16
N GLN C 270 -24.16 -6.16 57.16
CA GLN C 270 -23.30 -5.00 57.34
C GLN C 270 -24.04 -3.77 56.83
N ALA C 271 -24.13 -2.74 57.66
CA ALA C 271 -24.91 -1.57 57.29
C ALA C 271 -24.26 -0.83 56.13
N LEU C 272 -25.07 -0.42 55.17
CA LEU C 272 -24.56 0.27 53.98
C LEU C 272 -25.70 1.07 53.37
N THR C 273 -25.32 2.13 52.66
CA THR C 273 -26.29 2.94 51.94
C THR C 273 -26.00 2.92 50.45
N TYR C 274 -27.03 3.22 49.67
CA TYR C 274 -26.92 3.11 48.23
C TYR C 274 -25.81 3.98 47.68
N TRP C 275 -25.65 5.18 48.24
CA TRP C 275 -24.58 6.06 47.78
C TRP C 275 -23.21 5.42 48.00
N GLU C 276 -23.00 4.84 49.18
CA GLU C 276 -21.72 4.21 49.45
C GLU C 276 -21.51 3.03 48.52
N CYS C 277 -22.57 2.30 48.19
CA CYS C 277 -22.41 1.20 47.23
C CYS C 277 -21.98 1.72 45.87
N VAL C 278 -22.58 2.82 45.42
CA VAL C 278 -22.16 3.39 44.14
C VAL C 278 -20.70 3.78 44.18
N TYR C 279 -20.29 4.38 45.29
CA TYR C 279 -18.89 4.77 45.46
C TYR C 279 -17.98 3.56 45.38
N LEU C 280 -18.35 2.47 46.04
CA LEU C 280 -17.52 1.28 46.03
C LEU C 280 -17.39 0.71 44.63
N LEU C 281 -18.49 0.65 43.89
CA LEU C 281 -18.40 0.14 42.52
C LEU C 281 -17.51 1.01 41.66
N MET C 282 -17.59 2.33 41.81
CA MET C 282 -16.74 3.18 40.99
C MET C 282 -15.27 2.95 41.33
N VAL C 283 -14.94 2.86 42.61
CA VAL C 283 -13.55 2.62 42.98
C VAL C 283 -13.07 1.28 42.42
N THR C 284 -13.89 0.25 42.52
CA THR C 284 -13.46 -1.06 42.05
C THR C 284 -13.27 -1.06 40.54
N MET C 285 -14.21 -0.50 39.78
CA MET C 285 -14.07 -0.46 38.34
C MET C 285 -12.82 0.32 37.94
N SER C 286 -12.52 1.39 38.67
CA SER C 286 -11.36 2.19 38.31
C SER C 286 -10.05 1.49 38.65
N THR C 287 -10.09 0.33 39.30
CA THR C 287 -8.90 -0.41 39.70
C THR C 287 -8.02 0.39 40.65
N VAL C 288 -8.62 1.29 41.42
CA VAL C 288 -7.87 2.00 42.44
C VAL C 288 -7.78 1.18 43.71
N GLY C 289 -8.92 0.89 44.31
CA GLY C 289 -8.95 0.01 45.46
C GLY C 289 -8.41 0.58 46.75
N TYR C 290 -9.08 1.56 47.31
CA TYR C 290 -8.82 1.90 48.70
C TYR C 290 -9.31 0.76 49.59
N GLY C 291 -8.86 0.78 50.83
CA GLY C 291 -9.27 -0.23 51.79
C GLY C 291 -10.32 0.21 52.78
N ASP C 292 -10.98 1.34 52.54
CA ASP C 292 -11.90 1.87 53.55
C ASP C 292 -13.18 1.05 53.63
N VAL C 293 -13.76 0.71 52.50
CA VAL C 293 -15.01 -0.04 52.45
C VAL C 293 -14.88 -1.18 51.45
N TYR C 294 -15.42 -2.34 51.80
CA TYR C 294 -15.35 -3.50 50.92
C TYR C 294 -16.45 -4.46 51.32
N ALA C 295 -16.78 -5.36 50.40
CA ALA C 295 -17.79 -6.37 50.68
C ALA C 295 -17.28 -7.36 51.72
N LYS C 296 -18.20 -7.89 52.53
CA LYS C 296 -17.82 -8.81 53.58
C LYS C 296 -18.59 -10.12 53.58
N THR C 297 -19.65 -10.25 52.79
CA THR C 297 -20.44 -11.47 52.75
C THR C 297 -20.01 -12.36 51.61
N THR C 298 -20.36 -13.64 51.72
CA THR C 298 -19.96 -14.61 50.72
C THR C 298 -20.55 -14.26 49.35
N LEU C 299 -21.84 -13.94 49.31
CA LEU C 299 -22.46 -13.59 48.04
C LEU C 299 -21.83 -12.34 47.46
N GLY C 300 -21.55 -11.34 48.30
CA GLY C 300 -20.93 -10.12 47.81
C GLY C 300 -19.59 -10.40 47.19
N ARG C 301 -18.76 -11.19 47.87
CA ARG C 301 -17.43 -11.47 47.34
C ARG C 301 -17.51 -12.27 46.04
N LEU C 302 -18.43 -13.23 45.97
CA LEU C 302 -18.58 -14.00 44.75
C LEU C 302 -18.98 -13.11 43.59
N PHE C 303 -19.94 -12.22 43.83
CA PHE C 303 -20.36 -11.31 42.79
C PHE C 303 -19.21 -10.42 42.36
N MET C 304 -18.42 -9.94 43.31
CA MET C 304 -17.29 -9.09 42.95
C MET C 304 -16.30 -9.85 42.08
N VAL C 305 -16.05 -11.11 42.42
CA VAL C 305 -15.09 -11.89 41.63
C VAL C 305 -15.57 -12.02 40.19
N PHE C 306 -16.84 -12.35 39.99
CA PHE C 306 -17.29 -12.44 38.59
C PHE C 306 -17.40 -11.08 37.93
N PHE C 307 -17.71 -10.03 38.66
CA PHE C 307 -17.88 -8.73 38.03
C PHE C 307 -16.56 -8.12 37.62
N ILE C 308 -15.47 -8.51 38.28
CA ILE C 308 -14.17 -7.95 37.93
C ILE C 308 -13.77 -8.34 36.51
N LEU C 309 -14.14 -9.55 36.08
CA LEU C 309 -13.73 -10.01 34.76
C LEU C 309 -14.31 -9.14 33.65
N GLY C 310 -15.46 -8.53 33.86
CA GLY C 310 -16.07 -7.73 32.81
C GLY C 310 -15.96 -6.24 33.01
N GLY C 311 -16.17 -5.78 34.24
CA GLY C 311 -16.26 -4.35 34.47
C GLY C 311 -14.98 -3.63 34.12
N LEU C 312 -13.83 -4.21 34.47
CA LEU C 312 -12.57 -3.54 34.20
C LEU C 312 -12.34 -3.35 32.71
N ALA C 313 -12.61 -4.39 31.91
CA ALA C 313 -12.45 -4.25 30.47
C ALA C 313 -13.41 -3.19 29.93
N MET C 314 -14.66 -3.21 30.39
CA MET C 314 -15.63 -2.24 29.93
C MET C 314 -15.17 -0.82 30.23
N PHE C 315 -14.72 -0.57 31.46
CA PHE C 315 -14.29 0.76 31.83
C PHE C 315 -13.06 1.20 31.05
N ALA C 316 -12.12 0.29 30.85
CA ALA C 316 -10.92 0.66 30.12
C ALA C 316 -11.21 0.96 28.67
N SER C 317 -12.26 0.35 28.11
CA SER C 317 -12.53 0.52 26.69
C SER C 317 -13.57 1.59 26.38
N TYR C 318 -14.38 2.02 27.34
CA TYR C 318 -15.44 2.97 27.01
C TYR C 318 -15.10 4.42 27.34
N VAL C 319 -14.50 4.69 28.49
CA VAL C 319 -14.31 6.08 28.91
C VAL C 319 -13.49 6.89 27.91
N PRO C 320 -12.33 6.45 27.45
CA PRO C 320 -11.61 7.24 26.45
C PRO C 320 -12.42 7.49 25.20
N GLU C 321 -13.27 6.53 24.81
CA GLU C 321 -14.11 6.72 23.64
C GLU C 321 -15.02 7.92 23.81
N ILE C 322 -15.68 8.03 24.97
CA ILE C 322 -16.57 9.16 25.21
C ILE C 322 -15.77 10.45 25.28
N ILE C 323 -14.65 10.44 26.01
CA ILE C 323 -13.91 11.67 26.18
C ILE C 323 -13.31 12.13 24.87
N GLU C 324 -13.21 11.25 23.88
CA GLU C 324 -12.81 11.66 22.55
C GLU C 324 -13.99 12.13 21.69
N LEU C 325 -15.12 11.43 21.77
CA LEU C 325 -16.27 11.84 20.97
C LEU C 325 -16.74 13.23 21.35
N ILE C 326 -16.75 13.54 22.66
CA ILE C 326 -16.85 14.93 23.05
C ILE C 326 -15.51 15.59 22.81
N GLY C 327 -15.53 16.82 22.30
CA GLY C 327 -14.31 17.54 22.00
C GLY C 327 -14.03 17.72 20.52
N ASN C 328 -14.92 17.29 19.64
CA ASN C 328 -14.81 17.59 18.21
C ASN C 328 -15.42 18.98 17.95
N ARG C 329 -14.68 19.99 18.38
CA ARG C 329 -15.11 21.37 18.28
C ARG C 329 -14.41 22.03 17.10
N LYS C 330 -15.18 22.61 16.20
CA LYS C 330 -14.63 23.33 15.05
C LYS C 330 -14.20 24.69 15.54
N LYS C 331 -12.91 24.84 15.83
CA LYS C 331 -12.45 26.02 16.55
C LYS C 331 -12.60 27.29 15.73
N TYR C 332 -12.40 27.21 14.42
CA TYR C 332 -12.30 28.41 13.58
C TYR C 332 -13.58 28.70 12.82
N GLY C 333 -14.74 28.46 13.42
CA GLY C 333 -16.00 28.88 12.85
C GLY C 333 -16.19 30.37 13.01
N GLY C 334 -17.44 30.79 13.03
CA GLY C 334 -17.74 32.18 13.26
C GLY C 334 -17.62 33.01 12.00
N SER C 335 -17.69 34.33 12.18
CA SER C 335 -17.67 35.25 11.07
C SER C 335 -16.75 36.41 11.41
N TYR C 336 -16.79 37.44 10.58
CA TYR C 336 -15.93 38.61 10.71
C TYR C 336 -16.78 39.85 10.84
N SER C 337 -16.35 40.76 11.69
CA SER C 337 -17.07 42.02 11.91
C SER C 337 -16.34 43.13 11.18
N ALA C 338 -17.06 43.82 10.30
CA ALA C 338 -16.46 44.92 9.55
C ALA C 338 -16.28 46.13 10.44
N VAL C 339 -15.18 46.85 10.24
CA VAL C 339 -14.90 48.09 10.94
C VAL C 339 -15.00 49.22 9.93
N SER C 340 -15.87 50.19 10.20
CA SER C 340 -16.01 51.32 9.30
C SER C 340 -14.72 52.12 9.24
N GLY C 341 -14.39 52.62 8.05
CA GLY C 341 -13.23 53.46 7.88
C GLY C 341 -11.91 52.74 7.76
N ARG C 342 -11.90 51.41 7.82
CA ARG C 342 -10.68 50.64 7.67
C ARG C 342 -10.92 49.53 6.66
N LYS C 343 -10.05 49.46 5.66
CA LYS C 343 -10.23 48.51 4.58
C LYS C 343 -9.69 47.13 4.98
N HIS C 344 -10.03 46.13 4.18
CA HIS C 344 -9.54 44.78 4.41
C HIS C 344 -9.56 44.02 3.10
N ILE C 345 -8.75 42.97 3.02
CA ILE C 345 -8.64 42.15 1.82
C ILE C 345 -8.87 40.70 2.21
N VAL C 346 -8.94 39.84 1.20
CA VAL C 346 -9.21 38.42 1.39
C VAL C 346 -8.20 37.63 0.59
N VAL C 347 -7.70 36.54 1.17
CA VAL C 347 -6.72 35.68 0.53
C VAL C 347 -7.23 34.26 0.54
N CYS C 348 -7.15 33.59 -0.60
CA CYS C 348 -7.61 32.21 -0.72
C CYS C 348 -6.68 31.46 -1.66
N GLY C 349 -6.81 30.13 -1.65
CA GLY C 349 -6.00 29.32 -2.53
C GLY C 349 -5.08 28.38 -1.80
N HIS C 350 -3.91 28.13 -2.37
CA HIS C 350 -2.94 27.22 -1.77
C HIS C 350 -2.21 27.92 -0.64
N ILE C 351 -2.49 27.52 0.59
CA ILE C 351 -1.96 28.17 1.78
C ILE C 351 -1.10 27.18 2.55
N THR C 352 0.12 27.59 2.84
CA THR C 352 1.02 26.79 3.66
C THR C 352 1.98 27.73 4.37
N LEU C 353 2.79 27.14 5.26
CA LEU C 353 3.64 27.96 6.12
C LEU C 353 4.60 28.81 5.31
N GLU C 354 5.24 28.21 4.31
CA GLU C 354 6.24 28.93 3.55
C GLU C 354 5.64 30.12 2.81
N SER C 355 4.56 29.87 2.07
CA SER C 355 3.93 30.93 1.29
C SER C 355 3.41 32.02 2.21
N VAL C 356 2.77 31.64 3.31
CA VAL C 356 2.21 32.64 4.21
C VAL C 356 3.31 33.50 4.81
N SER C 357 4.40 32.87 5.25
CA SER C 357 5.48 33.64 5.86
C SER C 357 6.08 34.62 4.87
N ASN C 358 6.36 34.15 3.65
CA ASN C 358 6.91 35.05 2.65
C ASN C 358 5.97 36.20 2.36
N PHE C 359 4.70 35.88 2.15
CA PHE C 359 3.73 36.91 1.80
C PHE C 359 3.62 37.95 2.91
N LEU C 360 3.58 37.50 4.16
CA LEU C 360 3.43 38.44 5.27
C LEU C 360 4.66 39.31 5.40
N LYS C 361 5.85 38.69 5.40
CA LYS C 361 7.07 39.47 5.54
C LYS C 361 7.19 40.50 4.44
N ASP C 362 6.70 40.18 3.25
CA ASP C 362 6.74 41.17 2.18
C ASP C 362 5.69 42.24 2.36
N PHE C 363 4.51 41.86 2.85
CA PHE C 363 3.40 42.81 2.90
C PHE C 363 3.61 43.86 3.97
N LEU C 364 4.00 43.44 5.18
CA LEU C 364 3.98 44.33 6.32
C LEU C 364 5.33 44.96 6.61
N HIS C 365 6.17 45.11 5.58
CA HIS C 365 7.49 45.69 5.80
C HIS C 365 7.40 47.16 6.17
N LYS C 366 8.29 47.59 7.04
CA LYS C 366 8.29 48.98 7.47
C LYS C 366 8.86 49.91 6.42
N ASP C 367 9.68 49.41 5.49
CA ASP C 367 10.21 50.26 4.45
C ASP C 367 9.10 50.87 3.61
N ARG C 368 7.96 50.17 3.53
CA ARG C 368 6.79 50.72 2.87
C ARG C 368 6.16 51.79 3.75
N ASP C 369 5.47 52.73 3.10
CA ASP C 369 4.71 53.74 3.82
C ASP C 369 3.74 53.08 4.79
N ASP C 370 3.39 53.81 5.85
CA ASP C 370 2.50 53.26 6.87
C ASP C 370 1.18 52.82 6.27
N VAL C 371 0.74 51.63 6.66
CA VAL C 371 -0.50 51.05 6.16
C VAL C 371 -1.29 50.49 7.33
N ASN C 372 -2.58 50.28 7.09
CA ASN C 372 -3.45 49.79 8.15
C ASN C 372 -4.49 48.79 7.65
N VAL C 373 -4.34 48.26 6.43
CA VAL C 373 -5.29 47.28 5.94
C VAL C 373 -5.17 46.00 6.76
N GLU C 374 -6.24 45.22 6.75
CA GLU C 374 -6.36 44.04 7.58
C GLU C 374 -6.55 42.82 6.68
N ILE C 375 -5.71 41.81 6.87
CA ILE C 375 -5.75 40.61 6.05
C ILE C 375 -6.70 39.61 6.68
N VAL C 376 -7.38 38.84 5.83
CA VAL C 376 -8.35 37.84 6.28
C VAL C 376 -8.17 36.61 5.41
N PHE C 377 -7.62 35.54 5.98
CA PHE C 377 -7.43 34.33 5.21
C PHE C 377 -8.73 33.53 5.17
N LEU C 378 -8.74 32.51 4.31
CA LEU C 378 -9.91 31.64 4.19
C LEU C 378 -9.48 30.36 3.52
N HIS C 379 -9.69 29.23 4.20
CA HIS C 379 -9.20 27.95 3.74
C HIS C 379 -10.04 26.86 4.38
N ASN C 380 -9.87 25.64 3.89
CA ASN C 380 -10.66 24.51 4.38
C ASN C 380 -9.82 23.46 5.10
N ILE C 381 -8.64 23.84 5.58
CA ILE C 381 -7.78 22.93 6.33
C ILE C 381 -7.37 23.62 7.62
N SER C 382 -7.63 22.98 8.75
CA SER C 382 -7.27 23.58 10.02
C SER C 382 -5.75 23.71 10.11
N PRO C 383 -5.25 24.84 10.60
CA PRO C 383 -3.80 25.04 10.63
C PRO C 383 -3.13 24.16 11.67
N ASN C 384 -1.83 23.96 11.49
CA ASN C 384 -1.05 23.22 12.46
C ASN C 384 -0.40 24.19 13.44
N LEU C 385 0.46 23.67 14.31
CA LEU C 385 0.90 24.45 15.46
C LEU C 385 1.76 25.63 15.06
N GLU C 386 2.75 25.41 14.20
CA GLU C 386 3.66 26.50 13.87
C GLU C 386 2.96 27.60 13.08
N LEU C 387 2.10 27.23 12.14
CA LEU C 387 1.35 28.24 11.41
C LEU C 387 0.44 29.03 12.34
N GLU C 388 -0.23 28.33 13.25
CA GLU C 388 -1.08 29.04 14.20
C GLU C 388 -0.25 29.95 15.10
N ALA C 389 0.97 29.54 15.43
CA ALA C 389 1.85 30.39 16.21
C ALA C 389 2.22 31.65 15.44
N LEU C 390 2.47 31.51 14.15
CA LEU C 390 2.74 32.69 13.33
C LEU C 390 1.55 33.65 13.35
N PHE C 391 0.35 33.10 13.19
CA PHE C 391 -0.85 33.94 13.29
C PHE C 391 -0.90 34.64 14.63
N LYS C 392 -0.59 33.93 15.71
CA LYS C 392 -0.57 34.56 17.02
C LYS C 392 0.45 35.67 17.08
N ARG C 393 1.62 35.46 16.47
CA ARG C 393 2.66 36.48 16.50
C ARG C 393 2.20 37.75 15.81
N HIS C 394 1.50 37.62 14.69
CA HIS C 394 0.85 38.79 14.09
C HIS C 394 -0.59 38.86 14.57
N PHE C 395 -0.75 39.20 15.84
CA PHE C 395 -2.04 39.08 16.49
C PHE C 395 -3.03 40.11 15.97
N THR C 396 -2.60 41.36 15.88
CA THR C 396 -3.53 42.47 15.76
C THR C 396 -3.99 42.74 14.34
N GLN C 397 -3.45 42.05 13.34
CA GLN C 397 -3.75 42.43 11.97
C GLN C 397 -3.87 41.25 11.02
N VAL C 398 -4.09 40.04 11.54
CA VAL C 398 -4.30 38.85 10.72
C VAL C 398 -5.37 38.00 11.38
N GLU C 399 -6.33 37.52 10.60
CA GLU C 399 -7.37 36.67 11.14
C GLU C 399 -7.63 35.51 10.20
N PHE C 400 -8.09 34.40 10.77
CA PHE C 400 -8.29 33.17 10.03
C PHE C 400 -9.75 32.75 10.12
N TYR C 401 -10.22 32.04 9.10
CA TYR C 401 -11.56 31.49 9.10
C TYR C 401 -11.58 30.23 8.27
N GLN C 402 -12.11 29.15 8.85
CA GLN C 402 -12.22 27.91 8.10
C GLN C 402 -13.46 27.93 7.23
N GLY C 403 -13.32 27.46 6.00
CA GLY C 403 -14.42 27.49 5.05
C GLY C 403 -13.90 27.19 3.66
N SER C 404 -14.66 27.62 2.66
CA SER C 404 -14.22 27.47 1.28
C SER C 404 -14.76 28.60 0.46
N VAL C 405 -14.03 28.94 -0.61
CA VAL C 405 -14.44 30.07 -1.44
C VAL C 405 -15.52 29.67 -2.44
N LEU C 406 -15.71 28.38 -2.71
CA LEU C 406 -16.73 27.96 -3.64
C LEU C 406 -18.13 28.01 -3.02
N ASN C 407 -18.23 27.79 -1.73
CA ASN C 407 -19.52 27.83 -1.06
C ASN C 407 -20.01 29.27 -0.96
N PRO C 408 -21.14 29.62 -1.55
CA PRO C 408 -21.59 31.02 -1.53
C PRO C 408 -22.08 31.51 -0.19
N HIS C 409 -22.07 30.69 0.86
CA HIS C 409 -22.36 31.22 2.18
C HIS C 409 -21.11 31.79 2.84
N ASP C 410 -19.96 31.15 2.62
CA ASP C 410 -18.73 31.62 3.25
C ASP C 410 -18.35 33.00 2.76
N LEU C 411 -18.62 33.30 1.49
CA LEU C 411 -18.33 34.63 0.97
C LEU C 411 -19.04 35.70 1.81
N ALA C 412 -20.34 35.53 2.03
CA ALA C 412 -21.05 36.47 2.89
C ALA C 412 -20.53 36.39 4.32
N ARG C 413 -20.03 35.22 4.73
CA ARG C 413 -19.49 35.10 6.07
C ARG C 413 -18.30 36.02 6.28
N VAL C 414 -17.44 36.14 5.28
CA VAL C 414 -16.24 36.97 5.40
C VAL C 414 -16.45 38.37 4.82
N LYS C 415 -17.70 38.77 4.58
CA LYS C 415 -18.02 40.13 4.13
C LYS C 415 -17.23 40.50 2.89
N ILE C 416 -17.45 39.75 1.82
CA ILE C 416 -16.70 39.96 0.59
C ILE C 416 -17.18 41.19 -0.17
N GLU C 417 -18.43 41.62 0.02
CA GLU C 417 -18.96 42.72 -0.78
C GLU C 417 -18.33 44.05 -0.42
N SER C 418 -17.96 44.24 0.84
CA SER C 418 -17.32 45.47 1.26
C SER C 418 -15.80 45.37 1.26
N ALA C 419 -15.25 44.22 0.91
CA ALA C 419 -13.80 44.05 0.89
C ALA C 419 -13.19 44.88 -0.23
N ASP C 420 -11.93 45.27 -0.03
CA ASP C 420 -11.27 46.11 -1.02
C ASP C 420 -10.85 45.30 -2.24
N ALA C 421 -10.30 44.11 -2.04
CA ALA C 421 -9.81 43.31 -3.14
C ALA C 421 -9.65 41.88 -2.66
N CYS C 422 -9.44 40.97 -3.61
CA CYS C 422 -9.22 39.57 -3.29
C CYS C 422 -8.00 39.06 -4.04
N LEU C 423 -7.24 38.19 -3.38
CA LEU C 423 -6.01 37.66 -3.94
C LEU C 423 -6.10 36.14 -4.01
N ILE C 424 -5.35 35.54 -4.93
CA ILE C 424 -5.38 34.10 -5.10
C ILE C 424 -3.98 33.57 -5.34
N LEU C 425 -3.38 32.99 -4.31
CA LEU C 425 -2.11 32.31 -4.49
C LEU C 425 -2.34 30.95 -5.14
N ALA C 426 -1.32 30.46 -5.83
CA ALA C 426 -1.40 29.20 -6.53
C ALA C 426 -0.18 28.34 -6.22
N ASN C 427 -0.37 27.03 -6.30
CA ASN C 427 0.72 26.09 -6.04
C ASN C 427 1.59 25.99 -7.28
N LYS C 428 2.79 26.57 -7.22
CA LYS C 428 3.67 26.55 -8.38
C LYS C 428 4.09 25.12 -8.72
N TYR C 429 4.41 24.32 -7.71
CA TYR C 429 4.85 22.95 -7.93
C TYR C 429 3.63 22.03 -7.87
N CYS C 430 3.19 21.57 -9.04
CA CYS C 430 2.02 20.72 -9.12
C CYS C 430 2.24 19.67 -10.20
N ALA C 431 1.43 18.61 -10.14
CA ALA C 431 1.56 17.52 -11.09
C ALA C 431 1.14 17.95 -12.49
N ASP C 432 0.01 18.66 -12.60
CA ASP C 432 -0.52 19.06 -13.90
C ASP C 432 -0.83 20.55 -13.86
N PRO C 433 -0.16 21.37 -14.66
CA PRO C 433 -0.46 22.80 -14.66
C PRO C 433 -1.90 23.13 -15.03
N ASP C 434 -2.50 22.38 -15.95
CA ASP C 434 -3.80 22.78 -16.46
C ASP C 434 -4.91 22.63 -15.42
N ALA C 435 -4.82 21.59 -14.59
CA ALA C 435 -5.81 21.43 -13.53
C ALA C 435 -5.80 22.63 -12.59
N GLU C 436 -4.61 23.13 -12.27
CA GLU C 436 -4.51 24.27 -11.39
C GLU C 436 -5.19 25.49 -12.00
N ASP C 437 -4.95 25.72 -13.29
CA ASP C 437 -5.60 26.84 -13.97
C ASP C 437 -7.11 26.69 -13.96
N ALA C 438 -7.59 25.49 -14.22
CA ALA C 438 -9.04 25.28 -14.18
C ALA C 438 -9.61 25.60 -12.81
N SER C 439 -8.95 25.13 -11.76
CA SER C 439 -9.46 25.39 -10.42
C SER C 439 -9.49 26.88 -10.12
N ASN C 440 -8.41 27.59 -10.46
CA ASN C 440 -8.38 29.02 -10.18
C ASN C 440 -9.45 29.75 -10.98
N ILE C 441 -9.67 29.35 -12.22
CA ILE C 441 -10.72 30.00 -13.01
C ILE C 441 -12.08 29.75 -12.39
N MET C 442 -12.30 28.55 -11.86
CA MET C 442 -13.56 28.29 -11.17
C MET C 442 -13.72 29.22 -9.97
N ARG C 443 -12.65 29.40 -9.20
CA ARG C 443 -12.74 30.26 -8.04
C ARG C 443 -13.10 31.68 -8.44
N VAL C 444 -12.42 32.22 -9.44
CA VAL C 444 -12.70 33.60 -9.82
C VAL C 444 -14.10 33.72 -10.41
N ILE C 445 -14.57 32.71 -11.12
CA ILE C 445 -15.94 32.74 -11.63
C ILE C 445 -16.92 32.85 -10.49
N SER C 446 -16.74 32.02 -9.45
CA SER C 446 -17.67 32.05 -8.34
C SER C 446 -17.65 33.40 -7.63
N ILE C 447 -16.45 33.95 -7.42
CA ILE C 447 -16.36 35.22 -6.71
C ILE C 447 -17.06 36.32 -7.51
N LYS C 448 -16.77 36.41 -8.80
CA LYS C 448 -17.40 37.45 -9.61
C LYS C 448 -18.89 37.24 -9.70
N ASN C 449 -19.35 35.99 -9.68
CA ASN C 449 -20.78 35.73 -9.65
C ASN C 449 -21.40 36.33 -8.40
N TYR C 450 -20.75 36.14 -7.25
CA TYR C 450 -21.27 36.74 -6.03
C TYR C 450 -21.28 38.26 -6.13
N HIS C 451 -20.21 38.84 -6.65
CA HIS C 451 -20.11 40.29 -6.67
C HIS C 451 -19.39 40.76 -7.93
N PRO C 452 -19.96 41.69 -8.66
CA PRO C 452 -19.35 42.10 -9.94
C PRO C 452 -18.21 43.09 -9.78
N LYS C 453 -18.30 44.00 -8.81
CA LYS C 453 -17.41 45.15 -8.77
C LYS C 453 -16.08 44.88 -8.08
N ILE C 454 -15.87 43.69 -7.52
CA ILE C 454 -14.63 43.45 -6.79
C ILE C 454 -13.44 43.47 -7.75
N ARG C 455 -12.26 43.68 -7.17
CA ARG C 455 -11.01 43.67 -7.92
C ARG C 455 -10.19 42.46 -7.52
N ILE C 456 -9.70 41.72 -8.52
CA ILE C 456 -9.09 40.42 -8.30
C ILE C 456 -7.70 40.40 -8.89
N ILE C 457 -6.75 39.81 -8.15
CA ILE C 457 -5.39 39.59 -8.61
C ILE C 457 -5.06 38.13 -8.41
N THR C 458 -4.53 37.48 -9.44
CA THR C 458 -4.31 36.04 -9.39
C THR C 458 -3.00 35.67 -10.06
N GLN C 459 -2.67 34.39 -9.95
CA GLN C 459 -1.49 33.81 -10.58
C GLN C 459 -1.94 32.66 -11.46
N MET C 460 -1.27 32.48 -12.60
CA MET C 460 -1.58 31.36 -13.47
C MET C 460 -0.29 30.81 -14.06
N LEU C 461 -0.22 29.49 -14.19
CA LEU C 461 1.05 28.85 -14.53
C LEU C 461 1.32 28.91 -16.03
N GLN C 462 0.45 28.30 -16.84
CA GLN C 462 0.68 28.30 -18.27
C GLN C 462 0.41 29.68 -18.84
N TYR C 463 0.57 29.80 -20.15
CA TYR C 463 0.31 31.07 -20.82
C TYR C 463 -0.98 31.06 -21.62
N HIS C 464 -1.24 30.00 -22.40
CA HIS C 464 -2.43 30.01 -23.23
C HIS C 464 -3.70 30.06 -22.40
N ASN C 465 -3.67 29.47 -21.20
CA ASN C 465 -4.85 29.52 -20.34
C ASN C 465 -5.23 30.94 -19.96
N LYS C 466 -4.28 31.87 -20.00
CA LYS C 466 -4.57 33.23 -19.56
C LYS C 466 -5.66 33.88 -20.39
N ALA C 467 -5.84 33.43 -21.63
CA ALA C 467 -6.86 34.03 -22.48
C ALA C 467 -8.27 33.72 -22.00
N HIS C 468 -8.46 32.66 -21.21
CA HIS C 468 -9.80 32.27 -20.82
C HIS C 468 -10.47 33.32 -19.96
N LEU C 469 -9.70 34.12 -19.23
CA LEU C 469 -10.30 35.08 -18.32
C LEU C 469 -11.14 36.10 -19.06
N LEU C 470 -10.79 36.42 -20.30
CA LEU C 470 -11.57 37.38 -21.06
C LEU C 470 -12.99 36.89 -21.33
N ASN C 471 -13.21 35.58 -21.26
CA ASN C 471 -14.54 35.06 -21.57
C ASN C 471 -15.55 35.39 -20.48
N ILE C 472 -15.09 35.56 -19.24
CA ILE C 472 -16.04 35.93 -18.18
C ILE C 472 -16.63 37.29 -18.49
N PRO C 473 -17.94 37.45 -18.46
CA PRO C 473 -18.53 38.72 -18.89
C PRO C 473 -18.10 39.92 -18.07
N SER C 474 -17.88 39.76 -16.77
CA SER C 474 -17.64 40.90 -15.90
C SER C 474 -16.16 41.18 -15.66
N TRP C 475 -15.27 40.39 -16.23
CA TRP C 475 -13.84 40.61 -16.05
C TRP C 475 -13.39 41.70 -16.99
N ASN C 476 -13.06 42.87 -16.45
CA ASN C 476 -12.51 43.96 -17.25
C ASN C 476 -11.29 44.50 -16.53
N TRP C 477 -10.19 44.64 -17.27
CA TRP C 477 -8.94 45.04 -16.65
C TRP C 477 -8.71 46.54 -16.66
N LYS C 478 -9.60 47.32 -17.29
CA LYS C 478 -9.44 48.77 -17.22
C LYS C 478 -9.64 49.27 -15.80
N GLU C 479 -10.54 48.65 -15.05
CA GLU C 479 -10.80 49.09 -13.69
C GLU C 479 -9.90 48.44 -12.66
N GLY C 480 -8.98 47.57 -13.06
CA GLY C 480 -7.97 47.12 -12.13
C GLY C 480 -7.68 45.64 -12.08
N ASP C 481 -8.56 44.81 -12.64
CA ASP C 481 -8.32 43.37 -12.61
C ASP C 481 -7.02 43.04 -13.34
N ASP C 482 -6.22 42.17 -12.75
CA ASP C 482 -4.92 41.83 -13.31
C ASP C 482 -4.63 40.36 -13.12
N ALA C 483 -3.87 39.80 -14.04
CA ALA C 483 -3.43 38.42 -13.97
C ALA C 483 -1.93 38.38 -14.22
N ILE C 484 -1.27 37.39 -13.63
CA ILE C 484 0.17 37.25 -13.71
C ILE C 484 0.50 35.85 -14.19
N CYS C 485 1.25 35.78 -15.28
CA CYS C 485 1.63 34.50 -15.89
C CYS C 485 3.10 34.26 -15.59
N LEU C 486 3.37 33.27 -14.74
CA LEU C 486 4.73 33.05 -14.28
C LEU C 486 5.65 32.67 -15.42
N ALA C 487 5.22 31.77 -16.30
CA ALA C 487 6.08 31.32 -17.38
C ALA C 487 6.48 32.47 -18.30
N GLU C 488 5.51 33.31 -18.65
CA GLU C 488 5.81 34.42 -19.55
C GLU C 488 6.84 35.36 -18.94
N LEU C 489 6.66 35.73 -17.68
CA LEU C 489 7.61 36.63 -17.04
C LEU C 489 8.99 36.00 -16.91
N LYS C 490 9.03 34.72 -16.55
CA LYS C 490 10.33 34.06 -16.41
C LYS C 490 11.10 34.08 -17.73
N LEU C 491 10.45 33.63 -18.80
CA LEU C 491 11.14 33.61 -20.08
C LEU C 491 11.50 35.02 -20.53
N GLY C 492 10.64 36.00 -20.24
CA GLY C 492 10.96 37.36 -20.61
C GLY C 492 12.19 37.88 -19.91
N PHE C 493 12.30 37.63 -18.60
CA PHE C 493 13.49 38.05 -17.87
C PHE C 493 14.74 37.43 -18.47
N ILE C 494 14.68 36.12 -18.74
CA ILE C 494 15.87 35.46 -19.29
C ILE C 494 16.24 36.05 -20.64
N ALA C 495 15.24 36.23 -21.51
CA ALA C 495 15.51 36.76 -22.83
C ALA C 495 16.12 38.15 -22.76
N GLN C 496 15.59 39.00 -21.88
CA GLN C 496 16.17 40.32 -21.73
C GLN C 496 17.60 40.22 -21.23
N SER C 497 17.87 39.27 -20.34
CA SER C 497 19.24 39.07 -19.90
C SER C 497 20.16 38.70 -21.04
N CYS C 498 19.63 38.02 -22.06
CA CYS C 498 20.47 37.64 -23.19
C CYS C 498 21.09 38.83 -23.89
N LEU C 499 20.52 40.03 -23.77
CA LEU C 499 21.14 41.19 -24.37
C LEU C 499 22.23 41.76 -23.47
N ALA C 500 21.86 42.20 -22.28
CA ALA C 500 22.81 42.70 -21.29
C ALA C 500 22.82 41.75 -20.12
N GLN C 501 24.00 41.23 -19.78
CA GLN C 501 24.09 40.24 -18.74
C GLN C 501 23.73 40.84 -17.39
N GLY C 502 23.16 40.01 -16.52
CA GLY C 502 22.82 40.43 -15.18
C GLY C 502 21.58 41.26 -15.07
N LEU C 503 20.95 41.62 -16.19
CA LEU C 503 19.74 42.42 -16.12
C LEU C 503 18.65 41.71 -15.34
N SER C 504 18.59 40.39 -15.44
CA SER C 504 17.55 39.65 -14.74
C SER C 504 17.70 39.82 -13.23
N THR C 505 18.91 39.60 -12.72
CA THR C 505 19.09 39.71 -11.28
C THR C 505 19.05 41.15 -10.82
N MET C 506 19.27 42.11 -11.72
CA MET C 506 19.13 43.49 -11.31
C MET C 506 17.66 43.86 -11.18
N LEU C 507 16.84 43.43 -12.14
CA LEU C 507 15.41 43.73 -12.07
C LEU C 507 14.74 43.01 -10.91
N ALA C 508 15.09 41.74 -10.70
CA ALA C 508 14.35 40.96 -9.71
C ALA C 508 14.49 41.51 -8.31
N ASN C 509 15.47 42.38 -8.06
CA ASN C 509 15.66 42.96 -6.75
C ASN C 509 14.89 44.26 -6.56
N LEU C 510 14.28 44.79 -7.60
CA LEU C 510 13.53 46.03 -7.47
C LEU C 510 12.13 45.83 -6.90
N PHE C 511 11.71 44.59 -6.70
CA PHE C 511 10.39 44.32 -6.13
C PHE C 511 10.45 43.68 -4.75
N SER C 512 11.57 43.07 -4.39
CA SER C 512 11.71 42.48 -3.06
C SER C 512 12.08 43.57 -2.07
N MET C 513 11.26 43.76 -1.05
CA MET C 513 11.50 44.82 -0.09
C MET C 513 12.67 44.45 0.82
N ARG C 514 13.66 45.33 0.90
CA ARG C 514 14.82 45.12 1.74
C ARG C 514 15.20 46.42 2.44
N SER C 515 15.88 46.26 3.56
CA SER C 515 16.37 47.40 4.33
C SER C 515 17.89 47.43 4.27
N PHE C 516 18.43 48.64 4.29
CA PHE C 516 19.87 48.80 4.19
C PHE C 516 20.57 48.18 5.39
N ILE C 517 21.67 47.46 5.11
CA ILE C 517 22.50 46.90 6.16
C ILE C 517 23.95 47.21 5.83
N LYS C 518 24.81 47.08 6.84
CA LYS C 518 26.18 47.55 6.76
C LYS C 518 27.16 46.41 6.94
N ILE C 519 28.22 46.42 6.15
CA ILE C 519 29.32 45.47 6.26
C ILE C 519 30.61 46.27 6.38
N GLU C 520 31.43 45.92 7.37
CA GLU C 520 32.65 46.67 7.63
C GLU C 520 33.85 46.12 6.85
N GLU C 521 33.94 44.80 6.72
CA GLU C 521 35.05 44.19 6.00
C GLU C 521 34.91 44.44 4.50
N ASP C 522 36.04 44.62 3.84
CA ASP C 522 36.05 45.02 2.44
C ASP C 522 35.88 43.77 1.57
N THR C 523 34.63 43.40 1.34
CA THR C 523 34.27 42.36 0.40
C THR C 523 33.17 42.87 -0.51
N TRP C 524 33.00 42.21 -1.65
CA TRP C 524 31.99 42.67 -2.60
C TRP C 524 30.60 42.63 -2.01
N GLN C 525 30.38 41.84 -0.97
CA GLN C 525 29.07 41.80 -0.32
C GLN C 525 28.67 43.18 0.16
N LYS C 526 29.62 43.99 0.61
CA LYS C 526 29.28 45.30 1.15
C LYS C 526 28.67 46.19 0.07
N TYR C 527 29.33 46.29 -1.08
CA TYR C 527 28.78 47.10 -2.17
C TYR C 527 27.47 46.51 -2.68
N TYR C 528 27.40 45.20 -2.81
CA TYR C 528 26.19 44.58 -3.33
C TYR C 528 25.01 44.85 -2.42
N LEU C 529 25.22 44.78 -1.11
CA LEU C 529 24.14 45.05 -0.18
C LEU C 529 23.79 46.53 -0.13
N GLU C 530 24.76 47.41 -0.37
CA GLU C 530 24.40 48.81 -0.55
C GLU C 530 23.47 48.97 -1.74
N GLY C 531 23.74 48.24 -2.82
CA GLY C 531 22.90 48.35 -4.01
C GLY C 531 21.52 47.77 -3.82
N VAL C 532 21.41 46.63 -3.14
CA VAL C 532 20.16 45.88 -3.16
C VAL C 532 19.03 46.61 -2.45
N SER C 533 19.34 47.55 -1.56
CA SER C 533 18.31 48.12 -0.71
C SER C 533 17.28 48.94 -1.47
N ASN C 534 17.51 49.25 -2.74
CA ASN C 534 16.60 50.11 -3.47
C ASN C 534 15.33 49.36 -3.84
N GLU C 535 14.27 50.13 -4.04
CA GLU C 535 12.98 49.62 -4.52
C GLU C 535 12.46 50.63 -5.53
N MET C 536 11.23 50.39 -6.02
CA MET C 536 10.63 51.29 -7.01
C MET C 536 9.25 51.71 -6.55
N TYR C 537 8.98 53.01 -6.62
CA TYR C 537 7.72 53.59 -6.16
C TYR C 537 7.15 54.50 -7.23
N THR C 538 5.88 54.83 -7.06
CA THR C 538 5.18 55.75 -7.93
C THR C 538 4.66 56.93 -7.13
N GLU C 539 4.65 58.11 -7.75
CA GLU C 539 4.26 59.31 -7.04
C GLU C 539 3.94 60.42 -8.04
N TYR C 540 2.93 61.22 -7.73
CA TYR C 540 2.56 62.33 -8.59
C TYR C 540 3.63 63.41 -8.59
N LEU C 541 3.78 64.06 -9.73
CA LEU C 541 4.76 65.11 -9.87
C LEU C 541 4.35 66.36 -9.11
N SER C 542 5.33 67.19 -8.79
CA SER C 542 5.05 68.49 -8.21
C SER C 542 4.66 69.48 -9.31
N SER C 543 3.96 70.54 -8.91
CA SER C 543 3.43 71.49 -9.87
C SER C 543 4.51 72.32 -10.55
N ALA C 544 5.72 72.34 -10.02
CA ALA C 544 6.75 73.18 -10.62
C ALA C 544 7.15 72.69 -12.01
N PHE C 545 6.99 71.40 -12.26
CA PHE C 545 7.54 70.78 -13.46
C PHE C 545 6.55 70.74 -14.62
N VAL C 546 5.46 71.51 -14.54
CA VAL C 546 4.35 71.33 -15.46
C VAL C 546 4.78 71.63 -16.89
N GLY C 547 5.52 72.72 -17.10
CA GLY C 547 5.83 73.19 -18.44
C GLY C 547 7.22 72.89 -18.97
N LEU C 548 7.96 71.99 -18.35
CA LEU C 548 9.35 71.77 -18.73
C LEU C 548 9.47 70.55 -19.63
N SER C 549 10.71 70.16 -19.93
CA SER C 549 10.99 69.00 -20.76
C SER C 549 11.70 67.94 -19.92
N PHE C 550 11.29 66.69 -20.13
CA PHE C 550 11.64 65.55 -19.30
C PHE C 550 13.14 65.43 -19.15
N PRO C 551 13.90 65.08 -20.19
CA PRO C 551 15.33 64.86 -19.98
C PRO C 551 16.07 66.13 -19.64
N THR C 552 15.51 67.28 -20.04
CA THR C 552 16.17 68.55 -19.77
C THR C 552 16.23 68.83 -18.28
N VAL C 553 15.09 68.73 -17.59
CA VAL C 553 14.98 69.23 -16.23
C VAL C 553 14.64 68.14 -15.24
N CYS C 554 13.69 67.27 -15.57
CA CYS C 554 13.22 66.32 -14.57
C CYS C 554 14.33 65.38 -14.14
N GLU C 555 15.15 64.94 -15.09
CA GLU C 555 16.26 64.08 -14.75
C GLU C 555 17.46 64.84 -14.21
N LEU C 556 17.59 66.13 -14.52
CA LEU C 556 18.66 66.89 -13.91
C LEU C 556 18.37 67.24 -12.47
N CYS C 557 17.10 67.22 -12.07
CA CYS C 557 16.73 67.39 -10.67
C CYS C 557 17.10 66.18 -9.83
N PHE C 558 17.56 65.10 -10.47
CA PHE C 558 18.24 64.02 -9.75
C PHE C 558 19.35 64.55 -8.87
N VAL C 559 20.13 65.50 -9.39
CA VAL C 559 21.23 66.06 -8.60
C VAL C 559 20.68 66.73 -7.34
N LYS C 560 19.62 67.52 -7.49
CA LYS C 560 19.12 68.31 -6.38
C LYS C 560 18.44 67.43 -5.33
N LEU C 561 17.66 66.43 -5.76
CA LEU C 561 16.80 65.70 -4.84
C LEU C 561 17.29 64.31 -4.53
N LYS C 562 18.42 63.88 -5.09
CA LYS C 562 18.92 62.52 -4.88
C LYS C 562 17.86 61.48 -5.21
N LEU C 563 17.19 61.66 -6.33
CA LEU C 563 16.15 60.74 -6.78
C LEU C 563 16.33 60.44 -8.26
N LEU C 564 16.02 59.21 -8.65
CA LEU C 564 16.14 58.76 -10.03
C LEU C 564 14.76 58.41 -10.55
N MET C 565 14.36 59.04 -11.65
CA MET C 565 13.03 58.87 -12.22
C MET C 565 13.17 58.48 -13.68
N ILE C 566 12.50 57.40 -14.07
CA ILE C 566 12.77 56.78 -15.35
C ILE C 566 11.56 56.73 -16.28
N ALA C 567 10.33 56.77 -15.78
CA ALA C 567 9.19 56.65 -16.67
C ALA C 567 8.03 57.48 -16.13
N ILE C 568 7.19 57.94 -17.06
CA ILE C 568 6.03 58.76 -16.75
C ILE C 568 4.82 58.17 -17.43
N GLU C 569 3.64 58.51 -16.92
CA GLU C 569 2.37 58.04 -17.46
C GLU C 569 1.67 59.19 -18.17
N TYR C 570 1.48 59.05 -19.47
CA TYR C 570 0.89 60.11 -20.29
C TYR C 570 -0.62 59.90 -20.35
N LYS C 571 -1.29 60.25 -19.25
CA LYS C 571 -2.73 60.09 -19.16
C LYS C 571 -3.46 60.98 -20.17
N SER C 572 -3.00 62.22 -20.32
CA SER C 572 -3.77 63.21 -21.06
C SER C 572 -3.75 62.98 -22.57
N ALA C 573 -3.00 62.01 -23.08
CA ALA C 573 -3.06 61.69 -24.51
C ALA C 573 -4.49 61.35 -24.92
N ASN C 574 -5.11 60.44 -24.19
CA ASN C 574 -6.51 60.08 -24.35
C ASN C 574 -6.87 59.17 -23.17
N ARG C 575 -8.11 58.67 -23.17
CA ARG C 575 -8.50 57.71 -22.14
C ARG C 575 -7.65 56.45 -22.18
N GLU C 576 -7.01 56.17 -23.33
CA GLU C 576 -6.05 55.07 -23.43
C GLU C 576 -4.69 55.57 -22.97
N SER C 577 -4.57 55.74 -21.64
CA SER C 577 -3.32 56.19 -21.07
C SER C 577 -2.22 55.19 -21.35
N ARG C 578 -1.03 55.69 -21.68
CA ARG C 578 0.07 54.84 -22.09
C ARG C 578 1.33 55.20 -21.32
N ILE C 579 2.32 54.32 -21.42
CA ILE C 579 3.55 54.41 -20.64
C ILE C 579 4.69 54.79 -21.58
N LEU C 580 5.49 55.76 -21.17
CA LEU C 580 6.66 56.19 -21.91
C LEU C 580 7.90 56.01 -21.05
N ILE C 581 8.97 55.51 -21.66
CA ILE C 581 10.26 55.35 -20.99
C ILE C 581 11.23 56.33 -21.62
N ASN C 582 11.85 57.17 -20.78
CA ASN C 582 12.82 58.21 -21.08
C ASN C 582 12.64 58.80 -22.47
N PRO C 583 11.50 59.44 -22.74
CA PRO C 583 11.28 60.02 -24.06
C PRO C 583 12.23 61.17 -24.31
N GLY C 584 12.46 61.44 -25.59
CA GLY C 584 13.39 62.47 -25.99
C GLY C 584 12.92 63.85 -25.58
N ASN C 585 13.84 64.82 -25.72
CA ASN C 585 13.57 66.19 -25.31
C ASN C 585 12.47 66.85 -26.13
N HIS C 586 12.08 66.26 -27.26
CA HIS C 586 10.97 66.81 -28.03
C HIS C 586 9.69 66.88 -27.21
N LEU C 587 9.49 65.94 -26.31
CA LEU C 587 8.29 65.91 -25.51
C LEU C 587 8.43 66.79 -24.27
N LYS C 588 7.34 67.41 -23.88
CA LYS C 588 7.30 68.32 -22.74
C LYS C 588 6.31 67.80 -21.71
N ILE C 589 6.57 68.13 -20.44
CA ILE C 589 5.69 67.70 -19.37
C ILE C 589 4.35 68.39 -19.50
N GLN C 590 3.33 67.77 -18.92
CA GLN C 590 2.01 68.37 -18.82
C GLN C 590 1.54 68.28 -17.37
N GLU C 591 0.28 68.58 -17.12
CA GLU C 591 -0.24 68.60 -15.76
C GLU C 591 -0.84 67.25 -15.40
N GLY C 592 -0.63 66.84 -14.16
CA GLY C 592 -1.26 65.65 -13.63
C GLY C 592 -0.58 64.34 -13.98
N THR C 593 0.60 64.38 -14.56
CA THR C 593 1.27 63.15 -14.93
C THR C 593 1.84 62.45 -13.70
N LEU C 594 2.02 61.15 -13.83
CA LEU C 594 2.50 60.29 -12.77
C LEU C 594 3.84 59.69 -13.17
N GLY C 595 4.81 59.76 -12.27
CA GLY C 595 6.15 59.27 -12.58
C GLY C 595 6.60 58.11 -11.73
N PHE C 596 7.55 57.34 -12.23
CA PHE C 596 8.10 56.18 -11.53
C PHE C 596 9.50 56.50 -11.03
N PHE C 597 9.81 56.11 -9.81
CA PHE C 597 11.05 56.48 -9.17
C PHE C 597 11.74 55.26 -8.59
N ILE C 598 13.01 55.43 -8.24
CA ILE C 598 13.77 54.42 -7.52
C ILE C 598 14.37 55.08 -6.29
N ALA C 599 14.10 54.53 -5.11
CA ALA C 599 14.59 55.11 -3.87
C ALA C 599 14.58 54.05 -2.80
N SER C 600 15.23 54.34 -1.68
CA SER C 600 15.35 53.37 -0.61
C SER C 600 14.06 53.20 0.17
N ASP C 601 13.28 54.28 0.29
CA ASP C 601 12.06 54.26 1.14
C ASP C 601 10.99 55.16 0.54
N ALA C 602 9.72 54.95 0.89
CA ALA C 602 8.59 55.74 0.34
C ALA C 602 8.72 57.22 0.71
N LYS C 603 9.21 57.52 1.91
CA LYS C 603 9.25 58.93 2.37
C LYS C 603 10.08 59.76 1.39
N GLU C 604 11.17 59.19 0.86
CA GLU C 604 12.05 59.93 -0.08
C GLU C 604 11.25 60.32 -1.33
N VAL C 605 10.41 59.42 -1.82
CA VAL C 605 9.59 59.70 -3.05
C VAL C 605 8.64 60.86 -2.76
N LYS C 606 8.11 60.95 -1.53
CA LYS C 606 7.12 61.99 -1.19
C LYS C 606 7.73 63.38 -1.36
N ARG C 607 9.04 63.50 -1.17
CA ARG C 607 9.68 64.86 -1.21
C ARG C 607 9.44 65.49 -2.58
N ALA C 608 9.47 64.72 -3.66
CA ALA C 608 9.35 65.32 -5.01
C ALA C 608 8.00 66.02 -5.15
N PHE C 609 6.92 65.43 -4.66
CA PHE C 609 5.57 66.02 -4.75
C PHE C 609 5.51 67.33 -3.97
N PHE C 610 6.18 67.40 -2.82
CA PHE C 610 6.09 68.59 -1.94
C PHE C 610 7.21 69.59 -2.27
N TYR C 611 7.97 69.37 -3.34
CA TYR C 611 9.12 70.27 -3.59
C TYR C 611 8.64 71.71 -3.73
N CYS C 612 7.61 71.96 -4.54
CA CYS C 612 6.99 73.31 -4.61
C CYS C 612 8.05 74.41 -4.79
N LYS C 613 9.05 74.20 -5.65
CA LYS C 613 10.06 75.25 -5.94
C LYS C 613 10.67 75.78 -4.64
N ALA C 614 11.00 74.89 -3.70
CA ALA C 614 11.61 75.31 -2.42
C ALA C 614 12.99 75.93 -2.68
N LYS C 742 6.63 42.56 -47.58
CA LYS C 742 6.33 43.02 -46.23
C LYS C 742 7.30 42.44 -45.22
N LYS C 743 7.68 43.26 -44.25
CA LYS C 743 8.69 42.89 -43.25
C LYS C 743 8.10 42.73 -41.86
N TYR C 744 7.42 43.74 -41.36
CA TYR C 744 6.92 43.72 -40.00
C TYR C 744 5.61 42.93 -39.94
N ASP C 745 4.99 42.94 -38.77
CA ASP C 745 3.78 42.17 -38.55
C ASP C 745 2.55 43.00 -38.89
N SER C 746 1.38 42.55 -38.47
CA SER C 746 0.16 43.31 -38.67
C SER C 746 0.19 44.62 -37.89
N THR C 747 0.74 44.61 -36.69
CA THR C 747 0.76 45.79 -35.84
C THR C 747 2.00 46.63 -36.02
N GLY C 748 2.91 46.24 -36.89
CA GLY C 748 4.16 46.97 -37.02
C GLY C 748 4.95 46.96 -35.74
N MET C 749 5.04 45.81 -35.08
CA MET C 749 5.58 45.75 -33.75
C MET C 749 6.71 44.72 -33.61
N PHE C 750 6.84 43.80 -34.58
CA PHE C 750 7.91 42.82 -34.61
C PHE C 750 8.25 42.50 -36.05
N HIS C 751 9.41 41.89 -36.26
CA HIS C 751 9.77 41.42 -37.58
C HIS C 751 8.96 40.19 -37.96
N TRP C 752 8.78 39.99 -39.26
CA TRP C 752 7.94 38.92 -39.76
C TRP C 752 8.52 38.41 -41.07
N CYS C 753 8.19 37.16 -41.39
CA CYS C 753 8.64 36.56 -42.64
C CYS C 753 7.63 35.49 -43.07
N ALA C 754 7.89 34.88 -44.21
CA ALA C 754 7.00 33.87 -44.73
C ALA C 754 7.13 32.57 -43.94
N PRO C 755 6.10 31.74 -43.94
CA PRO C 755 6.18 30.45 -43.25
C PRO C 755 7.19 29.53 -43.92
N LYS C 756 7.71 28.60 -43.11
CA LYS C 756 8.74 27.66 -43.57
C LYS C 756 8.37 26.24 -43.17
N GLU C 757 9.30 25.31 -43.32
CA GLU C 757 9.11 23.93 -42.89
C GLU C 757 10.30 23.50 -42.04
N ILE C 758 10.06 22.53 -41.15
CA ILE C 758 11.09 22.14 -40.19
C ILE C 758 12.32 21.61 -40.90
N GLU C 759 12.14 20.76 -41.91
CA GLU C 759 13.27 20.18 -42.61
C GLU C 759 14.07 21.21 -43.40
N LYS C 760 13.54 22.42 -43.58
CA LYS C 760 14.28 23.45 -44.28
C LYS C 760 15.47 23.94 -43.47
N VAL C 761 15.42 23.80 -42.15
CA VAL C 761 16.43 24.38 -41.28
C VAL C 761 17.17 23.36 -40.44
N ILE C 762 16.73 22.10 -40.41
CA ILE C 762 17.43 21.09 -39.62
C ILE C 762 18.82 20.87 -40.20
N LEU C 763 19.82 20.86 -39.33
CA LEU C 763 21.21 20.66 -39.73
C LEU C 763 21.80 19.47 -39.00
N THR C 764 22.94 19.00 -39.50
CA THR C 764 23.75 18.00 -38.82
C THR C 764 25.13 18.59 -38.55
N ARG C 765 25.99 17.78 -37.93
CA ARG C 765 27.31 18.27 -37.56
C ARG C 765 28.10 18.70 -38.79
N SER C 766 27.85 18.09 -39.93
CA SER C 766 28.56 18.44 -41.15
C SER C 766 28.32 19.91 -41.52
N GLU C 767 27.07 20.23 -41.86
CA GLU C 767 26.76 21.57 -42.34
C GLU C 767 27.10 22.62 -41.31
N ALA C 768 26.79 22.34 -40.04
CA ALA C 768 27.09 23.30 -38.99
C ALA C 768 28.58 23.60 -38.92
N ALA C 769 29.42 22.62 -39.30
CA ALA C 769 30.86 22.85 -39.30
C ALA C 769 31.25 23.91 -40.32
N MET C 770 30.77 23.77 -41.56
CA MET C 770 31.11 24.74 -42.59
C MET C 770 30.54 26.11 -42.27
N THR C 771 29.29 26.16 -41.83
CA THR C 771 28.69 27.43 -41.46
C THR C 771 29.42 28.03 -40.28
N VAL C 772 29.56 29.36 -40.29
CA VAL C 772 30.25 30.08 -39.24
C VAL C 772 29.24 30.95 -38.52
N LEU C 773 29.16 30.79 -37.20
CA LEU C 773 28.25 31.57 -36.37
C LEU C 773 29.08 32.41 -35.42
N SER C 774 28.61 33.62 -35.15
CA SER C 774 29.34 34.52 -34.27
C SER C 774 28.34 35.43 -33.56
N GLY C 775 28.58 35.67 -32.28
CA GLY C 775 27.70 36.52 -31.52
C GLY C 775 26.28 36.03 -31.45
N HIS C 776 26.07 34.73 -31.61
CA HIS C 776 24.73 34.17 -31.67
C HIS C 776 24.26 33.80 -30.26
N VAL C 777 23.14 33.11 -30.19
CA VAL C 777 22.58 32.64 -28.93
C VAL C 777 22.18 31.18 -29.10
N VAL C 778 22.69 30.32 -28.25
CA VAL C 778 22.41 28.88 -28.32
C VAL C 778 21.49 28.52 -27.16
N VAL C 779 20.46 27.73 -27.45
CA VAL C 779 19.45 27.36 -26.48
C VAL C 779 19.43 25.85 -26.37
N CYS C 780 19.56 25.35 -25.14
CA CYS C 780 19.54 23.92 -24.88
C CYS C 780 18.21 23.55 -24.24
N ILE C 781 17.65 22.42 -24.67
CA ILE C 781 16.35 21.98 -24.19
C ILE C 781 16.42 20.50 -23.88
N PHE C 782 15.94 20.12 -22.70
CA PHE C 782 15.70 18.72 -22.38
C PHE C 782 14.20 18.52 -22.37
N GLY C 783 13.71 17.63 -23.23
CA GLY C 783 12.29 17.45 -23.34
C GLY C 783 11.97 16.13 -24.02
N ASP C 784 10.67 15.88 -24.14
CA ASP C 784 10.19 14.63 -24.70
C ASP C 784 8.77 14.83 -25.19
N VAL C 785 8.31 13.88 -26.02
CA VAL C 785 6.95 13.97 -26.54
C VAL C 785 5.95 13.91 -25.40
N SER C 786 6.24 13.11 -24.37
CA SER C 786 5.35 13.00 -23.23
C SER C 786 5.44 14.19 -22.28
N SER C 787 6.53 14.95 -22.35
CA SER C 787 6.73 16.03 -21.39
C SER C 787 5.75 17.16 -21.63
N ALA C 788 5.70 18.09 -20.67
CA ALA C 788 4.80 19.22 -20.76
C ALA C 788 5.28 20.19 -21.84
N LEU C 789 4.59 21.31 -21.96
CA LEU C 789 4.86 22.28 -23.01
C LEU C 789 5.38 23.57 -22.40
N ILE C 790 6.30 24.23 -23.11
CA ILE C 790 6.86 25.51 -22.70
C ILE C 790 6.59 26.51 -23.80
N GLY C 791 6.14 27.70 -23.42
CA GLY C 791 5.75 28.68 -24.41
C GLY C 791 6.95 29.38 -25.02
N LEU C 792 7.67 28.68 -25.90
CA LEU C 792 8.89 29.24 -26.46
C LEU C 792 8.63 30.52 -27.24
N ARG C 793 7.39 30.78 -27.65
CA ARG C 793 7.10 32.04 -28.32
C ARG C 793 7.40 33.22 -27.43
N ASN C 794 7.29 33.05 -26.12
CA ASN C 794 7.62 34.14 -25.21
C ASN C 794 9.11 34.39 -25.12
N LEU C 795 9.93 33.41 -25.50
CA LEU C 795 11.37 33.57 -25.38
C LEU C 795 11.96 34.24 -26.63
N VAL C 796 11.62 33.72 -27.81
CA VAL C 796 12.20 34.25 -29.02
C VAL C 796 11.65 35.65 -29.32
N MET C 797 10.41 35.92 -28.94
CA MET C 797 9.76 37.16 -29.38
C MET C 797 10.50 38.41 -28.94
N PRO C 798 10.92 38.58 -27.68
CA PRO C 798 11.62 39.82 -27.32
C PRO C 798 12.90 40.02 -28.09
N LEU C 799 13.48 38.97 -28.63
CA LEU C 799 14.67 39.10 -29.46
C LEU C 799 14.35 39.53 -30.87
N ARG C 800 13.09 39.85 -31.18
CA ARG C 800 12.69 40.21 -32.53
C ARG C 800 11.87 41.48 -32.53
N ALA C 801 12.21 42.42 -31.66
CA ALA C 801 11.45 43.67 -31.60
C ALA C 801 11.73 44.51 -32.84
N SER C 802 10.88 45.50 -33.05
CA SER C 802 10.97 46.32 -34.25
C SER C 802 11.95 47.46 -34.13
N ASN C 803 12.50 47.71 -32.95
CA ASN C 803 13.50 48.76 -32.80
C ASN C 803 14.91 48.26 -33.03
N PHE C 804 15.07 47.03 -33.50
CA PHE C 804 16.37 46.50 -33.88
C PHE C 804 16.51 46.54 -35.39
N HIS C 805 17.63 47.03 -35.87
CA HIS C 805 17.89 46.97 -37.30
C HIS C 805 18.07 45.52 -37.73
N TYR C 806 17.83 45.26 -39.01
CA TYR C 806 17.86 43.89 -39.50
C TYR C 806 19.24 43.27 -39.30
N HIS C 807 20.29 44.02 -39.60
CA HIS C 807 21.64 43.49 -39.41
C HIS C 807 22.04 43.39 -37.95
N GLU C 808 21.25 43.95 -37.04
CA GLU C 808 21.56 43.91 -35.62
C GLU C 808 21.02 42.67 -34.93
N LEU C 809 20.27 41.83 -35.63
CA LEU C 809 19.62 40.69 -35.00
C LEU C 809 20.65 39.67 -34.56
N LYS C 810 20.26 38.86 -33.59
CA LYS C 810 21.10 37.79 -33.06
C LYS C 810 20.61 36.45 -33.57
N HIS C 811 21.49 35.70 -34.21
CA HIS C 811 21.12 34.39 -34.72
C HIS C 811 20.83 33.45 -33.56
N ILE C 812 19.83 32.59 -33.74
CA ILE C 812 19.37 31.68 -32.70
C ILE C 812 19.49 30.26 -33.23
N VAL C 813 19.89 29.34 -32.35
CA VAL C 813 19.99 27.93 -32.71
C VAL C 813 19.63 27.08 -31.51
N PHE C 814 18.68 26.18 -31.69
CA PHE C 814 18.28 25.27 -30.64
C PHE C 814 19.12 24.01 -30.70
N VAL C 815 19.17 23.29 -29.58
CA VAL C 815 19.85 22.02 -29.48
C VAL C 815 19.00 21.13 -28.59
N GLY C 816 18.41 20.09 -29.15
CA GLY C 816 17.57 19.23 -28.34
C GLY C 816 16.93 18.15 -29.18
N SER C 817 15.97 17.47 -28.57
CA SER C 817 15.25 16.41 -29.26
C SER C 817 14.39 16.99 -30.38
N ILE C 818 14.53 16.41 -31.57
CA ILE C 818 13.85 16.97 -32.73
C ILE C 818 12.34 16.82 -32.61
N GLU C 819 11.88 15.71 -32.04
CA GLU C 819 10.44 15.50 -31.95
C GLU C 819 9.78 16.53 -31.05
N TYR C 820 10.47 16.98 -30.00
CA TYR C 820 9.88 17.98 -29.13
C TYR C 820 9.59 19.27 -29.87
N LEU C 821 10.60 19.81 -30.54
CA LEU C 821 10.42 21.08 -31.25
C LEU C 821 9.34 20.96 -32.31
N LYS C 822 9.26 19.80 -32.95
CA LYS C 822 8.22 19.55 -33.93
C LYS C 822 6.85 19.82 -33.34
N ARG C 823 6.68 19.52 -32.05
CA ARG C 823 5.41 19.78 -31.39
C ARG C 823 5.13 21.27 -31.28
N GLU C 824 6.17 22.11 -31.27
CA GLU C 824 6.00 23.53 -31.04
C GLU C 824 6.30 24.38 -32.27
N TRP C 825 6.90 23.81 -33.31
CA TRP C 825 7.44 24.65 -34.37
C TRP C 825 6.38 25.43 -35.11
N GLU C 826 5.11 25.08 -34.95
CA GLU C 826 4.05 25.84 -35.60
C GLU C 826 4.01 27.26 -35.08
N THR C 827 4.19 27.44 -33.77
CA THR C 827 3.97 28.75 -33.16
C THR C 827 4.96 29.79 -33.66
N LEU C 828 6.22 29.42 -33.82
CA LEU C 828 7.30 30.37 -33.99
C LEU C 828 7.96 30.29 -35.37
N HIS C 829 7.24 29.78 -36.37
CA HIS C 829 7.83 29.59 -37.67
C HIS C 829 7.69 30.81 -38.57
N ASN C 830 7.55 32.00 -37.98
CA ASN C 830 7.49 33.23 -38.76
C ASN C 830 8.64 34.16 -38.46
N PHE C 831 9.58 33.75 -37.66
CA PHE C 831 10.65 34.69 -37.38
C PHE C 831 11.88 34.35 -38.20
N PRO C 832 12.65 35.35 -38.63
CA PRO C 832 13.84 35.09 -39.43
C PRO C 832 15.01 34.63 -38.57
N LYS C 833 15.98 34.01 -39.24
CA LYS C 833 17.24 33.63 -38.63
C LYS C 833 17.04 32.69 -37.45
N VAL C 834 16.50 31.51 -37.74
CA VAL C 834 16.32 30.47 -36.74
C VAL C 834 16.88 29.17 -37.30
N SER C 835 17.56 28.40 -36.46
CA SER C 835 18.18 27.16 -36.89
C SER C 835 18.03 26.11 -35.80
N ILE C 836 18.10 24.84 -36.20
CA ILE C 836 17.96 23.72 -35.28
C ILE C 836 19.05 22.70 -35.56
N LEU C 837 19.66 22.19 -34.50
CA LEU C 837 20.63 21.10 -34.59
C LEU C 837 20.23 20.02 -33.61
N PRO C 838 19.53 18.99 -34.06
CA PRO C 838 19.10 17.93 -33.15
C PRO C 838 20.29 17.20 -32.55
N GLY C 839 20.12 16.74 -31.32
CA GLY C 839 21.19 16.05 -30.62
C GLY C 839 20.95 15.99 -29.12
N THR C 840 21.98 16.29 -28.34
CA THR C 840 21.87 16.24 -26.89
C THR C 840 22.92 17.17 -26.29
N PRO C 841 22.55 18.03 -25.35
CA PRO C 841 23.52 19.00 -24.82
C PRO C 841 24.73 18.36 -24.19
N LEU C 842 24.60 17.15 -23.66
CA LEU C 842 25.75 16.51 -23.02
C LEU C 842 26.79 16.03 -24.02
N SER C 843 26.41 15.87 -25.28
CA SER C 843 27.36 15.41 -26.29
C SER C 843 28.39 16.49 -26.52
N ARG C 844 29.58 16.31 -25.96
CA ARG C 844 30.60 17.34 -26.02
C ARG C 844 31.02 17.67 -27.44
N ALA C 845 30.75 16.79 -28.39
CA ALA C 845 31.09 17.09 -29.78
C ALA C 845 30.18 18.18 -30.35
N ASP C 846 28.89 18.13 -30.00
CA ASP C 846 27.94 19.06 -30.61
C ASP C 846 28.28 20.49 -30.25
N LEU C 847 28.58 20.76 -28.98
CA LEU C 847 28.84 22.14 -28.57
C LEU C 847 30.06 22.71 -29.27
N ARG C 848 31.03 21.88 -29.60
CA ARG C 848 32.15 22.35 -30.41
C ARG C 848 31.67 22.72 -31.81
N ALA C 849 30.70 21.99 -32.34
CA ALA C 849 30.26 22.20 -33.71
C ALA C 849 29.51 23.52 -33.89
N VAL C 850 29.10 24.17 -32.82
CA VAL C 850 28.33 25.40 -32.91
C VAL C 850 29.13 26.59 -32.40
N ASN C 851 30.45 26.45 -32.28
CA ASN C 851 31.33 27.54 -31.86
C ASN C 851 30.90 28.12 -30.52
N ILE C 852 30.54 27.24 -29.58
CA ILE C 852 30.03 27.69 -28.30
C ILE C 852 31.02 28.59 -27.59
N ASN C 853 32.30 28.50 -27.93
CA ASN C 853 33.27 29.40 -27.34
C ASN C 853 33.15 30.81 -27.87
N LEU C 854 32.30 31.04 -28.88
CA LEU C 854 32.13 32.35 -29.47
C LEU C 854 30.75 32.94 -29.27
N CYS C 855 29.86 32.26 -28.56
CA CYS C 855 28.49 32.72 -28.43
C CYS C 855 28.42 33.90 -27.46
N ASP C 856 27.22 34.47 -27.34
CA ASP C 856 26.98 35.57 -26.42
C ASP C 856 26.21 35.15 -25.18
N MET C 857 25.47 34.04 -25.25
CA MET C 857 24.70 33.53 -24.13
C MET C 857 24.45 32.05 -24.37
N CYS C 858 24.07 31.35 -23.31
CA CYS C 858 23.76 29.93 -23.41
C CYS C 858 22.74 29.60 -22.33
N VAL C 859 21.47 29.68 -22.67
CA VAL C 859 20.42 29.37 -21.71
C VAL C 859 20.30 27.86 -21.60
N ILE C 860 19.79 27.40 -20.46
CA ILE C 860 19.56 25.99 -20.22
C ILE C 860 18.24 25.83 -19.50
N LEU C 861 17.30 25.13 -20.13
CA LEU C 861 15.97 24.95 -19.57
C LEU C 861 15.69 23.47 -19.37
N SER C 862 14.60 23.19 -18.64
CA SER C 862 14.16 21.83 -18.43
C SER C 862 12.65 21.78 -18.55
N ALA C 863 12.14 20.61 -18.89
CA ALA C 863 10.70 20.42 -19.05
C ALA C 863 10.13 19.36 -18.13
N ASN C 864 10.90 18.31 -17.81
CA ASN C 864 10.42 17.23 -16.97
C ASN C 864 10.67 17.49 -15.49
N GLN C 865 10.84 18.75 -15.09
CA GLN C 865 11.23 19.04 -13.73
C GLN C 865 10.10 18.83 -12.74
N ASN C 866 8.86 19.05 -13.15
CA ASN C 866 7.74 18.94 -12.21
C ASN C 866 7.39 17.50 -11.92
N ASN C 867 7.48 16.63 -12.93
CA ASN C 867 7.00 15.26 -12.78
C ASN C 867 7.83 14.47 -11.77
N ILE C 868 9.15 14.67 -11.78
CA ILE C 868 10.02 13.89 -10.91
C ILE C 868 9.76 14.25 -9.45
N ASP C 869 10.07 13.30 -8.56
CA ASP C 869 9.78 13.42 -7.14
C ASP C 869 11.00 13.80 -6.31
N ASP C 870 12.10 13.06 -6.45
CA ASP C 870 13.26 13.29 -5.59
C ASP C 870 14.01 14.54 -6.00
N THR C 871 14.37 15.35 -5.00
CA THR C 871 15.09 16.58 -5.26
C THR C 871 16.45 16.32 -5.89
N SER C 872 17.18 15.31 -5.39
CA SER C 872 18.49 14.99 -5.95
C SER C 872 18.38 14.63 -7.42
N LEU C 873 17.33 13.91 -7.80
CA LEU C 873 17.10 13.63 -9.20
C LEU C 873 16.66 14.88 -9.96
N GLN C 874 15.95 15.78 -9.28
CA GLN C 874 15.56 17.02 -9.93
C GLN C 874 16.79 17.86 -10.26
N ASP C 875 16.78 18.47 -11.44
CA ASP C 875 17.85 19.35 -11.89
C ASP C 875 19.19 18.65 -11.99
N LYS C 876 19.19 17.32 -12.11
CA LYS C 876 20.46 16.63 -12.28
C LYS C 876 21.11 17.02 -13.60
N GLU C 877 20.36 16.90 -14.70
CA GLU C 877 20.95 17.15 -16.01
C GLU C 877 21.31 18.63 -16.18
N CYS C 878 20.46 19.53 -15.71
CA CYS C 878 20.76 20.95 -15.83
C CYS C 878 22.08 21.28 -15.13
N ILE C 879 22.32 20.67 -13.98
CA ILE C 879 23.60 20.86 -13.30
C ILE C 879 24.73 20.29 -14.14
N LEU C 880 24.54 19.08 -14.68
CA LEU C 880 25.58 18.45 -15.47
C LEU C 880 25.96 19.30 -16.66
N ALA C 881 24.97 19.74 -17.44
CA ALA C 881 25.26 20.46 -18.66
C ALA C 881 26.06 21.72 -18.38
N SER C 882 25.68 22.45 -17.33
CA SER C 882 26.45 23.62 -16.95
C SER C 882 27.88 23.25 -16.59
N LEU C 883 28.04 22.20 -15.80
CA LEU C 883 29.38 21.78 -15.43
C LEU C 883 30.15 21.28 -16.63
N ASN C 884 29.47 20.57 -17.54
CA ASN C 884 30.13 20.04 -18.72
C ASN C 884 30.83 21.15 -19.48
N ILE C 885 30.14 22.27 -19.71
CA ILE C 885 30.72 23.35 -20.48
C ILE C 885 31.92 23.94 -19.75
N LYS C 886 31.85 24.00 -18.42
CA LYS C 886 32.92 24.63 -17.66
C LYS C 886 34.25 23.91 -17.82
N SER C 887 34.24 22.62 -18.17
CA SER C 887 35.45 21.83 -18.25
C SER C 887 36.05 21.77 -19.64
N MET C 888 35.49 22.50 -20.60
CA MET C 888 35.98 22.43 -21.96
C MET C 888 37.37 23.02 -22.07
N GLN C 889 38.02 22.74 -23.19
CA GLN C 889 39.30 23.37 -23.54
C GLN C 889 39.31 23.67 -25.02
N PHE C 890 39.63 24.91 -25.36
CA PHE C 890 39.68 25.36 -26.74
C PHE C 890 41.05 25.91 -27.05
N ASP C 891 41.47 25.74 -28.30
CA ASP C 891 42.78 26.23 -28.74
C ASP C 891 42.84 27.75 -28.69
N THR C 929 41.99 29.39 -24.50
CA THR C 929 41.37 29.59 -23.21
C THR C 929 40.70 28.32 -22.72
N THR C 930 39.88 28.44 -21.68
CA THR C 930 39.17 27.31 -21.11
C THR C 930 37.67 27.59 -21.14
N GLY C 931 36.91 26.70 -20.52
CA GLY C 931 35.46 26.75 -20.51
C GLY C 931 34.85 27.48 -19.34
N VAL C 932 35.64 28.19 -18.55
CA VAL C 932 35.08 28.90 -17.40
C VAL C 932 34.67 30.33 -17.74
N ASN C 933 35.20 30.90 -18.81
CA ASN C 933 34.91 32.28 -19.18
C ASN C 933 33.66 32.43 -20.03
N ILE C 934 33.00 31.33 -20.39
CA ILE C 934 31.84 31.41 -21.27
C ILE C 934 30.64 31.89 -20.47
N PRO C 935 29.95 32.94 -20.90
CA PRO C 935 28.73 33.35 -20.22
C PRO C 935 27.66 32.27 -20.31
N ILE C 936 26.82 32.20 -19.29
CA ILE C 936 25.84 31.11 -19.21
C ILE C 936 24.74 31.51 -18.23
N ILE C 937 23.51 31.19 -18.61
CA ILE C 937 22.35 31.34 -17.73
C ILE C 937 21.73 29.98 -17.56
N THR C 938 21.62 29.53 -16.32
CA THR C 938 20.95 28.27 -16.03
C THR C 938 19.70 28.54 -15.21
N GLU C 939 18.69 27.70 -15.42
CA GLU C 939 17.41 27.84 -14.75
C GLU C 939 17.17 26.57 -13.94
N LEU C 940 16.90 26.74 -12.65
CA LEU C 940 16.77 25.64 -11.74
C LEU C 940 15.48 25.78 -10.95
N VAL C 941 14.94 24.64 -10.51
CA VAL C 941 13.64 24.65 -9.83
C VAL C 941 13.76 24.53 -8.31
N ASN C 942 14.83 23.95 -7.80
CA ASN C 942 15.02 23.77 -6.37
C ASN C 942 16.12 24.69 -5.89
N ASP C 943 15.80 25.57 -4.95
CA ASP C 943 16.71 26.65 -4.60
C ASP C 943 18.01 26.13 -3.99
N THR C 944 17.93 25.14 -3.11
CA THR C 944 19.10 24.71 -2.37
C THR C 944 20.21 24.19 -3.26
N ASN C 945 19.88 23.78 -4.49
CA ASN C 945 20.90 23.25 -5.38
C ASN C 945 21.85 24.31 -5.90
N VAL C 946 21.59 25.59 -5.61
CA VAL C 946 22.41 26.65 -6.17
C VAL C 946 23.85 26.53 -5.71
N GLN C 947 24.11 25.84 -4.61
CA GLN C 947 25.46 25.75 -4.09
C GLN C 947 26.39 24.96 -5.01
N PHE C 948 25.84 24.07 -5.85
CA PHE C 948 26.67 23.21 -6.67
C PHE C 948 27.14 23.87 -7.95
N LEU C 949 26.73 25.09 -8.23
CA LEU C 949 27.03 25.70 -9.52
C LEU C 949 28.41 26.33 -9.57
N ASP C 950 29.18 26.32 -8.50
CA ASP C 950 30.49 26.95 -8.53
C ASP C 950 31.44 26.22 -7.58
N GLN C 951 32.73 26.41 -7.83
CA GLN C 951 33.76 25.75 -7.05
C GLN C 951 34.22 26.61 -5.88
N ASP C 952 34.74 27.80 -6.17
CA ASP C 952 35.22 28.69 -5.12
C ASP C 952 34.08 29.49 -4.52
N ASP C 953 33.03 28.82 -4.09
CA ASP C 953 31.89 29.46 -3.43
C ASP C 953 31.78 28.90 -2.03
N ASP C 954 31.76 29.80 -1.03
CA ASP C 954 31.63 29.38 0.36
C ASP C 954 30.19 28.96 0.60
N ASP C 955 29.87 27.77 0.11
CA ASP C 955 28.49 27.29 0.15
C ASP C 955 28.02 27.13 1.59
N ASP C 956 26.74 27.43 1.83
CA ASP C 956 26.13 27.29 3.14
C ASP C 956 24.62 27.20 2.94
N PRO C 957 23.92 26.33 3.66
CA PRO C 957 22.49 26.14 3.39
C PRO C 957 21.60 27.18 4.02
N ASP C 958 22.07 27.92 5.02
CA ASP C 958 21.19 28.86 5.71
C ASP C 958 20.93 30.12 4.90
N THR C 959 21.95 30.63 4.22
CA THR C 959 21.82 31.89 3.51
C THR C 959 20.75 31.81 2.44
N GLU C 960 19.87 32.79 2.40
CA GLU C 960 18.79 32.80 1.42
C GLU C 960 19.34 33.11 0.04
N LEU C 961 18.49 32.95 -0.97
CA LEU C 961 18.96 32.87 -2.35
C LEU C 961 19.65 34.16 -2.77
N TYR C 962 19.07 35.31 -2.49
CA TYR C 962 19.54 36.54 -3.10
C TYR C 962 20.95 36.92 -2.70
N LEU C 963 21.61 36.16 -1.82
CA LEU C 963 22.95 36.50 -1.38
C LEU C 963 24.02 35.55 -1.90
N THR C 964 23.65 34.42 -2.48
CA THR C 964 24.63 33.49 -3.00
C THR C 964 25.39 34.11 -4.17
N GLN C 965 26.64 33.71 -4.31
CA GLN C 965 27.49 34.31 -5.34
C GLN C 965 26.95 34.15 -6.75
N PRO C 966 26.53 32.96 -7.20
CA PRO C 966 26.06 32.87 -8.58
C PRO C 966 24.86 33.74 -8.87
N PHE C 967 23.95 33.91 -7.92
CA PHE C 967 22.78 34.76 -8.17
C PHE C 967 23.20 36.22 -8.30
N ALA C 968 24.05 36.69 -7.39
CA ALA C 968 24.48 38.08 -7.46
C ALA C 968 25.27 38.36 -8.73
N CYS C 969 25.96 37.35 -9.25
CA CYS C 969 26.62 37.50 -10.54
C CYS C 969 25.66 37.31 -11.71
N GLY C 970 24.40 36.97 -11.43
CA GLY C 970 23.40 36.86 -12.47
C GLY C 970 23.62 35.74 -13.46
N THR C 971 23.98 34.55 -12.98
CA THR C 971 24.09 33.38 -13.83
C THR C 971 23.21 32.25 -13.31
N ALA C 972 22.16 32.58 -12.58
CA ALA C 972 21.19 31.59 -12.14
C ALA C 972 19.86 32.29 -11.97
N PHE C 973 18.79 31.51 -11.98
CA PHE C 973 17.45 32.09 -11.91
C PHE C 973 16.46 31.02 -11.51
N ALA C 974 15.71 31.26 -10.46
CA ALA C 974 14.65 30.37 -10.04
C ALA C 974 13.33 31.14 -10.03
N VAL C 975 12.24 30.42 -10.24
CA VAL C 975 10.95 31.07 -10.35
C VAL C 975 10.47 31.61 -9.01
N SER C 976 11.01 31.10 -7.90
CA SER C 976 10.47 31.46 -6.60
C SER C 976 10.63 32.94 -6.30
N VAL C 977 11.64 33.59 -6.88
CA VAL C 977 11.88 34.99 -6.55
C VAL C 977 10.85 35.93 -7.14
N LEU C 978 9.92 35.42 -7.95
CA LEU C 978 8.88 36.25 -8.52
C LEU C 978 7.63 36.34 -7.65
N ASP C 979 7.57 35.58 -6.56
CA ASP C 979 6.38 35.58 -5.72
C ASP C 979 6.12 36.93 -5.09
N SER C 980 7.12 37.80 -5.04
CA SER C 980 6.94 39.10 -4.40
C SER C 980 6.04 40.02 -5.19
N LEU C 981 5.66 39.65 -6.42
CA LEU C 981 4.84 40.53 -7.23
C LEU C 981 3.44 40.72 -6.67
N MET C 982 2.92 39.78 -5.89
CA MET C 982 1.61 39.95 -5.27
C MET C 982 1.51 41.27 -4.52
N SER C 983 2.31 41.42 -3.48
CA SER C 983 2.21 42.62 -2.66
C SER C 983 2.50 43.88 -3.49
N ALA C 984 3.51 43.82 -4.35
CA ALA C 984 3.89 45.00 -5.11
C ALA C 984 2.75 45.44 -6.02
N THR C 985 2.06 44.48 -6.64
CA THR C 985 0.99 44.84 -7.57
C THR C 985 -0.14 45.55 -6.85
N TYR C 986 -0.48 45.08 -5.64
CA TYR C 986 -1.67 45.59 -4.98
C TYR C 986 -1.56 47.07 -4.67
N PHE C 987 -0.41 47.52 -4.20
CA PHE C 987 -0.29 48.91 -3.78
C PHE C 987 -0.16 49.88 -4.94
N ASN C 988 0.26 49.42 -6.11
CA ASN C 988 0.39 50.29 -7.28
C ASN C 988 -0.18 49.53 -8.46
N ASP C 989 -1.30 50.02 -9.00
CA ASP C 989 -2.08 49.24 -9.94
C ASP C 989 -1.29 48.93 -11.21
N ASN C 990 -0.57 49.92 -11.73
CA ASN C 990 -0.02 49.84 -13.07
C ASN C 990 1.47 49.50 -13.10
N ILE C 991 2.04 49.08 -11.97
CA ILE C 991 3.41 48.56 -12.02
C ILE C 991 3.48 47.36 -12.94
N LEU C 992 2.55 46.44 -12.78
CA LEU C 992 2.54 45.22 -13.63
C LEU C 992 2.71 45.66 -15.09
N THR C 993 2.03 46.75 -15.48
CA THR C 993 2.09 47.21 -16.88
C THR C 993 3.51 47.63 -17.26
N LEU C 994 4.19 48.37 -16.38
CA LEU C 994 5.55 48.87 -16.73
C LEU C 994 6.49 47.69 -16.95
N ILE C 995 6.45 46.71 -16.05
CA ILE C 995 7.40 45.56 -16.17
C ILE C 995 7.09 44.83 -17.48
N ARG C 996 5.81 44.66 -17.80
CA ARG C 996 5.44 43.90 -19.01
C ARG C 996 5.98 44.62 -20.24
N THR C 997 5.87 45.95 -20.28
CA THR C 997 6.28 46.66 -21.52
C THR C 997 7.77 46.43 -21.78
N LEU C 998 8.61 46.60 -20.76
CA LEU C 998 10.07 46.45 -20.96
C LEU C 998 10.43 44.99 -21.22
N VAL C 999 9.89 44.07 -20.42
CA VAL C 999 10.26 42.62 -20.52
C VAL C 999 9.75 41.95 -21.80
N THR C 1000 8.50 42.21 -22.20
CA THR C 1000 7.92 41.46 -23.36
C THR C 1000 8.16 42.21 -24.67
N GLY C 1001 8.81 43.36 -24.61
CA GLY C 1001 9.12 44.11 -25.85
C GLY C 1001 7.93 44.88 -26.35
N GLY C 1002 6.88 45.00 -25.54
CA GLY C 1002 5.71 45.81 -25.93
C GLY C 1002 4.60 45.01 -26.56
N ALA C 1003 4.02 44.05 -25.83
CA ALA C 1003 2.87 43.31 -26.39
C ALA C 1003 1.60 44.13 -26.12
N THR C 1004 1.03 44.73 -27.18
CA THR C 1004 -0.21 45.54 -27.04
C THR C 1004 -1.40 44.61 -26.76
N PRO C 1005 -2.38 44.99 -25.92
CA PRO C 1005 -3.57 44.17 -25.72
C PRO C 1005 -4.17 43.77 -27.07
N GLU C 1006 -3.96 44.57 -28.10
CA GLU C 1006 -4.55 44.29 -29.40
C GLU C 1006 -3.95 43.03 -30.00
N LEU C 1007 -2.65 42.86 -29.88
CA LEU C 1007 -2.01 41.65 -30.39
C LEU C 1007 -2.54 40.43 -29.67
N GLU C 1008 -2.78 40.54 -28.37
CA GLU C 1008 -3.26 39.40 -27.59
C GLU C 1008 -4.56 38.85 -28.14
N ALA C 1009 -5.39 39.71 -28.73
CA ALA C 1009 -6.62 39.23 -29.34
C ALA C 1009 -6.33 38.36 -30.55
N LEU C 1010 -5.46 38.84 -31.45
CA LEU C 1010 -5.19 38.09 -32.68
C LEU C 1010 -4.57 36.74 -32.37
N ILE C 1011 -3.64 36.70 -31.42
CA ILE C 1011 -3.00 35.43 -31.09
C ILE C 1011 -4.00 34.46 -30.49
N ALA C 1012 -5.11 34.97 -29.93
CA ALA C 1012 -6.12 34.08 -29.38
C ALA C 1012 -6.89 33.37 -30.48
N GLU C 1013 -7.18 34.06 -31.58
CA GLU C 1013 -8.00 33.48 -32.63
C GLU C 1013 -7.19 32.53 -33.51
N GLU C 1014 -6.21 33.07 -34.22
CA GLU C 1014 -5.52 32.31 -35.24
C GLU C 1014 -4.35 31.50 -34.71
N ASN C 1015 -3.88 31.79 -33.50
CA ASN C 1015 -2.74 31.09 -32.90
C ASN C 1015 -1.50 31.20 -33.77
N ALA C 1016 -1.39 32.28 -34.53
CA ALA C 1016 -0.23 32.54 -35.38
C ALA C 1016 -0.29 33.98 -35.85
N LEU C 1017 0.87 34.60 -35.99
CA LEU C 1017 0.93 36.00 -36.39
C LEU C 1017 0.48 36.14 -37.85
N ARG C 1018 0.49 37.37 -38.33
CA ARG C 1018 0.17 37.63 -39.73
C ARG C 1018 0.83 38.94 -40.13
N GLY C 1019 1.67 38.91 -41.15
CA GLY C 1019 2.35 40.11 -41.58
C GLY C 1019 1.39 41.13 -42.14
N GLY C 1020 1.75 42.40 -41.98
CA GLY C 1020 0.95 43.49 -42.49
C GLY C 1020 1.79 44.43 -43.33
N TYR C 1021 1.15 45.07 -44.29
CA TYR C 1021 1.85 46.02 -45.15
C TYR C 1021 2.21 47.27 -44.36
N SER C 1022 3.39 47.81 -44.65
CA SER C 1022 3.91 48.94 -43.88
C SER C 1022 3.17 50.22 -44.23
N THR C 1023 2.93 51.04 -43.21
CA THR C 1023 2.32 52.35 -43.34
C THR C 1023 3.11 53.33 -42.48
N PRO C 1024 3.01 54.63 -42.74
CA PRO C 1024 3.76 55.61 -41.94
C PRO C 1024 3.53 55.46 -40.44
N GLN C 1025 2.27 55.37 -40.04
CA GLN C 1025 1.97 55.21 -38.62
C GLN C 1025 2.48 53.87 -38.09
N THR C 1026 2.52 52.86 -38.96
CA THR C 1026 3.12 51.59 -38.58
C THR C 1026 4.59 51.78 -38.20
N LEU C 1027 5.32 52.54 -39.00
CA LEU C 1027 6.74 52.74 -38.73
C LEU C 1027 6.95 53.54 -37.46
N ALA C 1028 6.07 54.49 -37.18
CA ALA C 1028 6.24 55.35 -36.01
C ALA C 1028 6.27 54.55 -34.72
N ASN C 1029 5.59 53.41 -34.69
CA ASN C 1029 5.57 52.59 -33.47
C ASN C 1029 6.95 52.05 -33.14
N ARG C 1030 7.86 52.01 -34.11
CA ARG C 1030 9.17 51.44 -33.88
C ARG C 1030 10.03 52.31 -32.96
N ASP C 1031 9.57 53.51 -32.62
CA ASP C 1031 10.39 54.43 -31.84
C ASP C 1031 10.24 54.13 -30.35
N ARG C 1032 11.21 53.42 -29.78
CA ARG C 1032 11.21 53.17 -28.35
C ARG C 1032 12.60 52.74 -27.93
N CYS C 1033 12.93 52.98 -26.67
CA CYS C 1033 14.29 52.75 -26.20
C CYS C 1033 14.54 51.27 -25.93
N ARG C 1034 15.83 50.92 -25.88
CA ARG C 1034 16.27 49.55 -25.69
C ARG C 1034 17.34 49.51 -24.62
N VAL C 1035 17.53 48.33 -24.01
CA VAL C 1035 18.62 48.14 -23.08
C VAL C 1035 19.91 47.83 -23.82
N ALA C 1036 21.03 48.24 -23.24
CA ALA C 1036 22.34 47.93 -23.81
C ALA C 1036 23.42 48.22 -22.78
N GLN C 1037 24.62 47.77 -23.09
CA GLN C 1037 25.77 47.88 -22.20
C GLN C 1037 26.88 48.66 -22.91
N LEU C 1038 27.57 49.52 -22.18
CA LEU C 1038 28.70 50.24 -22.71
C LEU C 1038 29.94 50.03 -21.85
N ALA C 1039 31.10 50.00 -22.50
CA ALA C 1039 32.38 49.80 -21.83
C ALA C 1039 33.19 51.09 -21.89
N LEU C 1040 33.86 51.39 -20.77
CA LEU C 1040 34.50 52.69 -20.61
C LEU C 1040 35.95 52.73 -21.06
N LEU C 1041 36.54 51.60 -21.43
CA LEU C 1041 37.98 51.60 -21.71
C LEU C 1041 38.33 52.43 -22.94
N ASP C 1042 37.37 52.69 -23.81
CA ASP C 1042 37.63 53.53 -24.98
C ASP C 1042 36.30 54.09 -25.45
N GLY C 1043 36.36 55.31 -25.98
CA GLY C 1043 35.18 55.97 -26.47
C GLY C 1043 35.01 57.36 -25.88
N PRO C 1044 33.82 57.93 -26.02
CA PRO C 1044 33.59 59.29 -25.50
C PRO C 1044 33.77 59.40 -24.00
N PHE C 1045 33.58 58.31 -23.27
CA PHE C 1045 33.63 58.32 -21.82
C PHE C 1045 34.94 57.79 -21.27
N ALA C 1046 35.92 57.52 -22.14
CA ALA C 1046 37.17 56.95 -21.68
C ALA C 1046 37.89 57.89 -20.70
N ASP C 1047 37.82 59.20 -20.97
CA ASP C 1047 38.46 60.17 -20.08
C ASP C 1047 37.93 60.07 -18.66
N LEU C 1048 36.66 59.69 -18.51
CA LEU C 1048 36.09 59.50 -17.18
C LEU C 1048 36.34 58.10 -16.64
N GLY C 1049 37.10 57.28 -17.36
CA GLY C 1049 37.44 55.96 -16.86
C GLY C 1049 38.14 55.99 -15.51
N ASP C 1050 38.85 57.09 -15.23
CA ASP C 1050 39.45 57.29 -13.93
C ASP C 1050 38.91 58.54 -13.24
N GLY C 1051 37.88 59.16 -13.81
CA GLY C 1051 37.33 60.37 -13.20
C GLY C 1051 36.78 60.12 -11.81
N GLY C 1052 36.10 58.99 -11.63
CA GLY C 1052 35.60 58.63 -10.32
C GLY C 1052 34.39 59.40 -9.85
N CYS C 1053 33.77 60.19 -10.72
CA CYS C 1053 32.58 60.94 -10.39
C CYS C 1053 31.44 60.35 -11.23
N TYR C 1054 30.76 59.35 -10.67
CA TYR C 1054 29.72 58.66 -11.42
C TYR C 1054 28.64 59.63 -11.88
N GLY C 1055 28.22 60.52 -10.99
CA GLY C 1055 27.22 61.50 -11.37
C GLY C 1055 27.67 62.38 -12.51
N ASP C 1056 28.97 62.70 -12.54
CA ASP C 1056 29.49 63.50 -13.64
C ASP C 1056 29.31 62.78 -14.97
N LEU C 1057 29.56 61.49 -15.00
CA LEU C 1057 29.29 60.72 -16.21
C LEU C 1057 27.80 60.73 -16.53
N PHE C 1058 26.96 60.57 -15.50
CA PHE C 1058 25.53 60.47 -15.73
C PHE C 1058 24.98 61.76 -16.34
N CYS C 1059 25.32 62.91 -15.76
CA CYS C 1059 24.83 64.17 -16.29
C CYS C 1059 25.34 64.40 -17.70
N LYS C 1060 26.59 64.03 -17.96
CA LYS C 1060 27.15 64.13 -19.30
C LYS C 1060 26.31 63.37 -20.31
N ALA C 1061 25.82 62.19 -19.93
CA ALA C 1061 25.19 61.30 -20.89
C ALA C 1061 23.90 61.88 -21.44
N LEU C 1062 23.01 62.35 -20.56
CA LEU C 1062 21.69 62.77 -21.00
C LEU C 1062 21.76 63.94 -21.97
N LYS C 1063 22.57 64.94 -21.64
CA LYS C 1063 22.65 66.12 -22.50
C LYS C 1063 23.18 65.76 -23.89
N THR C 1064 24.20 64.92 -23.93
CA THR C 1064 24.88 64.64 -25.20
C THR C 1064 24.06 63.69 -26.08
N TYR C 1065 23.49 62.64 -25.49
CA TYR C 1065 22.88 61.59 -26.29
C TYR C 1065 21.54 61.12 -25.77
N ASN C 1066 21.03 61.69 -24.68
CA ASN C 1066 19.86 61.18 -24.00
C ASN C 1066 20.09 59.75 -23.52
N MET C 1067 21.32 59.45 -23.12
CA MET C 1067 21.64 58.16 -22.53
C MET C 1067 21.24 58.16 -21.08
N LEU C 1068 20.53 57.12 -20.65
CA LEU C 1068 20.12 56.97 -19.26
C LEU C 1068 20.91 55.82 -18.66
N CYS C 1069 21.61 56.08 -17.56
CA CYS C 1069 22.51 55.13 -16.94
C CYS C 1069 22.04 54.87 -15.51
N PHE C 1070 21.85 53.60 -15.17
CA PHE C 1070 21.27 53.28 -13.88
C PHE C 1070 21.87 52.02 -13.28
N GLY C 1071 23.14 51.75 -13.53
CA GLY C 1071 23.76 50.60 -12.92
C GLY C 1071 25.17 50.31 -13.38
N ILE C 1072 25.97 49.71 -12.51
CA ILE C 1072 27.35 49.36 -12.81
C ILE C 1072 27.51 47.86 -12.67
N TYR C 1073 28.11 47.24 -13.68
CA TYR C 1073 28.39 45.80 -13.70
C TYR C 1073 29.90 45.66 -13.59
N ARG C 1074 30.40 45.60 -12.36
CA ARG C 1074 31.82 45.73 -12.13
C ARG C 1074 32.44 44.39 -11.76
N LEU C 1075 33.71 44.24 -12.10
CA LEU C 1075 34.43 43.00 -11.89
C LEU C 1075 34.55 42.71 -10.39
N ARG C 1076 34.61 41.42 -10.06
CA ARG C 1076 34.50 41.01 -8.67
C ARG C 1076 35.72 41.43 -7.86
N ASP C 1077 36.92 41.16 -8.37
CA ASP C 1077 38.14 41.35 -7.61
C ASP C 1077 38.90 42.59 -8.04
N ALA C 1078 38.17 43.65 -8.37
CA ALA C 1078 38.82 44.92 -8.69
C ALA C 1078 39.18 45.72 -7.46
N HIS C 1079 38.73 45.31 -6.28
CA HIS C 1079 38.99 46.03 -5.05
C HIS C 1079 40.08 45.40 -4.21
N LEU C 1080 40.81 44.43 -4.75
CA LEU C 1080 41.87 43.75 -4.02
C LEU C 1080 43.23 44.16 -4.56
N SER C 1081 44.22 44.13 -3.68
CA SER C 1081 45.57 44.57 -4.06
C SER C 1081 46.16 43.67 -5.14
N THR C 1082 46.17 42.37 -4.90
CA THR C 1082 46.79 41.46 -5.86
C THR C 1082 45.90 41.28 -7.08
N PRO C 1083 46.49 41.09 -8.26
CA PRO C 1083 45.69 40.78 -9.44
C PRO C 1083 45.25 39.32 -9.44
N SER C 1084 44.30 39.02 -10.31
CA SER C 1084 43.80 37.66 -10.46
C SER C 1084 43.34 37.46 -11.90
N GLN C 1085 42.73 36.31 -12.17
CA GLN C 1085 42.28 35.96 -13.50
C GLN C 1085 40.78 35.77 -13.60
N CYS C 1086 40.07 35.67 -12.48
CA CYS C 1086 38.63 35.45 -12.54
C CYS C 1086 37.94 36.62 -13.22
N THR C 1087 36.94 36.31 -14.04
CA THR C 1087 36.21 37.31 -14.78
C THR C 1087 34.75 37.41 -14.32
N LYS C 1088 34.46 36.93 -13.12
CA LYS C 1088 33.11 37.07 -12.57
C LYS C 1088 32.81 38.52 -12.30
N ARG C 1089 31.56 38.91 -12.50
CA ARG C 1089 31.11 40.27 -12.27
C ARG C 1089 29.81 40.26 -11.48
N TYR C 1090 29.57 41.35 -10.75
CA TYR C 1090 28.36 41.49 -9.96
C TYR C 1090 27.72 42.83 -10.27
N VAL C 1091 26.46 42.97 -9.92
CA VAL C 1091 25.66 44.13 -10.32
C VAL C 1091 25.55 45.10 -9.16
N ILE C 1092 25.73 46.38 -9.47
CA ILE C 1092 25.52 47.47 -8.52
C ILE C 1092 24.52 48.42 -9.16
N THR C 1093 23.41 48.66 -8.46
CA THR C 1093 22.31 49.43 -9.01
C THR C 1093 22.16 50.76 -8.30
N ASN C 1094 21.92 51.82 -9.07
CA ASN C 1094 21.70 53.17 -8.60
C ASN C 1094 22.73 53.57 -7.55
N PRO C 1095 23.97 53.81 -7.94
CA PRO C 1095 24.97 54.23 -6.97
C PRO C 1095 24.79 55.69 -6.61
N PRO C 1096 25.35 56.13 -5.49
CA PRO C 1096 25.25 57.55 -5.14
C PRO C 1096 25.97 58.45 -6.13
N TYR C 1097 25.85 59.75 -5.95
CA TYR C 1097 26.33 60.70 -6.96
C TYR C 1097 27.84 60.64 -7.12
N GLU C 1098 28.57 60.49 -6.03
CA GLU C 1098 30.02 60.65 -6.01
C GLU C 1098 30.75 59.31 -5.98
N PHE C 1099 30.12 58.25 -6.44
CA PHE C 1099 30.75 56.94 -6.41
C PHE C 1099 31.98 56.91 -7.32
N GLU C 1100 33.04 56.29 -6.83
CA GLU C 1100 34.29 56.21 -7.59
C GLU C 1100 34.21 55.11 -8.63
N LEU C 1101 34.74 55.40 -9.81
CA LEU C 1101 34.76 54.43 -10.91
C LEU C 1101 36.12 53.78 -11.03
N VAL C 1102 36.16 52.70 -11.80
CA VAL C 1102 37.41 52.04 -12.18
C VAL C 1102 37.43 51.98 -13.69
N PRO C 1103 38.60 51.96 -14.33
CA PRO C 1103 38.63 52.06 -15.80
C PRO C 1103 38.13 50.82 -16.52
N THR C 1104 37.85 49.73 -15.81
CA THR C 1104 37.46 48.48 -16.45
C THR C 1104 36.19 47.93 -15.80
N ASP C 1105 35.04 48.36 -16.31
CA ASP C 1105 33.75 47.84 -15.87
C ASP C 1105 32.71 48.27 -16.89
N LEU C 1106 31.48 47.84 -16.65
CA LEU C 1106 30.39 48.04 -17.59
C LEU C 1106 29.27 48.80 -16.91
N ILE C 1107 28.52 49.57 -17.70
CA ILE C 1107 27.42 50.39 -17.20
C ILE C 1107 26.15 50.04 -17.97
N PHE C 1108 25.05 49.89 -17.24
CA PHE C 1108 23.77 49.56 -17.85
C PHE C 1108 23.16 50.83 -18.42
N CYS C 1109 23.04 50.90 -19.74
CA CYS C 1109 22.52 52.08 -20.39
C CYS C 1109 21.13 51.81 -20.92
N LEU C 1110 20.48 52.88 -21.37
CA LEU C 1110 19.15 52.81 -21.96
C LEU C 1110 19.15 53.81 -23.11
N MET C 1111 19.52 53.35 -24.30
CA MET C 1111 19.74 54.29 -25.38
C MET C 1111 18.46 54.50 -26.20
N GLN C 1112 18.52 55.52 -27.05
CA GLN C 1112 17.37 55.94 -27.84
C GLN C 1112 17.11 54.92 -28.96
N PHE C 1113 16.12 55.23 -29.77
CA PHE C 1113 15.72 54.37 -30.87
C PHE C 1113 16.59 54.63 -32.09
N ASP C 1114 16.12 54.12 -33.23
CA ASP C 1114 16.73 54.27 -34.54
C ASP C 1114 17.40 55.62 -34.77
N ARG D 17 -0.70 -34.89 66.09
CA ARG D 17 0.34 -34.52 67.05
C ARG D 17 1.59 -35.36 66.83
N GLY D 18 2.47 -35.35 67.82
CA GLY D 18 3.65 -36.19 67.77
C GLY D 18 4.67 -35.67 66.76
N GLN D 19 5.59 -36.57 66.39
CA GLN D 19 6.59 -36.22 65.39
C GLN D 19 5.94 -36.00 64.03
N ARG D 20 6.37 -34.94 63.36
CA ARG D 20 5.85 -34.66 62.03
C ARG D 20 6.48 -35.59 61.01
N MET D 21 5.64 -36.10 60.10
CA MET D 21 6.07 -37.06 59.10
C MET D 21 6.09 -36.47 57.69
N TRP D 22 6.04 -35.15 57.59
CA TRP D 22 5.98 -34.51 56.27
C TRP D 22 7.19 -34.83 55.42
N TRP D 23 8.34 -35.09 56.05
CA TRP D 23 9.56 -35.31 55.29
C TRP D 23 9.45 -36.54 54.40
N ALA D 24 8.76 -37.59 54.88
CA ALA D 24 8.69 -38.82 54.11
C ALA D 24 7.99 -38.62 52.78
N PHE D 25 6.82 -37.98 52.79
CA PHE D 25 6.05 -37.83 51.55
C PHE D 25 6.82 -37.02 50.52
N LEU D 26 7.44 -35.93 50.95
CA LEU D 26 8.25 -35.16 50.02
C LEU D 26 9.43 -35.99 49.51
N ALA D 27 9.96 -36.86 50.36
CA ALA D 27 11.09 -37.69 49.93
C ALA D 27 10.68 -38.66 48.84
N SER D 28 9.52 -39.30 48.99
CA SER D 28 9.12 -40.36 48.07
C SER D 28 9.02 -39.84 46.64
N SER D 29 8.41 -38.67 46.45
CA SER D 29 8.32 -38.11 45.12
C SER D 29 9.69 -37.76 44.57
N MET D 30 10.55 -37.16 45.40
CA MET D 30 11.84 -36.70 44.91
C MET D 30 12.70 -37.85 44.42
N VAL D 31 12.74 -38.95 45.17
CA VAL D 31 13.62 -40.04 44.81
C VAL D 31 13.19 -40.68 43.50
N THR D 32 11.89 -40.74 43.25
CA THR D 32 11.39 -41.33 42.01
C THR D 32 11.84 -40.53 40.80
N PHE D 33 11.60 -39.22 40.83
CA PHE D 33 11.87 -38.39 39.67
C PHE D 33 13.35 -38.33 39.35
N PHE D 34 14.18 -38.10 40.38
CA PHE D 34 15.62 -38.09 40.15
C PHE D 34 16.15 -39.48 39.86
N GLY D 35 15.71 -40.49 40.62
CA GLY D 35 16.17 -41.84 40.38
C GLY D 35 15.85 -42.31 38.97
N GLY D 36 14.64 -42.02 38.51
CA GLY D 36 14.31 -42.34 37.13
C GLY D 36 15.21 -41.61 36.15
N LEU D 37 15.50 -40.34 36.43
CA LEU D 37 16.39 -39.58 35.55
C LEU D 37 17.77 -40.19 35.50
N PHE D 38 18.27 -40.67 36.64
CA PHE D 38 19.63 -41.20 36.69
C PHE D 38 19.74 -42.48 35.87
N ILE D 39 18.82 -43.42 36.05
CA ILE D 39 18.95 -44.73 35.40
C ILE D 39 18.88 -44.58 33.89
N ILE D 40 17.98 -43.75 33.39
CA ILE D 40 17.87 -43.56 31.94
C ILE D 40 19.12 -42.91 31.38
N LEU D 41 19.62 -41.88 32.05
CA LEU D 41 20.83 -41.22 31.59
C LEU D 41 22.02 -42.18 31.64
N LEU D 42 22.10 -42.99 32.70
CA LEU D 42 23.18 -43.97 32.82
C LEU D 42 23.11 -45.00 31.70
N TRP D 43 21.93 -45.54 31.42
CA TRP D 43 21.80 -46.62 30.46
C TRP D 43 22.20 -46.16 29.06
N ARG D 44 21.83 -44.93 28.71
CA ARG D 44 22.25 -44.38 27.43
C ARG D 44 23.76 -44.27 27.34
N THR D 45 24.40 -43.80 28.41
CA THR D 45 25.86 -43.65 28.40
C THR D 45 26.54 -45.01 28.38
N LEU D 46 25.96 -46.00 29.07
CA LEU D 46 26.54 -47.34 29.08
C LEU D 46 26.59 -47.93 27.68
N LYS D 47 25.51 -47.77 26.91
CA LYS D 47 25.48 -48.31 25.55
C LYS D 47 26.50 -47.61 24.66
N TYR D 48 26.69 -46.30 24.86
CA TYR D 48 27.70 -45.58 24.11
C TYR D 48 29.11 -46.13 24.37
N LEU D 49 29.44 -46.35 25.64
CA LEU D 49 30.80 -46.77 25.99
C LEU D 49 31.09 -48.18 25.50
N TRP D 50 30.13 -49.09 25.64
CA TRP D 50 30.38 -50.49 25.30
C TRP D 50 30.71 -50.65 23.83
N THR D 51 30.07 -49.87 22.97
CA THR D 51 30.36 -49.90 21.54
C THR D 51 31.73 -49.27 21.25
N GLY D 92 9.37 -56.55 14.58
CA GLY D 92 9.87 -56.97 15.90
C GLY D 92 8.76 -57.00 16.94
N TRP D 93 8.87 -57.87 17.93
CA TRP D 93 7.82 -57.99 18.99
C TRP D 93 7.71 -56.67 19.75
N MET D 94 8.84 -56.04 20.06
CA MET D 94 8.82 -54.77 20.84
C MET D 94 8.08 -53.70 20.03
N THR D 95 8.32 -53.65 18.72
CA THR D 95 7.66 -52.63 17.87
C THR D 95 6.14 -52.86 17.90
N SER D 96 5.72 -54.12 17.88
CA SER D 96 4.27 -54.44 17.88
C SER D 96 3.64 -53.91 19.17
N VAL D 97 4.33 -54.11 20.31
CA VAL D 97 3.77 -53.65 21.62
C VAL D 97 3.64 -52.13 21.58
N LYS D 98 4.64 -51.44 21.05
CA LYS D 98 4.61 -49.96 21.01
C LYS D 98 3.43 -49.52 20.14
N ASP D 99 3.22 -50.22 19.01
CA ASP D 99 2.13 -49.82 18.09
C ASP D 99 0.78 -49.97 18.80
N TRP D 100 0.59 -51.07 19.53
CA TRP D 100 -0.73 -51.31 20.18
C TRP D 100 -0.98 -50.20 21.20
N ALA D 101 0.04 -49.83 21.97
CA ALA D 101 -0.12 -48.78 23.00
C ALA D 101 -0.47 -47.45 22.33
N GLY D 102 0.19 -47.14 21.22
CA GLY D 102 -0.07 -45.88 20.50
C GLY D 102 -1.51 -45.85 20.00
N VAL D 103 -1.98 -46.97 19.47
CA VAL D 103 -3.40 -47.05 18.99
C VAL D 103 -4.31 -46.84 20.20
N MET D 104 -3.96 -47.42 21.35
CA MET D 104 -4.81 -47.29 22.53
C MET D 104 -4.79 -45.87 23.06
N ILE D 105 -3.62 -45.22 23.05
CA ILE D 105 -3.53 -43.85 23.54
C ILE D 105 -4.38 -42.92 22.71
N SER D 106 -4.30 -43.04 21.39
CA SER D 106 -5.21 -42.29 20.53
C SER D 106 -6.59 -42.94 20.58
N ALA D 107 -7.53 -42.35 19.84
CA ALA D 107 -8.90 -42.85 19.81
C ALA D 107 -9.21 -43.58 18.52
N GLN D 108 -8.24 -44.33 18.00
CA GLN D 108 -8.45 -45.04 16.74
C GLN D 108 -9.57 -46.06 16.86
N THR D 109 -9.59 -46.83 17.93
CA THR D 109 -10.54 -47.91 18.10
C THR D 109 -11.66 -47.50 19.04
N LEU D 110 -12.64 -48.39 19.17
CA LEU D 110 -13.67 -48.19 20.19
C LEU D 110 -13.06 -48.24 21.58
N THR D 111 -12.18 -49.22 21.81
CA THR D 111 -11.54 -49.32 23.12
C THR D 111 -10.74 -48.06 23.44
N GLY D 112 -10.16 -47.43 22.43
CA GLY D 112 -9.49 -46.16 22.66
C GLY D 112 -10.47 -45.07 23.07
N ARG D 113 -11.66 -45.06 22.47
CA ARG D 113 -12.62 -44.01 22.77
C ARG D 113 -13.06 -44.04 24.23
N VAL D 114 -13.32 -45.23 24.76
CA VAL D 114 -13.83 -45.31 26.13
C VAL D 114 -12.77 -44.89 27.12
N LEU D 115 -11.52 -45.26 26.87
CA LEU D 115 -10.47 -44.98 27.85
C LEU D 115 -10.22 -43.49 28.00
N VAL D 116 -10.21 -42.75 26.89
CA VAL D 116 -9.94 -41.32 26.97
C VAL D 116 -11.00 -40.60 27.77
N VAL D 117 -12.27 -40.96 27.56
CA VAL D 117 -13.35 -40.30 28.29
C VAL D 117 -13.20 -40.53 29.78
N LEU D 118 -12.77 -41.72 30.19
CA LEU D 118 -12.57 -41.98 31.61
C LEU D 118 -11.52 -41.06 32.20
N VAL D 119 -10.42 -40.83 31.47
CA VAL D 119 -9.42 -39.88 31.93
C VAL D 119 -10.04 -38.49 32.07
N PHE D 120 -10.90 -38.13 31.14
CA PHE D 120 -11.59 -36.85 31.23
C PHE D 120 -12.43 -36.77 32.50
N ALA D 121 -13.17 -37.84 32.81
CA ALA D 121 -14.02 -37.82 33.98
C ALA D 121 -13.21 -37.89 35.27
N LEU D 122 -12.25 -38.81 35.33
CA LEU D 122 -11.53 -39.02 36.58
C LEU D 122 -10.61 -37.85 36.89
N SER D 123 -10.17 -37.11 35.88
CA SER D 123 -9.38 -35.91 36.14
C SER D 123 -10.19 -34.90 36.93
N ILE D 124 -11.46 -34.73 36.58
CA ILE D 124 -12.34 -33.89 37.39
C ILE D 124 -12.58 -34.51 38.75
N GLY D 125 -12.79 -35.82 38.79
CA GLY D 125 -13.12 -36.48 40.04
C GLY D 125 -12.02 -36.32 41.09
N ALA D 126 -10.77 -36.47 40.68
CA ALA D 126 -9.66 -36.32 41.62
C ALA D 126 -9.63 -34.91 42.18
N LEU D 127 -9.93 -33.91 41.34
CA LEU D 127 -9.90 -32.53 41.80
C LEU D 127 -10.94 -32.29 42.89
N VAL D 128 -12.14 -32.85 42.73
CA VAL D 128 -13.19 -32.62 43.71
C VAL D 128 -12.78 -33.20 45.06
N ILE D 129 -12.06 -34.32 45.07
CA ILE D 129 -11.57 -34.88 46.31
C ILE D 129 -10.66 -33.88 47.00
N TYR D 130 -9.85 -33.16 46.23
CA TYR D 130 -8.92 -32.21 46.83
C TYR D 130 -9.66 -31.08 47.54
N PHE D 131 -10.75 -30.59 46.97
CA PHE D 131 -11.49 -29.51 47.61
C PHE D 131 -12.02 -29.93 48.96
N ILE D 132 -12.58 -31.14 49.05
CA ILE D 132 -13.13 -31.61 50.31
C ILE D 132 -12.04 -31.72 51.36
N ASP D 133 -10.89 -32.25 50.98
CA ASP D 133 -9.83 -32.50 51.95
C ASP D 133 -9.17 -31.22 52.44
N SER D 134 -9.37 -30.09 51.76
CA SER D 134 -8.71 -28.86 52.14
C SER D 134 -9.12 -28.40 53.53
N SER D 135 -10.36 -28.70 53.94
CA SER D 135 -10.85 -28.21 55.22
C SER D 135 -10.15 -28.89 56.39
N ASN D 136 -9.73 -30.14 56.24
CA ASN D 136 -9.13 -30.87 57.33
C ASN D 136 -7.76 -30.30 57.67
N PRO D 137 -7.27 -30.55 58.89
CA PRO D 137 -5.95 -30.04 59.27
C PRO D 137 -4.85 -30.59 58.36
N ILE D 138 -3.72 -29.89 58.37
CA ILE D 138 -2.64 -30.21 57.44
C ILE D 138 -2.08 -31.60 57.72
N GLU D 139 -1.86 -31.93 58.99
CA GLU D 139 -1.34 -33.23 59.37
C GLU D 139 -2.36 -33.92 60.27
N SER D 140 -2.72 -35.15 59.93
CA SER D 140 -3.73 -35.87 60.67
C SER D 140 -3.56 -37.36 60.45
N CYS D 141 -4.19 -38.14 61.31
CA CYS D 141 -4.13 -39.60 61.26
C CYS D 141 -5.53 -40.15 61.07
N GLN D 142 -5.66 -41.18 60.24
CA GLN D 142 -6.95 -41.78 59.96
C GLN D 142 -6.79 -43.26 59.68
N ASN D 143 -7.88 -44.01 59.87
CA ASN D 143 -7.90 -45.42 59.56
C ASN D 143 -8.34 -45.61 58.12
N PHE D 144 -7.56 -46.38 57.36
CA PHE D 144 -7.87 -46.58 55.95
C PHE D 144 -9.17 -47.35 55.77
N TYR D 145 -9.39 -48.39 56.56
CA TYR D 145 -10.57 -49.24 56.37
C TYR D 145 -11.85 -48.52 56.78
N LYS D 146 -11.75 -47.52 57.65
CA LYS D 146 -12.96 -46.92 58.21
C LYS D 146 -13.56 -45.87 57.29
N ASP D 147 -12.73 -45.13 56.56
CA ASP D 147 -13.18 -43.96 55.82
C ASP D 147 -13.55 -44.30 54.38
N PHE D 148 -14.67 -43.76 53.93
CA PHE D 148 -15.07 -43.92 52.53
C PHE D 148 -14.07 -43.24 51.61
N THR D 149 -13.70 -42.01 51.92
CA THR D 149 -12.60 -41.39 51.20
C THR D 149 -11.30 -42.07 51.57
N LEU D 150 -10.25 -41.77 50.80
CA LEU D 150 -8.95 -42.42 50.90
C LEU D 150 -9.07 -43.86 50.41
N GLN D 151 -10.29 -44.29 50.10
CA GLN D 151 -10.55 -45.55 49.41
C GLN D 151 -11.00 -45.32 47.98
N ILE D 152 -11.93 -44.38 47.78
CA ILE D 152 -12.19 -43.91 46.43
C ILE D 152 -10.95 -43.26 45.86
N ASP D 153 -10.27 -42.44 46.66
CA ASP D 153 -9.05 -41.78 46.21
C ASP D 153 -7.99 -42.79 45.84
N MET D 154 -7.84 -43.86 46.62
CA MET D 154 -6.88 -44.90 46.29
C MET D 154 -7.23 -45.54 44.96
N ALA D 155 -8.52 -45.74 44.69
CA ALA D 155 -8.93 -46.34 43.43
C ALA D 155 -8.52 -45.46 42.25
N PHE D 156 -8.73 -44.15 42.36
CA PHE D 156 -8.44 -43.27 41.24
C PHE D 156 -6.96 -43.30 40.87
N ASN D 157 -6.08 -43.22 41.87
CA ASN D 157 -4.66 -43.15 41.59
C ASN D 157 -4.12 -44.46 41.05
N VAL D 158 -4.81 -45.57 41.25
CA VAL D 158 -4.44 -46.79 40.55
C VAL D 158 -4.60 -46.59 39.05
N PHE D 159 -5.71 -45.99 38.63
CA PHE D 159 -5.96 -45.81 37.21
C PHE D 159 -4.95 -44.86 36.59
N PHE D 160 -4.64 -43.76 37.27
CA PHE D 160 -3.66 -42.83 36.72
C PHE D 160 -2.28 -43.48 36.58
N LEU D 161 -1.98 -44.44 37.45
CA LEU D 161 -0.69 -45.13 37.33
C LEU D 161 -0.62 -45.93 36.03
N LEU D 162 -1.68 -46.66 35.70
CA LEU D 162 -1.67 -47.46 34.48
C LEU D 162 -1.59 -46.58 33.25
N TYR D 163 -2.42 -45.54 33.19
CA TYR D 163 -2.42 -44.66 32.04
C TYR D 163 -1.06 -44.00 31.85
N PHE D 164 -0.30 -43.84 32.93
CA PHE D 164 1.08 -43.38 32.78
C PHE D 164 1.93 -44.42 32.07
N GLY D 165 1.70 -45.70 32.36
CA GLY D 165 2.50 -46.74 31.73
C GLY D 165 2.32 -46.78 30.23
N LEU D 166 1.06 -46.74 29.77
CA LEU D 166 0.81 -46.77 28.34
C LEU D 166 1.39 -45.54 27.66
N ARG D 167 1.20 -44.37 28.26
CA ARG D 167 1.77 -43.16 27.71
C ARG D 167 3.29 -43.25 27.64
N PHE D 168 3.90 -43.92 28.60
CA PHE D 168 5.36 -44.04 28.61
C PHE D 168 5.85 -44.87 27.43
N ILE D 169 5.14 -45.94 27.08
CA ILE D 169 5.61 -46.85 26.05
C ILE D 169 5.66 -46.14 24.70
N ALA D 170 4.61 -45.39 24.37
CA ALA D 170 4.47 -44.85 23.02
C ALA D 170 5.45 -43.71 22.74
N ALA D 171 6.17 -43.22 23.74
CA ALA D 171 7.07 -42.10 23.51
C ALA D 171 8.26 -42.53 22.66
N ASN D 172 8.89 -41.55 22.02
CA ASN D 172 10.03 -41.81 21.16
C ASN D 172 11.36 -41.68 21.91
N ASP D 173 11.62 -40.50 22.47
CA ASP D 173 12.82 -40.27 23.27
C ASP D 173 12.44 -40.23 24.75
N LYS D 174 12.80 -41.29 25.47
CA LYS D 174 12.33 -41.45 26.83
C LYS D 174 12.75 -40.30 27.73
N LEU D 175 13.91 -39.70 27.47
CA LEU D 175 14.35 -38.60 28.31
C LEU D 175 13.42 -37.40 28.18
N TRP D 176 13.14 -36.97 26.96
CA TRP D 176 12.26 -35.83 26.80
C TRP D 176 10.81 -36.17 27.09
N PHE D 177 10.46 -37.46 27.15
CA PHE D 177 9.16 -37.78 27.71
C PHE D 177 9.17 -37.62 29.22
N TRP D 178 10.24 -38.08 29.87
CA TRP D 178 10.36 -37.99 31.31
C TRP D 178 10.30 -36.55 31.77
N LEU D 179 10.92 -35.66 31.01
CA LEU D 179 10.91 -34.23 31.38
C LEU D 179 9.71 -33.51 30.76
N GLU D 180 8.51 -34.02 31.01
CA GLU D 180 7.29 -33.41 30.51
C GLU D 180 6.37 -33.04 31.66
N VAL D 181 5.50 -32.07 31.41
CA VAL D 181 4.69 -31.50 32.48
C VAL D 181 3.72 -32.53 33.04
N ASN D 182 3.07 -33.29 32.18
CA ASN D 182 2.13 -34.29 32.67
C ASN D 182 2.85 -35.39 33.43
N SER D 183 4.01 -35.81 32.93
CA SER D 183 4.78 -36.83 33.64
C SER D 183 5.19 -36.33 35.02
N VAL D 184 5.63 -35.08 35.10
CA VAL D 184 6.12 -34.59 36.39
C VAL D 184 4.98 -34.42 37.38
N VAL D 185 3.81 -33.98 36.90
CA VAL D 185 2.69 -33.85 37.83
C VAL D 185 2.27 -35.23 38.33
N ASP D 186 2.31 -36.24 37.47
CA ASP D 186 2.01 -37.58 37.93
C ASP D 186 3.03 -38.05 38.95
N PHE D 187 4.31 -37.74 38.71
CA PHE D 187 5.36 -38.12 39.66
C PHE D 187 5.12 -37.51 41.02
N PHE D 188 4.73 -36.23 41.04
CA PHE D 188 4.57 -35.57 42.33
C PHE D 188 3.23 -35.86 42.99
N THR D 189 2.26 -36.42 42.28
CA THR D 189 0.98 -36.71 42.92
C THR D 189 0.78 -38.16 43.30
N VAL D 190 1.34 -39.12 42.57
CA VAL D 190 0.93 -40.51 42.79
C VAL D 190 1.55 -41.17 44.03
N PRO D 191 2.88 -41.22 44.17
CA PRO D 191 3.48 -42.02 45.26
C PRO D 191 3.05 -41.61 46.65
N PRO D 192 2.82 -40.32 46.92
CA PRO D 192 2.41 -39.95 48.29
C PRO D 192 1.17 -40.66 48.76
N VAL D 193 0.22 -40.97 47.87
CA VAL D 193 -0.98 -41.67 48.30
C VAL D 193 -0.63 -43.04 48.87
N PHE D 194 0.25 -43.78 48.18
CA PHE D 194 0.67 -45.07 48.67
C PHE D 194 1.43 -44.94 49.98
N VAL D 195 2.29 -43.93 50.08
CA VAL D 195 3.03 -43.74 51.32
C VAL D 195 2.06 -43.48 52.47
N SER D 196 1.04 -42.68 52.22
CA SER D 196 0.05 -42.37 53.25
C SER D 196 -0.73 -43.60 53.65
N VAL D 197 -1.15 -44.41 52.68
CA VAL D 197 -1.93 -45.59 53.05
C VAL D 197 -1.07 -46.57 53.82
N TYR D 198 0.25 -46.58 53.57
CA TYR D 198 1.11 -47.45 54.36
C TYR D 198 1.27 -46.93 55.79
N LEU D 199 1.51 -45.62 55.94
CA LEU D 199 1.83 -45.09 57.26
C LEU D 199 0.61 -44.76 58.11
N ASN D 200 -0.59 -44.80 57.54
CA ASN D 200 -1.86 -44.53 58.21
C ASN D 200 -2.04 -43.08 58.62
N ARG D 201 -1.12 -42.19 58.24
CA ARG D 201 -1.27 -40.77 58.49
C ARG D 201 -0.97 -39.99 57.22
N SER D 202 -1.64 -38.87 57.04
CA SER D 202 -1.64 -38.16 55.78
C SER D 202 -1.19 -36.72 55.97
N TRP D 203 -0.52 -36.19 54.95
CA TRP D 203 -0.13 -34.79 54.91
C TRP D 203 -0.60 -34.18 53.60
N LEU D 204 -1.24 -33.01 53.70
CA LEU D 204 -1.76 -32.33 52.51
C LEU D 204 -0.60 -31.67 51.77
N GLY D 205 0.26 -32.51 51.22
CA GLY D 205 1.45 -32.01 50.55
C GLY D 205 1.39 -32.10 49.04
N LEU D 206 1.49 -30.95 48.37
CA LEU D 206 1.61 -30.89 46.92
C LEU D 206 0.37 -31.44 46.22
N ARG D 207 -0.65 -31.83 46.97
CA ARG D 207 -1.83 -32.39 46.33
C ARG D 207 -2.55 -31.38 45.46
N PHE D 208 -2.26 -30.09 45.62
CA PHE D 208 -2.90 -29.07 44.80
C PHE D 208 -2.50 -29.16 43.35
N LEU D 209 -1.43 -29.90 43.03
CA LEU D 209 -1.01 -30.00 41.64
C LEU D 209 -2.01 -30.76 40.78
N ARG D 210 -2.99 -31.42 41.39
CA ARG D 210 -3.98 -32.15 40.61
C ARG D 210 -4.73 -31.22 39.66
N ALA D 211 -4.77 -29.93 39.95
CA ALA D 211 -5.46 -29.01 39.08
C ALA D 211 -4.79 -28.85 37.73
N LEU D 212 -3.51 -29.22 37.61
CA LEU D 212 -2.81 -29.02 36.36
C LEU D 212 -3.29 -29.96 35.25
N ARG D 213 -4.06 -30.98 35.58
CA ARG D 213 -4.50 -31.92 34.55
C ARG D 213 -5.49 -31.29 33.59
N LEU D 214 -6.05 -30.12 33.91
CA LEU D 214 -7.02 -29.51 33.02
C LEU D 214 -6.44 -29.10 31.68
N ILE D 215 -5.11 -29.05 31.56
CA ILE D 215 -4.50 -28.64 30.30
C ILE D 215 -4.88 -29.61 29.18
N GLN D 216 -4.86 -30.90 29.47
CA GLN D 216 -5.02 -31.93 28.45
C GLN D 216 -6.41 -31.96 27.84
N PHE D 217 -7.34 -31.09 28.26
CA PHE D 217 -8.67 -31.11 27.66
C PHE D 217 -8.61 -30.74 26.18
N SER D 218 -7.81 -29.73 25.85
CA SER D 218 -7.74 -29.28 24.47
C SER D 218 -7.27 -30.38 23.53
N GLU D 219 -6.56 -31.38 24.02
CA GLU D 219 -6.09 -32.47 23.18
C GLU D 219 -6.99 -33.70 23.25
N ILE D 220 -7.48 -34.06 24.43
CA ILE D 220 -8.33 -35.24 24.52
C ILE D 220 -9.71 -34.87 24.02
N LEU D 221 -9.89 -33.62 23.61
CA LEU D 221 -11.08 -33.28 22.87
C LEU D 221 -10.87 -33.42 21.36
N GLN D 222 -9.72 -32.97 20.86
CA GLN D 222 -9.42 -33.11 19.45
C GLN D 222 -9.33 -34.57 19.04
N PHE D 223 -8.78 -35.41 19.93
CA PHE D 223 -8.67 -36.83 19.60
C PHE D 223 -10.03 -37.43 19.29
N LEU D 224 -11.08 -36.97 19.96
CA LEU D 224 -12.42 -37.48 19.70
C LEU D 224 -13.06 -36.84 18.47
N ASN D 225 -12.37 -35.93 17.80
CA ASN D 225 -12.87 -35.27 16.61
C ASN D 225 -14.16 -34.52 16.91
N ILE D 226 -14.05 -33.53 17.79
CA ILE D 226 -15.15 -32.63 18.11
C ILE D 226 -14.81 -31.19 17.75
N LEU D 227 -13.62 -30.73 18.13
CA LEU D 227 -13.13 -29.42 17.72
C LEU D 227 -12.52 -29.55 16.34
N LYS D 228 -12.99 -28.74 15.39
CA LYS D 228 -12.45 -28.82 14.04
C LYS D 228 -12.04 -27.44 13.53
N THR D 229 -12.79 -26.41 13.89
CA THR D 229 -12.54 -25.08 13.38
C THR D 229 -11.32 -24.46 14.07
N SER D 230 -11.00 -23.23 13.68
CA SER D 230 -9.83 -22.54 14.19
C SER D 230 -10.17 -21.49 15.23
N ASN D 231 -11.40 -21.45 15.70
CA ASN D 231 -11.79 -20.54 16.78
C ASN D 231 -12.11 -21.27 18.06
N SER D 232 -12.85 -22.37 17.98
CA SER D 232 -13.14 -23.15 19.18
C SER D 232 -11.84 -23.64 19.81
N ILE D 233 -10.86 -24.01 19.00
CA ILE D 233 -9.58 -24.48 19.54
C ILE D 233 -8.89 -23.37 20.32
N LYS D 234 -8.84 -22.18 19.73
CA LYS D 234 -8.24 -21.04 20.41
C LYS D 234 -8.93 -20.77 21.74
N LEU D 235 -10.26 -20.72 21.71
CA LEU D 235 -11.03 -20.41 22.91
C LEU D 235 -10.79 -21.44 24.00
N VAL D 236 -10.82 -22.72 23.63
CA VAL D 236 -10.65 -23.78 24.63
C VAL D 236 -9.26 -23.71 25.25
N ASN D 237 -8.23 -23.51 24.41
CA ASN D 237 -6.89 -23.40 24.95
C ASN D 237 -6.80 -22.29 25.98
N LEU D 238 -7.28 -21.10 25.61
CA LEU D 238 -7.17 -19.96 26.52
C LEU D 238 -7.88 -20.25 27.84
N LEU D 239 -9.12 -20.73 27.76
CA LEU D 239 -9.89 -20.94 28.97
C LEU D 239 -9.20 -21.95 29.88
N SER D 240 -8.78 -23.09 29.33
CA SER D 240 -8.21 -24.13 30.17
C SER D 240 -6.93 -23.64 30.85
N ILE D 241 -6.05 -22.99 30.09
CA ILE D 241 -4.79 -22.54 30.67
C ILE D 241 -5.06 -21.54 31.79
N PHE D 242 -5.95 -20.58 31.54
CA PHE D 242 -6.23 -19.55 32.54
C PHE D 242 -6.74 -20.17 33.83
N ILE D 243 -7.77 -21.02 33.73
CA ILE D 243 -8.37 -21.56 34.94
C ILE D 243 -7.38 -22.42 35.69
N SER D 244 -6.64 -23.27 34.99
CA SER D 244 -5.69 -24.14 35.67
C SER D 244 -4.65 -23.34 36.44
N THR D 245 -4.08 -22.31 35.80
CA THR D 245 -3.08 -21.50 36.48
C THR D 245 -3.65 -20.88 37.73
N TRP D 246 -4.83 -20.28 37.61
CA TRP D 246 -5.45 -19.61 38.75
C TRP D 246 -5.62 -20.58 39.92
N LEU D 247 -6.22 -21.74 39.66
CA LEU D 247 -6.50 -22.66 40.75
C LEU D 247 -5.24 -23.20 41.39
N THR D 248 -4.23 -23.56 40.59
CA THR D 248 -3.03 -24.13 41.21
C THR D 248 -2.30 -23.10 42.04
N ALA D 249 -2.24 -21.86 41.58
CA ALA D 249 -1.59 -20.84 42.40
C ALA D 249 -2.32 -20.67 43.72
N ALA D 250 -3.66 -20.66 43.68
CA ALA D 250 -4.41 -20.54 44.93
C ALA D 250 -4.08 -21.69 45.87
N GLY D 251 -4.00 -22.91 45.34
CA GLY D 251 -3.67 -24.03 46.20
C GLY D 251 -2.32 -23.88 46.87
N PHE D 252 -1.32 -23.44 46.11
CA PHE D 252 0.00 -23.28 46.70
C PHE D 252 0.01 -22.24 47.80
N ILE D 253 -0.66 -21.10 47.58
CA ILE D 253 -0.73 -20.10 48.63
C ILE D 253 -1.42 -20.66 49.86
N HIS D 254 -2.50 -21.41 49.66
CA HIS D 254 -3.18 -22.02 50.80
C HIS D 254 -2.22 -22.86 51.63
N LEU D 255 -1.48 -23.74 50.96
CA LEU D 255 -0.56 -24.59 51.69
C LEU D 255 0.45 -23.77 52.49
N VAL D 256 1.12 -22.84 51.82
CA VAL D 256 2.22 -22.13 52.46
C VAL D 256 1.70 -21.28 53.61
N GLU D 257 0.53 -20.66 53.43
CA GLU D 257 0.01 -19.78 54.47
C GLU D 257 -0.48 -20.56 55.68
N ASN D 258 -1.28 -21.62 55.48
CA ASN D 258 -1.77 -22.36 56.63
C ASN D 258 -0.62 -23.01 57.38
N SER D 259 0.34 -23.56 56.65
CA SER D 259 1.53 -24.01 57.36
C SER D 259 2.35 -22.80 57.78
N GLY D 260 3.17 -22.98 58.79
CA GLY D 260 4.07 -21.93 59.19
C GLY D 260 5.36 -21.95 58.40
N ASP D 261 6.21 -20.98 58.67
CA ASP D 261 7.57 -21.05 58.17
C ASP D 261 8.32 -22.18 58.85
N PRO D 262 9.07 -22.98 58.12
CA PRO D 262 9.73 -24.14 58.76
C PRO D 262 10.80 -23.74 59.74
N TRP D 263 11.71 -22.84 59.38
CA TRP D 263 12.82 -22.53 60.28
C TRP D 263 12.33 -21.86 61.55
N GLU D 264 11.26 -21.09 61.48
CA GLU D 264 10.66 -20.50 62.66
C GLU D 264 9.76 -21.47 63.41
N ASN D 265 9.84 -22.76 63.09
CA ASN D 265 9.12 -23.79 63.83
C ASN D 265 7.62 -23.55 63.81
N PHE D 266 7.13 -23.01 62.70
CA PHE D 266 5.69 -22.88 62.45
C PHE D 266 5.00 -22.09 63.56
N GLN D 267 5.60 -20.97 63.93
CA GLN D 267 5.03 -20.12 64.97
C GLN D 267 4.35 -18.88 64.41
N ASN D 268 4.43 -18.64 63.10
CA ASN D 268 3.80 -17.49 62.48
C ASN D 268 2.72 -17.88 61.49
N ASN D 269 2.05 -19.00 61.71
CA ASN D 269 1.00 -19.43 60.80
C ASN D 269 -0.17 -18.47 60.84
N GLN D 270 -0.81 -18.29 59.69
CA GLN D 270 -2.03 -17.51 59.57
C GLN D 270 -3.10 -18.41 58.97
N ALA D 271 -4.33 -18.30 59.50
CA ALA D 271 -5.40 -19.21 59.15
C ALA D 271 -6.19 -18.66 57.96
N LEU D 272 -6.34 -19.47 56.92
CA LEU D 272 -7.09 -19.08 55.73
C LEU D 272 -7.79 -20.29 55.14
N THR D 273 -8.87 -20.04 54.41
CA THR D 273 -9.56 -21.10 53.69
C THR D 273 -9.30 -20.99 52.19
N TYR D 274 -9.58 -22.08 51.50
CA TYR D 274 -9.25 -22.16 50.08
C TYR D 274 -9.96 -21.09 49.28
N TRP D 275 -11.23 -20.85 49.57
CA TRP D 275 -11.96 -19.84 48.81
C TRP D 275 -11.35 -18.48 49.03
N GLU D 276 -10.96 -18.17 50.27
CA GLU D 276 -10.30 -16.91 50.54
C GLU D 276 -9.02 -16.79 49.73
N CYS D 277 -8.26 -17.87 49.61
CA CYS D 277 -7.05 -17.81 48.80
C CYS D 277 -7.38 -17.51 47.34
N VAL D 278 -8.42 -18.17 46.81
CA VAL D 278 -8.81 -17.92 45.42
C VAL D 278 -9.17 -16.45 45.23
N TYR D 279 -9.95 -15.93 46.16
CA TYR D 279 -10.37 -14.53 46.08
C TYR D 279 -9.18 -13.59 46.14
N LEU D 280 -8.23 -13.89 47.02
CA LEU D 280 -7.04 -13.06 47.12
C LEU D 280 -6.29 -13.04 45.80
N LEU D 281 -6.13 -14.19 45.17
CA LEU D 281 -5.39 -14.21 43.91
C LEU D 281 -6.14 -13.46 42.82
N MET D 282 -7.46 -13.59 42.76
CA MET D 282 -8.17 -12.83 41.73
C MET D 282 -8.00 -11.34 41.94
N VAL D 283 -8.13 -10.87 43.18
CA VAL D 283 -7.98 -9.45 43.44
C VAL D 283 -6.58 -8.98 43.06
N THR D 284 -5.55 -9.75 43.42
CA THR D 284 -4.21 -9.34 43.07
C THR D 284 -3.99 -9.34 41.56
N MET D 285 -4.44 -10.40 40.88
CA MET D 285 -4.20 -10.51 39.46
C MET D 285 -4.90 -9.42 38.68
N SER D 286 -6.00 -8.89 39.20
CA SER D 286 -6.67 -7.79 38.51
C SER D 286 -6.07 -6.44 38.85
N THR D 287 -5.05 -6.40 39.70
CA THR D 287 -4.40 -5.15 40.11
C THR D 287 -5.39 -4.20 40.79
N VAL D 288 -6.24 -4.74 41.64
CA VAL D 288 -7.11 -3.90 42.46
C VAL D 288 -6.48 -3.73 43.82
N GLY D 289 -6.30 -4.83 44.53
CA GLY D 289 -5.59 -4.80 45.79
C GLY D 289 -6.29 -4.10 46.94
N TYR D 290 -7.38 -4.70 47.43
CA TYR D 290 -7.89 -4.27 48.72
C TYR D 290 -6.89 -4.65 49.80
N GLY D 291 -6.95 -3.92 50.91
CA GLY D 291 -6.04 -4.22 51.99
C GLY D 291 -6.54 -5.22 53.01
N ASP D 292 -7.70 -5.82 52.81
CA ASP D 292 -8.30 -6.63 53.86
C ASP D 292 -7.52 -7.91 54.11
N VAL D 293 -7.18 -8.63 53.05
CA VAL D 293 -6.53 -9.94 53.17
C VAL D 293 -5.25 -9.91 52.35
N TYR D 294 -4.14 -10.27 52.98
CA TYR D 294 -2.86 -10.27 52.29
C TYR D 294 -1.96 -11.31 52.92
N ALA D 295 -1.00 -11.80 52.15
CA ALA D 295 -0.07 -12.79 52.64
C ALA D 295 0.85 -12.18 53.70
N LYS D 296 1.21 -12.97 54.69
CA LYS D 296 2.04 -12.48 55.79
C LYS D 296 3.35 -13.22 55.96
N THR D 297 3.42 -14.50 55.63
CA THR D 297 4.64 -15.24 55.84
C THR D 297 5.66 -14.97 54.75
N THR D 298 6.91 -15.27 55.07
CA THR D 298 8.02 -14.95 54.16
C THR D 298 7.86 -15.66 52.83
N LEU D 299 7.60 -16.97 52.87
CA LEU D 299 7.45 -17.72 51.63
C LEU D 299 6.27 -17.22 50.84
N GLY D 300 5.19 -16.84 51.51
CA GLY D 300 4.05 -16.29 50.80
C GLY D 300 4.40 -15.04 50.03
N ARG D 301 5.09 -14.11 50.69
CA ARG D 301 5.48 -12.89 50.00
C ARG D 301 6.43 -13.19 48.85
N LEU D 302 7.37 -14.10 49.08
CA LEU D 302 8.34 -14.43 48.04
C LEU D 302 7.66 -14.99 46.80
N PHE D 303 6.70 -15.89 47.00
CA PHE D 303 5.95 -16.39 45.85
C PHE D 303 5.13 -15.29 45.20
N MET D 304 4.53 -14.42 46.01
CA MET D 304 3.65 -13.39 45.47
C MET D 304 4.41 -12.44 44.57
N VAL D 305 5.68 -12.21 44.84
CA VAL D 305 6.46 -11.33 43.97
C VAL D 305 6.53 -11.89 42.56
N PHE D 306 6.93 -13.15 42.42
CA PHE D 306 7.07 -13.72 41.09
C PHE D 306 5.71 -13.89 40.42
N PHE D 307 4.68 -14.23 41.19
CA PHE D 307 3.37 -14.33 40.57
C PHE D 307 2.91 -12.96 40.08
N ILE D 308 3.26 -11.90 40.78
CA ILE D 308 2.94 -10.57 40.28
C ILE D 308 3.67 -10.32 38.98
N LEU D 309 4.91 -10.80 38.87
CA LEU D 309 5.63 -10.63 37.61
C LEU D 309 4.92 -11.32 36.46
N GLY D 310 4.41 -12.52 36.67
CA GLY D 310 3.84 -13.26 35.54
C GLY D 310 2.34 -13.14 35.27
N GLY D 311 1.55 -13.37 36.31
CA GLY D 311 0.11 -13.46 36.14
C GLY D 311 -0.51 -12.17 35.64
N LEU D 312 0.07 -11.03 35.98
CA LEU D 312 -0.48 -9.76 35.50
C LEU D 312 -0.46 -9.71 33.99
N ALA D 313 0.68 -10.05 33.38
CA ALA D 313 0.75 -10.11 31.93
C ALA D 313 -0.23 -11.14 31.40
N MET D 314 -0.30 -12.30 32.05
CA MET D 314 -1.25 -13.32 31.60
C MET D 314 -2.66 -12.78 31.51
N PHE D 315 -3.14 -12.17 32.59
CA PHE D 315 -4.52 -11.71 32.65
C PHE D 315 -4.77 -10.60 31.65
N ALA D 316 -3.91 -9.57 31.67
CA ALA D 316 -4.11 -8.42 30.82
C ALA D 316 -3.99 -8.77 29.34
N SER D 317 -3.32 -9.85 28.98
CA SER D 317 -3.27 -10.24 27.58
C SER D 317 -4.33 -11.27 27.21
N TYR D 318 -4.88 -12.00 28.17
CA TYR D 318 -5.83 -13.04 27.82
C TYR D 318 -7.27 -12.57 27.86
N VAL D 319 -7.68 -11.84 28.90
CA VAL D 319 -9.10 -11.54 29.08
C VAL D 319 -9.71 -10.83 27.88
N PRO D 320 -9.12 -9.78 27.31
CA PRO D 320 -9.74 -9.17 26.14
C PRO D 320 -9.92 -10.13 24.98
N GLU D 321 -8.99 -11.05 24.78
CA GLU D 321 -9.13 -11.99 23.67
C GLU D 321 -10.33 -12.90 23.86
N ILE D 322 -10.54 -13.40 25.07
CA ILE D 322 -11.70 -14.24 25.32
C ILE D 322 -12.98 -13.44 25.12
N ILE D 323 -13.02 -12.23 25.68
CA ILE D 323 -14.22 -11.41 25.55
C ILE D 323 -14.54 -11.16 24.09
N GLU D 324 -13.50 -10.90 23.29
CA GLU D 324 -13.72 -10.65 21.87
C GLU D 324 -14.18 -11.92 21.15
N LEU D 325 -13.56 -13.06 21.43
CA LEU D 325 -13.92 -14.28 20.72
C LEU D 325 -15.36 -14.67 21.00
N ILE D 326 -15.78 -14.61 22.26
CA ILE D 326 -17.20 -14.79 22.54
C ILE D 326 -17.96 -13.58 22.00
N GLY D 327 -19.21 -13.78 21.63
CA GLY D 327 -20.03 -12.68 21.17
C GLY D 327 -19.88 -12.33 19.71
N ASN D 328 -19.09 -13.09 18.95
CA ASN D 328 -19.01 -12.88 17.50
C ASN D 328 -20.26 -13.47 16.87
N ARG D 329 -21.33 -12.68 16.91
CA ARG D 329 -22.62 -13.08 16.40
C ARG D 329 -22.94 -12.33 15.11
N LYS D 330 -23.82 -12.92 14.31
CA LYS D 330 -24.36 -12.26 13.11
C LYS D 330 -25.67 -11.60 13.52
N LYS D 331 -25.61 -10.30 13.76
CA LYS D 331 -26.73 -9.59 14.37
C LYS D 331 -27.95 -9.52 13.46
N TYR D 332 -27.82 -9.83 12.17
CA TYR D 332 -28.92 -9.69 11.24
C TYR D 332 -29.27 -11.00 10.56
N GLY D 333 -28.83 -12.13 11.10
CA GLY D 333 -29.24 -13.41 10.56
C GLY D 333 -30.70 -13.67 10.83
N GLY D 334 -31.18 -14.77 10.28
CA GLY D 334 -32.55 -15.16 10.47
C GLY D 334 -33.18 -15.52 9.15
N SER D 335 -34.50 -15.51 9.12
CA SER D 335 -35.23 -15.86 7.91
C SER D 335 -36.55 -15.12 7.86
N TYR D 336 -36.92 -14.68 6.67
CA TYR D 336 -38.20 -14.02 6.47
C TYR D 336 -39.33 -15.02 6.63
N SER D 337 -40.50 -14.53 7.02
CA SER D 337 -41.69 -15.35 7.17
C SER D 337 -42.77 -14.80 6.27
N ALA D 338 -43.17 -15.58 5.27
CA ALA D 338 -44.17 -15.13 4.32
C ALA D 338 -45.51 -14.92 5.03
N VAL D 339 -46.21 -13.86 4.65
CA VAL D 339 -47.52 -13.53 5.19
C VAL D 339 -48.55 -13.70 4.10
N SER D 340 -49.57 -14.50 4.36
CA SER D 340 -50.55 -14.81 3.33
C SER D 340 -51.29 -13.55 2.90
N GLY D 341 -51.62 -13.48 1.61
CA GLY D 341 -52.37 -12.36 1.10
C GLY D 341 -51.62 -11.05 0.99
N ARG D 342 -50.29 -11.10 0.92
CA ARG D 342 -49.51 -9.88 0.79
C ARG D 342 -48.24 -10.18 0.01
N LYS D 343 -48.03 -9.45 -1.07
CA LYS D 343 -46.86 -9.67 -1.90
C LYS D 343 -45.63 -9.04 -1.26
N HIS D 344 -44.47 -9.39 -1.80
CA HIS D 344 -43.22 -8.79 -1.35
C HIS D 344 -42.19 -8.91 -2.46
N ILE D 345 -41.19 -8.04 -2.41
CA ILE D 345 -40.13 -8.01 -3.40
C ILE D 345 -38.79 -8.13 -2.70
N VAL D 346 -37.75 -8.37 -3.49
CA VAL D 346 -36.41 -8.57 -2.98
C VAL D 346 -35.46 -7.66 -3.72
N VAL D 347 -34.66 -6.90 -2.99
CA VAL D 347 -33.76 -5.92 -3.58
C VAL D 347 -32.34 -6.28 -3.19
N CYS D 348 -31.45 -6.32 -4.18
CA CYS D 348 -30.06 -6.68 -3.92
C CYS D 348 -29.18 -5.91 -4.89
N GLY D 349 -27.91 -5.75 -4.50
CA GLY D 349 -26.96 -5.07 -5.36
C GLY D 349 -26.08 -4.08 -4.65
N HIS D 350 -26.12 -2.83 -5.09
CA HIS D 350 -25.27 -1.78 -4.53
C HIS D 350 -26.08 -1.01 -3.50
N ILE D 351 -26.11 -1.53 -2.28
CA ILE D 351 -26.91 -0.95 -1.20
C ILE D 351 -26.04 0.06 -0.46
N THR D 352 -26.50 1.30 -0.40
CA THR D 352 -25.80 2.32 0.36
C THR D 352 -26.81 3.41 0.72
N LEU D 353 -26.37 4.34 1.56
CA LEU D 353 -27.31 5.23 2.25
C LEU D 353 -28.11 6.08 1.27
N GLU D 354 -27.42 6.81 0.40
CA GLU D 354 -28.13 7.73 -0.48
C GLU D 354 -28.99 6.98 -1.49
N SER D 355 -28.49 5.87 -2.01
CA SER D 355 -29.26 5.09 -2.97
C SER D 355 -30.53 4.57 -2.35
N VAL D 356 -30.43 4.02 -1.14
CA VAL D 356 -31.61 3.48 -0.48
C VAL D 356 -32.59 4.61 -0.16
N SER D 357 -32.07 5.76 0.30
CA SER D 357 -32.97 6.87 0.63
C SER D 357 -33.74 7.31 -0.61
N ASN D 358 -33.05 7.49 -1.73
CA ASN D 358 -33.72 7.89 -2.95
C ASN D 358 -34.78 6.87 -3.35
N PHE D 359 -34.39 5.60 -3.35
CA PHE D 359 -35.31 4.56 -3.81
C PHE D 359 -36.55 4.51 -2.95
N LEU D 360 -36.38 4.55 -1.62
CA LEU D 360 -37.53 4.47 -0.73
C LEU D 360 -38.42 5.68 -0.87
N LYS D 361 -37.83 6.87 -0.89
CA LYS D 361 -38.61 8.09 -1.02
C LYS D 361 -39.45 8.06 -2.28
N ASP D 362 -38.88 7.57 -3.37
CA ASP D 362 -39.65 7.50 -4.61
C ASP D 362 -40.69 6.38 -4.55
N PHE D 363 -40.38 5.26 -3.91
CA PHE D 363 -41.25 4.11 -3.96
C PHE D 363 -42.52 4.32 -3.15
N LEU D 364 -42.38 4.79 -1.91
CA LEU D 364 -43.52 4.86 -1.00
C LEU D 364 -44.25 6.19 -1.07
N HIS D 365 -44.18 6.89 -2.20
CA HIS D 365 -44.81 8.20 -2.30
C HIS D 365 -46.33 8.08 -2.19
N LYS D 366 -46.96 9.14 -1.69
CA LYS D 366 -48.39 9.09 -1.45
C LYS D 366 -49.20 9.16 -2.73
N ASP D 367 -48.66 9.79 -3.78
CA ASP D 367 -49.42 9.92 -5.02
C ASP D 367 -49.79 8.57 -5.62
N ARG D 368 -49.09 7.50 -5.25
CA ARG D 368 -49.45 6.20 -5.74
C ARG D 368 -50.76 5.75 -5.12
N ASP D 369 -51.31 4.67 -5.66
CA ASP D 369 -52.46 4.04 -5.04
C ASP D 369 -52.04 3.42 -3.72
N ASP D 370 -53.01 2.83 -3.01
CA ASP D 370 -52.71 2.11 -1.79
C ASP D 370 -51.74 0.96 -2.09
N VAL D 371 -50.73 0.83 -1.26
CA VAL D 371 -49.68 -0.16 -1.46
C VAL D 371 -49.53 -1.00 -0.21
N ASN D 372 -49.24 -2.27 -0.40
CA ASN D 372 -49.10 -3.18 0.73
C ASN D 372 -47.95 -4.17 0.51
N VAL D 373 -46.92 -3.77 -0.21
CA VAL D 373 -45.82 -4.66 -0.54
C VAL D 373 -44.70 -4.44 0.46
N GLU D 374 -44.17 -5.52 1.03
CA GLU D 374 -43.00 -5.43 1.87
C GLU D 374 -41.74 -5.49 1.03
N ILE D 375 -40.71 -4.81 1.50
CA ILE D 375 -39.43 -4.75 0.82
C ILE D 375 -38.41 -5.47 1.68
N VAL D 376 -37.67 -6.39 1.08
CA VAL D 376 -36.72 -7.22 1.81
C VAL D 376 -35.35 -7.06 1.17
N PHE D 377 -34.47 -6.33 1.82
CA PHE D 377 -33.14 -6.12 1.27
C PHE D 377 -32.30 -7.38 1.44
N LEU D 378 -31.11 -7.36 0.84
CA LEU D 378 -30.21 -8.51 0.92
C LEU D 378 -28.80 -8.05 0.58
N HIS D 379 -27.90 -8.12 1.54
CA HIS D 379 -26.53 -7.66 1.33
C HIS D 379 -25.62 -8.46 2.24
N ASN D 380 -24.33 -8.46 1.92
CA ASN D 380 -23.37 -9.23 2.69
C ASN D 380 -22.42 -8.36 3.48
N ILE D 381 -22.76 -7.09 3.68
CA ILE D 381 -21.97 -6.18 4.50
C ILE D 381 -22.87 -5.64 5.60
N SER D 382 -22.40 -5.72 6.84
CA SER D 382 -23.19 -5.21 7.95
C SER D 382 -23.40 -3.72 7.78
N PRO D 383 -24.63 -3.22 7.93
CA PRO D 383 -24.88 -1.80 7.71
C PRO D 383 -24.28 -0.96 8.82
N ASN D 384 -24.10 0.32 8.51
CA ASN D 384 -23.60 1.26 9.50
C ASN D 384 -24.78 1.91 10.24
N LEU D 385 -24.44 2.84 11.13
CA LEU D 385 -25.45 3.38 12.04
C LEU D 385 -26.47 4.24 11.31
N GLU D 386 -26.04 5.02 10.32
CA GLU D 386 -26.99 5.81 9.55
C GLU D 386 -28.03 4.93 8.89
N LEU D 387 -27.57 3.87 8.22
CA LEU D 387 -28.48 2.99 7.51
C LEU D 387 -29.41 2.28 8.50
N GLU D 388 -28.87 1.85 9.64
CA GLU D 388 -29.73 1.23 10.64
C GLU D 388 -30.79 2.20 11.13
N ALA D 389 -30.43 3.46 11.32
CA ALA D 389 -31.42 4.44 11.74
C ALA D 389 -32.50 4.60 10.69
N LEU D 390 -32.12 4.61 9.42
CA LEU D 390 -33.12 4.71 8.37
C LEU D 390 -34.10 3.53 8.42
N PHE D 391 -33.56 2.32 8.57
CA PHE D 391 -34.43 1.16 8.65
C PHE D 391 -35.35 1.25 9.86
N LYS D 392 -34.84 1.75 10.98
CA LYS D 392 -35.69 1.92 12.15
C LYS D 392 -36.81 2.90 11.86
N ARG D 393 -36.51 3.98 11.14
CA ARG D 393 -37.57 4.92 10.81
C ARG D 393 -38.65 4.27 9.97
N HIS D 394 -38.26 3.48 8.98
CA HIS D 394 -39.25 2.73 8.19
C HIS D 394 -39.45 1.33 8.77
N PHE D 395 -39.88 1.29 10.02
CA PHE D 395 -39.88 0.03 10.76
C PHE D 395 -40.88 -0.96 10.19
N THR D 396 -42.09 -0.53 9.92
CA THR D 396 -43.18 -1.47 9.70
C THR D 396 -43.18 -2.07 8.30
N GLN D 397 -42.34 -1.61 7.38
CA GLN D 397 -42.46 -2.07 6.01
C GLN D 397 -41.11 -2.30 5.33
N VAL D 398 -40.03 -2.44 6.09
CA VAL D 398 -38.72 -2.72 5.53
C VAL D 398 -38.03 -3.72 6.46
N GLU D 399 -37.40 -4.74 5.88
CA GLU D 399 -36.67 -5.71 6.67
C GLU D 399 -35.33 -5.97 6.01
N PHE D 400 -34.35 -6.38 6.81
CA PHE D 400 -32.99 -6.58 6.34
C PHE D 400 -32.56 -8.00 6.66
N TYR D 401 -31.69 -8.55 5.82
CA TYR D 401 -31.12 -9.87 6.08
C TYR D 401 -29.73 -9.92 5.49
N GLN D 402 -28.75 -10.27 6.31
CA GLN D 402 -27.37 -10.32 5.83
C GLN D 402 -27.12 -11.65 5.13
N GLY D 403 -26.50 -11.58 3.96
CA GLY D 403 -26.21 -12.78 3.20
C GLY D 403 -25.70 -12.40 1.82
N SER D 404 -25.40 -13.42 1.04
CA SER D 404 -24.88 -13.23 -0.30
C SER D 404 -25.84 -13.83 -1.32
N VAL D 405 -26.08 -13.10 -2.40
CA VAL D 405 -27.05 -13.52 -3.41
C VAL D 405 -26.56 -14.71 -4.21
N LEU D 406 -25.29 -15.07 -4.11
CA LEU D 406 -24.76 -16.22 -4.84
C LEU D 406 -24.89 -17.52 -4.06
N ASN D 407 -25.49 -17.49 -2.88
CA ASN D 407 -25.61 -18.70 -2.08
C ASN D 407 -27.05 -19.19 -2.07
N PRO D 408 -27.29 -20.41 -2.55
CA PRO D 408 -28.67 -20.92 -2.57
C PRO D 408 -29.32 -20.97 -1.22
N HIS D 409 -28.55 -21.17 -0.15
CA HIS D 409 -29.14 -21.12 1.18
C HIS D 409 -29.72 -19.75 1.46
N ASP D 410 -28.98 -18.68 1.14
CA ASP D 410 -29.52 -17.35 1.34
C ASP D 410 -30.75 -17.12 0.46
N LEU D 411 -30.69 -17.56 -0.79
CA LEU D 411 -31.84 -17.37 -1.67
C LEU D 411 -33.07 -18.04 -1.10
N ALA D 412 -32.90 -19.20 -0.48
CA ALA D 412 -34.04 -19.83 0.18
C ALA D 412 -34.43 -19.06 1.44
N ARG D 413 -33.46 -18.43 2.10
CA ARG D 413 -33.75 -17.71 3.33
C ARG D 413 -34.69 -16.54 3.09
N VAL D 414 -34.50 -15.81 1.99
CA VAL D 414 -35.35 -14.64 1.78
C VAL D 414 -36.62 -15.03 1.02
N LYS D 415 -36.88 -16.33 0.90
CA LYS D 415 -38.13 -16.83 0.33
C LYS D 415 -38.37 -16.26 -1.07
N ILE D 416 -37.47 -16.64 -1.99
CA ILE D 416 -37.54 -16.07 -3.33
C ILE D 416 -38.56 -16.79 -4.22
N GLU D 417 -39.02 -17.97 -3.83
CA GLU D 417 -39.95 -18.69 -4.68
C GLU D 417 -41.28 -17.95 -4.79
N SER D 418 -41.78 -17.43 -3.68
CA SER D 418 -43.04 -16.71 -3.68
C SER D 418 -42.86 -15.21 -3.91
N ALA D 419 -41.64 -14.75 -4.09
CA ALA D 419 -41.41 -13.32 -4.32
C ALA D 419 -42.00 -12.90 -5.65
N ASP D 420 -42.60 -11.72 -5.68
CA ASP D 420 -43.24 -11.27 -6.90
C ASP D 420 -42.24 -10.76 -7.92
N ALA D 421 -41.17 -10.12 -7.48
CA ALA D 421 -40.17 -9.59 -8.40
C ALA D 421 -38.88 -9.39 -7.63
N CYS D 422 -37.79 -9.23 -8.38
CA CYS D 422 -36.49 -8.98 -7.78
C CYS D 422 -35.80 -7.85 -8.53
N LEU D 423 -35.28 -6.88 -7.79
CA LEU D 423 -34.63 -5.72 -8.34
C LEU D 423 -33.13 -5.80 -8.13
N ILE D 424 -32.39 -5.07 -8.95
CA ILE D 424 -30.94 -4.98 -8.81
C ILE D 424 -30.53 -3.54 -9.04
N LEU D 425 -29.70 -3.00 -8.15
CA LEU D 425 -29.23 -1.63 -8.26
C LEU D 425 -27.75 -1.63 -8.61
N ALA D 426 -27.36 -0.70 -9.48
CA ALA D 426 -26.00 -0.65 -10.00
C ALA D 426 -25.29 0.61 -9.55
N ASN D 427 -23.97 0.54 -9.50
CA ASN D 427 -23.13 1.67 -9.09
C ASN D 427 -22.79 2.47 -10.34
N LYS D 428 -23.47 3.61 -10.51
CA LYS D 428 -23.23 4.43 -11.70
C LYS D 428 -21.82 4.99 -11.72
N TYR D 429 -21.32 5.43 -10.57
CA TYR D 429 -19.98 6.05 -10.51
C TYR D 429 -18.93 5.01 -10.14
N CYS D 430 -18.78 4.02 -11.00
CA CYS D 430 -17.75 3.03 -10.82
C CYS D 430 -16.51 3.41 -11.62
N ALA D 431 -15.37 2.88 -11.19
CA ALA D 431 -14.12 3.16 -11.89
C ALA D 431 -14.08 2.48 -13.24
N ASP D 432 -14.42 1.20 -13.27
CA ASP D 432 -14.38 0.41 -14.51
C ASP D 432 -15.76 -0.15 -14.81
N PRO D 433 -16.41 0.27 -15.89
CA PRO D 433 -17.77 -0.20 -16.17
C PRO D 433 -17.87 -1.71 -16.36
N ASP D 434 -16.88 -2.34 -16.98
CA ASP D 434 -17.04 -3.73 -17.37
C ASP D 434 -17.18 -4.66 -16.18
N ALA D 435 -16.42 -4.42 -15.11
CA ALA D 435 -16.51 -5.28 -13.94
C ALA D 435 -17.91 -5.24 -13.35
N GLU D 436 -18.53 -4.06 -13.30
CA GLU D 436 -19.87 -3.95 -12.78
C GLU D 436 -20.85 -4.80 -13.59
N ASP D 437 -20.76 -4.72 -14.92
CA ASP D 437 -21.65 -5.50 -15.76
C ASP D 437 -21.42 -6.99 -15.56
N ALA D 438 -20.16 -7.40 -15.43
CA ALA D 438 -19.90 -8.82 -15.19
C ALA D 438 -20.54 -9.29 -13.88
N SER D 439 -20.38 -8.50 -12.82
CA SER D 439 -20.98 -8.89 -11.55
C SER D 439 -22.49 -9.00 -11.66
N ASN D 440 -23.12 -8.02 -12.31
CA ASN D 440 -24.57 -8.06 -12.42
C ASN D 440 -25.04 -9.26 -13.24
N ILE D 441 -24.34 -9.58 -14.32
CA ILE D 441 -24.72 -10.74 -15.11
C ILE D 441 -24.60 -12.01 -14.28
N MET D 442 -23.54 -12.11 -13.47
CA MET D 442 -23.42 -13.29 -12.62
C MET D 442 -24.59 -13.38 -11.64
N ARG D 443 -24.99 -12.25 -11.06
CA ARG D 443 -26.12 -12.29 -10.15
C ARG D 443 -27.38 -12.76 -10.85
N VAL D 444 -27.63 -12.25 -12.06
CA VAL D 444 -28.82 -12.65 -12.80
C VAL D 444 -28.79 -14.14 -13.07
N ILE D 445 -27.65 -14.67 -13.47
CA ILE D 445 -27.55 -16.09 -13.76
C ILE D 445 -27.86 -16.91 -12.52
N SER D 446 -27.32 -16.49 -11.37
CA SER D 446 -27.55 -17.25 -10.15
C SER D 446 -29.03 -17.27 -9.79
N ILE D 447 -29.69 -16.11 -9.87
CA ILE D 447 -31.10 -16.07 -9.50
C ILE D 447 -31.92 -16.94 -10.43
N LYS D 448 -31.67 -16.81 -11.74
CA LYS D 448 -32.43 -17.63 -12.68
C LYS D 448 -32.15 -19.11 -12.49
N ASN D 449 -30.94 -19.46 -12.08
CA ASN D 449 -30.66 -20.86 -11.78
C ASN D 449 -31.52 -21.34 -10.63
N TYR D 450 -31.60 -20.56 -9.55
CA TYR D 450 -32.39 -21.00 -8.42
C TYR D 450 -33.85 -21.12 -8.78
N HIS D 451 -34.37 -20.18 -9.55
CA HIS D 451 -35.76 -20.24 -9.94
C HIS D 451 -35.88 -19.69 -11.36
N PRO D 452 -36.60 -20.39 -12.25
CA PRO D 452 -36.63 -20.00 -13.66
C PRO D 452 -37.83 -19.16 -14.07
N LYS D 453 -38.68 -18.72 -13.15
CA LYS D 453 -39.88 -17.97 -13.54
C LYS D 453 -40.00 -16.62 -12.86
N ILE D 454 -39.04 -16.23 -12.03
CA ILE D 454 -39.12 -14.94 -11.38
C ILE D 454 -38.97 -13.83 -12.40
N ARG D 455 -39.34 -12.63 -12.00
CA ARG D 455 -39.26 -11.45 -12.85
C ARG D 455 -38.17 -10.52 -12.34
N ILE D 456 -37.31 -10.06 -13.24
CA ILE D 456 -36.09 -9.34 -12.85
C ILE D 456 -36.05 -8.00 -13.55
N ILE D 457 -35.66 -6.97 -12.81
CA ILE D 457 -35.43 -5.63 -13.33
C ILE D 457 -34.04 -5.20 -12.90
N THR D 458 -33.26 -4.65 -13.84
CA THR D 458 -31.84 -4.43 -13.59
C THR D 458 -31.40 -3.12 -14.22
N GLN D 459 -30.10 -2.84 -14.08
CA GLN D 459 -29.46 -1.71 -14.70
C GLN D 459 -28.18 -2.15 -15.39
N MET D 460 -27.85 -1.48 -16.48
CA MET D 460 -26.65 -1.81 -17.24
C MET D 460 -25.94 -0.52 -17.63
N LEU D 461 -24.62 -0.60 -17.71
CA LEU D 461 -23.81 0.60 -17.96
C LEU D 461 -23.34 0.74 -19.40
N GLN D 462 -23.33 -0.33 -20.18
CA GLN D 462 -22.90 -0.23 -21.57
C GLN D 462 -23.86 -1.03 -22.44
N TYR D 463 -24.02 -0.57 -23.68
CA TYR D 463 -25.01 -1.17 -24.55
C TYR D 463 -24.62 -2.59 -24.95
N HIS D 464 -23.35 -2.79 -25.32
CA HIS D 464 -22.95 -4.10 -25.85
C HIS D 464 -23.07 -5.18 -24.79
N ASN D 465 -22.89 -4.83 -23.52
CA ASN D 465 -23.05 -5.84 -22.47
C ASN D 465 -24.49 -6.30 -22.35
N LYS D 466 -25.44 -5.42 -22.67
CA LYS D 466 -26.85 -5.81 -22.60
C LYS D 466 -27.16 -6.95 -23.56
N ALA D 467 -26.41 -7.06 -24.65
CA ALA D 467 -26.68 -8.12 -25.61
C ALA D 467 -26.53 -9.50 -24.98
N HIS D 468 -25.62 -9.63 -24.01
CA HIS D 468 -25.38 -10.95 -23.42
C HIS D 468 -26.61 -11.47 -22.70
N LEU D 469 -27.42 -10.59 -22.11
CA LEU D 469 -28.58 -11.06 -21.40
C LEU D 469 -29.59 -11.75 -22.31
N LEU D 470 -29.48 -11.55 -23.61
CA LEU D 470 -30.40 -12.24 -24.52
C LEU D 470 -30.03 -13.70 -24.71
N ASN D 471 -28.90 -14.14 -24.17
CA ASN D 471 -28.48 -15.53 -24.33
C ASN D 471 -28.85 -16.40 -23.14
N ILE D 472 -29.22 -15.82 -22.02
CA ILE D 472 -29.65 -16.65 -20.89
C ILE D 472 -30.89 -17.44 -21.28
N PRO D 473 -30.95 -18.73 -21.01
CA PRO D 473 -32.05 -19.54 -21.55
C PRO D 473 -33.43 -19.09 -21.10
N SER D 474 -33.58 -18.56 -19.91
CA SER D 474 -34.90 -18.23 -19.36
C SER D 474 -35.11 -16.73 -19.22
N TRP D 475 -34.61 -15.96 -20.17
CA TRP D 475 -34.78 -14.50 -20.15
C TRP D 475 -35.89 -14.15 -21.13
N ASN D 476 -37.13 -14.25 -20.67
CA ASN D 476 -38.29 -14.01 -21.50
C ASN D 476 -38.66 -12.55 -21.42
N TRP D 477 -38.23 -11.77 -22.41
CA TRP D 477 -38.55 -10.35 -22.40
C TRP D 477 -39.93 -10.05 -22.94
N LYS D 478 -40.61 -11.03 -23.54
CA LYS D 478 -42.00 -10.82 -23.94
C LYS D 478 -42.86 -10.56 -22.71
N GLU D 479 -42.63 -11.31 -21.64
CA GLU D 479 -43.23 -11.00 -20.35
C GLU D 479 -42.40 -9.91 -19.69
N GLY D 480 -42.65 -9.64 -18.43
CA GLY D 480 -41.91 -8.59 -17.77
C GLY D 480 -40.51 -9.02 -17.39
N ASP D 481 -39.52 -8.56 -18.15
CA ASP D 481 -38.12 -8.82 -17.82
C ASP D 481 -37.34 -7.72 -18.52
N ASP D 482 -36.92 -6.71 -17.77
CA ASP D 482 -36.50 -5.45 -18.34
C ASP D 482 -35.08 -5.09 -17.90
N ALA D 483 -34.26 -4.72 -18.86
CA ALA D 483 -32.94 -4.19 -18.60
C ALA D 483 -32.90 -2.73 -19.02
N ILE D 484 -32.42 -1.88 -18.13
CA ILE D 484 -32.38 -0.44 -18.37
C ILE D 484 -30.94 -0.07 -18.68
N CYS D 485 -30.67 0.27 -19.94
CA CYS D 485 -29.33 0.65 -20.36
C CYS D 485 -29.17 2.14 -20.21
N LEU D 486 -28.40 2.57 -19.22
CA LEU D 486 -28.30 4.00 -18.93
C LEU D 486 -27.73 4.77 -20.11
N ALA D 487 -26.68 4.24 -20.73
CA ALA D 487 -26.05 4.96 -21.83
C ALA D 487 -27.01 5.16 -22.99
N GLU D 488 -27.73 4.10 -23.36
CA GLU D 488 -28.66 4.21 -24.48
C GLU D 488 -29.73 5.24 -24.20
N LEU D 489 -30.34 5.18 -23.02
CA LEU D 489 -31.40 6.12 -22.70
C LEU D 489 -30.89 7.55 -22.68
N LYS D 490 -29.73 7.77 -22.08
CA LYS D 490 -29.20 9.12 -21.97
C LYS D 490 -28.93 9.71 -23.35
N LEU D 491 -28.20 8.96 -24.19
CA LEU D 491 -27.90 9.48 -25.51
C LEU D 491 -29.16 9.67 -26.32
N GLY D 492 -30.14 8.79 -26.15
CA GLY D 492 -31.39 8.95 -26.86
C GLY D 492 -32.13 10.21 -26.46
N PHE D 493 -32.17 10.49 -25.16
CA PHE D 493 -32.81 11.72 -24.69
C PHE D 493 -32.16 12.93 -25.33
N ILE D 494 -30.82 12.97 -25.33
CA ILE D 494 -30.13 14.11 -25.90
C ILE D 494 -30.45 14.23 -27.39
N ALA D 495 -30.37 13.12 -28.11
CA ALA D 495 -30.60 13.16 -29.55
C ALA D 495 -32.00 13.64 -29.87
N GLN D 496 -32.99 13.18 -29.13
CA GLN D 496 -34.34 13.69 -29.33
C GLN D 496 -34.40 15.17 -29.02
N SER D 497 -33.65 15.62 -28.01
CA SER D 497 -33.62 17.05 -27.72
C SER D 497 -33.06 17.84 -28.88
N CYS D 498 -32.23 17.22 -29.72
CA CYS D 498 -31.71 17.93 -30.87
C CYS D 498 -32.83 18.38 -31.81
N LEU D 499 -33.83 17.54 -32.02
CA LEU D 499 -34.92 17.90 -32.92
C LEU D 499 -35.76 19.03 -32.33
N ALA D 500 -36.17 18.88 -31.07
CA ALA D 500 -36.92 19.90 -30.36
C ALA D 500 -36.29 20.08 -28.98
N GLN D 501 -35.97 21.32 -28.64
CA GLN D 501 -35.28 21.57 -27.39
C GLN D 501 -36.24 21.43 -26.22
N GLY D 502 -35.68 21.15 -25.04
CA GLY D 502 -36.47 20.99 -23.84
C GLY D 502 -37.12 19.64 -23.68
N LEU D 503 -37.04 18.78 -24.70
CA LEU D 503 -37.69 17.49 -24.61
C LEU D 503 -37.10 16.65 -23.50
N SER D 504 -35.79 16.74 -23.28
CA SER D 504 -35.16 15.96 -22.23
C SER D 504 -35.76 16.29 -20.87
N THR D 505 -35.85 17.57 -20.54
CA THR D 505 -36.45 17.97 -19.27
C THR D 505 -37.90 17.54 -19.20
N MET D 506 -38.66 17.81 -20.27
CA MET D 506 -40.09 17.54 -20.20
C MET D 506 -40.35 16.06 -19.98
N LEU D 507 -39.54 15.20 -20.59
CA LEU D 507 -39.69 13.77 -20.35
C LEU D 507 -39.23 13.39 -18.95
N ALA D 508 -38.06 13.86 -18.56
CA ALA D 508 -37.50 13.43 -17.29
C ALA D 508 -38.37 13.83 -16.11
N ASN D 509 -39.21 14.85 -16.26
CA ASN D 509 -40.09 15.20 -15.16
C ASN D 509 -41.32 14.33 -15.08
N LEU D 510 -41.55 13.44 -16.04
CA LEU D 510 -42.72 12.59 -16.02
C LEU D 510 -42.51 11.31 -15.23
N PHE D 511 -41.34 11.10 -14.64
CA PHE D 511 -41.05 9.88 -13.93
C PHE D 511 -40.69 10.10 -12.48
N SER D 512 -40.65 11.33 -12.00
CA SER D 512 -40.39 11.62 -10.60
C SER D 512 -41.71 12.02 -9.97
N MET D 513 -42.28 11.13 -9.17
CA MET D 513 -43.57 11.40 -8.58
C MET D 513 -43.46 12.54 -7.59
N ARG D 514 -44.17 13.62 -7.87
CA ARG D 514 -44.12 14.83 -7.07
C ARG D 514 -45.53 15.30 -6.78
N SER D 515 -45.72 15.88 -5.61
CA SER D 515 -46.99 16.46 -5.24
C SER D 515 -47.05 17.92 -5.68
N PHE D 516 -48.27 18.42 -5.85
CA PHE D 516 -48.45 19.80 -6.24
C PHE D 516 -47.85 20.73 -5.20
N ILE D 517 -47.20 21.79 -5.67
CA ILE D 517 -46.63 22.83 -4.81
C ILE D 517 -47.21 24.16 -5.25
N LYS D 518 -47.65 24.95 -4.27
CA LYS D 518 -48.28 26.23 -4.55
C LYS D 518 -47.38 27.36 -4.05
N ILE D 519 -47.05 28.28 -4.95
CA ILE D 519 -46.33 29.50 -4.60
C ILE D 519 -47.10 30.68 -5.17
N GLU D 520 -47.27 31.72 -4.37
CA GLU D 520 -48.19 32.81 -4.69
C GLU D 520 -47.52 33.97 -5.41
N GLU D 521 -46.26 34.27 -5.12
CA GLU D 521 -45.59 35.37 -5.80
C GLU D 521 -45.38 35.02 -7.27
N ASP D 522 -45.44 36.03 -8.12
CA ASP D 522 -45.51 35.81 -9.57
C ASP D 522 -44.10 35.86 -10.16
N THR D 523 -43.54 34.69 -10.43
CA THR D 523 -42.31 34.55 -11.21
C THR D 523 -42.48 33.39 -12.17
N TRP D 524 -41.42 33.10 -12.92
CA TRP D 524 -41.48 31.99 -13.85
C TRP D 524 -41.64 30.66 -13.13
N GLN D 525 -41.14 30.55 -11.90
CA GLN D 525 -41.16 29.28 -11.21
C GLN D 525 -42.57 28.78 -10.92
N LYS D 526 -43.55 29.68 -10.84
CA LYS D 526 -44.89 29.26 -10.45
C LYS D 526 -45.50 28.30 -11.46
N TYR D 527 -45.50 28.69 -12.73
CA TYR D 527 -46.11 27.85 -13.75
C TYR D 527 -45.31 26.57 -13.95
N TYR D 528 -43.99 26.65 -13.87
CA TYR D 528 -43.17 25.45 -14.01
C TYR D 528 -43.46 24.46 -12.89
N LEU D 529 -43.63 24.96 -11.66
CA LEU D 529 -43.95 24.06 -10.56
C LEU D 529 -45.35 23.48 -10.70
N GLU D 530 -46.29 24.25 -11.25
CA GLU D 530 -47.58 23.66 -11.55
C GLU D 530 -47.44 22.53 -12.54
N GLY D 531 -46.62 22.72 -13.57
CA GLY D 531 -46.47 21.69 -14.58
C GLY D 531 -45.80 20.43 -14.07
N VAL D 532 -44.79 20.59 -13.22
CA VAL D 532 -43.94 19.45 -12.89
C VAL D 532 -44.70 18.38 -12.10
N SER D 533 -45.84 18.73 -11.51
CA SER D 533 -46.51 17.80 -10.61
C SER D 533 -47.07 16.57 -11.30
N ASN D 534 -47.09 16.54 -12.63
CA ASN D 534 -47.72 15.45 -13.34
C ASN D 534 -46.84 14.19 -13.32
N GLU D 535 -47.49 13.07 -13.61
CA GLU D 535 -46.84 11.76 -13.74
C GLU D 535 -47.54 11.02 -14.88
N MET D 536 -47.16 9.77 -15.09
CA MET D 536 -47.77 8.95 -16.15
C MET D 536 -48.36 7.68 -15.55
N TYR D 537 -49.52 7.28 -16.07
CA TYR D 537 -50.22 6.11 -15.56
C TYR D 537 -50.83 5.34 -16.72
N THR D 538 -51.08 4.05 -16.48
CA THR D 538 -51.69 3.16 -17.45
C THR D 538 -52.97 2.56 -16.88
N GLU D 539 -53.92 2.27 -17.76
CA GLU D 539 -55.20 1.75 -17.33
C GLU D 539 -55.96 1.21 -18.53
N TYR D 540 -56.73 0.15 -18.30
CA TYR D 540 -57.59 -0.39 -19.35
C TYR D 540 -58.75 0.55 -19.62
N LEU D 541 -59.18 0.58 -20.88
CA LEU D 541 -60.26 1.47 -21.27
C LEU D 541 -61.61 0.89 -20.87
N SER D 542 -62.60 1.77 -20.75
CA SER D 542 -63.96 1.33 -20.53
C SER D 542 -64.53 0.71 -21.80
N SER D 543 -65.66 0.02 -21.65
CA SER D 543 -66.25 -0.69 -22.78
C SER D 543 -66.92 0.27 -23.76
N ALA D 544 -67.22 1.50 -23.34
CA ALA D 544 -67.94 2.41 -24.21
C ALA D 544 -67.14 2.86 -25.43
N PHE D 545 -65.82 2.65 -25.43
CA PHE D 545 -64.96 3.15 -26.48
C PHE D 545 -64.56 2.09 -27.50
N VAL D 546 -65.21 0.93 -27.47
CA VAL D 546 -64.73 -0.20 -28.27
C VAL D 546 -64.82 0.10 -29.76
N GLY D 547 -65.91 0.71 -30.20
CA GLY D 547 -66.12 0.92 -31.61
C GLY D 547 -65.73 2.27 -32.16
N LEU D 548 -65.30 3.20 -31.32
CA LEU D 548 -65.04 4.56 -31.77
C LEU D 548 -63.64 4.67 -32.38
N SER D 549 -63.39 5.83 -32.98
CA SER D 549 -62.11 6.10 -33.61
C SER D 549 -61.13 6.72 -32.61
N PHE D 550 -59.84 6.54 -32.89
CA PHE D 550 -58.82 7.01 -31.97
C PHE D 550 -58.86 8.51 -31.74
N PRO D 551 -58.95 9.37 -32.77
CA PRO D 551 -59.07 10.81 -32.48
C PRO D 551 -60.31 11.13 -31.68
N THR D 552 -61.42 10.44 -31.96
CA THR D 552 -62.65 10.71 -31.22
C THR D 552 -62.49 10.39 -29.75
N VAL D 553 -61.85 9.26 -29.43
CA VAL D 553 -61.67 8.92 -28.03
C VAL D 553 -60.55 9.72 -27.39
N CYS D 554 -59.62 10.26 -28.18
CA CYS D 554 -58.66 11.20 -27.62
C CYS D 554 -59.33 12.51 -27.25
N GLU D 555 -60.36 12.88 -28.00
CA GLU D 555 -61.31 13.87 -27.53
C GLU D 555 -62.28 13.18 -26.58
N LEU D 556 -63.22 13.96 -26.04
CA LEU D 556 -64.30 13.43 -25.21
C LEU D 556 -63.76 12.85 -23.91
N CYS D 557 -62.44 12.80 -23.77
CA CYS D 557 -61.78 12.47 -22.53
C CYS D 557 -61.04 13.66 -21.96
N PHE D 558 -60.18 14.30 -22.76
CA PHE D 558 -59.59 15.56 -22.35
C PHE D 558 -60.67 16.59 -22.05
N VAL D 559 -61.76 16.56 -22.80
CA VAL D 559 -62.82 17.54 -22.61
C VAL D 559 -63.56 17.29 -21.30
N LYS D 560 -63.86 16.03 -21.00
CA LYS D 560 -64.74 15.69 -19.89
C LYS D 560 -63.99 15.30 -18.63
N LEU D 561 -63.14 14.27 -18.72
CA LEU D 561 -62.46 13.74 -17.55
C LEU D 561 -61.17 14.47 -17.25
N LYS D 562 -60.81 15.47 -18.06
CA LYS D 562 -59.60 16.25 -17.85
C LYS D 562 -58.36 15.36 -17.81
N LEU D 563 -58.28 14.45 -18.79
CA LEU D 563 -57.15 13.55 -18.91
C LEU D 563 -56.58 13.62 -20.31
N LEU D 564 -55.26 13.58 -20.41
CA LEU D 564 -54.57 13.56 -21.68
C LEU D 564 -54.05 12.14 -21.91
N MET D 565 -54.41 11.57 -23.06
CA MET D 565 -54.09 10.19 -23.37
C MET D 565 -53.14 10.17 -24.57
N ILE D 566 -52.01 9.50 -24.42
CA ILE D 566 -50.93 9.56 -25.40
C ILE D 566 -51.04 8.43 -26.42
N ALA D 567 -50.92 7.19 -25.96
CA ALA D 567 -50.74 6.08 -26.87
C ALA D 567 -51.58 4.89 -26.43
N ILE D 568 -51.78 3.97 -27.36
CA ILE D 568 -52.66 2.84 -27.16
C ILE D 568 -51.85 1.55 -27.29
N GLU D 569 -52.27 0.53 -26.54
CA GLU D 569 -51.56 -0.75 -26.55
C GLU D 569 -51.64 -1.43 -27.91
N TYR D 570 -52.81 -1.39 -28.54
CA TYR D 570 -53.09 -2.22 -29.72
C TYR D 570 -52.81 -3.69 -29.43
N LYS D 571 -53.32 -4.16 -28.30
CA LYS D 571 -53.13 -5.55 -27.90
C LYS D 571 -53.76 -6.49 -28.91
N SER D 572 -53.28 -7.74 -28.90
CA SER D 572 -53.82 -8.81 -29.72
C SER D 572 -53.65 -8.55 -31.21
N ALA D 573 -52.65 -7.77 -31.60
CA ALA D 573 -52.31 -7.65 -33.01
C ALA D 573 -51.90 -9.01 -33.54
N ASN D 574 -52.28 -9.29 -34.80
CA ASN D 574 -52.16 -10.64 -35.34
C ASN D 574 -50.71 -11.11 -35.33
N ARG D 575 -49.78 -10.25 -35.78
CA ARG D 575 -48.37 -10.60 -35.69
C ARG D 575 -47.90 -10.63 -34.25
N GLU D 576 -48.06 -9.52 -33.54
CA GLU D 576 -47.76 -9.41 -32.12
C GLU D 576 -48.18 -8.04 -31.62
N SER D 577 -48.53 -7.98 -30.34
CA SER D 577 -48.96 -6.73 -29.74
C SER D 577 -47.82 -5.72 -29.77
N ARG D 578 -48.09 -4.55 -30.36
CA ARG D 578 -47.09 -3.52 -30.56
C ARG D 578 -47.66 -2.18 -30.14
N ILE D 579 -46.83 -1.36 -29.51
CA ILE D 579 -47.26 -0.03 -29.07
C ILE D 579 -47.46 0.87 -30.29
N LEU D 580 -48.54 1.64 -30.26
CA LEU D 580 -48.82 2.62 -31.29
C LEU D 580 -48.96 4.00 -30.66
N ILE D 581 -48.22 4.96 -31.17
CA ILE D 581 -48.23 6.33 -30.65
C ILE D 581 -49.05 7.18 -31.60
N ASN D 582 -50.19 7.65 -31.12
CA ASN D 582 -51.05 8.55 -31.87
C ASN D 582 -51.33 8.02 -33.28
N PRO D 583 -52.11 6.97 -33.42
CA PRO D 583 -52.40 6.44 -34.75
C PRO D 583 -53.35 7.36 -35.51
N GLY D 584 -53.47 7.09 -36.80
CA GLY D 584 -54.29 7.90 -37.67
C GLY D 584 -55.76 7.71 -37.42
N ASN D 585 -56.56 8.44 -38.21
CA ASN D 585 -58.00 8.41 -38.04
C ASN D 585 -58.64 7.12 -38.56
N HIS D 586 -57.93 6.37 -39.41
CA HIS D 586 -58.52 5.16 -39.97
C HIS D 586 -58.64 4.06 -38.93
N LEU D 587 -57.72 4.00 -37.98
CA LEU D 587 -57.68 2.89 -37.04
C LEU D 587 -58.87 2.94 -36.10
N LYS D 588 -59.27 1.76 -35.61
CA LYS D 588 -60.41 1.62 -34.72
C LYS D 588 -59.99 0.88 -33.46
N ILE D 589 -60.71 1.15 -32.38
CA ILE D 589 -60.38 0.56 -31.08
C ILE D 589 -60.71 -0.92 -31.09
N GLN D 590 -59.87 -1.72 -30.44
CA GLN D 590 -60.15 -3.13 -30.22
C GLN D 590 -60.68 -3.32 -28.81
N GLU D 591 -60.92 -4.58 -28.45
CA GLU D 591 -61.46 -4.92 -27.15
C GLU D 591 -60.33 -5.14 -26.15
N GLY D 592 -60.49 -4.57 -24.96
CA GLY D 592 -59.53 -4.78 -23.88
C GLY D 592 -58.16 -4.24 -24.18
N THR D 593 -58.09 -3.01 -24.70
CA THR D 593 -56.82 -2.40 -25.08
C THR D 593 -56.33 -1.49 -23.97
N LEU D 594 -55.06 -1.67 -23.60
CA LEU D 594 -54.45 -0.83 -22.58
C LEU D 594 -54.17 0.56 -23.12
N GLY D 595 -54.31 1.56 -22.27
CA GLY D 595 -54.06 2.94 -22.66
C GLY D 595 -53.16 3.64 -21.68
N PHE D 596 -52.36 4.56 -22.21
CA PHE D 596 -51.43 5.36 -21.41
C PHE D 596 -51.99 6.75 -21.22
N PHE D 597 -51.82 7.28 -20.01
CA PHE D 597 -52.45 8.55 -19.67
C PHE D 597 -51.48 9.41 -18.87
N ILE D 598 -51.78 10.70 -18.83
CA ILE D 598 -51.02 11.68 -18.06
C ILE D 598 -51.97 12.37 -17.10
N ALA D 599 -51.59 12.44 -15.83
CA ALA D 599 -52.41 13.11 -14.84
C ALA D 599 -51.54 13.45 -13.64
N SER D 600 -52.10 14.25 -12.74
CA SER D 600 -51.36 14.68 -11.55
C SER D 600 -51.39 13.66 -10.43
N ASP D 601 -52.28 12.67 -10.50
CA ASP D 601 -52.41 11.70 -9.43
C ASP D 601 -52.96 10.40 -9.99
N ALA D 602 -52.55 9.27 -9.42
CA ALA D 602 -53.04 7.94 -9.89
C ALA D 602 -54.56 7.82 -9.76
N LYS D 603 -55.16 8.54 -8.81
CA LYS D 603 -56.62 8.38 -8.57
C LYS D 603 -57.40 8.82 -9.82
N GLU D 604 -56.96 9.90 -10.47
CA GLU D 604 -57.73 10.45 -11.62
C GLU D 604 -57.81 9.43 -12.76
N VAL D 605 -56.74 8.69 -13.03
CA VAL D 605 -56.74 7.76 -14.19
C VAL D 605 -57.82 6.70 -14.00
N LYS D 606 -58.06 6.25 -12.76
CA LYS D 606 -59.04 5.17 -12.48
C LYS D 606 -60.43 5.63 -12.92
N ARG D 607 -60.72 6.93 -12.83
CA ARG D 607 -62.09 7.43 -13.14
C ARG D 607 -62.48 7.06 -14.56
N ALA D 608 -61.53 7.08 -15.50
CA ALA D 608 -61.92 6.84 -16.92
C ALA D 608 -62.58 5.47 -17.08
N PHE D 609 -61.99 4.43 -16.50
CA PHE D 609 -62.55 3.06 -16.67
C PHE D 609 -63.93 2.98 -15.99
N PHE D 610 -64.03 3.49 -14.77
CA PHE D 610 -65.30 3.40 -13.99
C PHE D 610 -66.43 4.23 -14.58
N TYR D 611 -66.14 5.43 -15.06
CA TYR D 611 -67.24 6.35 -15.50
C TYR D 611 -68.03 5.79 -16.67
N CYS D 612 -67.37 5.22 -17.67
CA CYS D 612 -68.10 4.60 -18.82
C CYS D 612 -69.05 5.63 -19.42
N LYS D 613 -70.32 5.27 -19.60
CA LYS D 613 -71.35 6.21 -20.13
C LYS D 613 -71.55 7.37 -19.15
N ALA D 614 -71.57 7.08 -17.84
CA ALA D 614 -71.78 8.12 -16.80
C ALA D 614 -71.36 9.51 -17.31
N LYS D 742 -30.59 0.28 -52.38
CA LYS D 742 -30.07 -0.17 -51.10
C LYS D 742 -30.18 0.93 -50.06
N LYS D 743 -31.28 1.66 -50.11
CA LYS D 743 -31.42 2.84 -49.25
C LYS D 743 -31.65 2.44 -47.79
N TYR D 744 -32.42 1.38 -47.56
CA TYR D 744 -32.81 1.03 -46.21
C TYR D 744 -32.36 -0.39 -45.88
N ASP D 745 -32.30 -0.68 -44.59
CA ASP D 745 -31.94 -2.02 -44.15
C ASP D 745 -33.08 -2.99 -44.48
N SER D 746 -32.89 -4.24 -44.06
CA SER D 746 -33.91 -5.26 -44.33
C SER D 746 -35.23 -4.93 -43.64
N THR D 747 -35.16 -4.49 -42.38
CA THR D 747 -36.39 -4.20 -41.65
C THR D 747 -37.09 -2.97 -42.20
N GLY D 748 -36.33 -1.97 -42.63
CA GLY D 748 -36.89 -0.71 -43.07
C GLY D 748 -36.96 0.36 -42.01
N MET D 749 -36.31 0.15 -40.86
CA MET D 749 -36.39 1.14 -39.78
C MET D 749 -35.49 2.34 -40.03
N PHE D 750 -34.38 2.15 -40.74
CA PHE D 750 -33.37 3.20 -40.81
C PHE D 750 -32.82 3.34 -42.21
N HIS D 751 -32.33 4.53 -42.52
CA HIS D 751 -31.61 4.75 -43.76
C HIS D 751 -30.29 4.00 -43.72
N TRP D 752 -29.87 3.49 -44.87
CA TRP D 752 -28.66 2.69 -44.96
C TRP D 752 -27.88 3.05 -46.21
N CYS D 753 -26.57 2.87 -46.14
CA CYS D 753 -25.69 3.12 -47.26
C CYS D 753 -24.54 2.12 -47.24
N ALA D 754 -23.80 2.09 -48.33
CA ALA D 754 -22.65 1.20 -48.42
C ALA D 754 -21.57 1.64 -47.45
N PRO D 755 -20.81 0.69 -46.90
CA PRO D 755 -19.74 1.06 -45.96
C PRO D 755 -18.75 2.00 -46.62
N LYS D 756 -18.28 2.96 -45.85
CA LYS D 756 -17.31 3.94 -46.32
C LYS D 756 -15.96 3.66 -45.68
N GLU D 757 -14.97 4.44 -46.11
CA GLU D 757 -13.63 4.37 -45.56
C GLU D 757 -13.36 5.61 -44.74
N ILE D 758 -12.59 5.46 -43.67
CA ILE D 758 -12.41 6.55 -42.72
C ILE D 758 -11.78 7.76 -43.40
N GLU D 759 -10.90 7.54 -44.37
CA GLU D 759 -10.27 8.66 -45.06
C GLU D 759 -11.29 9.46 -45.87
N LYS D 760 -12.37 8.82 -46.30
CA LYS D 760 -13.34 9.49 -47.15
C LYS D 760 -14.06 10.62 -46.45
N VAL D 761 -13.96 10.72 -45.13
CA VAL D 761 -14.72 11.71 -44.38
C VAL D 761 -13.86 12.69 -43.62
N ILE D 762 -12.58 12.41 -43.37
CA ILE D 762 -11.76 13.33 -42.61
C ILE D 762 -11.55 14.60 -43.42
N LEU D 763 -11.72 15.74 -42.78
CA LEU D 763 -11.59 17.04 -43.42
C LEU D 763 -10.42 17.81 -42.84
N THR D 764 -10.19 18.99 -43.40
CA THR D 764 -9.23 19.95 -42.87
C THR D 764 -9.91 21.30 -42.78
N ARG D 765 -9.24 22.23 -42.10
CA ARG D 765 -9.83 23.55 -41.87
C ARG D 765 -10.15 24.23 -43.19
N SER D 766 -9.25 24.15 -44.17
CA SER D 766 -9.51 24.76 -45.45
C SER D 766 -10.73 24.14 -46.13
N GLU D 767 -10.84 22.81 -46.07
CA GLU D 767 -11.96 22.15 -46.71
C GLU D 767 -13.28 22.49 -46.02
N ALA D 768 -13.25 22.69 -44.71
CA ALA D 768 -14.48 23.01 -43.99
C ALA D 768 -15.08 24.32 -44.49
N ALA D 769 -14.24 25.33 -44.69
CA ALA D 769 -14.73 26.58 -45.23
C ALA D 769 -15.24 26.41 -46.66
N MET D 770 -14.75 25.42 -47.38
CA MET D 770 -15.20 25.19 -48.74
C MET D 770 -16.68 24.82 -48.76
N THR D 771 -17.05 23.82 -47.96
CA THR D 771 -18.45 23.44 -47.87
C THR D 771 -19.21 24.45 -47.00
N VAL D 772 -20.53 24.45 -47.14
CA VAL D 772 -21.41 25.29 -46.35
C VAL D 772 -22.41 24.40 -45.63
N LEU D 773 -22.50 24.56 -44.32
CA LEU D 773 -23.40 23.76 -43.50
C LEU D 773 -24.49 24.65 -42.93
N SER D 774 -25.70 24.11 -42.84
CA SER D 774 -26.82 24.86 -42.29
C SER D 774 -27.77 23.89 -41.61
N GLY D 775 -28.25 24.27 -40.44
CA GLY D 775 -29.13 23.40 -39.68
C GLY D 775 -28.50 22.09 -39.32
N HIS D 776 -27.17 22.01 -39.29
CA HIS D 776 -26.48 20.77 -38.99
C HIS D 776 -26.39 20.60 -37.47
N VAL D 777 -25.73 19.55 -37.03
CA VAL D 777 -25.52 19.27 -35.63
C VAL D 777 -24.05 19.00 -35.42
N VAL D 778 -23.45 19.66 -34.43
CA VAL D 778 -22.03 19.54 -34.16
C VAL D 778 -21.84 18.93 -32.77
N VAL D 779 -20.90 18.01 -32.66
CA VAL D 779 -20.64 17.30 -31.42
C VAL D 779 -19.17 17.45 -31.07
N CYS D 780 -18.90 17.86 -29.84
CA CYS D 780 -17.54 18.02 -29.36
C CYS D 780 -17.24 16.93 -28.35
N ILE D 781 -16.13 16.23 -28.54
CA ILE D 781 -15.77 15.09 -27.71
C ILE D 781 -14.38 15.29 -27.15
N PHE D 782 -14.24 15.14 -25.84
CA PHE D 782 -12.95 15.24 -25.17
C PHE D 782 -12.36 13.84 -25.02
N GLY D 783 -12.00 13.27 -26.16
CA GLY D 783 -11.59 11.88 -26.19
C GLY D 783 -10.13 11.68 -25.86
N ASP D 784 -9.77 10.40 -25.77
CA ASP D 784 -8.41 9.99 -25.48
C ASP D 784 -8.28 8.53 -25.85
N VAL D 785 -7.07 8.12 -26.24
CA VAL D 785 -6.87 6.76 -26.73
C VAL D 785 -7.15 5.73 -25.64
N SER D 786 -6.98 6.11 -24.38
CA SER D 786 -7.16 5.18 -23.26
C SER D 786 -8.49 5.33 -22.56
N SER D 787 -9.35 6.23 -23.01
CA SER D 787 -10.61 6.44 -22.32
C SER D 787 -11.63 5.37 -22.69
N ALA D 788 -12.66 5.25 -21.87
CA ALA D 788 -13.71 4.29 -22.13
C ALA D 788 -14.53 4.71 -23.35
N LEU D 789 -15.37 3.80 -23.81
CA LEU D 789 -16.19 4.04 -24.99
C LEU D 789 -17.52 4.65 -24.59
N ILE D 790 -17.84 5.81 -25.18
CA ILE D 790 -19.14 6.41 -24.96
C ILE D 790 -20.22 5.60 -25.65
N GLY D 791 -19.92 5.07 -26.84
CA GLY D 791 -20.93 4.36 -27.60
C GLY D 791 -21.78 5.30 -28.42
N LEU D 792 -21.14 6.04 -29.33
CA LEU D 792 -21.83 7.07 -30.07
C LEU D 792 -22.94 6.53 -30.96
N ARG D 793 -22.95 5.22 -31.20
CA ARG D 793 -23.95 4.66 -32.11
C ARG D 793 -25.36 4.98 -31.65
N ASN D 794 -25.61 4.94 -30.34
CA ASN D 794 -26.93 5.21 -29.83
C ASN D 794 -27.34 6.66 -30.01
N LEU D 795 -26.40 7.54 -30.37
CA LEU D 795 -26.73 8.94 -30.56
C LEU D 795 -27.13 9.25 -32.00
N VAL D 796 -26.34 8.80 -32.95
CA VAL D 796 -26.64 9.08 -34.35
C VAL D 796 -27.87 8.32 -34.80
N MET D 797 -28.06 7.10 -34.31
CA MET D 797 -29.10 6.23 -34.84
C MET D 797 -30.49 6.83 -34.78
N PRO D 798 -30.97 7.37 -33.66
CA PRO D 798 -32.33 7.93 -33.67
C PRO D 798 -32.51 9.03 -34.68
N LEU D 799 -31.45 9.76 -35.01
CA LEU D 799 -31.57 10.81 -36.01
C LEU D 799 -31.80 10.23 -37.39
N ARG D 800 -31.26 9.04 -37.67
CA ARG D 800 -31.42 8.42 -38.97
C ARG D 800 -32.62 7.48 -39.01
N ALA D 801 -33.78 7.97 -38.58
CA ALA D 801 -34.98 7.15 -38.62
C ALA D 801 -35.52 7.07 -40.05
N SER D 802 -36.38 6.08 -40.27
CA SER D 802 -36.93 5.91 -41.61
C SER D 802 -38.00 6.94 -41.94
N ASN D 803 -38.70 7.46 -40.94
CA ASN D 803 -39.79 8.38 -41.20
C ASN D 803 -39.32 9.79 -41.47
N PHE D 804 -38.05 9.96 -41.82
CA PHE D 804 -37.49 11.25 -42.20
C PHE D 804 -37.24 11.26 -43.69
N HIS D 805 -37.74 12.27 -44.38
CA HIS D 805 -37.41 12.44 -45.79
C HIS D 805 -35.92 12.67 -45.95
N TYR D 806 -35.36 12.16 -47.05
CA TYR D 806 -33.92 12.19 -47.22
C TYR D 806 -33.38 13.61 -47.17
N HIS D 807 -34.06 14.55 -47.83
CA HIS D 807 -33.56 15.91 -47.87
C HIS D 807 -33.71 16.63 -46.54
N GLU D 808 -34.43 16.06 -45.58
CA GLU D 808 -34.60 16.70 -44.28
C GLU D 808 -33.58 16.26 -43.25
N LEU D 809 -32.69 15.34 -43.60
CA LEU D 809 -31.73 14.86 -42.62
C LEU D 809 -30.78 15.97 -42.19
N LYS D 810 -30.35 15.90 -40.94
CA LYS D 810 -29.44 16.88 -40.38
C LYS D 810 -28.01 16.34 -40.49
N HIS D 811 -27.15 17.11 -41.13
CA HIS D 811 -25.76 16.72 -41.27
C HIS D 811 -25.08 16.72 -39.90
N ILE D 812 -24.10 15.84 -39.75
CA ILE D 812 -23.41 15.65 -38.47
C ILE D 812 -21.92 15.78 -38.69
N VAL D 813 -21.26 16.51 -37.79
CA VAL D 813 -19.81 16.65 -37.80
C VAL D 813 -19.30 16.49 -36.38
N PHE D 814 -18.21 15.75 -36.22
CA PHE D 814 -17.57 15.56 -34.94
C PHE D 814 -16.31 16.42 -34.85
N VAL D 815 -15.97 16.83 -33.64
CA VAL D 815 -14.73 17.55 -33.38
C VAL D 815 -14.05 16.85 -32.21
N GLY D 816 -12.83 16.39 -32.43
CA GLY D 816 -12.12 15.70 -31.37
C GLY D 816 -10.83 15.09 -31.90
N SER D 817 -10.17 14.37 -31.00
CA SER D 817 -8.92 13.73 -31.36
C SER D 817 -9.18 12.56 -32.29
N ILE D 818 -8.43 12.48 -33.39
CA ILE D 818 -8.73 11.51 -34.43
C ILE D 818 -8.53 10.09 -33.91
N GLU D 819 -7.50 9.86 -33.11
CA GLU D 819 -7.18 8.51 -32.69
C GLU D 819 -8.30 7.93 -31.84
N TYR D 820 -9.04 8.77 -31.13
CA TYR D 820 -10.15 8.25 -30.33
C TYR D 820 -11.26 7.72 -31.22
N LEU D 821 -11.68 8.52 -32.21
CA LEU D 821 -12.80 8.14 -33.04
C LEU D 821 -12.53 6.88 -33.85
N LYS D 822 -11.26 6.54 -34.08
CA LYS D 822 -10.96 5.33 -34.82
C LYS D 822 -11.52 4.10 -34.12
N ARG D 823 -11.42 4.06 -32.79
CA ARG D 823 -11.87 2.91 -32.05
C ARG D 823 -13.37 2.71 -32.17
N GLU D 824 -14.13 3.73 -32.56
CA GLU D 824 -15.56 3.63 -32.63
C GLU D 824 -16.12 3.79 -34.04
N TRP D 825 -15.28 4.04 -35.04
CA TRP D 825 -15.84 4.29 -36.37
C TRP D 825 -16.27 3.02 -37.06
N GLU D 826 -15.99 1.85 -36.49
CA GLU D 826 -16.44 0.60 -37.09
C GLU D 826 -17.94 0.42 -36.98
N THR D 827 -18.61 1.17 -36.11
CA THR D 827 -20.04 1.04 -35.91
C THR D 827 -20.83 2.15 -36.58
N LEU D 828 -20.19 2.94 -37.42
CA LEU D 828 -20.85 4.06 -38.07
C LEU D 828 -20.75 4.06 -39.58
N HIS D 829 -19.84 3.30 -40.18
CA HIS D 829 -19.56 3.43 -41.60
C HIS D 829 -20.75 3.04 -42.47
N ASN D 830 -21.85 2.62 -41.86
CA ASN D 830 -23.05 2.30 -42.61
C ASN D 830 -24.03 3.47 -42.69
N PHE D 831 -23.68 4.62 -42.13
CA PHE D 831 -24.64 5.70 -42.08
C PHE D 831 -24.29 6.80 -43.07
N PRO D 832 -25.27 7.56 -43.54
CA PRO D 832 -25.00 8.65 -44.47
C PRO D 832 -24.78 9.98 -43.77
N LYS D 833 -24.08 10.88 -44.47
CA LYS D 833 -23.90 12.27 -44.06
C LYS D 833 -23.25 12.36 -42.68
N VAL D 834 -22.02 11.87 -42.59
CA VAL D 834 -21.23 11.97 -41.36
C VAL D 834 -19.85 12.47 -41.74
N SER D 835 -19.34 13.45 -41.00
CA SER D 835 -18.03 14.01 -41.27
C SER D 835 -17.27 14.17 -39.96
N ILE D 836 -15.94 14.20 -40.07
CA ILE D 836 -15.06 14.31 -38.92
C ILE D 836 -14.06 15.41 -39.18
N LEU D 837 -13.81 16.24 -38.17
CA LEU D 837 -12.82 17.31 -38.25
C LEU D 837 -11.89 17.18 -37.05
N PRO D 838 -10.70 16.61 -37.24
CA PRO D 838 -9.76 16.50 -36.12
C PRO D 838 -9.39 17.88 -35.59
N GLY D 839 -9.20 17.95 -34.28
CA GLY D 839 -8.89 19.22 -33.65
C GLY D 839 -9.17 19.16 -32.17
N THR D 840 -9.57 20.31 -31.62
CA THR D 840 -9.87 20.43 -30.21
C THR D 840 -11.03 21.41 -30.06
N PRO D 841 -12.05 21.05 -29.28
CA PRO D 841 -13.22 21.95 -29.16
C PRO D 841 -12.90 23.29 -28.57
N LEU D 842 -11.82 23.42 -27.80
CA LEU D 842 -11.52 24.71 -27.19
C LEU D 842 -11.05 25.73 -28.21
N SER D 843 -10.37 25.29 -29.26
CA SER D 843 -9.77 26.23 -30.20
C SER D 843 -10.85 27.00 -30.95
N ARG D 844 -10.76 28.32 -30.91
CA ARG D 844 -11.74 29.14 -31.60
C ARG D 844 -11.63 29.03 -33.11
N ALA D 845 -10.47 28.62 -33.62
CA ALA D 845 -10.31 28.54 -35.08
C ALA D 845 -11.24 27.51 -35.68
N ASP D 846 -11.35 26.34 -35.06
CA ASP D 846 -12.15 25.28 -35.63
C ASP D 846 -13.62 25.62 -35.66
N LEU D 847 -14.14 26.16 -34.56
CA LEU D 847 -15.57 26.42 -34.49
C LEU D 847 -16.02 27.40 -35.56
N ARG D 848 -15.22 28.43 -35.81
CA ARG D 848 -15.54 29.35 -36.88
C ARG D 848 -15.52 28.66 -38.24
N ALA D 849 -14.79 27.55 -38.36
CA ALA D 849 -14.70 26.84 -39.62
C ALA D 849 -15.91 25.95 -39.89
N VAL D 850 -16.73 25.67 -38.88
CA VAL D 850 -17.90 24.83 -39.07
C VAL D 850 -19.19 25.61 -38.88
N ASN D 851 -19.12 26.94 -38.84
CA ASN D 851 -20.29 27.81 -38.82
C ASN D 851 -21.19 27.49 -37.62
N ILE D 852 -20.63 27.70 -36.43
CA ILE D 852 -21.38 27.45 -35.21
C ILE D 852 -22.66 28.27 -35.20
N ASN D 853 -22.58 29.53 -35.62
CA ASN D 853 -23.73 30.42 -35.53
C ASN D 853 -24.91 29.93 -36.35
N LEU D 854 -24.69 29.02 -37.29
CA LEU D 854 -25.76 28.51 -38.14
C LEU D 854 -26.26 27.14 -37.70
N CYS D 855 -25.70 26.56 -36.65
CA CYS D 855 -26.07 25.21 -36.29
C CYS D 855 -27.41 25.21 -35.56
N ASP D 856 -27.92 24.00 -35.32
CA ASP D 856 -29.15 23.82 -34.58
C ASP D 856 -28.93 23.22 -33.19
N MET D 857 -27.72 22.77 -32.89
CA MET D 857 -27.44 22.17 -31.60
C MET D 857 -25.93 22.03 -31.49
N CYS D 858 -25.41 22.14 -30.27
CA CYS D 858 -23.98 21.92 -30.01
C CYS D 858 -23.86 21.01 -28.81
N VAL D 859 -23.90 19.71 -29.04
CA VAL D 859 -23.85 18.74 -27.96
C VAL D 859 -22.41 18.63 -27.47
N ILE D 860 -22.23 18.66 -26.14
CA ILE D 860 -20.87 18.57 -25.54
C ILE D 860 -20.84 17.38 -24.57
N LEU D 861 -20.00 16.37 -24.83
CA LEU D 861 -19.94 15.16 -23.97
C LEU D 861 -18.48 14.93 -23.55
N SER D 862 -18.27 14.38 -22.34
CA SER D 862 -16.87 14.07 -21.90
C SER D 862 -16.70 12.56 -21.72
N ALA D 863 -15.76 11.97 -22.45
CA ALA D 863 -15.52 10.50 -22.37
C ALA D 863 -14.91 10.09 -21.03
N ASN D 864 -13.97 10.87 -20.49
CA ASN D 864 -13.22 10.44 -19.28
C ASN D 864 -13.81 11.02 -18.00
N GLN D 865 -14.99 11.64 -18.06
CA GLN D 865 -15.52 12.32 -16.85
C GLN D 865 -15.68 11.32 -15.70
N ASN D 866 -16.16 10.11 -15.98
CA ASN D 866 -16.30 9.08 -14.94
C ASN D 866 -14.92 8.66 -14.42
N ASN D 867 -13.95 8.50 -15.33
CA ASN D 867 -12.61 7.99 -14.92
C ASN D 867 -11.89 8.96 -13.97
N ILE D 868 -11.94 10.27 -14.25
CA ILE D 868 -11.16 11.22 -13.42
C ILE D 868 -11.82 11.36 -12.04
N ASP D 869 -11.04 11.23 -10.97
CA ASP D 869 -11.59 11.33 -9.59
C ASP D 869 -11.33 12.72 -9.04
N ASP D 870 -10.42 13.48 -9.67
CA ASP D 870 -10.05 14.82 -9.16
C ASP D 870 -11.24 15.78 -9.34
N THR D 871 -11.54 16.60 -8.33
CA THR D 871 -12.63 17.61 -8.42
C THR D 871 -12.28 18.61 -9.51
N SER D 872 -10.99 18.95 -9.64
CA SER D 872 -10.52 19.92 -10.66
C SER D 872 -10.87 19.42 -12.06
N LEU D 873 -10.79 18.10 -12.28
CA LEU D 873 -11.08 17.53 -13.62
C LEU D 873 -12.57 17.16 -13.74
N GLN D 874 -13.37 17.42 -12.70
CA GLN D 874 -14.80 17.00 -12.73
C GLN D 874 -15.64 18.02 -13.49
N ASP D 875 -15.73 17.90 -14.82
CA ASP D 875 -16.61 18.76 -15.67
C ASP D 875 -15.97 20.13 -15.94
N LYS D 876 -14.76 20.37 -15.44
CA LYS D 876 -14.19 21.73 -15.62
C LYS D 876 -13.97 22.01 -17.11
N GLU D 877 -13.50 21.00 -17.85
CA GLU D 877 -13.25 21.18 -19.30
C GLU D 877 -14.56 21.50 -20.00
N CYS D 878 -15.65 20.83 -19.62
CA CYS D 878 -16.97 21.08 -20.25
C CYS D 878 -17.45 22.50 -19.96
N ILE D 879 -17.26 22.96 -18.73
CA ILE D 879 -17.77 24.32 -18.34
C ILE D 879 -17.04 25.36 -19.19
N LEU D 880 -15.74 25.17 -19.42
CA LEU D 880 -14.95 26.17 -20.19
C LEU D 880 -15.46 26.24 -21.63
N ALA D 881 -15.69 25.09 -22.27
CA ALA D 881 -16.12 25.08 -23.67
C ALA D 881 -17.42 25.87 -23.84
N SER D 882 -18.37 25.68 -22.91
CA SER D 882 -19.62 26.41 -23.02
C SER D 882 -19.39 27.90 -22.90
N LEU D 883 -18.59 28.32 -21.92
CA LEU D 883 -18.32 29.74 -21.77
C LEU D 883 -17.64 30.31 -22.98
N ASN D 884 -16.67 29.57 -23.53
CA ASN D 884 -15.92 30.08 -24.67
C ASN D 884 -16.84 30.34 -25.86
N ILE D 885 -17.80 29.44 -26.10
CA ILE D 885 -18.72 29.63 -27.21
C ILE D 885 -19.64 30.81 -26.96
N LYS D 886 -20.14 30.94 -25.74
CA LYS D 886 -21.09 32.01 -25.44
C LYS D 886 -20.46 33.37 -25.70
N SER D 887 -19.17 33.52 -25.40
CA SER D 887 -18.48 34.79 -25.55
C SER D 887 -17.94 35.00 -26.95
N MET D 888 -18.16 34.06 -27.87
CA MET D 888 -17.69 34.23 -29.23
C MET D 888 -18.36 35.44 -29.87
N GLN D 889 -17.67 36.06 -30.80
CA GLN D 889 -18.17 37.22 -31.51
C GLN D 889 -18.28 36.91 -33.00
N PHE D 890 -19.43 37.23 -33.58
CA PHE D 890 -19.70 36.99 -34.99
C PHE D 890 -20.00 38.32 -35.68
N ASP D 891 -20.44 38.24 -36.92
CA ASP D 891 -20.82 39.42 -37.68
C ASP D 891 -22.22 39.29 -38.28
N THR D 929 -23.31 39.38 -34.80
CA THR D 929 -24.12 39.57 -33.61
C THR D 929 -23.33 39.19 -32.36
N THR D 930 -23.72 38.07 -31.74
CA THR D 930 -23.02 37.56 -30.58
C THR D 930 -23.33 36.09 -30.42
N GLY D 931 -22.59 35.43 -29.56
CA GLY D 931 -22.75 34.01 -29.34
C GLY D 931 -23.66 33.66 -28.18
N VAL D 932 -24.47 34.63 -27.73
CA VAL D 932 -25.35 34.36 -26.60
C VAL D 932 -26.47 33.41 -27.00
N ASN D 933 -27.01 33.57 -28.22
CA ASN D 933 -28.21 32.85 -28.64
C ASN D 933 -27.90 31.52 -29.31
N ILE D 934 -26.76 30.92 -29.01
CA ILE D 934 -26.37 29.64 -29.59
C ILE D 934 -27.00 28.54 -28.75
N PRO D 935 -27.81 27.66 -29.32
CA PRO D 935 -28.36 26.54 -28.54
C PRO D 935 -27.26 25.59 -28.12
N ILE D 936 -27.19 25.29 -26.82
CA ILE D 936 -26.17 24.41 -26.27
C ILE D 936 -26.82 23.47 -25.27
N ILE D 937 -26.39 22.21 -25.27
CA ILE D 937 -26.81 21.24 -24.26
C ILE D 937 -25.59 20.45 -23.83
N THR D 938 -25.36 20.36 -22.52
CA THR D 938 -24.17 19.71 -21.99
C THR D 938 -24.58 18.64 -20.99
N GLU D 939 -23.65 17.75 -20.70
CA GLU D 939 -23.87 16.65 -19.78
C GLU D 939 -22.88 16.75 -18.63
N LEU D 940 -23.37 16.61 -17.41
CA LEU D 940 -22.58 16.76 -16.21
C LEU D 940 -22.53 15.46 -15.42
N VAL D 941 -21.37 15.18 -14.83
CA VAL D 941 -21.27 14.01 -13.97
C VAL D 941 -21.71 14.35 -12.55
N ASN D 942 -21.40 15.53 -12.06
CA ASN D 942 -21.76 15.94 -10.72
C ASN D 942 -22.74 17.10 -10.79
N ASP D 943 -23.86 16.97 -10.09
CA ASP D 943 -24.94 17.94 -10.23
C ASP D 943 -24.53 19.31 -9.69
N THR D 944 -23.77 19.34 -8.59
CA THR D 944 -23.55 20.59 -7.89
C THR D 944 -22.79 21.60 -8.73
N ASN D 945 -22.14 21.17 -9.80
CA ASN D 945 -21.45 22.10 -10.67
C ASN D 945 -22.40 22.95 -11.50
N VAL D 946 -23.70 22.65 -11.48
CA VAL D 946 -24.63 23.34 -12.35
C VAL D 946 -24.65 24.84 -12.13
N GLN D 947 -24.26 25.29 -10.94
CA GLN D 947 -24.33 26.71 -10.64
C GLN D 947 -23.44 27.53 -11.56
N PHE D 948 -22.35 26.96 -12.05
CA PHE D 948 -21.44 27.70 -12.92
C PHE D 948 -21.96 27.85 -14.34
N LEU D 949 -23.02 27.14 -14.71
CA LEU D 949 -23.44 27.18 -16.10
C LEU D 949 -24.11 28.48 -16.50
N ASP D 950 -24.44 29.36 -15.56
CA ASP D 950 -25.10 30.61 -15.89
C ASP D 950 -24.64 31.71 -14.95
N GLN D 951 -24.84 32.95 -15.40
CA GLN D 951 -24.38 34.12 -14.66
C GLN D 951 -25.52 34.84 -13.95
N ASP D 952 -26.63 35.08 -14.63
CA ASP D 952 -27.79 35.70 -13.99
C ASP D 952 -28.70 34.66 -13.36
N ASP D 953 -28.12 33.78 -12.55
CA ASP D 953 -28.85 32.72 -11.88
C ASP D 953 -28.73 32.91 -10.38
N ASP D 954 -29.78 32.52 -9.65
CA ASP D 954 -29.69 32.56 -8.16
C ASP D 954 -29.07 31.23 -7.73
N ASP D 955 -27.82 31.24 -7.27
CA ASP D 955 -27.14 29.95 -6.98
C ASP D 955 -27.17 29.64 -5.49
N ASP D 956 -27.85 28.56 -5.10
CA ASP D 956 -27.87 28.13 -3.68
C ASP D 956 -27.52 26.63 -3.65
N PRO D 957 -26.57 26.17 -2.81
CA PRO D 957 -26.17 24.76 -2.83
C PRO D 957 -27.32 23.82 -2.46
N ASP D 958 -28.19 24.22 -1.53
CA ASP D 958 -29.29 23.36 -1.04
C ASP D 958 -30.30 23.03 -2.15
N THR D 959 -30.56 23.96 -3.07
CA THR D 959 -31.63 23.76 -4.09
C THR D 959 -31.41 22.47 -4.88
N GLU D 960 -32.49 21.70 -5.11
CA GLU D 960 -32.41 20.42 -5.86
C GLU D 960 -32.26 20.70 -7.36
N LEU D 961 -31.78 19.74 -8.14
CA LEU D 961 -31.48 19.97 -9.58
C LEU D 961 -32.76 20.36 -10.35
N TYR D 962 -33.90 19.77 -10.05
CA TYR D 962 -35.10 20.06 -10.86
C TYR D 962 -35.44 21.55 -10.80
N LEU D 963 -35.33 22.16 -9.62
CA LEU D 963 -35.64 23.61 -9.44
C LEU D 963 -34.64 24.50 -10.17
N THR D 964 -33.38 24.06 -10.33
CA THR D 964 -32.34 24.98 -10.90
C THR D 964 -32.73 25.47 -12.29
N GLN D 965 -32.43 26.74 -12.60
CA GLN D 965 -32.82 27.34 -13.90
C GLN D 965 -32.20 26.60 -15.09
N PRO D 966 -30.91 26.19 -15.11
CA PRO D 966 -30.37 25.56 -16.31
C PRO D 966 -31.12 24.27 -16.69
N PHE D 967 -31.45 23.43 -15.71
CA PHE D 967 -32.17 22.16 -16.00
C PHE D 967 -33.55 22.49 -16.56
N ALA D 968 -34.23 23.47 -15.97
CA ALA D 968 -35.61 23.80 -16.41
C ALA D 968 -35.58 24.26 -17.86
N CYS D 969 -34.57 25.06 -18.22
CA CYS D 969 -34.50 25.61 -19.59
C CYS D 969 -34.10 24.50 -20.56
N GLY D 970 -33.74 23.32 -20.04
CA GLY D 970 -33.36 22.22 -20.89
C GLY D 970 -32.01 22.36 -21.54
N THR D 971 -31.07 23.06 -20.91
CA THR D 971 -29.71 23.20 -21.44
C THR D 971 -28.70 22.46 -20.59
N ALA D 972 -29.14 21.51 -19.77
CA ALA D 972 -28.23 20.71 -18.97
C ALA D 972 -28.88 19.36 -18.75
N PHE D 973 -28.07 18.40 -18.33
CA PHE D 973 -28.59 17.05 -18.14
C PHE D 973 -27.58 16.23 -17.36
N ALA D 974 -28.08 15.48 -16.40
CA ALA D 974 -27.24 14.60 -15.60
C ALA D 974 -27.90 13.23 -15.51
N VAL D 975 -27.06 12.20 -15.42
CA VAL D 975 -27.58 10.84 -15.38
C VAL D 975 -28.30 10.56 -14.07
N SER D 976 -28.06 11.36 -13.03
CA SER D 976 -28.63 11.04 -11.72
C SER D 976 -30.14 11.13 -11.71
N VAL D 977 -30.75 11.83 -12.67
CA VAL D 977 -32.21 11.97 -12.69
C VAL D 977 -32.91 10.71 -13.17
N LEU D 978 -32.17 9.68 -13.57
CA LEU D 978 -32.77 8.48 -14.10
C LEU D 978 -32.88 7.36 -13.09
N ASP D 979 -32.51 7.60 -11.83
CA ASP D 979 -32.72 6.58 -10.82
C ASP D 979 -34.20 6.32 -10.61
N SER D 980 -35.05 7.30 -10.91
CA SER D 980 -36.48 7.15 -10.70
C SER D 980 -37.11 6.09 -11.59
N LEU D 981 -36.42 5.64 -12.64
CA LEU D 981 -37.04 4.71 -13.57
C LEU D 981 -37.26 3.34 -12.96
N MET D 982 -36.51 2.97 -11.92
CA MET D 982 -36.65 1.65 -11.33
C MET D 982 -38.07 1.40 -10.87
N SER D 983 -38.53 2.18 -9.89
CA SER D 983 -39.86 1.95 -9.33
C SER D 983 -40.94 2.10 -10.39
N ALA D 984 -40.80 3.07 -11.28
CA ALA D 984 -41.84 3.31 -12.27
C ALA D 984 -42.05 2.10 -13.15
N THR D 985 -40.96 1.46 -13.59
CA THR D 985 -41.11 0.31 -14.46
C THR D 985 -41.70 -0.89 -13.74
N TYR D 986 -41.73 -0.87 -12.42
CA TYR D 986 -42.26 -2.03 -11.72
C TYR D 986 -43.79 -1.98 -11.63
N PHE D 987 -44.33 -0.85 -11.19
CA PHE D 987 -45.76 -0.76 -11.00
C PHE D 987 -46.50 -0.83 -12.33
N ASN D 988 -46.04 -0.08 -13.32
CA ASN D 988 -46.62 -0.13 -14.65
C ASN D 988 -45.77 -1.03 -15.52
N ASP D 989 -46.42 -1.98 -16.19
CA ASP D 989 -45.70 -3.08 -16.81
C ASP D 989 -44.88 -2.65 -18.01
N ASN D 990 -45.49 -1.89 -18.92
CA ASN D 990 -44.95 -1.73 -20.27
C ASN D 990 -44.36 -0.35 -20.52
N ILE D 991 -44.08 0.43 -19.47
CA ILE D 991 -43.53 1.76 -19.67
C ILE D 991 -42.22 1.69 -20.43
N LEU D 992 -41.39 0.70 -20.11
CA LEU D 992 -40.06 0.65 -20.71
C LEU D 992 -40.11 0.60 -22.22
N THR D 993 -41.03 -0.19 -22.77
CA THR D 993 -41.15 -0.25 -24.22
C THR D 993 -41.60 1.09 -24.78
N LEU D 994 -42.52 1.76 -24.09
CA LEU D 994 -43.04 3.03 -24.60
C LEU D 994 -41.92 4.04 -24.76
N ILE D 995 -41.05 4.15 -23.76
CA ILE D 995 -39.94 5.08 -23.84
C ILE D 995 -39.02 4.71 -24.99
N ARG D 996 -38.66 3.43 -25.09
CA ARG D 996 -37.71 3.03 -26.12
C ARG D 996 -38.29 3.29 -27.51
N THR D 997 -39.57 3.08 -27.70
CA THR D 997 -40.19 3.43 -28.98
C THR D 997 -40.16 4.94 -29.20
N LEU D 998 -40.50 5.71 -28.17
CA LEU D 998 -40.60 7.15 -28.32
C LEU D 998 -39.24 7.82 -28.53
N VAL D 999 -38.17 7.17 -28.11
CA VAL D 999 -36.84 7.79 -28.10
C VAL D 999 -35.94 7.19 -29.17
N THR D 1000 -35.70 5.88 -29.11
CA THR D 1000 -34.77 5.25 -30.02
C THR D 1000 -35.35 5.00 -31.40
N GLY D 1001 -36.53 5.53 -31.70
CA GLY D 1001 -37.08 5.44 -33.03
C GLY D 1001 -37.30 4.04 -33.53
N GLY D 1002 -37.90 3.19 -32.70
CA GLY D 1002 -38.23 1.84 -33.13
C GLY D 1002 -37.57 0.75 -32.34
N ALA D 1003 -38.37 -0.01 -31.60
CA ALA D 1003 -37.92 -1.19 -30.87
C ALA D 1003 -38.90 -2.33 -31.07
N THR D 1004 -39.36 -2.49 -32.31
CA THR D 1004 -40.32 -3.53 -32.63
C THR D 1004 -39.68 -4.90 -32.46
N PRO D 1005 -40.48 -5.94 -32.19
CA PRO D 1005 -39.89 -7.26 -31.94
C PRO D 1005 -39.03 -7.77 -33.08
N GLU D 1006 -39.41 -7.46 -34.32
CA GLU D 1006 -38.62 -7.89 -35.47
C GLU D 1006 -37.20 -7.36 -35.38
N LEU D 1007 -37.06 -6.09 -35.01
CA LEU D 1007 -35.73 -5.54 -34.77
C LEU D 1007 -35.08 -6.21 -33.58
N GLU D 1008 -35.86 -6.55 -32.56
CA GLU D 1008 -35.30 -7.18 -31.38
C GLU D 1008 -34.71 -8.54 -31.71
N ALA D 1009 -35.44 -9.35 -32.47
CA ALA D 1009 -34.95 -10.69 -32.79
C ALA D 1009 -33.73 -10.61 -33.68
N LEU D 1010 -33.79 -9.80 -34.73
CA LEU D 1010 -32.70 -9.76 -35.70
C LEU D 1010 -31.42 -9.25 -35.07
N ILE D 1011 -31.51 -8.25 -34.20
CA ILE D 1011 -30.33 -7.68 -33.59
C ILE D 1011 -29.60 -8.69 -32.72
N ALA D 1012 -30.30 -9.73 -32.26
CA ALA D 1012 -29.64 -10.75 -31.46
C ALA D 1012 -28.68 -11.58 -32.31
N GLU D 1013 -29.07 -11.89 -33.55
CA GLU D 1013 -28.27 -12.78 -34.36
C GLU D 1013 -26.95 -12.16 -34.78
N GLU D 1014 -26.99 -10.95 -35.33
CA GLU D 1014 -25.81 -10.36 -35.95
C GLU D 1014 -25.22 -9.18 -35.18
N ASN D 1015 -26.01 -8.53 -34.33
CA ASN D 1015 -25.55 -7.36 -33.59
C ASN D 1015 -25.14 -6.24 -34.53
N ALA D 1016 -25.83 -6.14 -35.66
CA ALA D 1016 -25.52 -5.13 -36.67
C ALA D 1016 -26.74 -5.01 -37.58
N LEU D 1017 -26.56 -4.33 -38.71
CA LEU D 1017 -27.62 -4.14 -39.68
C LEU D 1017 -27.13 -4.54 -41.06
N ARG D 1018 -28.07 -4.90 -41.92
CA ARG D 1018 -27.76 -5.30 -43.28
C ARG D 1018 -28.64 -4.54 -44.25
N GLY D 1019 -28.05 -4.01 -45.30
CA GLY D 1019 -28.84 -3.35 -46.32
C GLY D 1019 -29.76 -4.32 -47.03
N GLY D 1020 -30.95 -3.86 -47.35
CA GLY D 1020 -31.94 -4.70 -47.99
C GLY D 1020 -32.53 -4.12 -49.24
N TYR D 1021 -33.71 -4.60 -49.63
CA TYR D 1021 -34.43 -4.10 -50.80
C TYR D 1021 -35.82 -3.65 -50.39
N SER D 1022 -36.26 -2.54 -50.95
CA SER D 1022 -37.58 -2.02 -50.63
C SER D 1022 -38.66 -2.92 -51.22
N THR D 1023 -39.68 -3.21 -50.42
CA THR D 1023 -40.87 -3.89 -50.86
C THR D 1023 -42.09 -3.14 -50.35
N PRO D 1024 -43.23 -3.25 -51.03
CA PRO D 1024 -44.39 -2.45 -50.62
C PRO D 1024 -44.79 -2.66 -49.18
N GLN D 1025 -44.68 -3.89 -48.67
CA GLN D 1025 -44.96 -4.13 -47.27
C GLN D 1025 -43.90 -3.51 -46.37
N THR D 1026 -42.64 -3.52 -46.80
CA THR D 1026 -41.59 -2.88 -46.01
C THR D 1026 -41.84 -1.38 -45.90
N LEU D 1027 -42.20 -0.74 -47.01
CA LEU D 1027 -42.41 0.70 -46.99
C LEU D 1027 -43.57 1.10 -46.11
N ALA D 1028 -44.45 0.16 -45.76
CA ALA D 1028 -45.52 0.45 -44.81
C ALA D 1028 -44.99 0.71 -43.40
N ASN D 1029 -43.74 0.37 -43.12
CA ASN D 1029 -43.17 0.62 -41.81
C ASN D 1029 -42.72 2.06 -41.62
N ARG D 1030 -42.77 2.88 -42.66
CA ARG D 1030 -42.34 4.27 -42.59
C ARG D 1030 -43.43 5.19 -42.10
N ASP D 1031 -44.37 4.67 -41.32
CA ASP D 1031 -45.54 5.43 -40.87
C ASP D 1031 -45.52 5.49 -39.35
N ARG D 1032 -44.79 6.47 -38.81
CA ARG D 1032 -44.67 6.66 -37.38
C ARG D 1032 -44.66 8.15 -37.08
N CYS D 1033 -45.42 8.54 -36.06
CA CYS D 1033 -45.44 9.93 -35.67
C CYS D 1033 -44.10 10.35 -35.08
N ARG D 1034 -43.67 11.56 -35.41
CA ARG D 1034 -42.40 12.10 -34.96
C ARG D 1034 -42.62 13.37 -34.16
N VAL D 1035 -41.56 13.81 -33.50
CA VAL D 1035 -41.61 14.97 -32.62
C VAL D 1035 -41.24 16.21 -33.43
N ALA D 1036 -41.94 17.31 -33.19
CA ALA D 1036 -41.63 18.56 -33.88
C ALA D 1036 -42.19 19.73 -33.09
N GLN D 1037 -41.69 20.91 -33.40
CA GLN D 1037 -42.07 22.15 -32.73
C GLN D 1037 -42.79 23.08 -33.71
N LEU D 1038 -43.73 23.84 -33.18
CA LEU D 1038 -44.51 24.79 -33.97
C LEU D 1038 -44.35 26.19 -33.40
N ALA D 1039 -44.62 27.17 -34.26
CA ALA D 1039 -44.59 28.58 -33.87
C ALA D 1039 -45.93 29.21 -34.21
N LEU D 1040 -46.49 29.93 -33.25
CA LEU D 1040 -47.80 30.56 -33.43
C LEU D 1040 -47.71 31.91 -34.12
N LEU D 1041 -46.50 32.37 -34.43
CA LEU D 1041 -46.36 33.68 -35.05
C LEU D 1041 -47.04 33.72 -36.41
N ASP D 1042 -46.91 32.66 -37.19
CA ASP D 1042 -47.53 32.57 -38.50
C ASP D 1042 -48.08 31.17 -38.70
N GLY D 1043 -49.07 31.05 -39.59
CA GLY D 1043 -49.63 29.78 -39.92
C GLY D 1043 -51.13 29.75 -39.66
N PRO D 1044 -51.72 28.56 -39.73
CA PRO D 1044 -53.18 28.45 -39.51
C PRO D 1044 -53.59 28.86 -38.12
N PHE D 1045 -52.68 28.84 -37.15
CA PHE D 1045 -53.01 29.12 -35.76
C PHE D 1045 -52.60 30.51 -35.32
N ALA D 1046 -52.10 31.34 -36.24
CA ALA D 1046 -51.65 32.68 -35.86
C ALA D 1046 -52.78 33.51 -35.28
N ASP D 1047 -54.02 33.20 -35.66
CA ASP D 1047 -55.17 33.90 -35.11
C ASP D 1047 -55.28 33.70 -33.61
N LEU D 1048 -55.00 32.49 -33.13
CA LEU D 1048 -55.12 32.17 -31.72
C LEU D 1048 -53.91 32.58 -30.90
N GLY D 1049 -52.88 33.13 -31.54
CA GLY D 1049 -51.68 33.50 -30.81
C GLY D 1049 -51.95 34.48 -29.69
N ASP D 1050 -52.82 35.45 -29.94
CA ASP D 1050 -53.23 36.40 -28.91
C ASP D 1050 -54.50 35.98 -28.20
N GLY D 1051 -55.28 35.07 -28.78
CA GLY D 1051 -56.56 34.72 -28.18
C GLY D 1051 -56.41 34.10 -26.80
N GLY D 1052 -55.49 33.16 -26.66
CA GLY D 1052 -55.19 32.61 -25.35
C GLY D 1052 -56.19 31.61 -24.83
N CYS D 1053 -56.49 30.60 -25.62
CA CYS D 1053 -57.33 29.48 -25.18
C CYS D 1053 -56.65 28.20 -25.64
N TYR D 1054 -55.90 27.57 -24.74
CA TYR D 1054 -55.13 26.39 -25.09
C TYR D 1054 -56.03 25.27 -25.60
N GLY D 1055 -57.16 25.06 -24.94
CA GLY D 1055 -58.05 23.98 -25.33
C GLY D 1055 -58.54 24.12 -26.75
N ASP D 1056 -58.90 25.34 -27.15
CA ASP D 1056 -59.44 25.54 -28.48
C ASP D 1056 -58.46 25.10 -29.55
N LEU D 1057 -57.19 25.47 -29.39
CA LEU D 1057 -56.17 25.02 -30.32
C LEU D 1057 -56.04 23.51 -30.30
N PHE D 1058 -56.10 22.92 -29.11
CA PHE D 1058 -55.93 21.48 -28.98
C PHE D 1058 -57.00 20.74 -29.77
N CYS D 1059 -58.26 21.11 -29.59
CA CYS D 1059 -59.33 20.45 -30.33
C CYS D 1059 -59.20 20.70 -31.82
N LYS D 1060 -58.90 21.94 -32.21
CA LYS D 1060 -58.79 22.26 -33.62
C LYS D 1060 -57.65 21.51 -34.28
N ALA D 1061 -56.49 21.47 -33.63
CA ALA D 1061 -55.34 20.83 -34.23
C ALA D 1061 -55.56 19.35 -34.44
N LEU D 1062 -56.14 18.67 -33.44
CA LEU D 1062 -56.35 17.24 -33.56
C LEU D 1062 -57.33 16.91 -34.67
N LYS D 1063 -58.42 17.67 -34.77
CA LYS D 1063 -59.40 17.40 -35.81
C LYS D 1063 -58.87 17.72 -37.20
N THR D 1064 -58.01 18.72 -37.31
CA THR D 1064 -57.60 19.19 -38.62
C THR D 1064 -56.46 18.35 -39.19
N TYR D 1065 -55.37 18.20 -38.43
CA TYR D 1065 -54.18 17.55 -38.93
C TYR D 1065 -53.83 16.29 -38.16
N ASN D 1066 -54.66 15.86 -37.21
CA ASN D 1066 -54.31 14.77 -36.30
C ASN D 1066 -53.02 15.08 -35.55
N MET D 1067 -52.87 16.34 -35.14
CA MET D 1067 -51.74 16.77 -34.33
C MET D 1067 -52.10 16.69 -32.86
N LEU D 1068 -51.16 16.16 -32.07
CA LEU D 1068 -51.29 16.09 -30.62
C LEU D 1068 -50.29 17.06 -30.01
N CYS D 1069 -50.80 18.06 -29.30
CA CYS D 1069 -49.97 19.10 -28.71
C CYS D 1069 -50.09 19.02 -27.21
N PHE D 1070 -48.95 18.90 -26.53
CA PHE D 1070 -48.97 18.59 -25.11
C PHE D 1070 -47.89 19.33 -24.34
N GLY D 1071 -47.52 20.52 -24.79
CA GLY D 1071 -46.53 21.30 -24.06
C GLY D 1071 -46.39 22.68 -24.63
N ILE D 1072 -45.95 23.59 -23.78
CA ILE D 1072 -45.69 24.97 -24.14
C ILE D 1072 -44.29 25.33 -23.68
N TYR D 1073 -43.50 25.90 -24.58
CA TYR D 1073 -42.12 26.24 -24.28
C TYR D 1073 -42.04 27.77 -24.31
N ARG D 1074 -42.33 28.38 -23.17
CA ARG D 1074 -42.62 29.80 -23.07
C ARG D 1074 -41.37 30.62 -22.78
N LEU D 1075 -41.33 31.83 -23.33
CA LEU D 1075 -40.27 32.77 -23.04
C LEU D 1075 -40.25 33.09 -21.55
N ARG D 1076 -39.04 33.25 -21.00
CA ARG D 1076 -38.91 33.37 -19.55
C ARG D 1076 -39.57 34.63 -19.02
N ASP D 1077 -39.37 35.76 -19.69
CA ASP D 1077 -39.87 37.04 -19.21
C ASP D 1077 -41.07 37.53 -19.99
N ALA D 1078 -41.89 36.62 -20.50
CA ALA D 1078 -43.10 37.02 -21.20
C ALA D 1078 -44.19 37.51 -20.27
N HIS D 1079 -44.03 37.29 -18.95
CA HIS D 1079 -45.06 37.65 -17.99
C HIS D 1079 -44.74 38.95 -17.26
N LEU D 1080 -43.76 39.71 -17.73
CA LEU D 1080 -43.37 40.96 -17.09
C LEU D 1080 -43.77 42.12 -17.98
N SER D 1081 -44.37 43.14 -17.38
CA SER D 1081 -44.79 44.31 -18.14
C SER D 1081 -43.60 45.02 -18.76
N THR D 1082 -42.52 45.18 -18.00
CA THR D 1082 -41.33 45.83 -18.55
C THR D 1082 -40.70 44.95 -19.62
N PRO D 1083 -40.19 45.54 -20.69
CA PRO D 1083 -39.54 44.74 -21.74
C PRO D 1083 -38.13 44.35 -21.36
N SER D 1084 -37.61 43.37 -22.10
CA SER D 1084 -36.24 42.92 -21.93
C SER D 1084 -35.81 42.26 -23.25
N GLN D 1085 -34.68 41.57 -23.20
CA GLN D 1085 -34.17 40.90 -24.40
C GLN D 1085 -33.64 39.50 -24.11
N CYS D 1086 -33.82 38.98 -22.90
CA CYS D 1086 -33.43 37.61 -22.62
C CYS D 1086 -34.23 36.66 -23.51
N THR D 1087 -33.55 35.67 -24.06
CA THR D 1087 -34.17 34.70 -24.94
C THR D 1087 -34.00 33.29 -24.40
N LYS D 1088 -34.21 33.13 -23.11
CA LYS D 1088 -34.26 31.83 -22.48
C LYS D 1088 -35.71 31.45 -22.22
N ARG D 1089 -36.00 30.16 -22.34
CA ARG D 1089 -37.35 29.64 -22.22
C ARG D 1089 -37.36 28.41 -21.32
N TYR D 1090 -38.53 28.11 -20.79
CA TYR D 1090 -38.74 26.94 -19.94
C TYR D 1090 -39.91 26.12 -20.49
N VAL D 1091 -40.20 25.00 -19.84
CA VAL D 1091 -41.16 24.04 -20.34
C VAL D 1091 -42.36 23.97 -19.40
N ILE D 1092 -43.55 23.88 -19.98
CA ILE D 1092 -44.78 23.69 -19.24
C ILE D 1092 -45.47 22.46 -19.82
N THR D 1093 -45.77 21.50 -18.96
CA THR D 1093 -46.28 20.20 -19.39
C THR D 1093 -47.77 20.09 -19.09
N ASN D 1094 -48.55 19.77 -20.11
CA ASN D 1094 -49.98 19.53 -19.98
C ASN D 1094 -50.65 20.68 -19.25
N PRO D 1095 -50.79 21.84 -19.87
CA PRO D 1095 -51.46 22.95 -19.21
C PRO D 1095 -52.94 22.69 -19.09
N PRO D 1096 -53.61 23.31 -18.12
CA PRO D 1096 -55.05 23.17 -18.02
C PRO D 1096 -55.75 23.69 -19.26
N TYR D 1097 -57.05 23.42 -19.34
CA TYR D 1097 -57.80 23.77 -20.54
C TYR D 1097 -57.83 25.28 -20.77
N GLU D 1098 -58.05 26.05 -19.72
CA GLU D 1098 -58.26 27.50 -19.85
C GLU D 1098 -56.95 28.20 -19.51
N PHE D 1099 -56.03 28.18 -20.47
CA PHE D 1099 -54.73 28.81 -20.31
C PHE D 1099 -54.58 29.93 -21.32
N GLU D 1100 -53.91 30.99 -20.93
CA GLU D 1100 -53.72 32.14 -21.79
C GLU D 1100 -52.42 32.00 -22.56
N LEU D 1101 -52.44 32.47 -23.81
CA LEU D 1101 -51.32 32.34 -24.71
C LEU D 1101 -50.82 33.72 -25.14
N VAL D 1102 -49.60 33.74 -25.67
CA VAL D 1102 -49.03 34.96 -26.23
C VAL D 1102 -48.43 34.60 -27.59
N PRO D 1103 -48.32 35.54 -28.52
CA PRO D 1103 -47.81 35.18 -29.86
C PRO D 1103 -46.41 34.60 -29.85
N THR D 1104 -45.59 34.96 -28.86
CA THR D 1104 -44.22 34.47 -28.79
C THR D 1104 -44.16 33.18 -27.97
N ASP D 1105 -44.82 32.16 -28.47
CA ASP D 1105 -44.90 30.88 -27.79
C ASP D 1105 -44.61 29.74 -28.76
N LEU D 1106 -43.97 28.70 -28.23
CA LEU D 1106 -43.70 27.48 -28.98
C LEU D 1106 -44.33 26.30 -28.28
N ILE D 1107 -44.91 25.40 -29.06
CA ILE D 1107 -45.65 24.25 -28.52
C ILE D 1107 -45.11 22.98 -29.17
N PHE D 1108 -44.84 21.98 -28.34
CA PHE D 1108 -44.46 20.68 -28.86
C PHE D 1108 -45.65 20.00 -29.53
N CYS D 1109 -45.38 19.24 -30.57
CA CYS D 1109 -46.43 18.53 -31.29
C CYS D 1109 -45.88 17.23 -31.81
N LEU D 1110 -46.79 16.36 -32.25
CA LEU D 1110 -46.43 15.08 -32.84
C LEU D 1110 -46.89 15.08 -34.29
N MET D 1111 -45.93 15.24 -35.20
CA MET D 1111 -46.22 15.23 -36.63
C MET D 1111 -46.73 13.87 -37.08
N GLN D 1112 -47.45 13.88 -38.19
CA GLN D 1112 -47.81 12.65 -38.86
C GLN D 1112 -46.67 12.25 -39.79
N PHE D 1113 -46.89 11.23 -40.60
CA PHE D 1113 -45.87 10.71 -41.50
C PHE D 1113 -46.22 11.01 -42.94
N ASP D 1114 -45.38 10.50 -43.84
CA ASP D 1114 -45.69 10.47 -45.26
C ASP D 1114 -44.71 9.54 -45.95
C1 A1L4F E . 18.04 4.95 64.24
C10 A1L4F E . 21.39 9.02 60.34
C11 A1L4F E . 22.76 9.20 59.73
C13 A1L4F E . 22.04 10.22 57.51
C14 A1L4F E . 22.63 11.45 57.41
C15 A1L4F E . 22.01 12.47 56.71
C16 A1L4F E . 20.81 12.24 56.10
C17 A1L4F E . 20.20 10.97 56.21
C18 A1L4F E . 20.82 9.97 56.91
C20 A1L4F E . 20.06 13.26 54.01
C21 A1L4F E . 19.33 14.27 53.45
C22 A1L4F E . 19.19 14.36 52.08
C23 A1L4F E . 19.79 13.45 51.22
C24 A1L4F E . 20.53 12.43 51.81
C25 A1L4F E . 20.66 12.34 53.18
C3 A1L4F E . 18.23 5.95 66.34
C31 A1L4F E . 19.64 13.56 49.73
C4 A1L4F E . 19.50 6.55 65.80
C6 A1L4F E . 18.92 5.93 63.52
C7 A1L4F E . 20.44 7.84 63.88
C8 A1L4F E . 20.23 8.30 62.45
C9 A1L4F E . 21.50 8.81 61.83
F26 A1L4F E . 21.40 11.33 53.68
F28 A1L4F E . 21.14 11.52 51.05
F29 A1L4F E . 18.46 15.37 51.59
F30 A1L4F E . 18.73 15.18 54.22
F32 A1L4F E . 20.71 13.10 49.08
F33 A1L4F E . 18.61 12.86 49.28
F34 A1L4F E . 19.46 14.80 49.32
N12 A1L4F E . 22.70 9.17 58.24
N5 A1L4F E . 19.26 7.07 64.42
O19 A1L4F E . 20.15 13.23 55.38
O2 A1L4F E . 17.34 5.61 65.29
O35 A1L4F E . 19.00 10.77 55.60
MG MG F . 5.26 -42.97 15.13
CA CA G . -14.66 -49.72 -3.22
CA CA H . -28.03 -24.94 -11.67
K K I . -4.58 -0.55 42.64
K K J . -4.23 -0.55 39.64
CAA Y01 K . 22.55 16.06 47.27
CBA Y01 K . 23.54 16.06 48.42
CAB Y01 K . 23.43 14.75 49.21
CAN Y01 K . 23.33 17.26 49.33
CAJ Y01 K . 21.96 17.40 49.93
CAO Y01 K . 21.85 18.57 50.88
CBB Y01 K . 20.46 18.80 51.49
CAC Y01 K . 19.38 18.24 50.58
CBE Y01 K . 20.39 18.25 52.92
CAP Y01 K . 21.60 17.33 53.27
CAQ Y01 K . 21.93 17.55 54.76
CBG Y01 K . 20.71 18.31 55.28
CBI Y01 K . 20.32 19.24 54.13
CAE Y01 K . 21.34 20.38 53.93
CAU Y01 K . 18.94 19.81 54.47
CAS Y01 K . 18.95 20.53 55.82
CBF Y01 K . 19.45 19.66 56.97
CBD Y01 K . 20.80 18.99 56.64
CAK Y01 K . 21.18 17.98 57.73
CAI Y01 K . 20.82 18.45 59.10
CAZ Y01 K . 20.17 19.56 59.38
CAV Y01 K . 20.03 20.04 60.81
CBH Y01 K . 19.48 20.42 58.33
CAD Y01 K . 20.23 21.76 58.21
CAT Y01 K . 18.02 20.67 58.79
CAR Y01 K . 17.91 21.16 60.23
CBC Y01 K . 18.58 20.19 61.18
OAW Y01 K . 18.50 20.72 62.54
CAY Y01 K . 18.77 19.90 63.55
OAG Y01 K . 18.84 18.71 63.44
CAM Y01 K . 18.96 20.64 64.84
CAL Y01 K . 20.06 21.69 64.85
CAX Y01 K . 21.47 21.14 64.70
OAH Y01 K . 22.41 21.95 64.69
OAF Y01 K . 21.63 19.91 64.61
CAA Y01 L . 16.49 17.71 46.07
CBA Y01 L . 15.25 17.99 46.92
CAB Y01 L . 14.36 19.00 46.22
CAN Y01 L . 15.64 18.46 48.31
CAJ Y01 L . 14.49 18.84 49.21
CAO Y01 L . 14.93 19.28 50.58
CBB Y01 L . 13.81 19.67 51.54
CAC Y01 L . 12.83 18.50 51.70
CBE Y01 L . 14.41 20.13 52.88
CAP Y01 L . 15.75 20.88 52.70
CAQ Y01 L . 15.89 21.84 53.90
CBG Y01 L . 14.72 21.47 54.80
CBI Y01 L . 13.59 21.08 53.80
CAE Y01 L . 13.10 22.29 53.00
CAU Y01 L . 12.46 20.46 54.62
CAS Y01 L . 11.98 21.40 55.73
CBF Y01 L . 13.10 21.85 56.68
CBD Y01 L . 14.30 22.43 55.91
CAK Y01 L . 15.48 22.67 56.85
CAI Y01 L . 15.05 23.13 58.21
CAZ Y01 L . 13.80 23.30 58.60
CAV Y01 L . 13.48 23.96 59.92
CBH Y01 L . 12.60 22.78 57.81
CAD Y01 L . 11.82 23.98 57.26
CAT Y01 L . 11.70 21.95 58.76
CAR Y01 L . 11.40 22.65 60.10
CBC Y01 L . 12.67 23.02 60.80
OAW Y01 L . 12.36 23.74 62.04
CAY Y01 L . 12.40 23.05 63.18
OAG Y01 L . 11.97 21.94 63.29
CAM Y01 L . 13.05 23.83 64.27
CAL Y01 L . 14.34 23.22 64.80
CAX Y01 L . 15.40 23.00 63.74
OAH Y01 L . 15.82 24.00 63.12
OAF Y01 L . 15.81 21.84 63.53
CAA Y01 M . 14.09 -11.31 41.76
CBA Y01 M . 15.60 -11.30 41.86
CAB Y01 M . 16.23 -11.05 40.50
CAN Y01 M . 16.08 -10.27 42.88
CAJ Y01 M . 15.50 -10.42 44.27
CAO Y01 M . 16.08 -9.45 45.27
CBB Y01 M . 15.64 -9.65 46.73
CAC Y01 M . 14.24 -10.25 46.78
CBE Y01 M . 16.68 -10.47 47.50
CAP Y01 M . 17.76 -11.10 46.58
CAQ Y01 M . 19.04 -11.25 47.44
CBG Y01 M . 18.56 -10.90 48.84
CBI Y01 M . 17.53 -9.79 48.63
CAE Y01 M . 18.17 -8.49 48.10
CAU Y01 M . 16.82 -9.55 49.96
CAS Y01 M . 17.80 -9.26 51.10
CBF Y01 M . 18.87 -10.35 51.26
CBD Y01 M . 19.60 -10.61 49.92
CAK Y01 M . 20.56 -11.80 50.06
CAI Y01 M . 21.26 -11.84 51.38
CAZ Y01 M . 21.03 -11.01 52.38
CAV Y01 M . 21.93 -11.01 53.61
CBH Y01 M . 19.84 -10.05 52.43
CAD Y01 M . 20.38 -8.62 52.39
CAT Y01 M . 19.10 -10.30 53.77
CAR Y01 M . 20.02 -10.31 54.99
CBC Y01 M . 21.13 -11.31 54.84
OAW Y01 M . 22.02 -11.23 55.99
CAY Y01 M . 21.66 -11.81 57.13
OAG Y01 M . 20.73 -12.56 57.22
CAM Y01 M . 22.54 -11.41 58.27
CAL Y01 M . 21.84 -10.74 59.43
CAX Y01 M . 22.74 -10.39 60.61
OAH Y01 M . 23.95 -10.69 60.53
OAF Y01 M . 22.23 -9.84 61.60
CAA Y01 N . 15.55 -17.00 44.80
CBA Y01 N . 15.29 -15.62 45.38
CAB Y01 N . 16.39 -14.66 44.95
CAN Y01 N . 15.16 -15.67 46.89
CAJ Y01 N . 15.04 -14.32 47.57
CAO Y01 N . 15.04 -14.42 49.08
CBB Y01 N . 16.29 -15.07 49.69
CAC Y01 N . 17.55 -14.38 49.18
CBE Y01 N . 16.20 -15.12 51.24
CAP Y01 N . 17.60 -15.36 51.88
CAQ Y01 N . 17.58 -14.67 53.25
CBG Y01 N . 16.11 -14.34 53.47
CBI Y01 N . 15.62 -13.94 52.07
CAE Y01 N . 16.21 -12.59 51.62
CAU Y01 N . 14.09 -13.84 52.15
CAS Y01 N . 13.66 -12.85 53.24
CBF Y01 N . 14.21 -13.19 54.62
CBD Y01 N . 15.74 -13.38 54.59
CAK Y01 N . 16.23 -13.92 55.93
CAI Y01 N . 15.48 -13.36 57.11
CAZ Y01 N . 14.48 -12.50 57.02
CAV Y01 N . 13.93 -11.82 58.26
CBH Y01 N . 13.76 -12.18 55.71
CAD Y01 N . 14.08 -10.73 55.33
CAT Y01 N . 12.24 -12.35 55.94
CAR Y01 N . 11.72 -11.64 57.19
CBC Y01 N . 12.45 -12.10 58.42
OAW Y01 N . 11.98 -11.34 59.58
CAY Y01 N . 10.69 -11.43 59.87
OAG Y01 N . 10.10 -12.47 60.01
CAM Y01 N . 10.05 -10.07 59.98
CAL Y01 N . 8.54 -10.07 60.14
CAX Y01 N . 7.77 -10.49 58.90
OAH Y01 N . 8.42 -10.75 57.87
OAF Y01 N . 6.53 -10.57 58.97
C1 A1L4F O . -13.89 23.14 62.56
C10 A1L4F O . -16.54 26.92 57.76
C11 A1L4F O . -15.35 26.76 56.84
C13 A1L4F O . -16.56 26.88 54.65
C14 A1L4F O . -17.82 27.44 54.64
C15 A1L4F O . -18.79 26.92 53.79
C16 A1L4F O . -18.49 25.87 52.97
C17 A1L4F O . -17.21 25.30 53.00
C18 A1L4F O . -16.26 25.82 53.84
C20 A1L4F O . -19.26 25.09 50.79
C21 A1L4F O . -20.09 24.17 50.17
C22 A1L4F O . -19.95 23.89 48.82
C23 A1L4F O . -18.99 24.53 48.04
C24 A1L4F O . -18.18 25.45 48.68
C25 A1L4F O . -18.31 25.73 50.02
C3 A1L4F O . -12.69 25.12 62.81
C31 A1L4F O . -18.84 24.22 46.58
C4 A1L4F O . -13.89 25.79 62.20
C6 A1L4F O . -14.83 23.65 61.50
C7 A1L4F O . -15.47 25.70 60.28
C8 A1L4F O . -15.06 27.07 59.80
C9 A1L4F O . -16.17 27.71 58.99
F26 A1L4F O . -17.48 26.64 50.57
F28 A1L4F O . -17.23 26.10 47.99
F29 A1L4F O . -20.78 22.99 48.27
F30 A1L4F O . -21.04 23.53 50.87
F32 A1L4F O . -19.18 22.96 46.29
F33 A1L4F O . -19.61 24.99 45.82
F34 A1L4F O . -17.60 24.39 46.15
N12 A1L4F O . -15.56 27.42 55.53
N5 A1L4F O . -14.37 25.00 61.04
O19 A1L4F O . -19.46 25.33 52.12
O2 A1L4F O . -12.61 23.75 62.44
O35 A1L4F O . -16.92 24.24 52.18
MG MG P . 39.80 6.31 17.96
CA CA Q . 49.29 -14.14 1.44
CA CA R . 26.24 -30.67 -7.14
K K S . -5.25 -0.66 48.92
CAA Y01 T . 6.05 18.45 42.33
CBA Y01 T . 4.94 18.84 43.28
CAB Y01 T . 3.78 19.47 42.52
CAN Y01 T . 5.45 19.77 44.37
CAJ Y01 T . 4.43 20.22 45.38
CAO Y01 T . 4.99 21.21 46.37
CBB Y01 T . 4.05 21.59 47.54
CAC Y01 T . 3.53 20.33 48.24
CBE Y01 T . 4.80 22.54 48.48
CAP Y01 T . 5.45 23.72 47.72
CAQ Y01 T . 5.50 24.91 48.68
CBG Y01 T . 5.13 24.29 50.03
CBI Y01 T . 4.06 23.24 49.66
CAE Y01 T . 2.76 23.90 49.15
CAU Y01 T . 3.78 22.40 50.91
CAS Y01 T . 3.42 23.28 52.12
CBF Y01 T . 4.49 24.35 52.43
CBD Y01 T . 4.80 25.20 51.20
CAK Y01 T . 5.98 26.13 51.48
CAI Y01 T . 5.99 26.65 52.88
CAZ Y01 T . 5.13 26.33 53.82
CAV Y01 T . 5.12 27.08 55.15
CBH Y01 T . 4.14 25.19 53.69
CAD Y01 T . 2.72 25.78 53.62
CAT Y01 T . 4.26 24.29 54.94
CAR Y01 T . 4.24 25.06 56.26
CBC Y01 T . 5.32 26.11 56.29
OAW Y01 T . 5.23 26.87 57.55
CAY Y01 T . 4.05 27.31 57.96
OAG Y01 T . 3.39 28.11 57.36
CAM Y01 T . 3.64 26.70 59.28
CAL Y01 T . 4.60 25.70 59.89
CAX Y01 T . 4.09 25.01 61.15
OAH Y01 T . 4.83 24.17 61.70
OAF Y01 T . 2.95 25.32 61.56
CAA Y01 U . -23.08 24.85 45.22
CBA Y01 U . -23.17 26.21 45.91
CAB Y01 U . -22.16 27.17 45.31
CAN Y01 U . -22.99 26.08 47.42
CAJ Y01 U . -24.02 25.23 48.12
CAO Y01 U . -23.84 25.20 49.62
CBB Y01 U . -24.94 24.47 50.39
CAC Y01 U . -24.93 22.98 50.05
CBE Y01 U . -24.78 24.74 51.90
CAP Y01 U . -24.17 26.14 52.17
CAQ Y01 U . -24.73 26.61 53.52
CBG Y01 U . -25.43 25.38 54.08
CBI Y01 U . -26.03 24.71 52.83
CAE Y01 U . -27.16 25.53 52.21
CAU Y01 U . -26.54 23.32 53.26
CAS Y01 U . -27.55 23.44 54.40
CBF Y01 U . -27.00 24.19 55.63
CBD Y01 U . -26.38 25.55 55.25
CAK Y01 U . -25.65 26.14 56.45
CAI Y01 U . -26.34 25.90 57.75
CAZ Y01 U . -27.45 25.18 57.90
CAV Y01 U . -28.17 25.12 59.22
CBH Y01 U . -28.04 24.32 56.79
CAD Y01 U . -29.35 24.96 56.30
CAT Y01 U . -28.32 22.92 57.38
CAR Y01 U . -27.72 22.72 58.77
CBC Y01 U . -28.25 23.71 59.77
OAW Y01 U . -29.65 23.43 60.04
CAY Y01 U . -30.18 23.89 61.17
OAG Y01 U . -31.34 24.18 61.29
CAM Y01 U . -29.17 23.98 62.28
CAL Y01 U . -28.96 25.37 62.86
CAX Y01 U . -27.71 25.51 63.72
OAH Y01 U . -26.61 25.30 63.19
OAF Y01 U . -27.85 25.85 64.92
CAA Y01 V . -22.95 21.76 42.10
CBA Y01 V . -23.53 20.45 42.64
CAB Y01 V . -24.74 20.03 41.82
CAN Y01 V . -23.89 20.57 44.13
CAJ Y01 V . -24.52 19.36 44.75
CAO Y01 V . -24.87 19.56 46.20
CBB Y01 V . -25.53 18.36 46.89
CAC Y01 V . -24.63 17.13 46.79
CBE Y01 V . -25.90 18.73 48.33
CAP Y01 V . -26.67 20.08 48.41
CAQ Y01 V . -27.61 20.00 49.62
CBG Y01 V . -27.15 18.73 50.34
CBI Y01 V . -26.78 17.77 49.19
CAE Y01 V . -28.01 17.33 48.39
CAU Y01 V . -26.06 16.57 49.82
CAS Y01 V . -26.92 15.91 50.91
CBF Y01 V . -27.36 16.88 52.00
CBD Y01 V . -28.05 18.13 51.41
CAK Y01 V . -28.31 19.15 52.51
CAI Y01 V . -28.70 18.54 53.82
CAZ Y01 V . -28.75 17.25 54.07
CAV Y01 V . -29.31 16.73 55.38
CBH Y01 V . -28.21 16.20 53.11
CAD Y01 V . -29.41 15.42 52.52
CAT Y01 V . -27.30 15.22 53.90
CAR Y01 V . -27.90 14.73 55.22
CBC Y01 V . -28.27 15.89 56.09
OAW Y01 V . -28.86 15.41 57.34
CAY Y01 V . -28.87 16.24 58.38
OAG Y01 V . -28.33 17.30 58.39
CAM Y01 V . -29.62 15.66 59.55
CAL Y01 V . -29.68 16.53 60.78
CAX Y01 V . -30.44 15.93 61.96
OAH Y01 V . -30.52 16.61 63.00
OAF Y01 V . -30.93 14.80 61.82
CAA Y01 W . 10.09 21.57 43.36
CBA Y01 W . 11.09 20.58 43.94
CAB Y01 W . 10.77 19.16 43.48
CAN Y01 W . 11.13 20.66 45.47
CAJ Y01 W . 9.80 20.50 46.16
CAO Y01 W . 9.94 20.37 47.66
CBB Y01 W . 8.61 20.29 48.42
CAC Y01 W . 7.67 19.29 47.75
CBE Y01 W . 8.89 19.96 49.90
CAP Y01 W . 10.17 20.65 50.44
CAQ Y01 W . 9.99 20.76 51.96
CBG Y01 W . 8.69 20.02 52.24
CBI Y01 W . 7.84 20.32 50.99
CAE Y01 W . 7.46 21.80 50.89
CAU Y01 W . 6.59 19.43 51.06
CAS Y01 W . 5.83 19.63 52.38
CBF Y01 W . 6.71 19.37 53.60
CBD Y01 W . 7.99 20.22 53.58
CAK Y01 W . 8.92 19.81 54.72
CAI Y01 W . 8.20 19.46 55.98
CAZ Y01 W . 6.88 19.41 56.12
CAV Y01 W . 6.26 19.19 57.48
CBH Y01 W . 5.92 19.50 54.94
CAD Y01 W . 5.15 20.83 55.04
CAT Y01 W . 4.92 18.32 55.04
CAR Y01 W . 4.32 18.11 56.43
CBC Y01 W . 5.40 17.95 57.46
OAW Y01 W . 4.80 17.80 58.78
CAY Y01 W . 4.48 16.58 59.19
OAG Y01 W . 4.22 15.67 58.45
CAM Y01 W . 4.48 16.46 60.69
CAL Y01 W . 5.53 15.56 61.33
CAX Y01 W . 5.35 14.07 61.11
OAH Y01 W . 5.43 13.62 59.95
OAF Y01 W . 5.13 13.35 62.10
C1 A1L4F X . -33.70 -7.47 59.19
C10 A1L4F X . -34.53 -10.13 54.52
C11 A1L4F X . -35.17 -10.45 53.19
C13 A1L4F X . -33.57 -11.37 51.43
C14 A1L4F X . -34.16 -12.62 51.46
C15 A1L4F X . -33.55 -13.68 50.84
C16 A1L4F X . -32.36 -13.51 50.18
C17 A1L4F X . -31.75 -12.24 50.16
C18 A1L4F X . -32.38 -11.18 50.77
C20 A1L4F X . -31.26 -14.58 48.27
C21 A1L4F X . -30.35 -15.54 47.90
C22 A1L4F X . -29.86 -15.60 46.62
C23 A1L4F X . -30.28 -14.72 45.63
C24 A1L4F X . -31.22 -13.77 46.01
C25 A1L4F X . -31.70 -13.69 47.30
C3 A1L4F X . -31.37 -7.60 58.95
C31 A1L4F X . -29.76 -14.79 44.22
C4 A1L4F X . -31.77 -8.53 57.84
C6 A1L4F X . -33.57 -8.94 59.44
C7 A1L4F X . -33.55 -10.12 57.24
C8 A1L4F X . -32.72 -10.73 56.13
C9 A1L4F X . -33.56 -11.18 54.97
F26 A1L4F X . -32.61 -12.74 47.59
F28 A1L4F X . -31.67 -12.88 45.12
F29 A1L4F X . -28.97 -16.55 46.33
F30 A1L4F X . -29.90 -16.42 48.81
F32 A1L4F X . -29.37 -16.01 43.89
F33 A1L4F X . -30.67 -14.42 43.33
F34 A1L4F X . -28.71 -14.00 44.04
N12 A1L4F X . -34.23 -10.26 52.06
N5 A1L4F X . -32.73 -9.56 58.36
O19 A1L4F X . -31.72 -14.57 49.57
O2 A1L4F X . -32.46 -6.79 59.37
O35 A1L4F X . -30.56 -12.08 49.52
MG MG Y . -8.45 42.76 14.84
CA CA Z . 15.01 49.98 0.98
CA CA AA . 29.82 25.20 -4.70
CAA Y01 BA . -23.60 10.40 36.09
CBA Y01 BA . -23.68 9.42 37.25
CAB Y01 BA . -24.56 8.23 36.87
CAN Y01 BA . -24.17 10.09 38.52
CAJ Y01 BA . -24.41 9.17 39.69
CAO Y01 BA . -25.10 9.87 40.84
CBB Y01 BA . -25.57 8.95 41.97
CAC Y01 BA . -24.40 8.53 42.85
CBE Y01 BA . -26.70 9.66 42.76
CAP Y01 BA . -27.68 10.38 41.80
CAQ Y01 BA . -29.09 10.22 42.40
CBG Y01 BA . -28.80 9.81 43.83
CBI Y01 BA . -27.62 8.83 43.70
CAE Y01 BA . -28.05 7.52 43.02
CAU Y01 BA . -27.10 8.56 45.11
CAS Y01 BA . -28.21 8.09 46.07
CBF Y01 BA . -29.41 9.04 46.12
CBD Y01 BA . -29.95 9.35 44.72
CAK Y01 BA . -31.03 10.42 44.77
CAI Y01 BA . -31.93 10.30 45.96
CAZ Y01 BA . -31.78 9.41 46.93
CAV Y01 BA . -32.83 9.23 47.99
CBH Y01 BA . -30.52 8.57 47.11
CAD Y01 BA . -30.87 7.09 46.90
CAT Y01 BA . -30.02 8.79 48.57
CAR Y01 BA . -31.10 8.62 49.62
CBC Y01 BA . -32.28 9.52 49.36
OAW Y01 BA . -33.34 9.26 50.33
CAY Y01 BA . -33.21 9.76 51.55
OAG Y01 BA . -32.42 10.60 51.84
CAM Y01 BA . -34.17 9.13 52.51
CAL Y01 BA . -34.10 9.62 53.94
CAX Y01 BA . -35.06 8.93 54.90
OAH Y01 BA . -35.06 9.28 56.09
OAF Y01 BA . -35.80 8.04 54.44
CAA Y01 CA . -34.62 -18.25 41.52
CBA Y01 CA . -33.49 -17.23 41.49
CAB Y01 CA . -32.43 -17.64 40.47
CAN Y01 CA . -32.87 -17.03 42.87
CAJ Y01 CA . -32.27 -18.27 43.50
CAO Y01 CA . -31.85 -18.06 44.92
CBB Y01 CA . -31.34 -19.31 45.65
CAC Y01 CA . -29.94 -19.69 45.16
CBE Y01 CA . -31.41 -19.09 47.17
CAP Y01 CA . -32.66 -18.25 47.57
CAQ Y01 CA . -33.18 -18.82 48.89
CBG Y01 CA . -32.00 -19.64 49.41
CBI Y01 CA . -31.45 -20.31 48.13
CAE Y01 CA . -32.42 -21.38 47.59
CAU Y01 CA . -30.11 -20.94 48.51
CAS Y01 CA . -30.24 -21.91 49.70
CBF Y01 CA . -30.88 -21.26 50.93
CBD Y01 CA . -32.21 -20.57 50.59
CAK Y01 CA . -32.72 -19.78 51.79
CAI Y01 CA . -32.45 -20.44 53.10
CAZ Y01 CA . -31.79 -21.57 53.26
CAV Y01 CA . -31.72 -22.25 54.61
CBH Y01 CA . -31.00 -22.24 52.14
CAD Y01 CA . -31.73 -23.54 51.74
CAT Y01 CA . -29.58 -22.57 52.64
CAR Y01 CA . -29.57 -23.27 54.01
CBC Y01 CA . -30.28 -22.44 55.04
OAW Y01 CA . -30.28 -23.14 56.32
CAY Y01 CA . -30.42 -22.41 57.43
OAG Y01 CA . -30.26 -21.22 57.46
CAM Y01 CA . -30.81 -23.25 58.61
CAL Y01 CA . -32.12 -22.87 59.28
CAX Y01 CA . -33.37 -23.14 58.46
OAH Y01 CA . -34.47 -22.82 58.94
OAF Y01 CA . -33.24 -23.69 57.35
CAA Y01 DA . -24.50 -19.94 39.93
CBA Y01 DA . -24.39 -18.63 40.69
CAB Y01 DA . -22.97 -18.10 40.67
CAN Y01 DA . -24.91 -18.79 42.12
CAJ Y01 DA . -24.14 -19.76 42.99
CAO Y01 DA . -24.69 -19.86 44.39
CBB Y01 DA . -23.88 -20.75 45.34
CAC Y01 DA . -22.46 -20.20 45.48
CBE Y01 DA . -24.61 -20.89 46.68
CAP Y01 DA . -26.10 -21.30 46.50
CAQ Y01 DA . -26.47 -22.23 47.66
CBG Y01 DA . -25.33 -22.03 48.65
CBI Y01 DA . -24.08 -21.89 47.75
CAE Y01 DA . -23.70 -23.22 47.08
CAU Y01 DA . -22.94 -21.39 48.66
CAS Y01 DA . -22.71 -22.35 49.83
CBF Y01 DA . -23.97 -22.59 50.67
CBD Y01 DA . -25.17 -23.01 49.80
CAK Y01 DA . -26.44 -23.04 50.64
CAI Y01 DA . -26.22 -23.57 52.03
CAZ Y01 DA . -25.04 -23.90 52.53
CAV Y01 DA . -24.94 -24.60 53.88
CBH Y01 DA . -23.72 -23.57 51.85
CAD Y01 DA . -23.06 -24.88 51.39
CAT Y01 DA . -22.80 -22.87 52.89
CAR Y01 DA . -22.72 -23.60 54.23
CBC Y01 DA . -24.09 -23.80 54.83
OAW Y01 DA . -23.98 -24.55 56.07
CAY Y01 DA . -25.03 -24.57 56.89
OAG Y01 DA . -25.93 -23.79 56.83
CAM Y01 DA . -24.94 -25.68 57.89
CAL Y01 DA . -26.09 -25.79 58.86
CAX Y01 DA . -25.99 -26.95 59.84
OAH Y01 DA . -26.90 -27.10 60.67
OAF Y01 DA . -24.98 -27.68 59.78
CAA Y01 EA . -24.82 15.92 41.42
CBA Y01 EA . -24.82 14.48 41.90
CAB Y01 EA . -25.89 13.67 41.18
CAN Y01 EA . -25.00 14.40 43.42
CAJ Y01 EA . -25.04 13.01 44.00
CAO Y01 EA . -25.31 12.99 45.48
CBB Y01 EA . -26.65 13.61 45.91
CAC Y01 EA . -27.81 12.97 45.15
CBE Y01 EA . -26.84 13.57 47.44
CAP Y01 EA . -28.33 13.75 47.84
CAQ Y01 EA . -28.52 13.01 49.18
CBG Y01 EA . -27.10 12.67 49.62
CBI Y01 EA . -26.38 12.34 48.29
CAE Y01 EA . -26.90 11.02 47.68
CAU Y01 EA . -24.89 12.24 48.62
CAS Y01 EA . -24.63 11.19 49.70
CBF Y01 EA . -25.40 11.46 51.00
CBD Y01 EA . -26.91 11.66 50.74
CAK Y01 EA . -27.60 12.15 52.01
CAI Y01 EA . -27.04 11.54 53.26
CAZ Y01 EA . -26.03 10.68 53.31
CAV Y01 EA . -25.68 9.95 54.58
CBH Y01 EA . -25.12 10.40 52.10
CAD Y01 EA . -25.41 8.97 51.62
CAT Y01 EA . -23.66 10.53 52.55
CAR Y01 EA . -23.33 9.78 53.84
CBC Y01 EA . -24.23 10.20 54.96
OAW Y01 EA . -23.94 9.41 56.15
CAY Y01 EA . -22.69 9.43 56.61
OAG Y01 EA . -22.13 10.44 56.95
CAM Y01 EA . -22.08 8.07 56.64
CAL Y01 EA . -20.58 8.04 56.92
CAX Y01 EA . -19.74 8.75 55.86
OAH Y01 EA . -19.81 8.35 54.68
OAF Y01 EA . -19.02 9.70 56.22
C1 A1L4F FA . -0.73 -25.48 62.16
C10 A1L4F FA . 2.28 -28.73 59.06
C11 A1L4F FA . 2.89 -28.26 57.76
C13 A1L4F FA . 5.10 -28.47 56.59
C14 A1L4F FA . 6.40 -28.90 56.72
C15 A1L4F FA . 7.39 -28.32 55.97
C16 A1L4F FA . 7.09 -27.34 55.07
C17 A1L4F FA . 5.77 -26.87 54.96
C18 A1L4F FA . 4.78 -27.46 55.72
C20 A1L4F FA . 8.14 -26.48 53.00
C21 A1L4F FA . 9.13 -25.62 52.55
C22 A1L4F FA . 9.25 -25.31 51.21
C23 A1L4F FA . 8.40 -25.87 50.26
C24 A1L4F FA . 7.42 -26.74 50.73
C25 A1L4F FA . 7.31 -27.04 52.07
C3 A1L4F FA . 1.12 -25.35 63.56
C31 A1L4F FA . 8.53 -25.53 48.80
C4 A1L4F FA . 1.74 -26.66 63.14
C6 A1L4F FA . -0.49 -26.96 62.18
C7 A1L4F FA . 1.26 -28.70 61.83
C8 A1L4F FA . 2.72 -29.01 61.54
C9 A1L4F FA . 3.17 -28.40 60.24
F26 A1L4F FA . 6.35 -27.90 52.46
F28 A1L4F FA . 6.56 -27.31 49.87
F29 A1L4F FA . 10.21 -24.47 50.84
F30 A1L4F FA . 9.98 -25.06 53.42
F32 A1L4F FA . 9.05 -24.33 48.61
F33 A1L4F FA . 9.33 -26.38 48.16
F34 A1L4F FA . 7.37 -25.55 48.17
N12 A1L4F FA . 4.08 -29.08 57.39
N5 A1L4F FA . 0.98 -27.23 61.99
O19 A1L4F FA . 8.11 -26.74 54.34
O2 A1L4F FA . 0.44 -24.75 62.47
O35 A1L4F FA . 5.48 -25.86 54.08
MG MG GA . -42.53 -6.75 9.12
CA CA HA . -24.21 30.93 -11.63
CA CA IA . -48.49 14.38 -8.61
CAA Y01 JA . -14.32 -28.04 40.02
CBA Y01 JA . -15.60 -28.66 40.55
CAB Y01 JA . -16.73 -28.53 39.53
CAN Y01 JA . -16.01 -28.07 41.89
CAJ Y01 JA . -16.21 -26.57 41.90
CAO Y01 JA . -16.84 -26.07 43.17
CBB Y01 JA . -15.99 -26.23 44.44
CAC Y01 JA . -14.82 -25.24 44.42
CBE Y01 JA . -16.88 -26.08 45.69
CAP Y01 JA . -18.34 -26.55 45.43
CAQ Y01 JA . -18.93 -26.99 46.79
CBG Y01 JA . -17.83 -26.61 47.78
CBI Y01 JA . -16.52 -26.81 47.01
CAE Y01 JA . -16.24 -28.29 46.72
CAU Y01 JA . -15.40 -26.20 47.85
CAS Y01 JA . -15.35 -26.81 49.25
CBF Y01 JA . -16.69 -26.71 50.01
CBD Y01 JA . -17.87 -27.23 49.17
CAK Y01 JA . -19.19 -26.89 49.86
CAI Y01 JA . -19.13 -27.06 51.34
CAZ Y01 JA . -18.04 -27.39 52.02
CAV Y01 JA . -18.11 -27.79 53.48
CBH Y01 JA . -16.63 -27.35 51.42
CAD Y01 JA . -16.09 -28.79 51.37
CAT Y01 JA . -15.76 -26.49 52.35
CAR Y01 JA . -15.83 -26.91 53.83
CBC Y01 JA . -17.25 -26.90 54.33
OAW Y01 JA . -17.29 -27.43 55.68
CAY Y01 JA . -16.61 -26.80 56.64
OAG Y01 JA . -16.48 -25.61 56.69
CAM Y01 JA . -16.03 -27.77 57.64
CAL Y01 JA . -15.23 -27.18 58.78
CAX Y01 JA . -14.49 -28.20 59.62
OAH Y01 JA . -13.25 -28.12 59.69
OAF Y01 JA . -15.17 -29.08 60.19
CAA Y01 KA . 14.40 -25.96 47.64
CBA Y01 KA . 12.92 -26.05 47.95
CAB Y01 KA . 12.26 -24.68 47.80
CAN Y01 KA . 12.67 -26.64 49.33
CAJ Y01 KA . 13.32 -25.88 50.48
CAO Y01 KA . 12.91 -26.41 51.82
CBB Y01 KA . 13.58 -25.73 53.02
CAC Y01 KA . 13.30 -24.23 53.01
CBE Y01 KA . 13.12 -26.42 54.32
CAP Y01 KA . 12.85 -27.94 54.11
CAQ Y01 KA . 13.19 -28.64 55.43
CBG Y01 KA . 13.35 -27.48 56.41
CBI Y01 KA . 14.04 -26.39 55.58
CAE Y01 KA . 15.48 -26.78 55.19
CAU Y01 KA . 14.03 -25.11 56.42
CAS Y01 KA . 14.68 -25.32 57.79
CBF Y01 KA . 14.02 -26.46 58.59
CBD Y01 KA . 13.96 -27.76 57.78
CAK Y01 KA . 13.13 -28.80 58.52
CAI Y01 KA . 13.31 -28.77 60.01
CAZ Y01 KA . 14.06 -27.90 60.66
CAV Y01 KA . 14.33 -28.05 62.14
CBH Y01 KA . 14.67 -26.65 60.00
CAD Y01 KA . 16.19 -26.84 59.91
CAT Y01 KA . 14.33 -25.42 60.87
CAR Y01 KA . 14.60 -25.62 62.37
CBC Y01 KA . 13.87 -26.82 62.88
OAW Y01 KA . 14.19 -27.00 64.30
CAY Y01 KA . 13.34 -27.69 65.06
OAG Y01 KA . 12.51 -28.45 64.63
CAM Y01 KA . 13.53 -27.39 66.52
CAL Y01 KA . 14.60 -26.36 66.84
CAX Y01 KA . 14.62 -25.91 68.29
OAH Y01 KA . 14.82 -26.76 69.17
OAF Y01 KA . 14.44 -24.70 68.53
CAA Y01 LA . 15.78 -21.26 45.56
CBA Y01 LA . 14.30 -21.38 45.86
CAB Y01 LA . 13.68 -22.51 45.04
CAN Y01 LA . 14.03 -21.56 47.34
CAJ Y01 LA . 14.49 -20.42 48.22
CAO Y01 LA . 14.38 -20.74 49.70
CBB Y01 LA . 14.79 -19.59 50.63
CAC Y01 LA . 13.82 -18.42 50.49
CBE Y01 LA . 14.89 -20.11 52.08
CAP Y01 LA . 15.61 -21.48 52.16
CAQ Y01 LA . 16.27 -21.56 53.56
CBG Y01 LA . 15.76 -20.31 54.28
CBI Y01 LA . 15.64 -19.26 53.15
CAE Y01 LA . 17.02 -18.83 52.61
CAU Y01 LA . 14.88 -18.07 53.73
CAS Y01 LA . 15.57 -17.52 54.99
CBF Y01 LA . 15.78 -18.58 56.07
CBD Y01 LA . 16.48 -19.84 55.53
CAK Y01 LA . 16.50 -20.94 56.58
CAI Y01 LA . 16.72 -20.43 57.97
CAZ Y01 LA . 16.81 -19.14 58.30
CAV Y01 LA . 17.20 -18.74 59.70
CBH Y01 LA . 16.47 -18.01 57.34
CAD Y01 LA . 17.78 -17.27 57.00
CAT Y01 LA . 15.49 -17.04 58.04
CAR Y01 LA . 15.91 -16.66 59.47
CBC Y01 LA . 16.12 -17.88 60.32
OAW Y01 LA . 16.56 -17.49 61.65
CAY Y01 LA . 16.44 -18.37 62.64
OAG Y01 LA . 16.02 -19.48 62.50
CAM Y01 LA . 16.85 -17.79 63.96
CAL Y01 LA . 17.32 -16.34 63.93
CAX Y01 LA . 17.68 -15.77 65.30
OAH Y01 LA . 18.59 -16.32 65.94
OAF Y01 LA . 17.05 -14.76 65.70
CAA Y01 MA . -19.55 -22.85 39.60
CBA Y01 MA . -20.60 -21.91 40.17
CAB Y01 MA . -20.20 -20.46 39.90
CAN Y01 MA . -20.83 -22.16 41.65
CAJ Y01 MA . -19.62 -21.95 42.54
CAO Y01 MA . -19.92 -22.20 44.00
CBB Y01 MA . -18.79 -21.79 44.96
CAC Y01 MA . -18.29 -20.40 44.63
CBE Y01 MA . -19.28 -21.93 46.41
CAP Y01 MA . -19.98 -23.29 46.67
CAQ Y01 MA . -19.73 -23.65 48.15
CBG Y01 MA . -19.14 -22.38 48.74
CBI Y01 MA . -18.27 -21.80 47.59
CAE Y01 MA . -17.03 -22.65 47.32
CAU Y01 MA . -17.89 -20.39 48.01
CAS Y01 MA . -17.17 -20.37 49.37
CBF Y01 MA . -17.97 -21.05 50.49
CBD Y01 MA . -18.44 -22.46 50.09
CAK Y01 MA . -19.37 -23.03 51.15
CAI Y01 MA . -18.97 -22.67 52.54
CAZ Y01 MA . -17.96 -21.88 52.86
CAV Y01 MA . -17.51 -21.73 54.30
CBH Y01 MA . -17.22 -21.02 51.85
CAD Y01 MA . -15.78 -21.55 51.72
CAT Y01 MA . -17.20 -19.57 52.37
CAR Y01 MA . -16.74 -19.44 53.82
CBC Y01 MA . -17.59 -20.29 54.74
OAW Y01 MA . -17.05 -20.20 56.09
CAY Y01 MA . -17.06 -19.00 56.68
OAG Y01 MA . -18.03 -18.30 56.73
CAM Y01 MA . -15.73 -18.66 57.27
CAL Y01 MA . -15.60 -17.27 57.87
CAX Y01 MA . -15.81 -16.15 56.87
OAH Y01 MA . -15.06 -16.08 55.88
OAF Y01 MA . -16.73 -15.33 57.09
#